data_1TLH
#
_entry.id   1TLH
#
loop_
_entity.id
_entity.type
_entity.pdbx_description
1 polymer '10 kDa anti-sigma factor'
2 polymer 'RNA polymerase sigma factor rpoD'
#
loop_
_entity_poly.entity_id
_entity_poly.type
_entity_poly.pdbx_seq_one_letter_code
_entity_poly.pdbx_strand_id
1 'polypeptide(L)'
;MNKNIDTVREIITVASILIKFSREDIVENRANFIAFLNEIGVTHEGRKLNQNSFRKIVSELTQEDKKTLIDEFNEGFEGV
YRYLEMYTNK
;
A
2 'polypeptide(L)'
;DSATTESLRAATHDVLAGLTAREAKVLRMRFGIDMNTDYTLEEVGKQFDVTRERIRQIEAKALRKLRHPSRSEVLRSFLD
D
;
B
#
# COMPACT_ATOMS: atom_id res chain seq x y z
N ASN A 2 18.98 1.67 -3.47
CA ASN A 2 19.65 0.45 -3.84
C ASN A 2 18.72 -0.50 -4.55
N LYS A 3 18.35 -1.69 -4.02
CA LYS A 3 17.95 -2.76 -4.90
C LYS A 3 16.48 -2.76 -5.36
N ASN A 4 16.25 -3.35 -6.54
CA ASN A 4 14.94 -3.48 -7.15
C ASN A 4 13.99 -4.34 -6.32
N ILE A 5 14.40 -5.57 -5.96
CA ILE A 5 13.53 -6.51 -5.27
C ILE A 5 13.24 -6.09 -3.83
N ASP A 6 14.20 -5.47 -3.11
CA ASP A 6 13.97 -4.84 -1.81
C ASP A 6 12.88 -3.76 -1.89
N THR A 7 12.91 -2.91 -2.94
CA THR A 7 11.90 -1.90 -3.20
C THR A 7 10.54 -2.52 -3.52
N VAL A 8 10.49 -3.52 -4.42
CA VAL A 8 9.29 -4.32 -4.69
C VAL A 8 8.72 -4.93 -3.41
N ARG A 9 9.54 -5.61 -2.58
CA ARG A 9 9.21 -6.08 -1.26
C ARG A 9 8.60 -5.01 -0.35
N GLU A 10 9.21 -3.82 -0.25
CA GLU A 10 8.67 -2.62 0.40
C GLU A 10 7.27 -2.24 -0.11
N ILE A 11 7.11 -1.92 -1.41
CA ILE A 11 5.83 -1.60 -2.08
C ILE A 11 4.71 -2.60 -1.80
N ILE A 12 4.98 -3.91 -1.96
CA ILE A 12 4.02 -4.96 -1.64
C ILE A 12 3.67 -5.02 -0.17
N THR A 13 4.64 -4.80 0.74
CA THR A 13 4.42 -4.71 2.18
C THR A 13 3.51 -3.54 2.53
N VAL A 14 3.84 -2.33 2.04
CA VAL A 14 3.12 -1.09 2.31
C VAL A 14 1.73 -1.07 1.65
N ALA A 15 1.58 -1.74 0.49
CA ALA A 15 0.29 -1.91 -0.15
C ALA A 15 -0.58 -2.98 0.48
N SER A 16 -0.02 -4.01 1.17
CA SER A 16 -0.82 -5.16 1.64
C SER A 16 -1.73 -4.71 2.78
N ILE A 17 -1.10 -3.94 3.70
CA ILE A 17 -1.65 -2.91 4.58
C ILE A 17 -2.85 -2.15 4.02
N LEU A 18 -2.71 -1.38 2.92
CA LEU A 18 -3.81 -0.66 2.27
C LEU A 18 -5.03 -1.51 2.00
N ILE A 19 -4.76 -2.61 1.27
CA ILE A 19 -5.63 -3.70 0.86
C ILE A 19 -6.47 -4.27 2.00
N LYS A 20 -5.91 -4.62 3.18
CA LYS A 20 -6.70 -5.24 4.25
C LYS A 20 -7.20 -4.29 5.32
N PHE A 21 -6.54 -3.14 5.54
CA PHE A 21 -6.99 -2.13 6.48
C PHE A 21 -8.15 -1.31 5.91
N SER A 22 -7.91 -0.54 4.84
CA SER A 22 -8.87 0.44 4.35
C SER A 22 -9.58 -0.06 3.11
N ARG A 23 -9.02 -1.09 2.47
CA ARG A 23 -9.63 -1.91 1.46
C ARG A 23 -9.83 -1.28 0.10
N GLU A 24 -10.98 -1.52 -0.57
CA GLU A 24 -11.07 -1.27 -1.99
C GLU A 24 -11.35 0.19 -2.29
N ASP A 25 -11.67 1.01 -1.27
CA ASP A 25 -11.91 2.43 -1.33
C ASP A 25 -10.76 3.20 -1.99
N ILE A 26 -9.57 3.22 -1.35
CA ILE A 26 -8.47 4.08 -1.74
C ILE A 26 -7.55 3.42 -2.76
N VAL A 27 -7.49 2.08 -2.74
CA VAL A 27 -6.89 1.19 -3.71
C VAL A 27 -7.38 1.43 -5.12
N GLU A 28 -8.72 1.56 -5.30
CA GLU A 28 -9.41 1.83 -6.55
C GLU A 28 -8.74 2.87 -7.42
N ASN A 29 -8.74 4.12 -6.91
CA ASN A 29 -8.48 5.28 -7.73
C ASN A 29 -6.99 5.27 -8.13
N ARG A 30 -6.65 4.98 -9.40
CA ARG A 30 -5.28 4.81 -9.92
C ARG A 30 -4.26 5.79 -9.40
N ALA A 31 -4.57 7.11 -9.45
CA ALA A 31 -3.71 8.15 -8.96
C ALA A 31 -3.48 8.10 -7.46
N ASN A 32 -4.57 7.95 -6.67
CA ASN A 32 -4.59 7.92 -5.20
C ASN A 32 -3.70 6.81 -4.66
N PHE A 33 -3.84 5.58 -5.20
CA PHE A 33 -3.01 4.45 -4.86
C PHE A 33 -1.51 4.73 -4.98
N ILE A 34 -1.05 5.23 -6.15
CA ILE A 34 0.40 5.38 -6.37
C ILE A 34 0.92 6.58 -5.57
N ALA A 35 0.06 7.62 -5.41
CA ALA A 35 0.27 8.76 -4.53
C ALA A 35 0.47 8.44 -3.07
N PHE A 36 -0.11 7.33 -2.57
CA PHE A 36 0.08 6.84 -1.21
C PHE A 36 1.50 6.31 -1.02
N LEU A 37 2.05 5.64 -2.05
CA LEU A 37 3.42 5.18 -2.05
C LEU A 37 4.41 6.34 -2.13
N ASN A 38 4.15 7.34 -3.00
CA ASN A 38 5.02 8.51 -3.09
C ASN A 38 4.98 9.44 -1.87
N GLU A 39 3.82 9.60 -1.18
CA GLU A 39 3.66 10.27 0.12
C GLU A 39 4.81 10.05 1.11
N ILE A 40 5.20 8.78 1.31
CA ILE A 40 6.24 8.33 2.24
C ILE A 40 7.60 8.26 1.58
N GLY A 41 7.69 8.53 0.27
CA GLY A 41 8.96 8.74 -0.40
C GLY A 41 9.83 7.53 -0.59
N VAL A 42 9.22 6.38 -0.95
CA VAL A 42 9.97 5.18 -1.29
C VAL A 42 10.46 5.35 -2.72
N THR A 43 11.76 5.69 -2.93
CA THR A 43 12.29 6.15 -4.23
C THR A 43 13.24 5.10 -4.73
N HIS A 44 13.53 5.07 -6.04
CA HIS A 44 14.37 4.05 -6.64
C HIS A 44 15.12 4.71 -7.78
N GLU A 45 16.45 4.47 -7.88
CA GLU A 45 17.39 5.06 -8.80
C GLU A 45 17.34 6.58 -8.86
N GLY A 46 16.87 7.23 -7.76
CA GLY A 46 16.69 8.67 -7.61
C GLY A 46 15.33 9.18 -8.02
N ARG A 47 14.48 8.31 -8.58
CA ARG A 47 13.23 8.67 -9.18
C ARG A 47 12.06 8.26 -8.30
N LYS A 48 11.05 9.14 -8.14
CA LYS A 48 9.84 8.83 -7.41
C LYS A 48 8.89 8.12 -8.35
N LEU A 49 8.21 7.04 -7.91
CA LEU A 49 7.60 6.13 -8.86
C LEU A 49 6.28 6.58 -9.47
N ASN A 50 6.38 7.25 -10.64
CA ASN A 50 5.28 7.46 -11.57
C ASN A 50 4.87 6.17 -12.26
N GLN A 51 3.74 6.17 -13.01
CA GLN A 51 3.11 5.00 -13.58
C GLN A 51 3.96 4.15 -14.52
N ASN A 52 4.94 4.77 -15.21
CA ASN A 52 6.07 4.12 -15.84
C ASN A 52 6.87 3.25 -14.86
N SER A 53 7.53 3.90 -13.88
CA SER A 53 8.50 3.31 -12.96
C SER A 53 7.87 2.39 -11.93
N PHE A 54 6.61 2.68 -11.53
CA PHE A 54 5.80 1.91 -10.62
C PHE A 54 5.54 0.51 -11.14
N ARG A 55 5.09 0.38 -12.40
CA ARG A 55 4.77 -0.91 -12.99
C ARG A 55 6.05 -1.61 -13.47
N LYS A 56 7.03 -0.83 -13.97
CA LYS A 56 8.28 -1.36 -14.48
C LYS A 56 9.15 -2.08 -13.45
N ILE A 57 9.09 -1.72 -12.16
CA ILE A 57 9.88 -2.45 -11.16
C ILE A 57 9.32 -3.84 -10.82
N VAL A 58 8.00 -4.04 -11.02
CA VAL A 58 7.26 -5.29 -10.88
C VAL A 58 7.29 -6.13 -12.16
N SER A 59 7.15 -5.47 -13.31
CA SER A 59 7.27 -6.02 -14.66
C SER A 59 8.70 -6.34 -15.05
N GLU A 60 9.69 -5.42 -14.95
CA GLU A 60 11.10 -5.75 -15.15
C GLU A 60 11.63 -6.18 -13.80
N LEU A 61 11.36 -7.45 -13.47
CA LEU A 61 11.72 -8.10 -12.24
C LEU A 61 12.14 -9.48 -12.65
N THR A 62 13.17 -10.05 -11.97
CA THR A 62 13.64 -11.42 -12.11
C THR A 62 12.54 -12.42 -11.84
N GLN A 63 12.25 -13.34 -12.78
CA GLN A 63 11.24 -14.38 -12.67
C GLN A 63 11.24 -15.16 -11.37
N GLU A 64 12.43 -15.59 -10.91
CA GLU A 64 12.69 -16.30 -9.68
C GLU A 64 12.36 -15.49 -8.44
N ASP A 65 12.68 -14.18 -8.40
CA ASP A 65 12.39 -13.32 -7.25
C ASP A 65 10.95 -12.85 -7.29
N LYS A 66 10.34 -12.68 -8.48
CA LYS A 66 8.91 -12.51 -8.64
C LYS A 66 8.12 -13.71 -8.08
N LYS A 67 8.56 -14.95 -8.44
CA LYS A 67 7.90 -16.18 -8.04
C LYS A 67 8.06 -16.44 -6.56
N THR A 68 9.24 -16.12 -5.99
CA THR A 68 9.47 -16.06 -4.53
C THR A 68 8.41 -15.28 -3.76
N LEU A 69 7.97 -14.12 -4.29
CA LEU A 69 6.91 -13.31 -3.70
C LEU A 69 5.56 -13.99 -3.83
N ILE A 70 5.23 -14.50 -5.03
CA ILE A 70 4.06 -15.35 -5.31
C ILE A 70 3.94 -16.50 -4.32
N ASP A 71 5.05 -17.25 -4.16
CA ASP A 71 5.26 -18.34 -3.23
C ASP A 71 5.00 -18.00 -1.77
N GLU A 72 5.76 -17.04 -1.21
CA GLU A 72 5.73 -16.75 0.20
C GLU A 72 4.57 -15.87 0.61
N PHE A 73 4.30 -14.77 -0.13
CA PHE A 73 3.26 -13.81 0.21
C PHE A 73 2.02 -14.15 -0.59
N ASN A 74 1.35 -15.27 -0.23
CA ASN A 74 0.19 -15.82 -0.90
C ASN A 74 -0.87 -14.80 -1.25
N GLU A 75 -1.47 -14.17 -0.22
CA GLU A 75 -2.55 -13.22 -0.36
C GLU A 75 -2.02 -11.82 -0.60
N GLY A 76 -0.89 -11.46 0.06
CA GLY A 76 -0.28 -10.14 -0.07
C GLY A 76 0.24 -9.78 -1.44
N PHE A 77 0.98 -10.70 -2.11
CA PHE A 77 1.50 -10.41 -3.44
C PHE A 77 0.39 -10.46 -4.46
N GLU A 78 -0.41 -11.55 -4.44
CA GLU A 78 -1.56 -11.75 -5.33
C GLU A 78 -2.56 -10.60 -5.25
N GLY A 79 -2.76 -10.09 -4.01
CA GLY A 79 -3.48 -8.87 -3.69
C GLY A 79 -3.12 -7.69 -4.54
N VAL A 80 -1.85 -7.23 -4.53
CA VAL A 80 -1.41 -6.11 -5.35
C VAL A 80 -1.37 -6.46 -6.84
N TYR A 81 -0.79 -7.61 -7.22
CA TYR A 81 -0.84 -8.26 -8.53
C TYR A 81 -2.18 -8.17 -9.27
N ARG A 82 -3.26 -8.77 -8.74
CA ARG A 82 -4.58 -8.77 -9.36
C ARG A 82 -5.16 -7.38 -9.51
N TYR A 83 -4.90 -6.48 -8.55
CA TYR A 83 -5.40 -5.12 -8.59
C TYR A 83 -4.61 -4.27 -9.57
N LEU A 84 -3.26 -4.42 -9.67
CA LEU A 84 -2.45 -3.62 -10.58
C LEU A 84 -2.71 -3.96 -12.04
N GLU A 85 -2.86 -5.26 -12.40
CA GLU A 85 -3.17 -5.67 -13.76
C GLU A 85 -4.60 -5.35 -14.14
N MET A 86 -5.54 -5.36 -13.18
CA MET A 86 -6.92 -4.95 -13.38
C MET A 86 -7.09 -3.43 -13.54
N TYR A 87 -6.56 -2.63 -12.61
CA TYR A 87 -6.72 -1.19 -12.62
C TYR A 87 -5.74 -0.47 -13.52
N THR A 88 -4.42 -0.65 -13.31
CA THR A 88 -3.42 0.30 -13.80
C THR A 88 -3.01 0.05 -15.24
N ASN A 89 -3.53 0.84 -16.22
CA ASN A 89 -3.14 0.70 -17.62
C ASN A 89 -1.96 1.64 -17.93
N LYS A 90 -1.64 1.86 -19.22
CA LYS A 90 -0.76 2.93 -19.63
C LYS A 90 -1.49 4.26 -19.69
N ASP B 14 -1.54 -12.72 15.01
CA ASP B 14 -1.05 -12.12 13.79
C ASP B 14 -1.67 -12.77 12.56
N VAL B 15 -1.59 -14.11 12.47
CA VAL B 15 -2.23 -14.92 11.42
C VAL B 15 -3.74 -14.70 11.33
N LEU B 16 -4.45 -14.61 12.48
CA LEU B 16 -5.88 -14.34 12.53
C LEU B 16 -6.28 -13.04 11.85
N ALA B 17 -5.76 -11.87 12.27
CA ALA B 17 -6.18 -10.61 11.67
C ALA B 17 -5.50 -10.35 10.33
N GLY B 18 -4.30 -10.93 10.10
CA GLY B 18 -3.75 -11.11 8.75
C GLY B 18 -2.40 -10.51 8.53
N LEU B 19 -1.81 -9.82 9.53
CA LEU B 19 -0.57 -9.07 9.34
C LEU B 19 0.75 -9.78 9.69
N THR B 20 1.66 -9.68 8.72
CA THR B 20 2.99 -10.24 8.72
C THR B 20 3.92 -9.35 9.53
N ALA B 21 4.90 -9.93 10.24
CA ALA B 21 6.04 -9.26 10.86
C ALA B 21 6.69 -8.16 10.03
N ARG B 22 6.77 -8.32 8.69
CA ARG B 22 7.30 -7.31 7.78
C ARG B 22 6.46 -6.03 7.76
N GLU B 23 5.12 -6.24 7.78
CA GLU B 23 4.07 -5.25 7.66
C GLU B 23 3.95 -4.45 8.93
N ALA B 24 4.01 -5.12 10.09
CA ALA B 24 4.11 -4.46 11.37
C ALA B 24 5.39 -3.63 11.47
N LYS B 25 6.51 -4.09 10.85
CA LYS B 25 7.76 -3.36 10.86
C LYS B 25 7.67 -2.11 9.99
N VAL B 26 7.17 -2.17 8.71
CA VAL B 26 7.05 -0.95 7.90
C VAL B 26 6.10 0.11 8.48
N LEU B 27 5.09 -0.34 9.25
CA LEU B 27 4.16 0.51 9.99
C LEU B 27 4.90 1.34 11.03
N ARG B 28 5.67 0.69 11.91
CA ARG B 28 6.49 1.35 12.91
C ARG B 28 7.81 1.87 12.37
N MET B 29 8.05 1.80 11.05
CA MET B 29 9.13 2.51 10.38
C MET B 29 8.61 3.84 9.83
N ARG B 30 7.64 3.75 8.89
CA ARG B 30 7.22 4.83 8.02
C ARG B 30 5.97 5.55 8.49
N PHE B 31 5.00 4.80 9.03
CA PHE B 31 3.69 5.31 9.42
C PHE B 31 3.74 5.86 10.84
N GLY B 32 4.74 5.42 11.63
CA GLY B 32 5.03 5.95 12.95
C GLY B 32 4.32 5.25 14.06
N ILE B 33 3.55 4.18 13.77
CA ILE B 33 2.69 3.51 14.75
C ILE B 33 3.44 2.36 15.37
N ASP B 34 3.56 2.33 16.71
CA ASP B 34 4.43 1.41 17.41
C ASP B 34 3.73 0.10 17.76
N MET B 35 3.97 -0.98 16.99
CA MET B 35 3.63 -2.33 17.41
C MET B 35 4.90 -2.85 18.08
N ASN B 36 4.90 -3.01 19.43
CA ASN B 36 6.12 -3.22 20.18
C ASN B 36 5.73 -3.49 21.63
N THR B 37 4.66 -2.83 22.10
CA THR B 37 3.99 -3.07 23.37
C THR B 37 3.21 -4.39 23.42
N ASP B 38 2.65 -4.73 24.60
CA ASP B 38 1.66 -5.78 24.78
C ASP B 38 0.38 -5.49 24.01
N TYR B 39 -0.13 -6.51 23.27
CA TYR B 39 -1.36 -6.38 22.51
C TYR B 39 -2.35 -7.44 22.95
N THR B 40 -3.49 -7.03 23.52
CA THR B 40 -4.62 -7.90 23.81
C THR B 40 -5.72 -7.47 22.87
N LEU B 41 -6.57 -8.43 22.41
CA LEU B 41 -7.89 -8.25 21.80
C LEU B 41 -8.50 -6.85 21.66
N GLU B 42 -8.75 -6.16 22.80
CA GLU B 42 -9.41 -4.86 22.83
C GLU B 42 -8.48 -3.73 22.42
N GLU B 43 -7.18 -3.83 22.75
CA GLU B 43 -6.13 -2.89 22.35
C GLU B 43 -5.85 -3.03 20.87
N VAL B 44 -5.77 -4.28 20.37
CA VAL B 44 -5.72 -4.62 18.96
C VAL B 44 -6.88 -3.99 18.22
N GLY B 45 -8.10 -4.13 18.78
CA GLY B 45 -9.31 -3.45 18.33
C GLY B 45 -9.16 -1.96 18.16
N LYS B 46 -8.73 -1.21 19.22
CA LYS B 46 -8.69 0.27 19.15
C LYS B 46 -7.56 0.67 18.22
N GLN B 47 -6.47 -0.12 18.17
CA GLN B 47 -5.34 0.14 17.32
C GLN B 47 -5.66 -0.05 15.84
N PHE B 48 -6.58 -0.97 15.47
CA PHE B 48 -6.96 -1.21 14.08
C PHE B 48 -7.82 -0.07 13.50
N ASP B 49 -8.96 0.26 14.14
CA ASP B 49 -9.62 1.58 14.13
C ASP B 49 -8.72 2.79 13.86
N VAL B 50 -7.81 3.06 14.79
CA VAL B 50 -6.93 4.20 14.80
C VAL B 50 -5.90 4.15 13.66
N THR B 51 -5.11 3.07 13.52
CA THR B 51 -4.28 2.75 12.34
C THR B 51 -4.96 2.84 10.98
N ARG B 52 -6.22 2.39 10.84
CA ARG B 52 -6.96 2.49 9.61
C ARG B 52 -7.31 3.94 9.31
N GLU B 53 -7.91 4.62 10.31
CA GLU B 53 -8.18 6.05 10.27
C GLU B 53 -6.95 6.89 9.95
N ARG B 54 -5.76 6.52 10.47
CA ARG B 54 -4.49 7.14 10.14
C ARG B 54 -4.21 7.11 8.65
N ILE B 55 -4.56 6.02 7.93
CA ILE B 55 -4.42 5.93 6.49
C ILE B 55 -5.36 6.93 5.81
N ARG B 56 -6.62 7.19 6.27
CA ARG B 56 -7.53 8.14 5.59
C ARG B 56 -7.10 9.59 5.91
N GLN B 57 -6.31 9.80 6.99
CA GLN B 57 -5.58 11.03 7.26
C GLN B 57 -4.37 11.20 6.32
N ILE B 58 -3.62 10.13 6.03
CA ILE B 58 -2.64 10.07 4.93
C ILE B 58 -3.22 10.38 3.54
N GLU B 59 -4.40 9.80 3.20
CA GLU B 59 -5.21 10.00 1.98
C GLU B 59 -5.36 11.46 1.63
N ALA B 60 -5.96 12.21 2.59
CA ALA B 60 -6.08 13.65 2.62
C ALA B 60 -4.82 14.39 2.21
N LYS B 61 -3.68 14.04 2.84
CA LYS B 61 -2.41 14.72 2.65
C LYS B 61 -1.80 14.39 1.30
N ALA B 62 -2.08 13.18 0.76
CA ALA B 62 -1.59 12.71 -0.52
C ALA B 62 -2.38 13.31 -1.67
N LEU B 63 -3.70 13.49 -1.51
CA LEU B 63 -4.55 14.16 -2.50
C LEU B 63 -4.39 15.68 -2.56
N ARG B 64 -3.49 16.26 -1.75
CA ARG B 64 -2.93 17.60 -1.88
C ARG B 64 -1.66 17.58 -2.71
N LYS B 65 -0.86 16.50 -2.73
CA LYS B 65 0.26 16.39 -3.66
C LYS B 65 -0.20 16.10 -5.07
N LEU B 66 -1.34 15.40 -5.23
CA LEU B 66 -2.01 15.23 -6.52
C LEU B 66 -2.90 16.43 -6.86
N ARG B 67 -2.23 17.53 -7.25
CA ARG B 67 -2.78 18.79 -7.70
C ARG B 67 -3.36 18.75 -9.11
N HIS B 68 -2.83 17.86 -9.98
CA HIS B 68 -3.25 17.79 -11.36
C HIS B 68 -4.62 17.14 -11.52
N PRO B 69 -5.47 17.51 -12.49
CA PRO B 69 -6.75 16.84 -12.71
C PRO B 69 -6.67 15.43 -13.27
N SER B 70 -6.48 14.43 -12.40
CA SER B 70 -6.72 13.03 -12.72
C SER B 70 -7.79 12.48 -11.81
N ARG B 71 -8.90 13.23 -11.64
CA ARG B 71 -10.01 12.82 -10.80
C ARG B 71 -11.12 12.27 -11.68
N SER B 72 -11.47 10.98 -11.52
CA SER B 72 -12.57 10.36 -12.21
C SER B 72 -13.90 10.68 -11.54
N GLU B 73 -14.05 10.33 -10.26
CA GLU B 73 -15.23 10.61 -9.48
C GLU B 73 -14.86 10.66 -8.01
N VAL B 74 -15.63 11.42 -7.19
CA VAL B 74 -15.34 11.62 -5.78
C VAL B 74 -16.65 11.81 -5.05
N LEU B 75 -16.65 11.88 -3.70
CA LEU B 75 -17.87 11.89 -2.91
C LEU B 75 -18.28 13.31 -2.55
N ARG B 76 -19.29 13.83 -3.29
CA ARG B 76 -20.00 15.05 -2.96
C ARG B 76 -21.05 14.86 -1.85
N SER B 77 -22.32 15.25 -2.11
CA SER B 77 -23.46 15.07 -1.21
C SER B 77 -24.48 14.10 -1.81
N PHE B 78 -25.08 14.46 -2.97
CA PHE B 78 -26.23 13.79 -3.53
C PHE B 78 -26.11 12.35 -3.97
N LEU B 79 -24.93 11.76 -4.24
CA LEU B 79 -24.88 10.42 -4.84
C LEU B 79 -24.53 9.38 -3.78
N ASP B 80 -24.94 9.61 -2.50
CA ASP B 80 -24.49 8.81 -1.37
C ASP B 80 -24.82 7.32 -1.45
N ASP B 81 -24.11 6.45 -0.69
CA ASP B 81 -24.32 5.03 -0.76
C ASP B 81 -25.67 4.64 -0.08
N ASN A 2 18.42 0.66 -6.03
CA ASN A 2 18.92 0.12 -7.27
C ASN A 2 18.31 -1.25 -7.48
N LYS A 3 18.14 -1.94 -6.34
CA LYS A 3 17.49 -3.22 -6.19
C LYS A 3 16.01 -3.23 -6.56
N ASN A 4 15.60 -4.18 -7.43
CA ASN A 4 14.26 -4.25 -7.99
C ASN A 4 13.29 -4.75 -6.95
N ILE A 5 13.49 -6.01 -6.49
CA ILE A 5 12.53 -6.77 -5.72
C ILE A 5 12.37 -6.23 -4.30
N ASP A 6 13.42 -5.59 -3.75
CA ASP A 6 13.40 -4.92 -2.46
C ASP A 6 12.45 -3.74 -2.46
N THR A 7 12.50 -2.91 -3.52
CA THR A 7 11.57 -1.81 -3.75
C THR A 7 10.14 -2.33 -3.93
N VAL A 8 9.94 -3.32 -4.84
CA VAL A 8 8.63 -3.96 -4.95
C VAL A 8 8.12 -4.57 -3.64
N ARG A 9 8.99 -5.22 -2.82
CA ARG A 9 8.68 -5.73 -1.48
C ARG A 9 8.19 -4.66 -0.51
N GLU A 10 8.76 -3.43 -0.56
CA GLU A 10 8.28 -2.25 0.13
C GLU A 10 6.81 -2.00 -0.23
N ILE A 11 6.52 -1.89 -1.54
CA ILE A 11 5.21 -1.74 -2.13
C ILE A 11 4.21 -2.86 -1.78
N ILE A 12 4.66 -4.12 -1.63
CA ILE A 12 3.85 -5.23 -1.12
C ILE A 12 3.40 -4.94 0.29
N THR A 13 4.37 -4.61 1.16
CA THR A 13 4.15 -4.29 2.58
C THR A 13 3.20 -3.12 2.78
N VAL A 14 3.50 -1.99 2.13
CA VAL A 14 2.71 -0.77 2.03
C VAL A 14 1.27 -1.01 1.57
N ALA A 15 1.10 -1.72 0.45
CA ALA A 15 -0.20 -2.04 -0.08
C ALA A 15 -0.95 -3.08 0.73
N SER A 16 -0.26 -3.95 1.51
CA SER A 16 -0.93 -5.08 2.13
C SER A 16 -1.78 -4.53 3.27
N ILE A 17 -1.16 -3.66 4.09
CA ILE A 17 -1.76 -2.62 4.92
C ILE A 17 -3.01 -1.94 4.35
N LEU A 18 -2.93 -1.28 3.16
CA LEU A 18 -4.07 -0.66 2.50
C LEU A 18 -5.25 -1.63 2.31
N ILE A 19 -4.87 -2.85 1.89
CA ILE A 19 -5.69 -4.03 1.67
C ILE A 19 -6.30 -4.57 2.97
N LYS A 20 -5.55 -4.87 4.05
CA LYS A 20 -6.15 -5.59 5.18
C LYS A 20 -6.99 -4.66 6.05
N PHE A 21 -6.53 -3.39 6.15
CA PHE A 21 -7.15 -2.37 6.98
C PHE A 21 -8.37 -1.75 6.30
N SER A 22 -8.33 -1.44 4.98
CA SER A 22 -9.47 -0.82 4.30
C SER A 22 -10.03 -1.61 3.13
N ARG A 23 -9.36 -2.68 2.71
CA ARG A 23 -9.76 -3.54 1.60
C ARG A 23 -9.72 -2.89 0.23
N GLU A 24 -10.82 -2.86 -0.52
CA GLU A 24 -10.77 -2.54 -1.94
C GLU A 24 -11.15 -1.10 -2.19
N ASP A 25 -11.35 -0.36 -1.09
CA ASP A 25 -11.55 1.06 -0.93
C ASP A 25 -10.52 1.93 -1.63
N ILE A 26 -9.30 2.03 -1.07
CA ILE A 26 -8.30 3.01 -1.45
C ILE A 26 -7.47 2.48 -2.61
N VAL A 27 -7.10 1.19 -2.51
CA VAL A 27 -6.50 0.36 -3.55
C VAL A 27 -7.08 0.49 -4.96
N GLU A 28 -8.42 0.54 -5.12
CA GLU A 28 -9.12 0.73 -6.39
C GLU A 28 -8.50 1.81 -7.26
N ASN A 29 -8.49 3.05 -6.68
CA ASN A 29 -8.23 4.25 -7.46
C ASN A 29 -6.76 4.32 -7.89
N ARG A 30 -6.48 4.35 -9.21
CA ARG A 30 -5.15 4.29 -9.77
C ARG A 30 -4.26 5.46 -9.37
N ALA A 31 -4.81 6.67 -9.21
CA ALA A 31 -4.05 7.82 -8.77
C ALA A 31 -3.61 7.71 -7.31
N ASN A 32 -4.54 7.36 -6.40
CA ASN A 32 -4.32 7.27 -4.95
C ASN A 32 -3.20 6.30 -4.55
N PHE A 33 -2.99 5.17 -5.27
CA PHE A 33 -1.91 4.21 -5.02
C PHE A 33 -0.50 4.81 -5.17
N ILE A 34 -0.09 5.13 -6.41
CA ILE A 34 0.83 6.20 -6.81
C ILE A 34 0.96 7.37 -5.81
N ALA A 35 -0.11 8.14 -5.49
CA ALA A 35 -0.05 9.20 -4.49
C ALA A 35 0.50 8.79 -3.13
N PHE A 36 0.11 7.60 -2.62
CA PHE A 36 0.57 7.02 -1.36
C PHE A 36 2.04 6.66 -1.42
N LEU A 37 2.48 6.00 -2.52
CA LEU A 37 3.85 5.60 -2.73
C LEU A 37 4.77 6.83 -2.76
N ASN A 38 4.38 7.88 -3.51
CA ASN A 38 5.11 9.12 -3.63
C ASN A 38 5.21 9.90 -2.32
N GLU A 39 4.08 10.13 -1.63
CA GLU A 39 4.02 10.62 -0.26
C GLU A 39 4.99 10.01 0.75
N ILE A 40 4.96 8.67 0.94
CA ILE A 40 5.71 8.01 2.01
C ILE A 40 7.15 7.76 1.62
N GLY A 41 7.47 7.93 0.31
CA GLY A 41 8.83 8.07 -0.17
C GLY A 41 9.42 6.79 -0.63
N VAL A 42 8.75 6.11 -1.56
CA VAL A 42 9.31 4.96 -2.24
C VAL A 42 10.31 5.45 -3.29
N THR A 43 11.62 5.22 -3.06
CA THR A 43 12.69 5.83 -3.82
C THR A 43 13.36 4.86 -4.75
N HIS A 44 13.78 5.35 -5.92
CA HIS A 44 14.72 4.61 -6.74
C HIS A 44 15.52 5.63 -7.54
N GLU A 45 16.87 5.49 -7.55
CA GLU A 45 17.77 6.36 -8.31
C GLU A 45 17.66 7.87 -7.98
N GLY A 46 17.10 8.24 -6.81
CA GLY A 46 16.85 9.64 -6.43
C GLY A 46 15.48 10.14 -6.78
N ARG A 47 14.64 9.32 -7.45
CA ARG A 47 13.30 9.71 -7.83
C ARG A 47 12.32 9.06 -6.89
N LYS A 48 11.12 9.65 -6.74
CA LYS A 48 10.01 8.95 -6.14
C LYS A 48 9.24 8.28 -7.27
N LEU A 49 8.88 6.99 -7.12
CA LEU A 49 8.41 6.23 -8.26
C LEU A 49 7.01 6.57 -8.78
N ASN A 50 7.01 7.32 -9.90
CA ASN A 50 5.87 7.63 -10.74
C ASN A 50 5.34 6.42 -11.51
N GLN A 51 4.24 6.58 -12.28
CA GLN A 51 3.57 5.49 -13.01
C GLN A 51 4.45 4.71 -14.01
N ASN A 52 5.36 5.41 -14.72
CA ASN A 52 6.44 4.84 -15.50
C ASN A 52 7.46 4.09 -14.65
N SER A 53 8.09 4.77 -13.67
CA SER A 53 9.18 4.27 -12.85
C SER A 53 8.78 3.10 -11.95
N PHE A 54 7.52 3.11 -11.48
CA PHE A 54 6.90 2.02 -10.75
C PHE A 54 6.78 0.75 -11.59
N ARG A 55 6.12 0.80 -12.77
CA ARG A 55 5.95 -0.42 -13.55
C ARG A 55 7.22 -0.82 -14.28
N LYS A 56 8.24 0.05 -14.32
CA LYS A 56 9.59 -0.30 -14.70
C LYS A 56 10.24 -1.32 -13.77
N ILE A 57 10.20 -1.15 -12.42
CA ILE A 57 10.74 -2.15 -11.50
C ILE A 57 9.96 -3.47 -11.52
N VAL A 58 8.66 -3.43 -11.90
CA VAL A 58 7.83 -4.59 -12.19
C VAL A 58 8.27 -5.28 -13.50
N SER A 59 8.70 -4.51 -14.51
CA SER A 59 9.29 -5.03 -15.74
C SER A 59 10.64 -5.69 -15.51
N GLU A 60 11.54 -5.02 -14.78
CA GLU A 60 12.89 -5.44 -14.39
C GLU A 60 13.00 -6.71 -13.54
N LEU A 61 11.91 -7.16 -12.89
CA LEU A 61 11.90 -8.41 -12.14
C LEU A 61 11.38 -9.55 -13.01
N THR A 62 11.83 -10.79 -12.77
CA THR A 62 11.45 -11.93 -13.61
C THR A 62 10.15 -12.60 -13.18
N GLN A 63 9.69 -13.56 -14.00
CA GLN A 63 8.73 -14.58 -13.63
C GLN A 63 9.10 -15.44 -12.41
N GLU A 64 10.38 -15.76 -12.20
CA GLU A 64 10.87 -16.48 -11.04
C GLU A 64 10.81 -15.67 -9.75
N ASP A 65 11.39 -14.44 -9.75
CA ASP A 65 11.21 -13.40 -8.76
C ASP A 65 9.78 -13.25 -8.19
N LYS A 66 8.86 -13.01 -9.16
CA LYS A 66 7.43 -12.89 -9.02
C LYS A 66 6.75 -14.12 -8.43
N LYS A 67 7.16 -15.34 -8.87
CA LYS A 67 6.60 -16.61 -8.43
C LYS A 67 7.06 -16.91 -7.01
N THR A 68 8.34 -16.63 -6.70
CA THR A 68 8.94 -16.63 -5.36
C THR A 68 8.15 -15.79 -4.36
N LEU A 69 7.74 -14.58 -4.78
CA LEU A 69 6.84 -13.67 -4.09
C LEU A 69 5.50 -14.32 -3.77
N ILE A 70 4.75 -14.78 -4.80
CA ILE A 70 3.52 -15.57 -4.67
C ILE A 70 3.67 -16.73 -3.68
N ASP A 71 4.76 -17.51 -3.79
CA ASP A 71 5.08 -18.63 -2.92
C ASP A 71 5.30 -18.24 -1.45
N GLU A 72 5.90 -17.08 -1.20
CA GLU A 72 6.17 -16.54 0.11
C GLU A 72 4.93 -15.88 0.71
N PHE A 73 4.38 -14.90 -0.02
CA PHE A 73 3.24 -14.09 0.33
C PHE A 73 2.02 -14.55 -0.46
N ASN A 74 1.39 -15.67 -0.02
CA ASN A 74 0.33 -16.37 -0.72
C ASN A 74 -0.89 -15.51 -0.98
N GLU A 75 -1.57 -15.10 0.10
CA GLU A 75 -2.70 -14.19 0.04
C GLU A 75 -2.21 -12.76 -0.21
N GLY A 76 -1.10 -12.39 0.46
CA GLY A 76 -0.49 -11.07 0.45
C GLY A 76 -0.11 -10.51 -0.90
N PHE A 77 0.76 -11.20 -1.67
CA PHE A 77 1.20 -10.67 -2.95
C PHE A 77 0.20 -10.97 -4.05
N GLU A 78 -0.34 -12.20 -4.13
CA GLU A 78 -1.25 -12.57 -5.20
C GLU A 78 -2.53 -11.73 -5.18
N GLY A 79 -2.96 -11.35 -3.96
CA GLY A 79 -3.95 -10.30 -3.74
C GLY A 79 -3.68 -8.99 -4.43
N VAL A 80 -2.46 -8.39 -4.32
CA VAL A 80 -2.15 -7.09 -4.88
C VAL A 80 -1.89 -7.17 -6.37
N TYR A 81 -1.03 -8.11 -6.84
CA TYR A 81 -0.97 -8.68 -8.19
C TYR A 81 -2.29 -8.74 -8.97
N ARG A 82 -3.35 -9.36 -8.41
CA ARG A 82 -4.68 -9.36 -9.00
C ARG A 82 -5.30 -7.99 -9.26
N TYR A 83 -4.96 -6.96 -8.47
CA TYR A 83 -5.42 -5.59 -8.66
C TYR A 83 -4.47 -4.81 -9.56
N LEU A 84 -3.14 -5.03 -9.40
CA LEU A 84 -2.05 -4.38 -10.10
C LEU A 84 -2.06 -4.57 -11.61
N GLU A 85 -2.48 -5.75 -12.10
CA GLU A 85 -2.62 -6.00 -13.52
C GLU A 85 -4.00 -5.61 -14.04
N MET A 86 -4.97 -5.32 -13.14
CA MET A 86 -6.35 -5.02 -13.47
C MET A 86 -6.60 -3.52 -13.64
N TYR A 87 -6.19 -2.71 -12.65
CA TYR A 87 -6.47 -1.28 -12.60
C TYR A 87 -5.49 -0.45 -13.39
N THR A 88 -4.45 -1.06 -13.97
CA THR A 88 -3.38 -0.35 -14.66
C THR A 88 -3.79 0.12 -16.06
N ASN A 89 -3.69 1.44 -16.29
CA ASN A 89 -3.88 2.06 -17.58
C ASN A 89 -2.55 2.19 -18.32
N LYS A 90 -2.55 2.12 -19.67
CA LYS A 90 -1.33 2.19 -20.45
C LYS A 90 -0.83 3.62 -20.52
N ASP B 14 -1.47 -12.33 14.20
CA ASP B 14 -1.02 -11.80 12.92
C ASP B 14 -1.36 -12.68 11.72
N VAL B 15 -1.29 -14.02 11.89
CA VAL B 15 -1.80 -15.01 10.95
C VAL B 15 -3.31 -14.89 10.76
N LEU B 16 -4.07 -14.77 11.86
CA LEU B 16 -5.51 -14.69 11.91
C LEU B 16 -6.06 -13.48 11.21
N ALA B 17 -5.61 -12.25 11.56
CA ALA B 17 -6.10 -11.04 10.90
C ALA B 17 -5.49 -10.92 9.52
N GLY B 18 -4.31 -11.57 9.37
CA GLY B 18 -3.56 -11.70 8.14
C GLY B 18 -2.77 -10.47 7.86
N LEU B 19 -1.74 -10.12 8.67
CA LEU B 19 -0.88 -9.02 8.34
C LEU B 19 0.49 -9.58 8.67
N THR B 20 1.48 -9.29 7.85
CA THR B 20 2.82 -9.84 8.03
C THR B 20 3.60 -9.07 9.09
N ALA B 21 4.75 -9.60 9.54
CA ALA B 21 5.58 -8.91 10.51
C ALA B 21 6.26 -7.72 9.89
N ARG B 22 6.37 -7.70 8.54
CA ARG B 22 6.95 -6.59 7.81
C ARG B 22 6.01 -5.40 7.80
N GLU B 23 4.69 -5.66 7.88
CA GLU B 23 3.64 -4.69 7.99
C GLU B 23 3.70 -3.98 9.34
N ALA B 24 3.89 -4.74 10.43
CA ALA B 24 4.20 -4.20 11.74
C ALA B 24 5.53 -3.44 11.81
N LYS B 25 6.57 -3.89 11.05
CA LYS B 25 7.80 -3.14 10.83
C LYS B 25 7.53 -1.74 10.25
N VAL B 26 6.87 -1.67 9.06
CA VAL B 26 6.76 -0.42 8.33
C VAL B 26 5.84 0.63 8.97
N LEU B 27 4.88 0.19 9.82
CA LEU B 27 3.97 1.07 10.56
C LEU B 27 4.72 1.90 11.60
N ARG B 28 5.66 1.27 12.32
CA ARG B 28 6.78 1.96 12.96
C ARG B 28 7.60 2.80 11.99
N MET B 29 8.24 2.20 10.96
CA MET B 29 9.19 2.90 10.10
C MET B 29 8.70 4.15 9.38
N ARG B 30 7.76 3.99 8.42
CA ARG B 30 7.27 5.08 7.59
C ARG B 30 6.09 5.83 8.18
N PHE B 31 5.18 5.15 8.92
CA PHE B 31 3.93 5.78 9.34
C PHE B 31 4.10 6.48 10.69
N GLY B 32 5.10 6.14 11.53
CA GLY B 32 5.33 6.82 12.80
C GLY B 32 4.37 6.44 13.90
N ILE B 33 4.14 5.14 14.10
CA ILE B 33 3.41 4.63 15.25
C ILE B 33 4.35 3.78 16.06
N ASP B 34 4.54 4.12 17.36
CA ASP B 34 5.44 3.37 18.23
C ASP B 34 4.59 2.39 19.01
N MET B 35 4.75 1.07 18.74
CA MET B 35 3.79 0.10 19.22
C MET B 35 4.31 -1.32 19.44
N ASN B 36 5.55 -1.56 19.94
CA ASN B 36 6.10 -2.94 19.92
C ASN B 36 5.94 -3.42 21.36
N THR B 37 4.72 -3.73 21.80
CA THR B 37 4.38 -3.56 23.20
C THR B 37 3.53 -4.71 23.72
N ASP B 38 2.73 -4.49 24.77
CA ASP B 38 1.65 -5.35 25.20
C ASP B 38 0.45 -5.22 24.26
N TYR B 39 -0.09 -6.35 23.76
CA TYR B 39 -1.33 -6.31 22.99
C TYR B 39 -2.33 -7.23 23.66
N THR B 40 -3.49 -6.67 24.02
CA THR B 40 -4.60 -7.41 24.58
C THR B 40 -5.74 -7.25 23.60
N LEU B 41 -6.68 -8.21 23.54
CA LEU B 41 -7.91 -8.22 22.73
C LEU B 41 -8.54 -6.86 22.38
N GLU B 42 -8.89 -6.05 23.40
CA GLU B 42 -9.58 -4.79 23.23
C GLU B 42 -8.68 -3.74 22.59
N GLU B 43 -7.39 -3.75 22.98
CA GLU B 43 -6.34 -2.91 22.41
C GLU B 43 -6.03 -3.27 20.97
N VAL B 44 -5.94 -4.58 20.65
CA VAL B 44 -5.82 -5.14 19.30
C VAL B 44 -6.90 -4.59 18.39
N GLY B 45 -8.17 -4.73 18.83
CA GLY B 45 -9.34 -4.30 18.11
C GLY B 45 -9.39 -2.81 17.92
N LYS B 46 -9.16 -2.02 19.00
CA LYS B 46 -9.38 -0.57 19.00
C LYS B 46 -8.40 0.09 18.04
N GLN B 47 -7.15 -0.46 18.07
CA GLN B 47 -5.98 -0.02 17.32
C GLN B 47 -6.18 -0.13 15.82
N PHE B 48 -7.04 -1.08 15.37
CA PHE B 48 -7.35 -1.34 13.98
C PHE B 48 -8.13 -0.18 13.35
N ASP B 49 -9.32 0.09 13.88
CA ASP B 49 -10.15 1.28 13.76
C ASP B 49 -9.49 2.63 14.02
N VAL B 50 -8.73 2.79 15.12
CA VAL B 50 -7.76 3.89 15.31
C VAL B 50 -6.83 4.05 14.11
N THR B 51 -5.95 3.09 13.79
CA THR B 51 -5.00 3.22 12.70
C THR B 51 -5.56 3.17 11.29
N ARG B 52 -6.86 2.82 11.09
CA ARG B 52 -7.49 2.87 9.77
C ARG B 52 -7.56 4.34 9.35
N GLU B 53 -8.07 5.16 10.29
CA GLU B 53 -8.15 6.59 10.17
C GLU B 53 -6.79 7.25 9.95
N ARG B 54 -5.64 6.67 10.38
CA ARG B 54 -4.34 7.24 10.05
C ARG B 54 -4.05 7.16 8.55
N ILE B 55 -4.50 6.11 7.84
CA ILE B 55 -4.37 5.94 6.39
C ILE B 55 -5.20 6.97 5.62
N ARG B 56 -6.47 7.18 6.03
CA ARG B 56 -7.17 8.43 5.78
C ARG B 56 -6.40 9.76 5.91
N GLN B 57 -5.81 10.04 7.08
CA GLN B 57 -4.87 11.13 7.30
C GLN B 57 -3.74 11.24 6.28
N ILE B 58 -3.00 10.14 6.01
CA ILE B 58 -1.96 10.06 4.98
C ILE B 58 -2.49 10.38 3.59
N GLU B 59 -3.65 9.76 3.23
CA GLU B 59 -4.26 9.77 1.91
C GLU B 59 -4.62 11.19 1.48
N ALA B 60 -5.35 11.89 2.37
CA ALA B 60 -5.71 13.29 2.26
C ALA B 60 -4.53 14.19 1.95
N LYS B 61 -3.39 14.00 2.65
CA LYS B 61 -2.17 14.75 2.44
C LYS B 61 -1.48 14.40 1.14
N ALA B 62 -1.34 13.09 0.88
CA ALA B 62 -0.80 12.52 -0.33
C ALA B 62 -1.51 13.03 -1.58
N LEU B 63 -2.86 13.17 -1.52
CA LEU B 63 -3.61 13.67 -2.65
C LEU B 63 -3.47 15.17 -2.86
N ARG B 64 -2.90 16.00 -1.93
CA ARG B 64 -3.00 17.48 -2.07
C ARG B 64 -2.04 17.89 -3.20
N LYS B 65 -1.01 17.02 -3.36
CA LYS B 65 0.10 17.03 -4.28
C LYS B 65 -0.32 16.61 -5.68
N LEU B 66 -1.43 15.84 -5.79
CA LEU B 66 -2.16 15.65 -7.02
C LEU B 66 -2.92 16.94 -7.25
N ARG B 67 -2.95 17.42 -8.52
CA ARG B 67 -3.32 18.79 -8.77
C ARG B 67 -4.35 18.89 -9.86
N HIS B 68 -4.23 18.00 -10.88
CA HIS B 68 -5.32 17.73 -11.80
C HIS B 68 -6.31 16.80 -11.11
N PRO B 69 -7.59 16.76 -11.42
CA PRO B 69 -8.53 15.86 -10.74
C PRO B 69 -8.32 14.41 -11.13
N SER B 70 -8.85 13.48 -10.32
CA SER B 70 -8.98 12.08 -10.68
C SER B 70 -10.36 11.64 -10.29
N ARG B 71 -10.65 11.48 -8.97
CA ARG B 71 -12.02 11.25 -8.53
C ARG B 71 -12.70 12.62 -8.43
N SER B 72 -13.54 12.95 -9.43
CA SER B 72 -14.13 14.27 -9.58
C SER B 72 -15.31 14.47 -8.66
N GLU B 73 -16.24 13.50 -8.62
CA GLU B 73 -17.52 13.59 -7.94
C GLU B 73 -17.39 13.34 -6.44
N VAL B 74 -18.44 13.68 -5.66
CA VAL B 74 -18.45 13.55 -4.22
C VAL B 74 -18.77 12.12 -3.81
N LEU B 75 -18.00 11.49 -2.89
CA LEU B 75 -18.15 10.08 -2.58
C LEU B 75 -19.08 9.86 -1.39
N ARG B 76 -20.26 10.49 -1.43
CA ARG B 76 -21.29 10.35 -0.41
C ARG B 76 -22.35 9.33 -0.81
N SER B 77 -22.56 9.13 -2.12
CA SER B 77 -23.79 8.61 -2.69
C SER B 77 -23.76 7.14 -3.06
N PHE B 78 -22.93 6.68 -4.02
CA PHE B 78 -22.89 5.30 -4.48
C PHE B 78 -22.81 4.25 -3.36
N LEU B 79 -21.68 4.10 -2.66
CA LEU B 79 -21.50 3.34 -1.44
C LEU B 79 -22.61 3.26 -0.36
N ASP B 80 -23.36 4.35 -0.07
CA ASP B 80 -24.09 4.49 1.18
C ASP B 80 -25.59 4.53 0.90
N ASP B 81 -26.26 3.36 0.96
CA ASP B 81 -27.67 3.24 0.71
C ASP B 81 -28.43 3.41 2.04
N ASN A 2 21.28 -1.27 -3.99
CA ASN A 2 21.87 -2.46 -4.59
C ASN A 2 20.84 -3.22 -5.40
N LYS A 3 19.87 -4.01 -4.87
CA LYS A 3 18.94 -4.71 -5.73
C LYS A 3 17.51 -4.19 -5.66
N ASN A 4 16.73 -4.52 -6.70
CA ASN A 4 15.32 -4.21 -6.88
C ASN A 4 14.38 -4.72 -5.78
N ILE A 5 14.55 -5.98 -5.33
CA ILE A 5 13.63 -6.71 -4.47
C ILE A 5 13.31 -6.02 -3.15
N ASP A 6 14.27 -5.25 -2.60
CA ASP A 6 14.12 -4.31 -1.50
C ASP A 6 12.84 -3.48 -1.56
N THR A 7 12.69 -2.75 -2.67
CA THR A 7 11.61 -1.81 -2.92
C THR A 7 10.35 -2.56 -3.34
N VAL A 8 10.53 -3.69 -4.08
CA VAL A 8 9.46 -4.65 -4.38
C VAL A 8 8.75 -5.16 -3.10
N ARG A 9 9.51 -5.75 -2.13
CA ARG A 9 9.06 -6.08 -0.77
C ARG A 9 8.27 -4.94 -0.12
N GLU A 10 8.80 -3.72 -0.17
CA GLU A 10 8.18 -2.51 0.33
C GLU A 10 6.85 -2.18 -0.32
N ILE A 11 6.80 -2.05 -1.67
CA ILE A 11 5.60 -1.88 -2.49
C ILE A 11 4.51 -2.91 -2.21
N ILE A 12 4.86 -4.21 -2.16
CA ILE A 12 3.96 -5.30 -1.75
C ILE A 12 3.45 -5.10 -0.32
N THR A 13 4.34 -4.72 0.60
CA THR A 13 3.96 -4.38 1.98
C THR A 13 2.97 -3.22 2.04
N VAL A 14 3.29 -2.08 1.39
CA VAL A 14 2.48 -0.85 1.42
C VAL A 14 1.18 -1.04 0.65
N ALA A 15 1.15 -1.89 -0.40
CA ALA A 15 -0.05 -2.40 -0.96
C ALA A 15 -0.90 -3.25 0.00
N SER A 16 -0.34 -4.15 0.84
CA SER A 16 -1.17 -5.18 1.49
C SER A 16 -1.96 -4.56 2.64
N ILE A 17 -1.24 -3.70 3.41
CA ILE A 17 -1.72 -2.62 4.28
C ILE A 17 -2.99 -1.93 3.79
N LEU A 18 -2.95 -1.27 2.61
CA LEU A 18 -4.09 -0.64 1.99
C LEU A 18 -5.28 -1.57 1.77
N ILE A 19 -4.95 -2.80 1.29
CA ILE A 19 -5.88 -3.91 1.13
C ILE A 19 -6.54 -4.30 2.46
N LYS A 20 -5.80 -4.63 3.54
CA LYS A 20 -6.43 -5.20 4.74
C LYS A 20 -7.23 -4.13 5.48
N PHE A 21 -6.57 -2.98 5.72
CA PHE A 21 -7.08 -1.88 6.51
C PHE A 21 -8.20 -1.12 5.82
N SER A 22 -8.08 -0.80 4.51
CA SER A 22 -9.12 -0.05 3.79
C SER A 22 -9.82 -0.79 2.67
N ARG A 23 -9.31 -1.94 2.21
CA ARG A 23 -9.81 -2.66 1.04
C ARG A 23 -9.70 -1.83 -0.23
N GLU A 24 -10.83 -1.49 -0.87
CA GLU A 24 -10.82 -1.02 -2.25
C GLU A 24 -11.08 0.48 -2.38
N ASP A 25 -11.31 1.20 -1.24
CA ASP A 25 -11.68 2.61 -1.19
C ASP A 25 -10.68 3.53 -1.90
N ILE A 26 -9.40 3.49 -1.52
CA ILE A 26 -8.38 4.38 -2.07
C ILE A 26 -7.76 3.77 -3.32
N VAL A 27 -7.40 2.48 -3.23
CA VAL A 27 -6.89 1.58 -4.26
C VAL A 27 -7.46 1.74 -5.66
N GLU A 28 -8.81 1.83 -5.78
CA GLU A 28 -9.49 1.92 -7.06
C GLU A 28 -9.10 3.17 -7.88
N ASN A 29 -8.83 4.27 -7.12
CA ASN A 29 -8.63 5.59 -7.68
C ASN A 29 -7.14 5.64 -8.06
N ARG A 30 -6.70 5.14 -9.22
CA ARG A 30 -5.31 4.75 -9.44
C ARG A 30 -4.25 5.86 -9.27
N ALA A 31 -4.56 7.13 -9.52
CA ALA A 31 -3.67 8.23 -9.20
C ALA A 31 -3.46 8.45 -7.69
N ASN A 32 -4.49 8.20 -6.86
CA ASN A 32 -4.43 8.31 -5.40
C ASN A 32 -3.53 7.23 -4.77
N PHE A 33 -3.46 6.01 -5.35
CA PHE A 33 -2.56 4.94 -4.93
C PHE A 33 -1.06 5.30 -5.03
N ILE A 34 -0.59 5.57 -6.26
CA ILE A 34 0.44 6.54 -6.68
C ILE A 34 0.61 7.67 -5.66
N ALA A 35 -0.37 8.53 -5.37
CA ALA A 35 -0.19 9.54 -4.33
C ALA A 35 0.18 9.03 -2.93
N PHE A 36 -0.40 7.90 -2.44
CA PHE A 36 -0.11 7.30 -1.15
C PHE A 36 1.29 6.72 -1.05
N LEU A 37 1.79 6.04 -2.08
CA LEU A 37 3.16 5.52 -2.13
C LEU A 37 4.21 6.62 -2.05
N ASN A 38 3.98 7.73 -2.79
CA ASN A 38 4.90 8.86 -2.86
C ASN A 38 4.82 9.74 -1.60
N GLU A 39 3.63 9.82 -0.95
CA GLU A 39 3.38 10.33 0.42
C GLU A 39 4.39 9.93 1.47
N ILE A 40 4.55 8.60 1.72
CA ILE A 40 5.38 8.06 2.79
C ILE A 40 6.81 7.85 2.33
N GLY A 41 7.09 8.31 1.11
CA GLY A 41 8.42 8.65 0.61
C GLY A 41 9.24 7.47 0.17
N VAL A 42 8.66 6.59 -0.66
CA VAL A 42 9.39 5.50 -1.29
C VAL A 42 9.78 5.99 -2.67
N THR A 43 11.06 5.75 -3.08
CA THR A 43 11.51 6.12 -4.42
C THR A 43 12.47 5.08 -4.87
N HIS A 44 13.01 5.18 -6.10
CA HIS A 44 13.84 4.14 -6.66
C HIS A 44 14.83 4.77 -7.61
N GLU A 45 16.14 4.48 -7.46
CA GLU A 45 17.19 4.96 -8.36
C GLU A 45 17.30 6.48 -8.53
N GLY A 46 16.72 7.27 -7.58
CA GLY A 46 16.71 8.73 -7.60
C GLY A 46 15.47 9.31 -8.26
N ARG A 47 14.65 8.44 -8.88
CA ARG A 47 13.37 8.82 -9.47
C ARG A 47 12.27 8.39 -8.53
N LYS A 48 11.22 9.20 -8.43
CA LYS A 48 10.00 8.77 -7.74
C LYS A 48 9.23 7.79 -8.58
N LEU A 49 8.56 6.80 -7.94
CA LEU A 49 7.84 5.76 -8.63
C LEU A 49 6.41 6.15 -8.94
N ASN A 50 6.25 7.04 -9.94
CA ASN A 50 4.96 7.36 -10.51
C ASN A 50 4.49 6.21 -11.41
N GLN A 51 3.40 6.39 -12.18
CA GLN A 51 2.74 5.36 -12.98
C GLN A 51 3.68 4.55 -13.87
N ASN A 52 4.63 5.21 -14.54
CA ASN A 52 5.71 4.57 -15.29
C ASN A 52 6.60 3.65 -14.45
N SER A 53 7.36 4.26 -13.52
CA SER A 53 8.47 3.67 -12.81
C SER A 53 8.04 2.74 -11.70
N PHE A 54 6.80 2.91 -11.19
CA PHE A 54 6.13 1.93 -10.37
C PHE A 54 5.92 0.63 -11.14
N ARG A 55 5.40 0.69 -12.39
CA ARG A 55 5.15 -0.53 -13.14
C ARG A 55 6.44 -1.14 -13.67
N LYS A 56 7.48 -0.32 -13.94
CA LYS A 56 8.77 -0.81 -14.43
C LYS A 56 9.55 -1.65 -13.42
N ILE A 57 9.36 -1.50 -12.10
CA ILE A 57 10.05 -2.34 -11.12
C ILE A 57 9.40 -3.72 -10.93
N VAL A 58 8.05 -3.80 -10.99
CA VAL A 58 7.23 -5.01 -10.85
C VAL A 58 7.02 -5.80 -12.15
N SER A 59 6.91 -5.10 -13.30
CA SER A 59 7.03 -5.64 -14.66
C SER A 59 8.44 -6.05 -14.99
N GLU A 60 9.46 -5.15 -14.95
CA GLU A 60 10.83 -5.51 -15.33
C GLU A 60 11.55 -6.01 -14.08
N LEU A 61 11.05 -7.16 -13.63
CA LEU A 61 11.40 -7.95 -12.49
C LEU A 61 11.75 -9.30 -13.06
N THR A 62 12.70 -10.05 -12.47
CA THR A 62 13.14 -11.30 -13.07
C THR A 62 12.09 -12.42 -12.98
N GLN A 63 12.43 -13.64 -13.42
CA GLN A 63 11.57 -14.79 -13.29
C GLN A 63 11.73 -15.39 -11.89
N GLU A 64 12.97 -15.73 -11.50
CA GLU A 64 13.32 -16.36 -10.24
C GLU A 64 12.85 -15.64 -9.00
N ASP A 65 13.06 -14.30 -8.92
CA ASP A 65 12.82 -13.54 -7.71
C ASP A 65 11.38 -13.10 -7.59
N LYS A 66 10.64 -12.88 -8.71
CA LYS A 66 9.19 -12.77 -8.58
C LYS A 66 8.57 -14.06 -8.06
N LYS A 67 9.06 -15.24 -8.57
CA LYS A 67 8.54 -16.56 -8.28
C LYS A 67 8.79 -16.94 -6.85
N THR A 68 10.03 -16.69 -6.35
CA THR A 68 10.47 -16.79 -4.96
C THR A 68 9.56 -16.08 -3.97
N LEU A 69 9.12 -14.84 -4.33
CA LEU A 69 8.21 -14.01 -3.57
C LEU A 69 6.82 -14.62 -3.53
N ILE A 70 6.29 -15.06 -4.70
CA ILE A 70 5.07 -15.87 -4.78
C ILE A 70 5.13 -17.12 -3.91
N ASP A 71 6.19 -17.96 -4.05
CA ASP A 71 6.47 -19.14 -3.22
C ASP A 71 6.48 -18.88 -1.71
N GLU A 72 6.91 -17.68 -1.29
CA GLU A 72 6.91 -17.23 0.08
C GLU A 72 5.55 -16.72 0.53
N PHE A 73 4.98 -15.76 -0.22
CA PHE A 73 3.72 -15.09 0.06
C PHE A 73 2.67 -15.50 -0.95
N ASN A 74 2.21 -16.76 -0.91
CA ASN A 74 1.35 -17.38 -1.92
C ASN A 74 0.03 -16.66 -2.07
N GLU A 75 -0.71 -16.48 -0.97
CA GLU A 75 -1.96 -15.76 -0.95
C GLU A 75 -1.79 -14.28 -1.20
N GLY A 76 -0.68 -13.62 -0.76
CA GLY A 76 -0.60 -12.17 -0.79
C GLY A 76 -0.05 -11.61 -2.07
N PHE A 77 0.99 -12.21 -2.67
CA PHE A 77 1.56 -11.70 -3.91
C PHE A 77 0.57 -11.85 -5.06
N GLU A 78 0.07 -13.09 -5.27
CA GLU A 78 -0.97 -13.44 -6.23
C GLU A 78 -2.26 -12.67 -5.96
N GLY A 79 -2.61 -12.51 -4.68
CA GLY A 79 -3.79 -11.82 -4.19
C GLY A 79 -3.83 -10.35 -4.45
N VAL A 80 -2.84 -9.55 -4.00
CA VAL A 80 -2.96 -8.09 -4.03
C VAL A 80 -2.42 -7.49 -5.31
N TYR A 81 -1.29 -8.00 -5.85
CA TYR A 81 -0.59 -7.36 -6.96
C TYR A 81 -1.42 -7.47 -8.23
N ARG A 82 -1.99 -8.65 -8.51
CA ARG A 82 -2.77 -8.86 -9.70
C ARG A 82 -4.02 -8.00 -9.80
N TYR A 83 -4.85 -7.87 -8.74
CA TYR A 83 -6.05 -7.03 -8.89
C TYR A 83 -5.76 -5.54 -8.88
N LEU A 84 -4.58 -5.11 -8.40
CA LEU A 84 -4.03 -3.80 -8.66
C LEU A 84 -3.54 -3.65 -10.10
N GLU A 85 -2.67 -4.54 -10.59
CA GLU A 85 -2.08 -4.51 -11.92
C GLU A 85 -3.04 -4.67 -13.07
N MET A 86 -4.13 -5.46 -12.91
CA MET A 86 -5.13 -5.61 -13.96
C MET A 86 -5.98 -4.37 -14.19
N TYR A 87 -5.98 -3.41 -13.23
CA TYR A 87 -6.66 -2.15 -13.36
C TYR A 87 -5.97 -1.19 -14.33
N THR A 88 -4.61 -1.21 -14.39
CA THR A 88 -3.80 -0.20 -15.05
C THR A 88 -3.45 -0.54 -16.50
N ASN A 89 -3.58 0.46 -17.39
CA ASN A 89 -3.42 0.29 -18.83
C ASN A 89 -2.23 1.08 -19.36
N LYS A 90 -1.62 0.65 -20.50
CA LYS A 90 -0.52 1.35 -21.11
C LYS A 90 -1.00 2.57 -21.87
N ASP B 14 -0.86 -12.22 13.65
CA ASP B 14 -0.69 -11.94 12.25
C ASP B 14 -1.44 -12.94 11.37
N VAL B 15 -1.38 -14.24 11.70
CA VAL B 15 -2.15 -15.30 11.02
C VAL B 15 -3.65 -15.07 11.14
N LEU B 16 -4.16 -14.75 12.34
CA LEU B 16 -5.55 -14.36 12.54
C LEU B 16 -5.98 -13.15 11.73
N ALA B 17 -5.31 -11.98 11.87
CA ALA B 17 -5.83 -10.75 11.27
C ALA B 17 -5.55 -10.66 9.78
N GLY B 18 -4.48 -11.32 9.29
CA GLY B 18 -4.22 -11.44 7.87
C GLY B 18 -3.01 -10.68 7.45
N LEU B 19 -2.74 -9.54 8.11
CA LEU B 19 -1.58 -8.73 7.82
C LEU B 19 -0.31 -9.31 8.43
N THR B 20 0.65 -9.71 7.58
CA THR B 20 1.86 -10.43 7.94
C THR B 20 2.87 -9.62 8.76
N ALA B 21 3.91 -10.29 9.29
CA ALA B 21 5.07 -9.71 9.94
C ALA B 21 5.63 -8.42 9.31
N ARG B 22 5.77 -8.36 7.96
CA ARG B 22 6.43 -7.22 7.31
C ARG B 22 5.55 -5.97 7.40
N GLU B 23 4.23 -6.21 7.24
CA GLU B 23 3.13 -5.27 7.22
C GLU B 23 2.97 -4.58 8.54
N ALA B 24 2.89 -5.36 9.64
CA ALA B 24 2.90 -4.84 10.99
C ALA B 24 4.20 -4.12 11.34
N LYS B 25 5.35 -4.55 10.78
CA LYS B 25 6.61 -3.86 10.97
C LYS B 25 6.63 -2.52 10.23
N VAL B 26 6.14 -2.43 8.97
CA VAL B 26 6.09 -1.18 8.21
C VAL B 26 5.17 -0.13 8.83
N LEU B 27 4.10 -0.61 9.52
CA LEU B 27 3.21 0.20 10.33
C LEU B 27 3.94 0.97 11.42
N ARG B 28 4.94 0.35 12.08
CA ARG B 28 5.90 1.00 12.94
C ARG B 28 7.01 1.71 12.16
N MET B 29 7.56 1.21 11.03
CA MET B 29 8.68 1.90 10.38
C MET B 29 8.30 3.22 9.68
N ARG B 30 7.38 3.14 8.70
CA ARG B 30 6.98 4.26 7.86
C ARG B 30 5.78 5.00 8.41
N PHE B 31 4.67 4.27 8.65
CA PHE B 31 3.38 4.84 9.04
C PHE B 31 3.40 5.41 10.46
N GLY B 32 4.32 4.93 11.31
CA GLY B 32 4.62 5.46 12.63
C GLY B 32 3.60 5.16 13.69
N ILE B 33 3.07 3.92 13.77
CA ILE B 33 2.22 3.48 14.87
C ILE B 33 2.99 2.42 15.65
N ASP B 34 3.19 2.62 16.96
CA ASP B 34 4.15 1.84 17.72
C ASP B 34 3.53 0.58 18.33
N MET B 35 3.70 -0.59 17.67
CA MET B 35 3.17 -1.85 18.15
C MET B 35 4.25 -2.82 18.59
N ASN B 36 5.16 -2.40 19.51
CA ASN B 36 6.30 -3.23 19.91
C ASN B 36 6.21 -3.59 21.40
N THR B 37 5.49 -2.78 22.19
CA THR B 37 5.24 -2.94 23.62
C THR B 37 4.22 -4.03 23.95
N ASP B 38 3.77 -4.14 25.21
CA ASP B 38 2.65 -4.96 25.62
C ASP B 38 1.30 -4.45 25.10
N TYR B 39 0.56 -5.34 24.40
CA TYR B 39 -0.73 -5.05 23.82
C TYR B 39 -1.75 -6.04 24.40
N THR B 40 -2.96 -5.56 24.70
CA THR B 40 -4.13 -6.40 24.96
C THR B 40 -4.93 -6.51 23.68
N LEU B 41 -5.98 -7.35 23.62
CA LEU B 41 -6.79 -7.49 22.42
C LEU B 41 -7.65 -6.26 22.20
N GLU B 42 -7.89 -5.44 23.25
CA GLU B 42 -8.48 -4.12 23.12
C GLU B 42 -7.50 -3.13 22.47
N GLU B 43 -6.20 -3.14 22.88
CA GLU B 43 -5.17 -2.29 22.30
C GLU B 43 -4.97 -2.54 20.80
N VAL B 44 -4.93 -3.83 20.38
CA VAL B 44 -4.90 -4.24 18.98
C VAL B 44 -6.12 -3.75 18.21
N GLY B 45 -7.33 -3.96 18.79
CA GLY B 45 -8.60 -3.54 18.23
C GLY B 45 -8.71 -2.04 18.05
N LYS B 46 -8.27 -1.25 19.05
CA LYS B 46 -8.33 0.22 18.97
C LYS B 46 -7.32 0.71 17.95
N GLN B 47 -6.23 -0.07 17.74
CA GLN B 47 -5.23 0.21 16.74
C GLN B 47 -5.70 0.03 15.32
N PHE B 48 -6.77 -0.75 15.06
CA PHE B 48 -7.29 -0.96 13.70
C PHE B 48 -8.04 0.27 13.21
N ASP B 49 -9.01 0.77 14.01
CA ASP B 49 -9.40 2.18 14.09
C ASP B 49 -8.30 3.22 13.94
N VAL B 50 -7.34 3.33 14.88
CA VAL B 50 -6.24 4.30 14.82
C VAL B 50 -5.49 4.24 13.49
N THR B 51 -4.95 3.08 13.06
CA THR B 51 -4.52 2.82 11.68
C THR B 51 -5.42 3.35 10.56
N ARG B 52 -6.73 3.03 10.51
CA ARG B 52 -7.59 3.46 9.41
C ARG B 52 -7.80 4.97 9.40
N GLU B 53 -8.02 5.54 10.60
CA GLU B 53 -8.12 6.95 10.89
C GLU B 53 -6.84 7.68 10.52
N ARG B 54 -5.64 7.15 10.91
CA ARG B 54 -4.35 7.65 10.49
C ARG B 54 -4.18 7.63 8.98
N ILE B 55 -4.59 6.52 8.31
CA ILE B 55 -4.56 6.35 6.87
C ILE B 55 -5.41 7.38 6.16
N ARG B 56 -6.60 7.79 6.68
CA ARG B 56 -7.44 8.77 5.97
C ARG B 56 -6.78 10.17 6.10
N GLN B 57 -5.89 10.39 7.09
CA GLN B 57 -5.03 11.57 7.15
C GLN B 57 -3.83 11.48 6.20
N ILE B 58 -3.27 10.28 5.95
CA ILE B 58 -2.37 9.98 4.82
C ILE B 58 -2.98 10.30 3.47
N GLU B 59 -4.25 9.88 3.24
CA GLU B 59 -5.13 10.20 2.12
C GLU B 59 -5.29 11.70 1.95
N ALA B 60 -5.71 12.41 3.02
CA ALA B 60 -5.69 13.84 3.14
C ALA B 60 -4.39 14.51 2.68
N LYS B 61 -3.23 14.11 3.26
CA LYS B 61 -1.94 14.73 2.99
C LYS B 61 -1.48 14.49 1.55
N ALA B 62 -1.61 13.24 1.06
CA ALA B 62 -1.32 12.87 -0.31
C ALA B 62 -2.16 13.63 -1.34
N LEU B 63 -3.43 13.94 -1.04
CA LEU B 63 -4.25 14.82 -1.87
C LEU B 63 -3.90 16.31 -1.74
N ARG B 64 -2.91 16.68 -0.91
CA ARG B 64 -2.28 17.99 -0.89
C ARG B 64 -0.97 17.93 -1.68
N LYS B 65 -0.21 16.82 -1.67
CA LYS B 65 0.94 16.66 -2.57
C LYS B 65 0.56 16.53 -4.05
N LEU B 66 -0.53 15.81 -4.36
CA LEU B 66 -1.02 15.65 -5.73
C LEU B 66 -1.76 16.92 -6.17
N ARG B 67 -2.04 17.06 -7.47
CA ARG B 67 -2.34 18.34 -8.10
C ARG B 67 -3.14 18.11 -9.36
N HIS B 68 -2.79 17.06 -10.12
CA HIS B 68 -3.53 16.59 -11.28
C HIS B 68 -4.89 16.01 -10.88
N PRO B 69 -5.93 16.06 -11.69
CA PRO B 69 -7.24 15.55 -11.31
C PRO B 69 -7.28 14.03 -11.23
N SER B 70 -8.33 13.50 -10.61
CA SER B 70 -8.60 12.07 -10.52
C SER B 70 -9.64 11.71 -11.55
N ARG B 71 -10.81 12.34 -11.43
CA ARG B 71 -11.95 12.22 -12.31
C ARG B 71 -12.15 13.53 -13.03
N SER B 72 -12.43 13.55 -14.34
CA SER B 72 -12.67 14.81 -15.04
C SER B 72 -14.08 15.29 -14.81
N GLU B 73 -15.04 14.37 -14.94
CA GLU B 73 -16.47 14.58 -15.02
C GLU B 73 -17.18 15.07 -13.77
N VAL B 74 -16.56 14.96 -12.58
CA VAL B 74 -17.12 15.43 -11.31
C VAL B 74 -17.06 16.93 -11.23
N LEU B 75 -18.19 17.68 -11.10
CA LEU B 75 -18.16 19.12 -11.03
C LEU B 75 -18.45 19.53 -9.59
N ARG B 76 -17.57 20.30 -8.93
CA ARG B 76 -17.84 20.79 -7.57
C ARG B 76 -18.24 22.26 -7.56
N SER B 77 -17.84 23.03 -8.58
CA SER B 77 -17.85 24.50 -8.61
C SER B 77 -19.15 25.20 -8.17
N PHE B 78 -20.24 25.13 -8.97
CA PHE B 78 -21.55 25.73 -8.67
C PHE B 78 -22.49 24.74 -7.98
N LEU B 79 -21.89 23.72 -7.35
CA LEU B 79 -22.48 22.60 -6.67
C LEU B 79 -22.13 22.66 -5.20
N ASP B 80 -22.68 23.68 -4.54
CA ASP B 80 -22.45 23.99 -3.14
C ASP B 80 -23.10 23.00 -2.16
N ASP B 81 -22.35 22.01 -1.60
CA ASP B 81 -22.88 21.09 -0.60
C ASP B 81 -22.71 21.66 0.83
N ASN A 2 20.68 -2.09 -2.70
CA ASN A 2 20.69 -3.51 -2.90
C ASN A 2 20.32 -3.85 -4.33
N LYS A 3 19.14 -4.46 -4.55
CA LYS A 3 18.63 -4.77 -5.88
C LYS A 3 17.18 -4.32 -5.91
N ASN A 4 16.53 -4.35 -7.09
CA ASN A 4 15.16 -3.93 -7.28
C ASN A 4 14.18 -4.71 -6.42
N ILE A 5 14.46 -6.02 -6.20
CA ILE A 5 13.58 -6.92 -5.47
C ILE A 5 13.44 -6.55 -3.99
N ASP A 6 14.44 -5.89 -3.38
CA ASP A 6 14.31 -5.32 -2.03
C ASP A 6 13.27 -4.20 -1.98
N THR A 7 13.23 -3.30 -3.00
CA THR A 7 12.15 -2.32 -3.17
C THR A 7 10.81 -2.99 -3.43
N VAL A 8 10.79 -4.03 -4.29
CA VAL A 8 9.59 -4.86 -4.55
C VAL A 8 9.02 -5.48 -3.27
N ARG A 9 9.85 -6.17 -2.46
CA ARG A 9 9.56 -6.64 -1.10
C ARG A 9 9.02 -5.53 -0.19
N GLU A 10 9.63 -4.33 -0.21
CA GLU A 10 9.19 -3.14 0.47
C GLU A 10 7.77 -2.72 0.08
N ILE A 11 7.53 -2.51 -1.24
CA ILE A 11 6.22 -2.33 -1.88
C ILE A 11 5.17 -3.33 -1.45
N ILE A 12 5.49 -4.65 -1.46
CA ILE A 12 4.56 -5.69 -1.02
C ILE A 12 4.12 -5.44 0.40
N THR A 13 5.10 -5.17 1.29
CA THR A 13 4.87 -4.92 2.69
C THR A 13 4.05 -3.67 2.95
N VAL A 14 4.42 -2.51 2.35
CA VAL A 14 3.76 -1.24 2.62
C VAL A 14 2.42 -1.14 1.90
N ALA A 15 2.26 -1.85 0.77
CA ALA A 15 0.99 -2.03 0.09
C ALA A 15 0.08 -3.03 0.78
N SER A 16 0.59 -3.89 1.69
CA SER A 16 -0.21 -4.98 2.23
C SER A 16 -1.20 -4.36 3.22
N ILE A 17 -0.62 -3.51 4.10
CA ILE A 17 -1.18 -2.38 4.84
C ILE A 17 -2.30 -1.60 4.12
N LEU A 18 -2.10 -1.20 2.86
CA LEU A 18 -3.17 -0.59 2.08
C LEU A 18 -4.35 -1.54 1.86
N ILE A 19 -4.05 -2.75 1.35
CA ILE A 19 -5.00 -3.74 0.85
C ILE A 19 -5.66 -4.61 1.93
N LYS A 20 -4.91 -5.34 2.79
CA LYS A 20 -5.45 -6.26 3.78
C LYS A 20 -6.18 -5.53 4.89
N PHE A 21 -5.47 -4.50 5.33
CA PHE A 21 -5.60 -3.73 6.55
C PHE A 21 -6.51 -2.52 6.38
N SER A 22 -6.38 -1.66 5.33
CA SER A 22 -7.35 -0.57 5.12
C SER A 22 -8.35 -0.75 3.98
N ARG A 23 -8.13 -1.75 3.11
CA ARG A 23 -9.11 -2.30 2.17
C ARG A 23 -9.32 -1.53 0.88
N GLU A 24 -9.99 -2.19 -0.10
CA GLU A 24 -10.36 -1.73 -1.42
C GLU A 24 -10.81 -0.28 -1.64
N ASP A 25 -11.33 0.44 -0.63
CA ASP A 25 -11.74 1.83 -0.76
C ASP A 25 -10.62 2.81 -1.16
N ILE A 26 -9.41 2.68 -0.59
CA ILE A 26 -8.29 3.53 -1.00
C ILE A 26 -7.60 2.98 -2.26
N VAL A 27 -7.51 1.63 -2.37
CA VAL A 27 -7.15 0.88 -3.56
C VAL A 27 -7.88 1.34 -4.81
N GLU A 28 -9.21 1.47 -4.73
CA GLU A 28 -10.14 1.89 -5.77
C GLU A 28 -9.66 3.06 -6.60
N ASN A 29 -9.11 4.09 -5.93
CA ASN A 29 -8.80 5.34 -6.57
C ASN A 29 -7.34 5.31 -7.00
N ARG A 30 -7.05 5.09 -8.30
CA ARG A 30 -5.72 4.83 -8.82
C ARG A 30 -4.73 5.96 -8.55
N ALA A 31 -5.20 7.21 -8.67
CA ALA A 31 -4.48 8.41 -8.32
C ALA A 31 -3.98 8.37 -6.85
N ASN A 32 -4.93 8.26 -5.90
CA ASN A 32 -4.73 8.14 -4.47
C ASN A 32 -3.80 6.99 -4.08
N PHE A 33 -4.05 5.80 -4.65
CA PHE A 33 -3.38 4.55 -4.34
C PHE A 33 -1.88 4.62 -4.62
N ILE A 34 -1.45 5.02 -5.84
CA ILE A 34 -0.02 4.94 -6.20
C ILE A 34 0.74 6.04 -5.45
N ALA A 35 0.09 7.22 -5.31
CA ALA A 35 0.54 8.35 -4.52
C ALA A 35 0.82 8.10 -3.04
N PHE A 36 0.33 6.97 -2.48
CA PHE A 36 0.63 6.54 -1.12
C PHE A 36 2.10 6.12 -0.99
N LEU A 37 2.72 5.61 -2.07
CA LEU A 37 4.13 5.25 -2.06
C LEU A 37 4.98 6.52 -2.11
N ASN A 38 4.66 7.42 -3.06
CA ASN A 38 5.24 8.73 -3.28
C ASN A 38 5.31 9.57 -2.00
N GLU A 39 4.11 9.87 -1.43
CA GLU A 39 3.85 10.44 -0.10
C GLU A 39 4.87 10.14 1.00
N ILE A 40 5.19 8.84 1.21
CA ILE A 40 6.07 8.42 2.30
C ILE A 40 7.51 8.25 1.84
N GLY A 41 7.79 8.32 0.51
CA GLY A 41 9.14 8.28 -0.02
C GLY A 41 9.67 6.90 -0.34
N VAL A 42 8.85 6.02 -0.95
CA VAL A 42 9.34 4.76 -1.52
C VAL A 42 9.80 5.06 -2.93
N THR A 43 11.13 5.00 -3.22
CA THR A 43 11.68 5.34 -4.53
C THR A 43 12.38 4.15 -5.15
N HIS A 44 12.69 4.25 -6.47
CA HIS A 44 13.51 3.29 -7.19
C HIS A 44 14.48 4.10 -8.04
N GLU A 45 15.78 3.74 -8.01
CA GLU A 45 16.88 4.39 -8.73
C GLU A 45 16.92 5.93 -8.71
N GLY A 46 16.43 6.51 -7.59
CA GLY A 46 16.36 7.94 -7.32
C GLY A 46 15.08 8.60 -7.75
N ARG A 47 14.12 7.83 -8.29
CA ARG A 47 12.83 8.35 -8.75
C ARG A 47 11.72 7.93 -7.81
N LYS A 48 10.79 8.85 -7.51
CA LYS A 48 9.55 8.49 -6.86
C LYS A 48 8.65 7.80 -7.87
N LEU A 49 8.06 6.64 -7.52
CA LEU A 49 7.36 5.83 -8.50
C LEU A 49 5.89 6.18 -8.67
N ASN A 50 5.60 7.09 -9.63
CA ASN A 50 4.28 7.30 -10.19
C ASN A 50 3.90 6.18 -11.15
N GLN A 51 2.65 6.15 -11.66
CA GLN A 51 2.09 5.13 -12.57
C GLN A 51 3.04 4.42 -13.52
N ASN A 52 3.67 5.17 -14.45
CA ASN A 52 4.69 4.73 -15.39
C ASN A 52 5.83 3.93 -14.75
N SER A 53 6.56 4.58 -13.83
CA SER A 53 7.71 4.07 -13.11
C SER A 53 7.37 2.88 -12.20
N PHE A 54 6.22 2.94 -11.51
CA PHE A 54 5.67 1.89 -10.65
C PHE A 54 5.43 0.57 -11.37
N ARG A 55 4.62 0.55 -12.45
CA ARG A 55 4.47 -0.67 -13.22
C ARG A 55 5.71 -1.05 -14.03
N LYS A 56 6.59 -0.10 -14.44
CA LYS A 56 7.82 -0.43 -15.13
C LYS A 56 8.80 -1.22 -14.28
N ILE A 57 8.99 -0.86 -12.98
CA ILE A 57 9.77 -1.69 -12.08
C ILE A 57 9.17 -3.08 -11.93
N VAL A 58 7.86 -3.25 -11.57
CA VAL A 58 7.35 -4.57 -11.16
C VAL A 58 7.20 -5.50 -12.36
N SER A 59 6.94 -4.95 -13.56
CA SER A 59 6.85 -5.72 -14.79
C SER A 59 8.18 -5.97 -15.49
N GLU A 60 9.30 -5.25 -15.23
CA GLU A 60 10.58 -5.66 -15.79
C GLU A 60 11.41 -6.51 -14.84
N LEU A 61 10.79 -7.07 -13.79
CA LEU A 61 11.41 -8.11 -12.97
C LEU A 61 11.63 -9.41 -13.72
N THR A 62 12.60 -10.20 -13.26
CA THR A 62 12.95 -11.52 -13.76
C THR A 62 12.10 -12.59 -13.12
N GLN A 63 11.94 -13.74 -13.79
CA GLN A 63 11.03 -14.80 -13.39
C GLN A 63 11.38 -15.53 -12.10
N GLU A 64 12.67 -15.84 -11.88
CA GLU A 64 13.19 -16.54 -10.72
C GLU A 64 13.03 -15.77 -9.41
N ASP A 65 13.51 -14.52 -9.43
CA ASP A 65 13.23 -13.40 -8.55
C ASP A 65 11.74 -13.14 -8.23
N LYS A 66 10.87 -13.07 -9.29
CA LYS A 66 9.41 -13.03 -9.12
C LYS A 66 8.88 -14.20 -8.34
N LYS A 67 9.40 -15.43 -8.59
CA LYS A 67 9.01 -16.63 -7.87
C LYS A 67 9.57 -16.65 -6.46
N THR A 68 10.65 -15.90 -6.13
CA THR A 68 11.02 -15.60 -4.74
C THR A 68 9.87 -14.95 -3.99
N LEU A 69 9.22 -13.93 -4.59
CA LEU A 69 8.01 -13.34 -3.99
C LEU A 69 6.80 -14.26 -4.05
N ILE A 70 6.51 -14.89 -5.20
CA ILE A 70 5.37 -15.83 -5.36
C ILE A 70 5.40 -16.97 -4.34
N ASP A 71 6.57 -17.62 -4.12
CA ASP A 71 6.76 -18.58 -3.04
C ASP A 71 6.33 -18.06 -1.67
N GLU A 72 7.00 -16.99 -1.18
CA GLU A 72 6.80 -16.46 0.14
C GLU A 72 5.45 -15.77 0.35
N PHE A 73 5.05 -14.87 -0.57
CA PHE A 73 3.86 -14.07 -0.48
C PHE A 73 3.07 -14.18 -1.77
N ASN A 74 2.41 -15.33 -2.01
CA ASN A 74 1.58 -15.55 -3.18
C ASN A 74 0.35 -14.65 -3.18
N GLU A 75 -0.39 -14.58 -2.04
CA GLU A 75 -1.56 -13.73 -1.90
C GLU A 75 -1.17 -12.26 -1.91
N GLY A 76 -0.02 -11.92 -1.31
CA GLY A 76 0.58 -10.59 -1.38
C GLY A 76 0.95 -10.15 -2.77
N PHE A 77 1.88 -10.85 -3.44
CA PHE A 77 2.47 -10.42 -4.69
C PHE A 77 1.56 -10.60 -5.91
N GLU A 78 0.95 -11.80 -6.12
CA GLU A 78 0.03 -12.02 -7.22
C GLU A 78 -1.26 -11.28 -6.99
N GLY A 79 -1.68 -11.18 -5.70
CA GLY A 79 -2.81 -10.36 -5.30
C GLY A 79 -2.69 -8.91 -5.69
N VAL A 80 -1.50 -8.29 -5.56
CA VAL A 80 -1.24 -6.98 -6.13
C VAL A 80 -1.21 -6.99 -7.66
N TYR A 81 -0.30 -7.74 -8.34
CA TYR A 81 -0.11 -7.53 -9.78
C TYR A 81 -1.29 -7.92 -10.63
N ARG A 82 -2.07 -8.97 -10.26
CA ARG A 82 -3.25 -9.34 -10.98
C ARG A 82 -4.37 -8.32 -10.87
N TYR A 83 -4.49 -7.67 -9.68
CA TYR A 83 -5.42 -6.58 -9.44
C TYR A 83 -5.00 -5.33 -10.19
N LEU A 84 -3.72 -4.89 -10.03
CA LEU A 84 -3.14 -3.74 -10.67
C LEU A 84 -3.40 -3.66 -12.16
N GLU A 85 -3.05 -4.72 -12.90
CA GLU A 85 -3.11 -4.71 -14.34
C GLU A 85 -4.49 -5.02 -14.91
N MET A 86 -5.50 -5.33 -14.09
CA MET A 86 -6.88 -5.41 -14.55
C MET A 86 -7.64 -4.11 -14.29
N TYR A 87 -7.37 -3.37 -13.19
CA TYR A 87 -8.11 -2.16 -12.85
C TYR A 87 -7.42 -0.87 -13.31
N THR A 88 -6.07 -0.81 -13.27
CA THR A 88 -5.30 0.35 -13.68
C THR A 88 -4.76 0.10 -15.06
N ASN A 89 -5.12 0.95 -16.05
CA ASN A 89 -4.81 0.72 -17.44
C ASN A 89 -3.49 1.37 -17.80
N LYS A 90 -2.88 0.97 -18.94
CA LYS A 90 -1.56 1.42 -19.33
C LYS A 90 -1.61 2.79 -19.99
N ASP B 14 -3.21 -10.48 14.56
CA ASP B 14 -2.61 -9.95 13.34
C ASP B 14 -2.97 -10.79 12.10
N VAL B 15 -2.70 -12.12 12.13
CA VAL B 15 -3.16 -13.15 11.19
C VAL B 15 -4.66 -13.10 10.91
N LEU B 16 -5.50 -12.99 11.98
CA LEU B 16 -6.94 -12.85 11.87
C LEU B 16 -7.38 -11.68 11.00
N ALA B 17 -6.71 -10.51 11.10
CA ALA B 17 -7.05 -9.37 10.25
C ALA B 17 -6.36 -9.46 8.90
N GLY B 18 -5.15 -10.05 8.81
CA GLY B 18 -4.56 -10.46 7.56
C GLY B 18 -3.19 -9.90 7.38
N LEU B 19 -2.77 -8.97 8.26
CA LEU B 19 -1.47 -8.35 8.24
C LEU B 19 -0.42 -9.22 8.92
N THR B 20 0.72 -9.42 8.25
CA THR B 20 1.86 -10.16 8.75
C THR B 20 2.74 -9.40 9.74
N ALA B 21 3.71 -10.12 10.33
CA ALA B 21 4.67 -9.59 11.28
C ALA B 21 5.44 -8.37 10.79
N ARG B 22 5.82 -8.39 9.49
CA ARG B 22 6.65 -7.39 8.88
C ARG B 22 5.89 -6.07 8.61
N GLU B 23 4.56 -6.13 8.63
CA GLU B 23 3.68 -5.01 8.41
C GLU B 23 3.61 -4.15 9.66
N ALA B 24 3.56 -4.80 10.85
CA ALA B 24 3.66 -4.14 12.14
C ALA B 24 5.02 -3.47 12.33
N LYS B 25 6.08 -4.05 11.73
CA LYS B 25 7.37 -3.40 11.52
C LYS B 25 7.29 -2.04 10.84
N VAL B 26 6.71 -1.98 9.62
CA VAL B 26 6.54 -0.76 8.82
C VAL B 26 5.79 0.35 9.53
N LEU B 27 4.80 -0.05 10.36
CA LEU B 27 3.99 0.84 11.17
C LEU B 27 4.84 1.56 12.21
N ARG B 28 5.70 0.86 12.95
CA ARG B 28 6.66 1.48 13.84
C ARG B 28 7.80 2.19 13.10
N MET B 29 8.24 1.78 11.89
CA MET B 29 9.32 2.51 11.25
C MET B 29 8.88 3.79 10.52
N ARG B 30 8.02 3.65 9.49
CA ARG B 30 7.69 4.74 8.57
C ARG B 30 6.49 5.57 9.02
N PHE B 31 5.51 4.92 9.67
CA PHE B 31 4.25 5.57 10.06
C PHE B 31 4.42 6.25 11.41
N GLY B 32 5.23 5.66 12.31
CA GLY B 32 5.42 6.10 13.68
C GLY B 32 4.40 5.58 14.66
N ILE B 33 3.83 4.38 14.45
CA ILE B 33 2.92 3.73 15.39
C ILE B 33 3.55 2.47 15.93
N ASP B 34 3.72 2.39 17.27
CA ASP B 34 4.25 1.24 17.94
C ASP B 34 3.10 0.37 18.44
N MET B 35 2.91 -0.82 17.82
CA MET B 35 1.96 -1.84 18.27
C MET B 35 2.69 -3.17 18.53
N ASN B 36 3.79 -3.11 19.31
CA ASN B 36 4.92 -4.04 19.25
C ASN B 36 5.12 -4.78 20.57
N THR B 37 4.91 -4.10 21.71
CA THR B 37 5.06 -4.66 23.05
C THR B 37 3.72 -5.17 23.54
N ASP B 38 3.14 -4.72 24.67
CA ASP B 38 1.99 -5.43 25.24
C ASP B 38 0.70 -4.83 24.74
N TYR B 39 0.00 -5.55 23.86
CA TYR B 39 -1.24 -5.10 23.25
C TYR B 39 -2.33 -6.08 23.61
N THR B 40 -3.40 -5.62 24.24
CA THR B 40 -4.58 -6.45 24.52
C THR B 40 -5.52 -6.50 23.35
N LEU B 41 -6.63 -7.25 23.48
CA LEU B 41 -7.62 -7.41 22.43
C LEU B 41 -8.50 -6.17 22.32
N GLU B 42 -8.56 -5.34 23.38
CA GLU B 42 -9.15 -4.02 23.34
C GLU B 42 -8.29 -3.08 22.50
N GLU B 43 -6.95 -3.17 22.66
CA GLU B 43 -5.97 -2.34 22.00
C GLU B 43 -5.72 -2.68 20.54
N VAL B 44 -5.66 -3.98 20.19
CA VAL B 44 -5.77 -4.49 18.82
C VAL B 44 -7.08 -4.08 18.19
N GLY B 45 -8.15 -4.02 19.00
CA GLY B 45 -9.43 -3.42 18.62
C GLY B 45 -9.31 -1.96 18.25
N LYS B 46 -8.73 -1.13 19.16
CA LYS B 46 -8.80 0.34 19.06
C LYS B 46 -7.99 0.81 17.86
N GLN B 47 -6.89 0.10 17.52
CA GLN B 47 -6.06 0.37 16.37
C GLN B 47 -6.77 0.07 15.05
N PHE B 48 -7.75 -0.85 15.03
CA PHE B 48 -8.55 -1.11 13.84
C PHE B 48 -9.47 0.05 13.46
N ASP B 49 -9.81 0.91 14.41
CA ASP B 49 -10.29 2.25 14.19
C ASP B 49 -9.17 3.26 13.92
N VAL B 50 -8.34 3.54 14.94
CA VAL B 50 -7.29 4.56 14.98
C VAL B 50 -6.39 4.58 13.75
N THR B 51 -5.61 3.52 13.48
CA THR B 51 -4.77 3.38 12.30
C THR B 51 -5.46 3.43 10.93
N ARG B 52 -6.77 3.07 10.76
CA ARG B 52 -7.43 3.26 9.46
C ARG B 52 -7.65 4.74 9.20
N GLU B 53 -8.12 5.44 10.26
CA GLU B 53 -8.20 6.88 10.29
C GLU B 53 -6.85 7.54 10.03
N ARG B 54 -5.75 7.09 10.68
CA ARG B 54 -4.39 7.58 10.36
C ARG B 54 -4.03 7.43 8.90
N ILE B 55 -4.34 6.28 8.26
CA ILE B 55 -4.15 6.06 6.84
C ILE B 55 -4.96 7.04 6.00
N ARG B 56 -6.23 7.38 6.32
CA ARG B 56 -7.00 8.28 5.43
C ARG B 56 -6.48 9.73 5.63
N GLN B 57 -5.79 10.01 6.75
CA GLN B 57 -5.02 11.23 6.98
C GLN B 57 -3.73 11.30 6.15
N ILE B 58 -3.01 10.17 5.94
CA ILE B 58 -1.97 9.99 4.92
C ILE B 58 -2.47 10.28 3.49
N GLU B 59 -3.65 9.68 3.16
CA GLU B 59 -4.37 9.81 1.89
C GLU B 59 -4.66 11.25 1.58
N ALA B 60 -5.34 11.96 2.52
CA ALA B 60 -5.58 13.37 2.52
C ALA B 60 -4.39 14.25 2.10
N LYS B 61 -3.19 14.00 2.67
CA LYS B 61 -1.98 14.71 2.28
C LYS B 61 -1.57 14.43 0.85
N ALA B 62 -1.54 13.15 0.46
CA ALA B 62 -1.33 12.73 -0.91
C ALA B 62 -2.30 13.36 -1.95
N LEU B 63 -3.59 13.57 -1.61
CA LEU B 63 -4.54 14.20 -2.55
C LEU B 63 -4.35 15.70 -2.71
N ARG B 64 -3.57 16.30 -1.80
CA ARG B 64 -3.15 17.68 -1.76
C ARG B 64 -1.81 17.80 -2.49
N LYS B 65 -0.93 16.79 -2.47
CA LYS B 65 0.21 16.75 -3.38
C LYS B 65 -0.15 16.45 -4.84
N LEU B 66 -1.32 15.83 -5.11
CA LEU B 66 -1.83 15.59 -6.45
C LEU B 66 -2.74 16.71 -6.94
N ARG B 67 -2.18 17.79 -7.55
CA ARG B 67 -3.00 18.81 -8.19
C ARG B 67 -3.49 18.48 -9.60
N HIS B 68 -3.10 17.33 -10.19
CA HIS B 68 -3.83 16.81 -11.34
C HIS B 68 -5.05 16.00 -10.87
N PRO B 69 -6.30 16.36 -11.13
CA PRO B 69 -7.45 15.52 -10.81
C PRO B 69 -7.53 14.31 -11.72
N SER B 70 -7.26 13.10 -11.19
CA SER B 70 -7.38 11.87 -11.98
C SER B 70 -8.39 10.98 -11.30
N ARG B 71 -9.59 11.54 -11.10
CA ARG B 71 -10.69 10.97 -10.36
C ARG B 71 -11.58 10.03 -11.18
N SER B 72 -11.66 8.77 -10.72
CA SER B 72 -12.55 7.76 -11.26
C SER B 72 -13.77 7.56 -10.38
N GLU B 73 -13.82 8.14 -9.16
CA GLU B 73 -14.73 7.71 -8.12
C GLU B 73 -16.17 8.14 -8.39
N VAL B 74 -17.16 7.24 -8.26
CA VAL B 74 -18.57 7.57 -8.43
C VAL B 74 -19.39 6.67 -7.53
N LEU B 75 -19.99 7.20 -6.44
CA LEU B 75 -20.66 6.42 -5.42
C LEU B 75 -22.11 6.11 -5.78
N ARG B 76 -22.28 5.36 -6.88
CA ARG B 76 -23.52 4.78 -7.35
C ARG B 76 -23.88 3.47 -6.65
N SER B 77 -23.51 2.31 -7.25
CA SER B 77 -23.72 0.98 -6.70
C SER B 77 -22.74 0.57 -5.60
N PHE B 78 -22.30 1.50 -4.71
CA PHE B 78 -21.19 1.25 -3.79
C PHE B 78 -21.58 1.33 -2.31
N LEU B 79 -22.84 1.66 -1.94
CA LEU B 79 -23.15 2.04 -0.57
C LEU B 79 -23.81 0.91 0.17
N ASP B 80 -23.19 0.40 1.26
CA ASP B 80 -23.79 -0.57 2.15
C ASP B 80 -24.23 0.02 3.50
N ASP B 81 -23.46 0.94 4.12
CA ASP B 81 -23.82 1.56 5.38
C ASP B 81 -24.78 2.74 5.12
N ASN A 2 20.98 -1.63 -5.78
CA ASN A 2 20.79 -1.74 -7.21
C ASN A 2 19.77 -2.84 -7.47
N LYS A 3 19.08 -3.21 -6.38
CA LYS A 3 18.09 -4.25 -6.32
C LYS A 3 16.68 -3.75 -6.57
N ASN A 4 16.00 -4.36 -7.55
CA ASN A 4 14.68 -3.94 -7.99
C ASN A 4 13.60 -4.54 -7.10
N ILE A 5 13.63 -5.85 -6.82
CA ILE A 5 12.63 -6.52 -5.99
C ILE A 5 12.60 -6.05 -4.54
N ASP A 6 13.63 -5.31 -4.07
CA ASP A 6 13.66 -4.65 -2.78
C ASP A 6 12.49 -3.69 -2.57
N THR A 7 12.26 -2.76 -3.54
CA THR A 7 11.14 -1.82 -3.48
C THR A 7 9.82 -2.54 -3.73
N VAL A 8 9.87 -3.62 -4.52
CA VAL A 8 8.73 -4.51 -4.75
C VAL A 8 8.28 -5.19 -3.45
N ARG A 9 9.19 -5.74 -2.63
CA ARG A 9 8.92 -6.23 -1.28
C ARG A 9 8.30 -5.19 -0.35
N GLU A 10 8.74 -3.92 -0.43
CA GLU A 10 8.04 -2.79 0.18
C GLU A 10 6.62 -2.61 -0.35
N ILE A 11 6.44 -2.48 -1.69
CA ILE A 11 5.16 -2.45 -2.38
C ILE A 11 4.18 -3.52 -1.91
N ILE A 12 4.61 -4.79 -1.76
CA ILE A 12 3.71 -5.87 -1.33
C ILE A 12 3.26 -5.63 0.10
N THR A 13 4.23 -5.27 0.98
CA THR A 13 3.99 -4.92 2.37
C THR A 13 3.01 -3.78 2.52
N VAL A 14 3.24 -2.63 1.86
CA VAL A 14 2.43 -1.42 2.04
C VAL A 14 1.09 -1.53 1.34
N ALA A 15 1.02 -2.34 0.27
CA ALA A 15 -0.24 -2.70 -0.35
C ALA A 15 -1.04 -3.69 0.49
N SER A 16 -0.41 -4.40 1.47
CA SER A 16 -1.04 -5.52 2.15
C SER A 16 -2.06 -4.92 3.12
N ILE A 17 -1.45 -4.01 3.94
CA ILE A 17 -1.98 -2.93 4.79
C ILE A 17 -3.27 -2.34 4.28
N LEU A 18 -3.27 -1.78 3.04
CA LEU A 18 -4.43 -1.14 2.44
C LEU A 18 -5.67 -2.03 2.43
N ILE A 19 -5.45 -3.29 1.99
CA ILE A 19 -6.44 -4.35 1.87
C ILE A 19 -6.85 -4.80 3.26
N LYS A 20 -5.87 -5.08 4.14
CA LYS A 20 -6.09 -5.71 5.43
C LYS A 20 -7.01 -4.86 6.30
N PHE A 21 -6.69 -3.53 6.33
CA PHE A 21 -7.36 -2.53 7.13
C PHE A 21 -8.56 -1.92 6.43
N SER A 22 -8.38 -1.31 5.23
CA SER A 22 -9.42 -0.46 4.62
C SER A 22 -10.08 -1.12 3.44
N ARG A 23 -9.71 -2.38 3.11
CA ARG A 23 -10.28 -3.19 2.04
C ARG A 23 -10.06 -2.61 0.65
N GLU A 24 -11.10 -2.28 -0.14
CA GLU A 24 -10.95 -2.06 -1.57
C GLU A 24 -11.32 -0.67 -2.06
N ASP A 25 -11.97 0.17 -1.22
CA ASP A 25 -12.39 1.52 -1.60
C ASP A 25 -11.22 2.43 -2.03
N ILE A 26 -10.21 2.58 -1.17
CA ILE A 26 -9.08 3.47 -1.41
C ILE A 26 -8.07 2.92 -2.42
N VAL A 27 -7.88 1.60 -2.44
CA VAL A 27 -7.24 0.79 -3.46
C VAL A 27 -7.56 1.15 -4.92
N GLU A 28 -8.85 1.38 -5.23
CA GLU A 28 -9.34 1.66 -6.57
C GLU A 28 -8.61 2.76 -7.32
N ASN A 29 -8.41 3.87 -6.58
CA ASN A 29 -8.04 5.16 -7.13
C ASN A 29 -6.56 5.17 -7.52
N ARG A 30 -6.26 5.30 -8.82
CA ARG A 30 -4.98 4.92 -9.39
C ARG A 30 -3.91 5.94 -9.10
N ALA A 31 -4.30 7.24 -9.10
CA ALA A 31 -3.46 8.33 -8.68
C ALA A 31 -3.12 8.24 -7.20
N ASN A 32 -4.11 8.00 -6.32
CA ASN A 32 -3.92 7.79 -4.90
C ASN A 32 -2.97 6.68 -4.52
N PHE A 33 -3.03 5.50 -5.14
CA PHE A 33 -2.27 4.31 -4.75
C PHE A 33 -0.74 4.53 -4.76
N ILE A 34 -0.23 5.05 -5.87
CA ILE A 34 1.03 5.69 -6.18
C ILE A 34 1.24 7.00 -5.37
N ALA A 35 0.33 8.00 -5.28
CA ALA A 35 0.60 9.15 -4.40
C ALA A 35 0.78 8.84 -2.89
N PHE A 36 0.19 7.73 -2.41
CA PHE A 36 0.36 7.17 -1.07
C PHE A 36 1.78 6.67 -0.86
N LEU A 37 2.44 6.18 -1.93
CA LEU A 37 3.84 5.78 -1.88
C LEU A 37 4.72 7.00 -1.72
N ASN A 38 4.48 8.08 -2.51
CA ASN A 38 5.28 9.30 -2.45
C ASN A 38 5.20 9.96 -1.06
N GLU A 39 3.98 10.04 -0.47
CA GLU A 39 3.70 10.42 0.91
C GLU A 39 4.66 9.91 1.99
N ILE A 40 4.96 8.59 1.98
CA ILE A 40 5.89 7.97 2.91
C ILE A 40 7.30 7.92 2.36
N GLY A 41 7.53 8.45 1.14
CA GLY A 41 8.85 8.66 0.58
C GLY A 41 9.49 7.43 0.02
N VAL A 42 8.75 6.70 -0.84
CA VAL A 42 9.30 5.59 -1.60
C VAL A 42 9.89 6.15 -2.89
N THR A 43 11.23 6.14 -3.04
CA THR A 43 11.91 6.45 -4.29
C THR A 43 12.56 5.18 -4.80
N HIS A 44 13.00 5.17 -6.07
CA HIS A 44 13.72 4.03 -6.63
C HIS A 44 14.76 4.63 -7.56
N GLU A 45 16.03 4.14 -7.52
CA GLU A 45 17.18 4.75 -8.19
C GLU A 45 17.34 6.27 -8.00
N GLY A 46 16.84 6.82 -6.88
CA GLY A 46 16.88 8.25 -6.57
C GLY A 46 15.77 9.07 -7.18
N ARG A 47 14.85 8.46 -7.95
CA ARG A 47 13.75 9.16 -8.59
C ARG A 47 12.46 8.79 -7.88
N LYS A 48 11.43 9.68 -7.87
CA LYS A 48 10.27 9.48 -6.99
C LYS A 48 9.40 8.38 -7.62
N LEU A 49 8.90 7.39 -6.85
CA LEU A 49 8.16 6.27 -7.45
C LEU A 49 6.82 6.62 -8.14
N ASN A 50 6.90 7.08 -9.41
CA ASN A 50 5.80 7.48 -10.26
C ASN A 50 5.24 6.36 -11.16
N GLN A 51 4.31 6.70 -12.10
CA GLN A 51 3.44 5.79 -12.86
C GLN A 51 4.12 4.72 -13.73
N ASN A 52 4.76 5.14 -14.84
CA ASN A 52 5.73 4.36 -15.61
C ASN A 52 6.80 3.65 -14.81
N SER A 53 7.46 4.31 -13.84
CA SER A 53 8.45 3.66 -12.99
C SER A 53 7.91 2.56 -12.09
N PHE A 54 6.65 2.68 -11.64
CA PHE A 54 5.92 1.62 -10.96
C PHE A 54 5.65 0.47 -11.90
N ARG A 55 5.28 0.73 -13.18
CA ARG A 55 4.99 -0.34 -14.13
C ARG A 55 6.29 -1.05 -14.51
N LYS A 56 7.35 -0.28 -14.82
CA LYS A 56 8.69 -0.74 -15.17
C LYS A 56 9.33 -1.66 -14.15
N ILE A 57 9.21 -1.34 -12.84
CA ILE A 57 9.81 -2.15 -11.78
C ILE A 57 9.20 -3.54 -11.70
N VAL A 58 7.87 -3.66 -11.92
CA VAL A 58 7.10 -4.89 -12.10
C VAL A 58 7.38 -5.61 -13.42
N SER A 59 7.35 -4.89 -14.56
CA SER A 59 7.49 -5.46 -15.89
C SER A 59 8.91 -5.93 -16.19
N GLU A 60 10.01 -5.30 -15.72
CA GLU A 60 11.34 -5.89 -15.91
C GLU A 60 11.81 -6.72 -14.71
N LEU A 61 10.90 -7.27 -13.89
CA LEU A 61 11.28 -8.31 -12.96
C LEU A 61 11.71 -9.61 -13.62
N THR A 62 12.68 -10.27 -12.99
CA THR A 62 13.03 -11.66 -13.23
C THR A 62 12.05 -12.53 -12.45
N GLN A 63 11.74 -13.73 -12.94
CA GLN A 63 10.72 -14.61 -12.40
C GLN A 63 10.95 -15.13 -11.00
N GLU A 64 12.22 -15.44 -10.65
CA GLU A 64 12.60 -16.06 -9.39
C GLU A 64 12.49 -15.10 -8.20
N ASP A 65 12.93 -13.84 -8.39
CA ASP A 65 12.74 -12.68 -7.55
C ASP A 65 11.32 -12.52 -7.01
N LYS A 66 10.36 -12.36 -7.95
CA LYS A 66 8.94 -12.26 -7.67
C LYS A 66 8.33 -13.55 -7.10
N LYS A 67 8.79 -14.74 -7.56
CA LYS A 67 8.26 -16.01 -7.04
C LYS A 67 8.76 -16.26 -5.64
N THR A 68 9.94 -15.71 -5.26
CA THR A 68 10.38 -15.67 -3.86
C THR A 68 9.40 -14.91 -2.96
N LEU A 69 8.80 -13.80 -3.45
CA LEU A 69 7.65 -13.16 -2.80
C LEU A 69 6.42 -14.06 -2.77
N ILE A 70 5.98 -14.60 -3.93
CA ILE A 70 4.88 -15.57 -4.06
C ILE A 70 4.99 -16.73 -3.06
N ASP A 71 6.13 -17.45 -3.03
CA ASP A 71 6.38 -18.57 -2.15
C ASP A 71 6.38 -18.22 -0.67
N GLU A 72 6.71 -16.96 -0.31
CA GLU A 72 6.57 -16.45 1.05
C GLU A 72 5.12 -16.07 1.33
N PHE A 73 4.60 -15.02 0.65
CA PHE A 73 3.23 -14.55 0.79
C PHE A 73 2.53 -14.54 -0.55
N ASN A 74 1.81 -15.64 -0.84
CA ASN A 74 1.09 -15.92 -2.05
C ASN A 74 0.03 -14.88 -2.34
N GLU A 75 -0.84 -14.62 -1.35
CA GLU A 75 -1.93 -13.66 -1.43
C GLU A 75 -1.40 -12.24 -1.54
N GLY A 76 -0.25 -12.00 -0.90
CA GLY A 76 0.54 -10.78 -1.01
C GLY A 76 0.83 -10.40 -2.44
N PHE A 77 1.52 -11.29 -3.19
CA PHE A 77 1.89 -11.05 -4.57
C PHE A 77 0.73 -11.23 -5.55
N GLU A 78 -0.10 -12.30 -5.45
CA GLU A 78 -1.23 -12.50 -6.35
C GLU A 78 -2.28 -11.40 -6.21
N GLY A 79 -2.40 -10.83 -4.99
CA GLY A 79 -3.28 -9.72 -4.67
C GLY A 79 -3.08 -8.51 -5.50
N VAL A 80 -1.85 -7.92 -5.50
CA VAL A 80 -1.51 -6.74 -6.29
C VAL A 80 -1.62 -7.00 -7.78
N TYR A 81 -1.11 -8.16 -8.26
CA TYR A 81 -1.27 -8.72 -9.59
C TYR A 81 -2.64 -8.47 -10.21
N ARG A 82 -3.70 -9.07 -9.65
CA ARG A 82 -5.06 -8.99 -10.13
C ARG A 82 -5.66 -7.59 -10.20
N TYR A 83 -5.58 -6.77 -9.13
CA TYR A 83 -6.21 -5.45 -9.17
C TYR A 83 -5.40 -4.41 -9.93
N LEU A 84 -4.05 -4.54 -9.99
CA LEU A 84 -3.19 -3.64 -10.74
C LEU A 84 -3.52 -3.62 -12.22
N GLU A 85 -3.63 -4.80 -12.89
CA GLU A 85 -3.99 -4.84 -14.31
C GLU A 85 -5.48 -4.65 -14.58
N MET A 86 -6.33 -4.79 -13.55
CA MET A 86 -7.74 -4.42 -13.62
C MET A 86 -7.92 -2.90 -13.62
N TYR A 87 -7.39 -2.20 -12.61
CA TYR A 87 -7.59 -0.77 -12.46
C TYR A 87 -6.65 0.08 -13.30
N THR A 88 -5.33 -0.18 -13.21
CA THR A 88 -4.31 0.79 -13.57
C THR A 88 -3.60 0.38 -14.84
N ASN A 89 -3.87 1.08 -15.95
CA ASN A 89 -3.13 0.87 -17.18
C ASN A 89 -2.42 2.12 -17.68
N LYS A 90 -1.50 1.87 -18.64
CA LYS A 90 -0.48 2.78 -19.16
C LYS A 90 0.48 3.21 -18.06
N ASP B 14 -2.16 -11.86 15.35
CA ASP B 14 -1.61 -11.42 14.09
C ASP B 14 -2.13 -12.27 12.92
N VAL B 15 -2.17 -13.61 13.06
CA VAL B 15 -2.91 -14.50 12.16
C VAL B 15 -4.41 -14.17 12.07
N LEU B 16 -5.06 -13.86 13.22
CA LEU B 16 -6.45 -13.49 13.27
C LEU B 16 -6.77 -12.22 12.49
N ALA B 17 -6.09 -11.06 12.74
CA ALA B 17 -6.43 -9.83 12.05
C ALA B 17 -5.82 -9.81 10.65
N GLY B 18 -4.81 -10.67 10.40
CA GLY B 18 -4.37 -11.05 9.06
C GLY B 18 -2.96 -10.65 8.77
N LEU B 19 -2.45 -9.66 9.50
CA LEU B 19 -1.20 -8.99 9.21
C LEU B 19 0.08 -9.74 9.58
N THR B 20 1.08 -9.53 8.72
CA THR B 20 2.42 -10.09 8.88
C THR B 20 3.28 -9.27 9.82
N ALA B 21 4.33 -9.88 10.39
CA ALA B 21 5.35 -9.16 11.16
C ALA B 21 6.13 -8.12 10.35
N ARG B 22 6.00 -8.11 9.00
CA ARG B 22 6.66 -7.17 8.12
C ARG B 22 5.90 -5.85 8.08
N GLU B 23 4.57 -5.91 8.35
CA GLU B 23 3.68 -4.77 8.46
C GLU B 23 3.98 -3.97 9.70
N ALA B 24 4.24 -4.67 10.82
CA ALA B 24 4.61 -4.08 12.08
C ALA B 24 6.00 -3.44 12.04
N LYS B 25 6.85 -3.88 11.08
CA LYS B 25 8.08 -3.20 10.75
C LYS B 25 7.81 -1.84 10.10
N VAL B 26 7.14 -1.86 8.91
CA VAL B 26 6.96 -0.68 8.07
C VAL B 26 6.12 0.43 8.70
N LEU B 27 5.18 0.06 9.61
CA LEU B 27 4.38 1.01 10.41
C LEU B 27 5.26 1.85 11.31
N ARG B 28 6.08 1.19 12.15
CA ARG B 28 7.13 1.78 12.96
C ARG B 28 8.15 2.55 12.13
N MET B 29 8.60 2.09 10.94
CA MET B 29 9.52 2.89 10.16
C MET B 29 8.87 4.09 9.47
N ARG B 30 8.02 3.81 8.46
CA ARG B 30 7.65 4.75 7.43
C ARG B 30 6.32 5.43 7.68
N PHE B 31 5.35 4.82 8.40
CA PHE B 31 4.08 5.48 8.71
C PHE B 31 4.18 6.29 9.99
N GLY B 32 5.08 5.91 10.92
CA GLY B 32 5.24 6.58 12.20
C GLY B 32 4.30 6.11 13.28
N ILE B 33 3.95 4.81 13.31
CA ILE B 33 3.23 4.21 14.43
C ILE B 33 4.20 3.28 15.13
N ASP B 34 4.61 3.61 16.38
CA ASP B 34 5.60 2.80 17.10
C ASP B 34 4.83 1.86 18.01
N MET B 35 4.53 0.65 17.50
CA MET B 35 3.64 -0.31 18.12
C MET B 35 4.43 -1.55 18.54
N ASN B 36 5.57 -1.38 19.25
CA ASN B 36 6.57 -2.45 19.35
C ASN B 36 6.40 -3.27 20.63
N THR B 37 5.16 -3.66 20.94
CA THR B 37 4.76 -3.91 22.31
C THR B 37 3.38 -4.49 22.27
N ASP B 38 2.87 -4.91 23.46
CA ASP B 38 1.67 -5.69 23.64
C ASP B 38 0.39 -4.95 23.37
N TYR B 39 -0.54 -5.66 22.68
CA TYR B 39 -1.93 -5.28 22.65
C TYR B 39 -2.77 -6.50 23.01
N THR B 40 -3.66 -6.35 24.00
CA THR B 40 -4.76 -7.28 24.27
C THR B 40 -5.85 -7.16 23.21
N LEU B 41 -6.74 -8.15 23.10
CA LEU B 41 -7.64 -8.32 21.96
C LEU B 41 -8.59 -7.18 21.63
N GLU B 42 -9.06 -6.40 22.63
CA GLU B 42 -9.81 -5.18 22.40
C GLU B 42 -8.92 -4.07 21.81
N GLU B 43 -7.72 -3.92 22.39
CA GLU B 43 -6.66 -3.01 21.99
C GLU B 43 -6.12 -3.27 20.60
N VAL B 44 -5.91 -4.55 20.20
CA VAL B 44 -5.66 -4.99 18.82
C VAL B 44 -6.70 -4.43 17.85
N GLY B 45 -7.98 -4.50 18.25
CA GLY B 45 -9.09 -3.94 17.51
C GLY B 45 -9.05 -2.44 17.40
N LYS B 46 -8.61 -1.71 18.49
CA LYS B 46 -8.63 -0.24 18.48
C LYS B 46 -7.53 0.20 17.51
N GLN B 47 -6.39 -0.53 17.56
CA GLN B 47 -5.18 -0.41 16.75
C GLN B 47 -5.47 -0.49 15.26
N PHE B 48 -6.38 -1.41 14.90
CA PHE B 48 -6.85 -1.69 13.55
C PHE B 48 -7.60 -0.51 12.94
N ASP B 49 -8.67 -0.05 13.58
CA ASP B 49 -9.34 1.21 13.34
C ASP B 49 -8.46 2.47 13.37
N VAL B 50 -7.68 2.73 14.45
CA VAL B 50 -6.68 3.81 14.54
C VAL B 50 -5.73 3.82 13.35
N THR B 51 -4.97 2.75 13.07
CA THR B 51 -4.24 2.55 11.82
C THR B 51 -5.04 2.80 10.56
N ARG B 52 -6.31 2.31 10.47
CA ARG B 52 -7.13 2.44 9.27
C ARG B 52 -7.43 3.92 9.01
N GLU B 53 -7.83 4.63 10.11
CA GLU B 53 -8.07 6.06 10.14
C GLU B 53 -6.83 6.85 9.78
N ARG B 54 -5.62 6.42 10.19
CA ARG B 54 -4.38 7.05 9.77
C ARG B 54 -4.13 6.89 8.28
N ILE B 55 -4.59 5.81 7.61
CA ILE B 55 -4.45 5.61 6.17
C ILE B 55 -5.37 6.57 5.38
N ARG B 56 -6.65 6.72 5.75
CA ARG B 56 -7.41 7.96 5.49
C ARG B 56 -6.72 9.32 5.72
N GLN B 57 -6.02 9.55 6.84
CA GLN B 57 -5.21 10.74 7.08
C GLN B 57 -4.03 10.90 6.12
N ILE B 58 -3.28 9.82 5.80
CA ILE B 58 -2.29 9.75 4.72
C ILE B 58 -2.86 10.13 3.35
N GLU B 59 -4.10 9.63 3.04
CA GLU B 59 -4.82 9.77 1.78
C GLU B 59 -4.98 11.23 1.40
N ALA B 60 -5.57 12.01 2.32
CA ALA B 60 -5.74 13.45 2.29
C ALA B 60 -4.44 14.21 2.07
N LYS B 61 -3.35 13.83 2.78
CA LYS B 61 -2.05 14.47 2.61
C LYS B 61 -1.48 14.19 1.22
N ALA B 62 -1.52 12.92 0.79
CA ALA B 62 -1.15 12.48 -0.54
C ALA B 62 -1.94 13.12 -1.68
N LEU B 63 -3.25 13.46 -1.51
CA LEU B 63 -3.99 14.20 -2.53
C LEU B 63 -3.62 15.68 -2.57
N ARG B 64 -2.90 16.18 -1.56
CA ARG B 64 -2.29 17.49 -1.48
C ARG B 64 -0.89 17.42 -2.10
N LYS B 65 -0.19 16.27 -2.08
CA LYS B 65 0.99 16.08 -2.91
C LYS B 65 0.69 15.96 -4.41
N LEU B 66 -0.51 15.45 -4.78
CA LEU B 66 -0.94 15.33 -6.16
C LEU B 66 -1.66 16.58 -6.62
N ARG B 67 -0.93 17.52 -7.26
CA ARG B 67 -1.48 18.74 -7.77
C ARG B 67 -2.13 18.63 -9.15
N HIS B 68 -1.67 17.68 -9.99
CA HIS B 68 -2.29 17.40 -11.28
C HIS B 68 -3.51 16.49 -11.10
N PRO B 69 -4.73 16.86 -11.46
CA PRO B 69 -5.93 16.15 -11.02
C PRO B 69 -6.21 14.88 -11.81
N SER B 70 -7.07 14.00 -11.27
CA SER B 70 -7.60 12.86 -12.00
C SER B 70 -8.88 12.32 -11.37
N ARG B 71 -8.91 12.16 -10.02
CA ARG B 71 -9.97 11.44 -9.33
C ARG B 71 -11.21 12.31 -9.27
N SER B 72 -12.40 11.78 -9.62
CA SER B 72 -13.67 12.50 -9.53
C SER B 72 -14.39 12.00 -8.29
N GLU B 73 -14.39 10.67 -8.15
CA GLU B 73 -14.87 9.81 -7.10
C GLU B 73 -14.59 10.19 -5.65
N VAL B 74 -15.45 11.01 -5.01
CA VAL B 74 -15.39 11.20 -3.57
C VAL B 74 -16.80 11.16 -3.04
N LEU B 75 -17.21 10.09 -2.30
CA LEU B 75 -18.27 10.13 -1.32
C LEU B 75 -17.60 9.93 0.05
N ARG B 76 -17.44 11.04 0.80
CA ARG B 76 -16.90 11.03 2.14
C ARG B 76 -17.52 12.19 2.84
N SER B 77 -17.13 13.40 2.41
CA SER B 77 -17.47 14.73 2.87
C SER B 77 -18.91 14.97 3.33
N PHE B 78 -19.90 14.81 2.43
CA PHE B 78 -21.30 14.85 2.78
C PHE B 78 -21.91 13.57 2.20
N LEU B 79 -22.30 13.56 0.90
CA LEU B 79 -22.61 12.43 0.01
C LEU B 79 -22.23 11.06 0.51
N ASP B 80 -23.22 10.13 0.52
CA ASP B 80 -23.25 8.79 1.03
C ASP B 80 -22.31 8.41 2.16
N ASP B 81 -21.14 7.83 1.85
CA ASP B 81 -20.26 7.37 2.89
C ASP B 81 -19.50 8.57 3.53
N ASN A 2 20.38 -0.57 -7.83
CA ASN A 2 20.99 -1.54 -8.71
C ASN A 2 20.13 -2.79 -8.67
N LYS A 3 19.93 -3.28 -7.45
CA LYS A 3 19.08 -4.40 -7.12
C LYS A 3 17.70 -3.93 -6.72
N ASN A 4 16.66 -4.60 -7.27
CA ASN A 4 15.30 -4.10 -7.24
C ASN A 4 14.44 -4.75 -6.19
N ILE A 5 14.70 -6.03 -5.84
CA ILE A 5 13.74 -6.91 -5.17
C ILE A 5 13.42 -6.44 -3.75
N ASP A 6 14.35 -5.69 -3.12
CA ASP A 6 14.14 -4.98 -1.86
C ASP A 6 12.98 -3.98 -1.90
N THR A 7 12.96 -3.07 -2.89
CA THR A 7 11.90 -2.08 -3.08
C THR A 7 10.64 -2.71 -3.60
N VAL A 8 10.77 -3.74 -4.45
CA VAL A 8 9.66 -4.61 -4.81
C VAL A 8 8.97 -5.20 -3.56
N ARG A 9 9.72 -5.70 -2.54
CA ARG A 9 9.17 -5.97 -1.22
C ARG A 9 8.50 -4.76 -0.54
N GLU A 10 9.09 -3.54 -0.57
CA GLU A 10 8.46 -2.32 -0.06
C GLU A 10 7.08 -2.06 -0.68
N ILE A 11 7.02 -1.87 -2.03
CA ILE A 11 5.81 -1.75 -2.86
C ILE A 11 4.73 -2.77 -2.53
N ILE A 12 5.11 -4.06 -2.43
CA ILE A 12 4.22 -5.15 -2.03
C ILE A 12 3.71 -4.93 -0.62
N THR A 13 4.62 -4.69 0.34
CA THR A 13 4.30 -4.53 1.75
C THR A 13 3.38 -3.35 2.02
N VAL A 14 3.75 -2.13 1.57
CA VAL A 14 2.99 -0.91 1.83
C VAL A 14 1.65 -0.91 1.12
N ALA A 15 1.57 -1.52 -0.08
CA ALA A 15 0.31 -1.76 -0.74
C ALA A 15 -0.58 -2.76 -0.05
N SER A 16 -0.03 -3.76 0.70
CA SER A 16 -0.82 -4.89 1.20
C SER A 16 -1.76 -4.37 2.28
N ILE A 17 -1.14 -3.57 3.19
CA ILE A 17 -1.73 -2.56 4.07
C ILE A 17 -2.94 -1.82 3.51
N LEU A 18 -2.79 -1.01 2.42
CA LEU A 18 -3.88 -0.26 1.79
C LEU A 18 -5.12 -1.12 1.53
N ILE A 19 -4.82 -2.22 0.82
CA ILE A 19 -5.68 -3.30 0.41
C ILE A 19 -6.40 -3.93 1.59
N LYS A 20 -5.70 -4.45 2.63
CA LYS A 20 -6.32 -5.30 3.63
C LYS A 20 -7.01 -4.52 4.75
N PHE A 21 -6.44 -3.34 5.09
CA PHE A 21 -7.03 -2.41 6.05
C PHE A 21 -8.24 -1.69 5.48
N SER A 22 -8.04 -0.82 4.47
CA SER A 22 -9.02 0.19 4.11
C SER A 22 -9.77 -0.17 2.84
N ARG A 23 -9.24 -1.11 2.04
CA ARG A 23 -9.95 -1.83 0.98
C ARG A 23 -10.18 -1.03 -0.30
N GLU A 24 -10.91 -1.62 -1.27
CA GLU A 24 -11.48 -1.03 -2.48
C GLU A 24 -12.16 0.34 -2.35
N ASP A 25 -12.33 0.86 -1.12
CA ASP A 25 -12.76 2.20 -0.82
C ASP A 25 -11.65 3.23 -1.15
N ILE A 26 -10.38 3.06 -0.71
CA ILE A 26 -9.30 3.94 -1.14
C ILE A 26 -8.71 3.43 -2.46
N VAL A 27 -8.32 2.13 -2.47
CA VAL A 27 -7.75 1.32 -3.55
C VAL A 27 -8.28 1.57 -4.96
N GLU A 28 -9.61 1.78 -5.13
CA GLU A 28 -10.24 2.11 -6.40
C GLU A 28 -9.58 3.27 -7.13
N ASN A 29 -9.04 4.26 -6.37
CA ASN A 29 -8.66 5.55 -6.89
C ASN A 29 -7.21 5.50 -7.39
N ARG A 30 -6.99 5.45 -8.71
CA ARG A 30 -5.67 5.31 -9.34
C ARG A 30 -4.60 6.31 -8.89
N ALA A 31 -4.90 7.62 -8.93
CA ALA A 31 -4.02 8.69 -8.52
C ALA A 31 -3.52 8.55 -7.08
N ASN A 32 -4.47 8.34 -6.15
CA ASN A 32 -4.27 8.20 -4.73
C ASN A 32 -3.33 7.07 -4.37
N PHE A 33 -3.42 5.90 -5.03
CA PHE A 33 -2.63 4.74 -4.68
C PHE A 33 -1.13 5.01 -4.78
N ILE A 34 -0.63 5.52 -5.94
CA ILE A 34 0.80 5.71 -6.10
C ILE A 34 1.23 6.90 -5.23
N ALA A 35 0.36 7.91 -5.09
CA ALA A 35 0.49 9.06 -4.20
C ALA A 35 0.71 8.73 -2.72
N PHE A 36 0.32 7.53 -2.25
CA PHE A 36 0.56 7.04 -0.90
C PHE A 36 2.02 6.62 -0.74
N LEU A 37 2.64 6.07 -1.80
CA LEU A 37 4.08 5.82 -1.80
C LEU A 37 4.83 7.14 -1.81
N ASN A 38 4.39 8.07 -2.67
CA ASN A 38 4.95 9.40 -2.84
C ASN A 38 4.60 10.38 -1.69
N GLU A 39 4.19 9.82 -0.54
CA GLU A 39 3.87 10.48 0.72
C GLU A 39 5.07 10.31 1.64
N ILE A 40 5.53 9.05 1.76
CA ILE A 40 6.56 8.62 2.68
C ILE A 40 7.89 8.51 1.94
N GLY A 41 7.92 8.88 0.64
CA GLY A 41 9.13 9.02 -0.16
C GLY A 41 9.82 7.73 -0.50
N VAL A 42 9.10 6.75 -1.09
CA VAL A 42 9.71 5.50 -1.54
C VAL A 42 10.13 5.64 -3.00
N THR A 43 11.29 6.29 -3.26
CA THR A 43 11.73 6.67 -4.61
C THR A 43 12.73 5.69 -5.21
N HIS A 44 12.43 5.10 -6.40
CA HIS A 44 13.37 4.30 -7.18
C HIS A 44 14.14 5.17 -8.17
N GLU A 45 15.47 4.93 -8.31
CA GLU A 45 16.42 5.72 -9.10
C GLU A 45 16.30 7.22 -8.88
N GLY A 46 16.02 7.60 -7.63
CA GLY A 46 15.92 8.96 -7.15
C GLY A 46 14.65 9.69 -7.50
N ARG A 47 13.72 9.02 -8.22
CA ARG A 47 12.52 9.64 -8.76
C ARG A 47 11.28 9.05 -8.13
N LYS A 48 10.16 9.79 -8.10
CA LYS A 48 8.92 9.27 -7.57
C LYS A 48 8.26 8.34 -8.59
N LEU A 49 7.89 7.10 -8.18
CA LEU A 49 7.47 6.06 -9.09
C LEU A 49 6.03 6.17 -9.58
N ASN A 50 5.79 7.00 -10.61
CA ASN A 50 4.52 7.00 -11.32
C ASN A 50 4.40 5.78 -12.25
N GLN A 51 3.20 5.57 -12.84
CA GLN A 51 2.74 4.35 -13.50
C GLN A 51 3.71 3.57 -14.38
N ASN A 52 4.48 4.26 -15.27
CA ASN A 52 5.64 3.73 -15.99
C ASN A 52 6.65 2.98 -15.12
N SER A 53 7.29 3.69 -14.16
CA SER A 53 8.33 3.17 -13.30
C SER A 53 7.81 2.12 -12.34
N PHE A 54 6.54 2.29 -11.91
CA PHE A 54 5.79 1.37 -11.09
C PHE A 54 5.57 0.04 -11.80
N ARG A 55 5.03 0.04 -13.05
CA ARG A 55 4.78 -1.19 -13.78
C ARG A 55 6.07 -1.85 -14.27
N LYS A 56 7.09 -1.05 -14.65
CA LYS A 56 8.38 -1.51 -15.11
C LYS A 56 9.07 -2.49 -14.17
N ILE A 57 9.15 -2.15 -12.87
CA ILE A 57 9.91 -2.94 -11.90
C ILE A 57 9.26 -4.31 -11.58
N VAL A 58 7.92 -4.42 -11.77
CA VAL A 58 7.09 -5.61 -11.65
C VAL A 58 7.04 -6.40 -12.97
N SER A 59 6.99 -5.72 -14.13
CA SER A 59 7.27 -6.27 -15.46
C SER A 59 8.62 -6.93 -15.63
N GLU A 60 9.71 -6.14 -15.44
CA GLU A 60 11.08 -6.58 -15.55
C GLU A 60 11.49 -7.05 -14.18
N LEU A 61 10.94 -8.21 -13.81
CA LEU A 61 11.12 -8.83 -12.52
C LEU A 61 11.75 -10.17 -12.76
N THR A 62 12.76 -10.49 -11.95
CA THR A 62 13.65 -11.63 -12.11
C THR A 62 12.96 -12.89 -11.61
N GLN A 63 13.33 -14.08 -12.14
CA GLN A 63 12.56 -15.31 -11.98
C GLN A 63 12.56 -15.96 -10.59
N GLU A 64 13.72 -16.35 -9.98
CA GLU A 64 13.70 -17.02 -8.69
C GLU A 64 13.21 -16.12 -7.54
N ASP A 65 13.81 -14.92 -7.43
CA ASP A 65 13.26 -13.69 -6.91
C ASP A 65 11.76 -13.49 -6.85
N LYS A 66 11.04 -13.37 -8.00
CA LYS A 66 9.58 -13.26 -8.00
C LYS A 66 8.86 -14.42 -7.34
N LYS A 67 9.42 -15.65 -7.48
CA LYS A 67 8.82 -16.89 -7.02
C LYS A 67 9.03 -17.03 -5.52
N THR A 68 10.21 -16.60 -5.04
CA THR A 68 10.55 -16.29 -3.65
C THR A 68 9.57 -15.34 -3.02
N LEU A 69 9.28 -14.17 -3.66
CA LEU A 69 8.28 -13.21 -3.21
C LEU A 69 6.89 -13.82 -3.03
N ILE A 70 6.33 -14.45 -4.08
CA ILE A 70 5.12 -15.28 -4.02
C ILE A 70 5.11 -16.27 -2.84
N ASP A 71 6.26 -16.95 -2.58
CA ASP A 71 6.44 -17.87 -1.47
C ASP A 71 6.42 -17.22 -0.08
N GLU A 72 6.85 -15.94 0.02
CA GLU A 72 6.74 -15.11 1.21
C GLU A 72 5.34 -14.51 1.30
N PHE A 73 5.07 -13.50 0.44
CA PHE A 73 3.88 -12.70 0.37
C PHE A 73 2.86 -13.39 -0.51
N ASN A 74 2.09 -14.36 0.04
CA ASN A 74 1.19 -15.17 -0.78
C ASN A 74 -0.03 -14.33 -1.20
N GLU A 75 -0.71 -13.71 -0.22
CA GLU A 75 -1.79 -12.76 -0.50
C GLU A 75 -1.23 -11.46 -0.99
N GLY A 76 -0.06 -11.05 -0.47
CA GLY A 76 0.58 -9.77 -0.81
C GLY A 76 1.02 -9.64 -2.25
N PHE A 77 1.69 -10.67 -2.82
CA PHE A 77 2.15 -10.60 -4.20
C PHE A 77 0.99 -10.60 -5.17
N GLU A 78 0.16 -11.66 -5.15
CA GLU A 78 -0.99 -11.79 -6.02
C GLU A 78 -2.03 -10.69 -5.78
N GLY A 79 -2.13 -10.19 -4.53
CA GLY A 79 -2.96 -9.05 -4.15
C GLY A 79 -2.66 -7.80 -4.92
N VAL A 80 -1.42 -7.29 -4.89
CA VAL A 80 -0.98 -6.13 -5.63
C VAL A 80 -0.85 -6.36 -7.13
N TYR A 81 -0.40 -7.55 -7.56
CA TYR A 81 -0.52 -8.04 -8.93
C TYR A 81 -1.92 -7.92 -9.55
N ARG A 82 -2.92 -8.65 -9.01
CA ARG A 82 -4.20 -8.86 -9.68
C ARG A 82 -5.09 -7.64 -9.73
N TYR A 83 -5.03 -6.71 -8.73
CA TYR A 83 -5.74 -5.44 -8.82
C TYR A 83 -5.15 -4.54 -9.90
N LEU A 84 -3.80 -4.49 -10.02
CA LEU A 84 -3.05 -3.59 -10.89
C LEU A 84 -3.32 -3.85 -12.36
N GLU A 85 -3.15 -5.11 -12.82
CA GLU A 85 -3.37 -5.50 -14.19
C GLU A 85 -4.82 -5.32 -14.66
N MET A 86 -5.76 -5.34 -13.69
CA MET A 86 -7.17 -5.12 -13.91
C MET A 86 -7.53 -3.64 -13.95
N TYR A 87 -7.10 -2.84 -12.95
CA TYR A 87 -7.44 -1.44 -12.82
C TYR A 87 -6.80 -0.54 -13.87
N THR A 88 -5.46 -0.62 -14.09
CA THR A 88 -4.84 0.12 -15.18
C THR A 88 -4.86 -0.75 -16.42
N ASN A 89 -5.84 -0.54 -17.33
CA ASN A 89 -6.03 -1.45 -18.44
C ASN A 89 -5.27 -0.93 -19.66
N LYS A 90 -4.03 -1.43 -19.90
CA LYS A 90 -3.19 -0.99 -20.99
C LYS A 90 -3.55 -1.64 -22.30
N ASP B 14 -1.31 -12.03 13.89
CA ASP B 14 -1.10 -11.58 12.53
C ASP B 14 -1.82 -12.48 11.51
N VAL B 15 -1.62 -13.81 11.61
CA VAL B 15 -2.30 -14.85 10.84
C VAL B 15 -3.83 -14.75 10.93
N LEU B 16 -4.35 -14.60 12.17
CA LEU B 16 -5.76 -14.48 12.50
C LEU B 16 -6.45 -13.31 11.85
N ALA B 17 -5.91 -12.07 11.98
CA ALA B 17 -6.54 -10.91 11.40
C ALA B 17 -6.26 -10.82 9.90
N GLY B 18 -5.00 -11.06 9.46
CA GLY B 18 -4.69 -11.31 8.06
C GLY B 18 -3.49 -10.58 7.52
N LEU B 19 -3.03 -9.50 8.17
CA LEU B 19 -1.87 -8.73 7.75
C LEU B 19 -0.60 -9.37 8.27
N THR B 20 0.45 -9.52 7.44
CA THR B 20 1.70 -10.13 7.88
C THR B 20 2.55 -9.32 8.88
N ALA B 21 3.57 -10.00 9.45
CA ALA B 21 4.74 -9.42 10.06
C ALA B 21 5.46 -8.35 9.23
N ARG B 22 5.53 -8.50 7.88
CA ARG B 22 6.19 -7.52 7.03
C ARG B 22 5.49 -6.16 7.11
N GLU B 23 4.15 -6.22 6.94
CA GLU B 23 3.18 -5.14 7.00
C GLU B 23 3.22 -4.44 8.35
N ALA B 24 3.17 -5.27 9.41
CA ALA B 24 3.22 -4.84 10.79
C ALA B 24 4.55 -4.18 11.19
N LYS B 25 5.66 -4.52 10.51
CA LYS B 25 6.93 -3.80 10.65
C LYS B 25 6.85 -2.46 9.94
N VAL B 26 6.36 -2.36 8.69
CA VAL B 26 6.21 -1.07 7.98
C VAL B 26 5.38 -0.03 8.76
N LEU B 27 4.33 -0.51 9.46
CA LEU B 27 3.48 0.24 10.37
C LEU B 27 4.28 0.96 11.47
N ARG B 28 5.12 0.25 12.23
CA ARG B 28 5.97 0.81 13.25
C ARG B 28 7.29 1.40 12.73
N MET B 29 7.59 1.29 11.42
CA MET B 29 8.68 2.05 10.81
C MET B 29 8.22 3.42 10.28
N ARG B 30 7.39 3.41 9.22
CA ARG B 30 7.07 4.57 8.41
C ARG B 30 5.75 5.21 8.77
N PHE B 31 4.74 4.39 9.13
CA PHE B 31 3.42 4.89 9.50
C PHE B 31 3.48 5.46 10.91
N GLY B 32 4.51 5.07 11.68
CA GLY B 32 4.88 5.64 12.95
C GLY B 32 3.92 5.40 14.07
N ILE B 33 3.23 4.25 14.04
CA ILE B 33 2.37 3.79 15.11
C ILE B 33 3.19 2.80 15.91
N ASP B 34 3.34 3.04 17.22
CA ASP B 34 4.26 2.27 18.03
C ASP B 34 3.56 1.00 18.52
N MET B 35 3.78 -0.14 17.83
CA MET B 35 3.31 -1.45 18.22
C MET B 35 4.56 -2.29 18.43
N ASN B 36 4.70 -3.05 19.54
CA ASN B 36 5.93 -3.79 19.85
C ASN B 36 5.84 -4.50 21.21
N THR B 37 5.42 -3.80 22.27
CA THR B 37 5.14 -4.39 23.59
C THR B 37 3.78 -5.05 23.59
N ASP B 38 3.34 -5.56 24.75
CA ASP B 38 2.05 -6.18 24.91
C ASP B 38 0.92 -5.20 24.77
N TYR B 39 0.04 -5.43 23.77
CA TYR B 39 -1.19 -4.72 23.62
C TYR B 39 -2.27 -5.73 23.93
N THR B 40 -3.23 -5.37 24.78
CA THR B 40 -4.34 -6.23 25.19
C THR B 40 -5.30 -6.40 24.02
N LEU B 41 -6.03 -7.52 23.88
CA LEU B 41 -6.88 -7.77 22.71
C LEU B 41 -7.98 -6.71 22.45
N GLU B 42 -8.41 -5.98 23.50
CA GLU B 42 -9.16 -4.73 23.41
C GLU B 42 -8.37 -3.60 22.75
N GLU B 43 -7.13 -3.35 23.20
CA GLU B 43 -6.20 -2.38 22.64
C GLU B 43 -5.74 -2.71 21.22
N VAL B 44 -5.50 -4.01 20.89
CA VAL B 44 -5.30 -4.52 19.54
C VAL B 44 -6.44 -4.14 18.60
N GLY B 45 -7.69 -4.32 19.06
CA GLY B 45 -8.89 -3.89 18.34
C GLY B 45 -8.94 -2.41 18.07
N LYS B 46 -8.59 -1.57 19.09
CA LYS B 46 -8.57 -0.11 18.96
C LYS B 46 -7.37 0.33 18.12
N GLN B 47 -6.29 -0.46 18.05
CA GLN B 47 -5.13 -0.23 17.23
C GLN B 47 -5.40 -0.43 15.74
N PHE B 48 -6.43 -1.23 15.37
CA PHE B 48 -6.90 -1.40 13.99
C PHE B 48 -7.68 -0.19 13.49
N ASP B 49 -8.85 0.13 14.10
CA ASP B 49 -9.40 1.48 14.28
C ASP B 49 -8.44 2.67 14.11
N VAL B 50 -7.42 2.81 14.98
CA VAL B 50 -6.42 3.88 14.95
C VAL B 50 -5.57 3.83 13.68
N THR B 51 -4.84 2.74 13.39
CA THR B 51 -4.21 2.49 12.09
C THR B 51 -5.03 2.78 10.83
N ARG B 52 -6.29 2.32 10.75
CA ARG B 52 -7.12 2.51 9.56
C ARG B 52 -7.52 3.97 9.39
N GLU B 53 -7.80 4.63 10.54
CA GLU B 53 -7.91 6.07 10.68
C GLU B 53 -6.65 6.80 10.23
N ARG B 54 -5.44 6.38 10.69
CA ARG B 54 -4.17 6.95 10.28
C ARG B 54 -3.94 6.95 8.80
N ILE B 55 -4.35 5.86 8.08
CA ILE B 55 -4.32 5.79 6.64
C ILE B 55 -5.16 6.88 5.99
N ARG B 56 -6.37 7.26 6.51
CA ARG B 56 -7.18 8.30 5.89
C ARG B 56 -6.56 9.69 6.13
N GLN B 57 -5.62 9.84 7.11
CA GLN B 57 -4.77 11.02 7.28
C GLN B 57 -3.59 11.02 6.29
N ILE B 58 -2.99 9.85 6.01
CA ILE B 58 -2.02 9.65 4.93
C ILE B 58 -2.55 10.08 3.56
N GLU B 59 -3.78 9.60 3.22
CA GLU B 59 -4.65 9.95 2.09
C GLU B 59 -4.88 11.45 1.99
N ALA B 60 -5.39 12.07 3.08
CA ALA B 60 -5.56 13.49 3.26
C ALA B 60 -4.36 14.34 2.85
N LYS B 61 -3.14 13.90 3.26
CA LYS B 61 -1.91 14.61 2.98
C LYS B 61 -1.39 14.34 1.57
N ALA B 62 -1.44 13.07 1.13
CA ALA B 62 -1.04 12.62 -0.18
C ALA B 62 -1.78 13.30 -1.33
N LEU B 63 -3.10 13.56 -1.17
CA LEU B 63 -3.90 14.37 -2.08
C LEU B 63 -3.64 15.88 -2.05
N ARG B 64 -2.74 16.37 -1.19
CA ARG B 64 -2.31 17.76 -1.17
C ARG B 64 -0.99 17.89 -1.92
N LYS B 65 -0.17 16.82 -2.03
CA LYS B 65 1.00 16.82 -2.90
C LYS B 65 0.69 16.79 -4.39
N LEU B 66 -0.51 16.31 -4.77
CA LEU B 66 -0.99 16.33 -6.15
C LEU B 66 -1.73 17.64 -6.42
N ARG B 67 -2.26 17.80 -7.66
CA ARG B 67 -2.68 19.09 -8.16
C ARG B 67 -3.57 18.99 -9.40
N HIS B 68 -3.33 18.00 -10.29
CA HIS B 68 -4.18 17.76 -11.44
C HIS B 68 -5.49 17.09 -11.03
N PRO B 69 -6.60 17.15 -11.78
CA PRO B 69 -7.84 16.50 -11.36
C PRO B 69 -7.79 14.97 -11.30
N SER B 70 -8.68 14.36 -10.51
CA SER B 70 -8.79 12.91 -10.36
C SER B 70 -10.23 12.55 -10.14
N ARG B 71 -10.74 12.72 -8.90
CA ARG B 71 -12.12 12.45 -8.54
C ARG B 71 -12.85 13.79 -8.42
N SER B 72 -13.84 14.03 -9.29
CA SER B 72 -14.37 15.37 -9.55
C SER B 72 -15.76 15.57 -9.02
N GLU B 73 -16.53 14.49 -8.78
CA GLU B 73 -17.89 14.63 -8.32
C GLU B 73 -17.96 14.92 -6.82
N VAL B 74 -19.07 15.52 -6.35
CA VAL B 74 -19.27 15.83 -4.93
C VAL B 74 -19.84 14.63 -4.20
N LEU B 75 -19.12 14.06 -3.21
CA LEU B 75 -19.57 12.83 -2.57
C LEU B 75 -20.45 13.10 -1.34
N ARG B 76 -20.71 12.09 -0.48
CA ARG B 76 -21.44 12.31 0.77
C ARG B 76 -20.58 12.91 1.87
N SER B 77 -20.20 14.18 1.72
CA SER B 77 -19.55 14.97 2.75
C SER B 77 -20.58 15.93 3.35
N PHE B 78 -20.34 17.26 3.31
CA PHE B 78 -21.20 18.36 3.77
C PHE B 78 -22.71 18.11 3.73
N LEU B 79 -23.22 17.92 2.50
CA LEU B 79 -24.63 17.81 2.12
C LEU B 79 -25.43 16.74 2.84
N ASP B 80 -24.75 15.67 3.27
CA ASP B 80 -25.29 14.46 3.80
C ASP B 80 -25.06 14.38 5.32
N ASP B 81 -24.64 13.20 5.84
CA ASP B 81 -24.30 13.05 7.25
C ASP B 81 -22.83 13.47 7.46
N ASN A 2 20.75 -0.01 -4.37
CA ASN A 2 20.22 -0.39 -5.64
C ASN A 2 19.94 -1.86 -5.65
N LYS A 3 18.68 -2.20 -5.34
CA LYS A 3 18.11 -3.49 -5.57
C LYS A 3 16.71 -3.27 -6.01
N ASN A 4 16.30 -3.86 -7.15
CA ASN A 4 14.95 -3.83 -7.65
C ASN A 4 13.99 -4.60 -6.80
N ILE A 5 14.43 -5.76 -6.29
CA ILE A 5 13.59 -6.62 -5.51
C ILE A 5 13.16 -6.04 -4.21
N ASP A 6 14.04 -5.26 -3.56
CA ASP A 6 13.93 -4.50 -2.36
C ASP A 6 12.75 -3.59 -2.43
N THR A 7 12.60 -2.88 -3.56
CA THR A 7 11.60 -1.90 -3.84
C THR A 7 10.29 -2.49 -4.20
N VAL A 8 10.25 -3.63 -4.91
CA VAL A 8 9.07 -4.42 -5.12
C VAL A 8 8.54 -4.96 -3.84
N ARG A 9 9.37 -5.52 -2.94
CA ARG A 9 9.02 -5.85 -1.60
C ARG A 9 8.41 -4.77 -0.79
N GLU A 10 8.86 -3.51 -0.94
CA GLU A 10 8.19 -2.38 -0.37
C GLU A 10 6.84 -2.13 -0.95
N ILE A 11 6.70 -2.05 -2.28
CA ILE A 11 5.49 -1.85 -3.01
C ILE A 11 4.45 -2.83 -2.64
N ILE A 12 4.79 -4.14 -2.51
CA ILE A 12 3.93 -5.15 -2.00
C ILE A 12 3.48 -4.93 -0.60
N THR A 13 4.44 -4.65 0.30
CA THR A 13 4.21 -4.65 1.72
C THR A 13 3.29 -3.54 2.07
N VAL A 14 3.50 -2.37 1.43
CA VAL A 14 2.67 -1.23 1.68
C VAL A 14 1.34 -1.31 1.01
N ALA A 15 1.21 -1.92 -0.18
CA ALA A 15 -0.07 -2.10 -0.79
C ALA A 15 -0.91 -3.13 -0.13
N SER A 16 -0.31 -4.17 0.48
CA SER A 16 -0.89 -5.13 1.37
C SER A 16 -1.57 -4.51 2.53
N ILE A 17 -0.87 -3.66 3.31
CA ILE A 17 -1.42 -2.87 4.38
C ILE A 17 -2.68 -2.16 4.04
N LEU A 18 -2.74 -1.59 2.82
CA LEU A 18 -3.93 -0.91 2.40
C LEU A 18 -5.10 -1.80 2.21
N ILE A 19 -4.91 -3.04 1.71
CA ILE A 19 -5.96 -3.99 1.49
C ILE A 19 -6.52 -4.45 2.79
N LYS A 20 -5.68 -4.44 3.83
CA LYS A 20 -6.11 -4.80 5.16
C LYS A 20 -7.00 -3.79 5.77
N PHE A 21 -6.53 -2.53 5.81
CA PHE A 21 -7.14 -1.46 6.54
C PHE A 21 -8.28 -0.81 5.83
N SER A 22 -8.17 -0.53 4.52
CA SER A 22 -9.20 0.16 3.80
C SER A 22 -9.89 -0.70 2.79
N ARG A 23 -9.17 -1.66 2.17
CA ARG A 23 -9.56 -2.54 1.11
C ARG A 23 -9.39 -1.95 -0.25
N GLU A 24 -10.31 -2.26 -1.19
CA GLU A 24 -10.06 -1.96 -2.57
C GLU A 24 -10.12 -0.52 -2.97
N ASP A 25 -10.77 0.37 -2.19
CA ASP A 25 -11.08 1.73 -2.46
C ASP A 25 -9.93 2.60 -2.84
N ILE A 26 -8.75 2.41 -2.22
CA ILE A 26 -7.54 3.12 -2.51
C ILE A 26 -6.92 2.64 -3.78
N VAL A 27 -6.82 1.30 -3.93
CA VAL A 27 -6.13 0.64 -4.99
C VAL A 27 -6.88 0.71 -6.28
N GLU A 28 -8.19 0.99 -6.16
CA GLU A 28 -9.14 1.20 -7.21
C GLU A 28 -8.76 2.36 -8.07
N ASN A 29 -8.28 3.44 -7.44
CA ASN A 29 -7.92 4.66 -8.09
C ASN A 29 -6.47 4.65 -8.44
N ARG A 30 -6.04 5.16 -9.61
CA ARG A 30 -4.66 5.20 -10.00
C ARG A 30 -3.94 6.32 -9.33
N ALA A 31 -4.58 7.49 -9.21
CA ALA A 31 -4.06 8.59 -8.48
C ALA A 31 -3.80 8.31 -7.04
N ASN A 32 -4.85 7.90 -6.29
CA ASN A 32 -4.79 7.69 -4.89
C ASN A 32 -3.78 6.69 -4.44
N PHE A 33 -3.68 5.54 -5.12
CA PHE A 33 -2.68 4.54 -4.84
C PHE A 33 -1.28 4.97 -5.09
N ILE A 34 -0.98 5.80 -6.10
CA ILE A 34 0.32 6.35 -6.29
C ILE A 34 0.61 7.38 -5.26
N ALA A 35 -0.36 8.27 -4.96
CA ALA A 35 -0.36 9.26 -3.92
C ALA A 35 0.05 8.78 -2.58
N PHE A 36 -0.39 7.59 -2.12
CA PHE A 36 0.06 6.95 -0.93
C PHE A 36 1.52 6.65 -0.92
N LEU A 37 2.08 6.01 -1.98
CA LEU A 37 3.47 5.73 -2.13
C LEU A 37 4.33 6.94 -2.18
N ASN A 38 3.83 7.98 -2.87
CA ASN A 38 4.47 9.25 -2.94
C ASN A 38 4.44 10.02 -1.67
N GLU A 39 3.39 9.93 -0.84
CA GLU A 39 3.33 10.55 0.45
C GLU A 39 4.46 10.22 1.37
N ILE A 40 4.66 8.92 1.66
CA ILE A 40 5.72 8.47 2.49
C ILE A 40 7.05 8.48 1.81
N GLY A 41 7.13 8.31 0.48
CA GLY A 41 8.31 8.61 -0.28
C GLY A 41 9.21 7.45 -0.46
N VAL A 42 8.71 6.43 -1.20
CA VAL A 42 9.51 5.36 -1.72
C VAL A 42 10.21 5.86 -2.93
N THR A 43 11.42 5.35 -3.21
CA THR A 43 12.29 5.89 -4.21
C THR A 43 13.22 4.81 -4.64
N HIS A 44 13.52 4.79 -5.95
CA HIS A 44 14.40 3.90 -6.62
C HIS A 44 15.22 4.70 -7.58
N GLU A 45 16.56 4.56 -7.54
CA GLU A 45 17.53 5.35 -8.23
C GLU A 45 17.45 6.83 -8.06
N GLY A 46 17.01 7.36 -6.90
CA GLY A 46 16.88 8.77 -6.67
C GLY A 46 15.56 9.29 -7.13
N ARG A 47 14.81 8.46 -7.88
CA ARG A 47 13.57 8.78 -8.51
C ARG A 47 12.40 8.24 -7.78
N LYS A 48 11.41 9.10 -7.48
CA LYS A 48 10.18 8.62 -6.93
C LYS A 48 9.26 8.04 -7.95
N LEU A 49 8.66 6.88 -7.64
CA LEU A 49 7.98 6.04 -8.57
C LEU A 49 6.63 6.47 -9.03
N ASN A 50 6.58 7.12 -10.21
CA ASN A 50 5.35 7.44 -10.87
C ASN A 50 4.80 6.25 -11.56
N GLN A 51 3.62 6.36 -12.20
CA GLN A 51 2.88 5.43 -12.98
C GLN A 51 3.71 4.48 -13.79
N ASN A 52 4.61 5.03 -14.61
CA ASN A 52 5.50 4.35 -15.49
C ASN A 52 6.46 3.44 -14.79
N SER A 53 7.17 3.93 -13.75
CA SER A 53 8.20 3.27 -13.01
C SER A 53 7.63 2.18 -12.17
N PHE A 54 6.40 2.37 -11.66
CA PHE A 54 5.63 1.46 -10.87
C PHE A 54 5.38 0.21 -11.64
N ARG A 55 4.80 0.34 -12.86
CA ARG A 55 4.51 -0.72 -13.77
C ARG A 55 5.73 -1.37 -14.33
N LYS A 56 6.85 -0.63 -14.41
CA LYS A 56 8.12 -1.13 -14.82
C LYS A 56 8.67 -2.11 -13.84
N ILE A 57 9.01 -1.69 -12.62
CA ILE A 57 9.78 -2.49 -11.71
C ILE A 57 9.10 -3.72 -11.22
N VAL A 58 7.76 -3.70 -11.05
CA VAL A 58 6.98 -4.83 -10.69
C VAL A 58 6.89 -5.85 -11.79
N SER A 59 7.20 -5.43 -13.03
CA SER A 59 7.16 -6.26 -14.19
C SER A 59 8.48 -6.80 -14.64
N GLU A 60 9.54 -5.97 -14.69
CA GLU A 60 10.80 -6.30 -15.26
C GLU A 60 11.68 -7.28 -14.56
N LEU A 61 11.31 -7.63 -13.31
CA LEU A 61 12.01 -8.54 -12.47
C LEU A 61 11.98 -9.97 -12.92
N THR A 62 12.90 -10.83 -12.47
CA THR A 62 13.14 -12.13 -13.03
C THR A 62 12.12 -13.15 -12.66
N GLN A 63 12.26 -14.35 -13.26
CA GLN A 63 11.59 -15.58 -12.99
C GLN A 63 11.69 -15.99 -11.56
N GLU A 64 12.91 -15.98 -10.98
CA GLU A 64 13.24 -16.36 -9.64
C GLU A 64 12.79 -15.35 -8.64
N ASP A 65 12.94 -14.05 -8.98
CA ASP A 65 12.49 -12.94 -8.22
C ASP A 65 11.06 -12.98 -7.79
N LYS A 66 10.13 -13.07 -8.75
CA LYS A 66 8.71 -13.11 -8.52
C LYS A 66 8.35 -14.39 -7.85
N LYS A 67 9.00 -15.52 -8.18
CA LYS A 67 8.81 -16.80 -7.56
C LYS A 67 9.11 -16.80 -6.10
N THR A 68 10.24 -16.19 -5.69
CA THR A 68 10.64 -15.98 -4.34
C THR A 68 9.62 -15.25 -3.53
N LEU A 69 9.08 -14.16 -4.12
CA LEU A 69 8.13 -13.28 -3.53
C LEU A 69 6.82 -13.94 -3.30
N ILE A 70 6.34 -14.72 -4.29
CA ILE A 70 5.16 -15.52 -4.19
C ILE A 70 5.25 -16.57 -3.14
N ASP A 71 6.32 -17.39 -3.18
CA ASP A 71 6.50 -18.51 -2.31
C ASP A 71 6.62 -18.16 -0.87
N GLU A 72 6.97 -16.89 -0.62
CA GLU A 72 7.04 -16.31 0.69
C GLU A 72 5.74 -15.72 1.11
N PHE A 73 5.24 -14.66 0.45
CA PHE A 73 3.99 -14.04 0.77
C PHE A 73 3.10 -14.17 -0.42
N ASN A 74 2.23 -15.19 -0.42
CA ASN A 74 1.33 -15.50 -1.48
C ASN A 74 0.27 -14.47 -1.65
N GLU A 75 -0.50 -14.17 -0.58
CA GLU A 75 -1.61 -13.27 -0.62
C GLU A 75 -1.23 -11.86 -0.95
N GLY A 76 -0.04 -11.49 -0.44
CA GLY A 76 0.62 -10.24 -0.67
C GLY A 76 0.94 -10.00 -2.11
N PHE A 77 1.62 -10.95 -2.76
CA PHE A 77 1.86 -10.87 -4.17
C PHE A 77 0.61 -10.85 -4.97
N GLU A 78 -0.19 -11.92 -4.86
CA GLU A 78 -1.40 -12.17 -5.57
C GLU A 78 -2.45 -11.10 -5.56
N GLY A 79 -2.65 -10.44 -4.42
CA GLY A 79 -3.60 -9.37 -4.23
C GLY A 79 -3.20 -8.14 -4.98
N VAL A 80 -1.95 -7.70 -4.78
CA VAL A 80 -1.33 -6.60 -5.44
C VAL A 80 -1.28 -6.83 -6.91
N TYR A 81 -0.86 -8.02 -7.37
CA TYR A 81 -0.83 -8.43 -8.73
C TYR A 81 -2.14 -8.31 -9.44
N ARG A 82 -3.24 -8.84 -8.88
CA ARG A 82 -4.53 -8.72 -9.47
C ARG A 82 -5.13 -7.35 -9.53
N TYR A 83 -5.00 -6.55 -8.46
CA TYR A 83 -5.51 -5.21 -8.46
C TYR A 83 -4.73 -4.28 -9.33
N LEU A 84 -3.42 -4.47 -9.55
CA LEU A 84 -2.64 -3.82 -10.55
C LEU A 84 -3.19 -3.99 -11.92
N GLU A 85 -3.51 -5.22 -12.37
CA GLU A 85 -4.05 -5.42 -13.68
C GLU A 85 -5.47 -5.01 -13.80
N MET A 86 -6.23 -5.07 -12.69
CA MET A 86 -7.58 -4.61 -12.70
C MET A 86 -7.68 -3.13 -12.87
N TYR A 87 -6.98 -2.35 -12.02
CA TYR A 87 -7.16 -0.93 -11.97
C TYR A 87 -6.00 -0.19 -12.54
N THR A 88 -4.74 -0.55 -12.21
CA THR A 88 -3.63 0.35 -12.25
C THR A 88 -2.98 0.34 -13.59
N ASN A 89 -3.34 1.33 -14.43
CA ASN A 89 -3.10 1.40 -15.84
C ASN A 89 -2.08 2.34 -16.36
N LYS A 90 -1.66 2.11 -17.62
CA LYS A 90 -0.67 2.89 -18.30
C LYS A 90 -1.25 4.15 -18.84
N ASP B 14 -1.23 -12.37 13.95
CA ASP B 14 -1.24 -12.09 12.55
C ASP B 14 -2.27 -12.89 11.84
N VAL B 15 -2.55 -14.12 12.30
CA VAL B 15 -3.53 -14.98 11.71
C VAL B 15 -4.92 -14.48 11.93
N LEU B 16 -5.21 -13.89 13.09
CA LEU B 16 -6.47 -13.25 13.33
C LEU B 16 -6.58 -11.97 12.57
N ALA B 17 -5.57 -11.09 12.65
CA ALA B 17 -5.60 -9.80 12.03
C ALA B 17 -5.63 -9.82 10.55
N GLY B 18 -4.62 -10.43 9.89
CA GLY B 18 -4.53 -10.52 8.47
C GLY B 18 -3.35 -9.79 7.95
N LEU B 19 -2.87 -8.78 8.72
CA LEU B 19 -1.59 -8.18 8.48
C LEU B 19 -0.55 -9.07 9.06
N THR B 20 0.61 -9.21 8.39
CA THR B 20 1.74 -9.95 8.86
C THR B 20 2.69 -9.08 9.61
N ALA B 21 3.61 -9.61 10.42
CA ALA B 21 4.66 -8.91 11.12
C ALA B 21 5.55 -8.07 10.27
N ARG B 22 5.66 -8.33 8.96
CA ARG B 22 6.33 -7.49 8.01
C ARG B 22 5.56 -6.27 7.59
N GLU B 23 4.23 -6.30 7.64
CA GLU B 23 3.34 -5.20 7.38
C GLU B 23 3.35 -4.37 8.62
N ALA B 24 3.44 -4.99 9.80
CA ALA B 24 3.72 -4.27 11.01
C ALA B 24 5.02 -3.55 11.06
N LYS B 25 6.08 -4.09 10.43
CA LYS B 25 7.36 -3.45 10.25
C LYS B 25 7.27 -2.15 9.55
N VAL B 26 6.52 -2.08 8.43
CA VAL B 26 6.28 -0.88 7.68
C VAL B 26 5.55 0.17 8.43
N LEU B 27 4.54 -0.27 9.21
CA LEU B 27 3.84 0.61 10.09
C LEU B 27 4.66 1.32 11.10
N ARG B 28 5.74 0.71 11.63
CA ARG B 28 6.65 1.44 12.45
C ARG B 28 7.66 2.25 11.71
N MET B 29 8.31 1.72 10.67
CA MET B 29 9.34 2.37 9.93
C MET B 29 8.90 3.63 9.26
N ARG B 30 7.81 3.57 8.47
CA ARG B 30 7.42 4.66 7.64
C ARG B 30 6.26 5.45 8.14
N PHE B 31 5.11 4.79 8.41
CA PHE B 31 3.88 5.36 8.85
C PHE B 31 4.02 5.96 10.20
N GLY B 32 4.75 5.31 11.12
CA GLY B 32 5.24 5.85 12.35
C GLY B 32 4.25 5.67 13.46
N ILE B 33 3.81 4.42 13.70
CA ILE B 33 2.98 4.06 14.80
C ILE B 33 3.76 3.06 15.58
N ASP B 34 3.78 3.23 16.92
CA ASP B 34 4.50 2.38 17.80
C ASP B 34 3.56 1.45 18.50
N MET B 35 3.52 0.16 18.08
CA MET B 35 2.75 -0.83 18.75
C MET B 35 3.48 -2.12 18.79
N ASN B 36 4.60 -2.22 19.55
CA ASN B 36 5.50 -3.33 19.55
C ASN B 36 5.48 -4.17 20.78
N THR B 37 4.67 -3.74 21.76
CA THR B 37 4.74 -4.23 23.11
C THR B 37 3.74 -5.29 23.40
N ASP B 38 2.68 -4.97 24.18
CA ASP B 38 1.72 -5.91 24.65
C ASP B 38 0.40 -5.67 23.99
N TYR B 39 -0.41 -6.73 23.80
CA TYR B 39 -1.69 -6.57 23.17
C TYR B 39 -2.69 -7.37 23.94
N THR B 40 -3.91 -6.84 24.14
CA THR B 40 -5.12 -7.56 24.41
C THR B 40 -5.96 -7.60 23.19
N LEU B 41 -7.13 -8.24 23.21
CA LEU B 41 -8.02 -8.27 22.09
C LEU B 41 -8.51 -6.89 21.79
N GLU B 42 -8.92 -6.14 22.83
CA GLU B 42 -9.24 -4.75 22.72
C GLU B 42 -8.18 -3.87 22.17
N GLU B 43 -6.93 -4.00 22.65
CA GLU B 43 -5.85 -3.21 22.17
C GLU B 43 -5.49 -3.47 20.75
N VAL B 44 -5.62 -4.67 20.18
CA VAL B 44 -5.56 -4.93 18.77
C VAL B 44 -6.65 -4.23 18.03
N GLY B 45 -7.91 -4.26 18.49
CA GLY B 45 -8.92 -3.50 17.82
C GLY B 45 -8.73 -2.03 17.92
N LYS B 46 -8.24 -1.51 19.06
CA LYS B 46 -7.90 -0.12 19.21
C LYS B 46 -6.84 0.33 18.27
N GLN B 47 -5.67 -0.33 18.26
CA GLN B 47 -4.61 0.03 17.37
C GLN B 47 -4.93 -0.12 15.92
N PHE B 48 -5.83 -1.04 15.56
CA PHE B 48 -6.41 -1.19 14.25
C PHE B 48 -7.10 0.07 13.83
N ASP B 49 -8.10 0.54 14.60
CA ASP B 49 -8.84 1.73 14.31
C ASP B 49 -8.05 2.99 14.35
N VAL B 50 -7.00 3.06 15.21
CA VAL B 50 -6.02 4.10 15.18
C VAL B 50 -5.25 4.17 13.91
N THR B 51 -4.69 3.03 13.46
CA THR B 51 -3.94 2.86 12.26
C THR B 51 -4.75 3.22 11.04
N ARG B 52 -6.00 2.75 11.02
CA ARG B 52 -7.01 3.07 10.06
C ARG B 52 -7.29 4.52 9.90
N GLU B 53 -7.45 5.27 11.01
CA GLU B 53 -7.60 6.68 10.91
C GLU B 53 -6.37 7.42 10.49
N ARG B 54 -5.18 6.90 10.84
CA ARG B 54 -3.94 7.50 10.44
C ARG B 54 -3.77 7.45 8.96
N ILE B 55 -4.21 6.32 8.36
CA ILE B 55 -4.32 6.13 6.95
C ILE B 55 -5.19 7.16 6.30
N ARG B 56 -6.38 7.43 6.87
CA ARG B 56 -7.26 8.42 6.32
C ARG B 56 -6.83 9.83 6.45
N GLN B 57 -6.05 10.16 7.50
CA GLN B 57 -5.33 11.38 7.62
C GLN B 57 -4.29 11.54 6.56
N ILE B 58 -3.57 10.45 6.22
CA ILE B 58 -2.64 10.37 5.15
C ILE B 58 -3.29 10.58 3.84
N GLU B 59 -4.41 9.89 3.52
CA GLU B 59 -5.13 9.91 2.29
C GLU B 59 -5.54 11.27 1.82
N ALA B 60 -6.19 12.03 2.73
CA ALA B 60 -6.51 13.41 2.61
C ALA B 60 -5.36 14.26 2.20
N LYS B 61 -4.24 14.22 2.95
CA LYS B 61 -3.03 14.94 2.67
C LYS B 61 -2.37 14.50 1.41
N ALA B 62 -2.30 13.18 1.15
CA ALA B 62 -1.69 12.65 -0.03
C ALA B 62 -2.32 13.04 -1.32
N LEU B 63 -3.65 13.15 -1.38
CA LEU B 63 -4.41 13.60 -2.52
C LEU B 63 -4.19 15.05 -2.80
N ARG B 64 -4.04 15.90 -1.76
CA ARG B 64 -3.61 17.25 -1.93
C ARG B 64 -2.21 17.38 -2.42
N LYS B 65 -1.28 16.54 -1.95
CA LYS B 65 0.10 16.50 -2.32
C LYS B 65 0.40 16.07 -3.71
N LEU B 66 -0.39 15.19 -4.33
CA LEU B 66 -0.34 14.86 -5.72
C LEU B 66 -1.04 15.90 -6.53
N ARG B 67 -0.29 16.87 -7.08
CA ARG B 67 -0.86 18.10 -7.54
C ARG B 67 -1.63 18.08 -8.81
N HIS B 68 -1.71 16.95 -9.53
CA HIS B 68 -2.51 16.79 -10.71
C HIS B 68 -3.78 16.16 -10.26
N PRO B 69 -4.93 16.54 -10.74
CA PRO B 69 -6.19 16.34 -10.08
C PRO B 69 -6.53 14.89 -10.09
N SER B 70 -7.38 14.49 -9.14
CA SER B 70 -7.71 13.15 -8.77
C SER B 70 -9.16 13.01 -8.47
N ARG B 71 -9.68 11.83 -8.06
CA ARG B 71 -10.96 11.78 -7.41
C ARG B 71 -10.78 12.00 -5.95
N SER B 72 -11.12 13.21 -5.47
CA SER B 72 -10.97 13.57 -4.09
C SER B 72 -11.94 12.83 -3.23
N GLU B 73 -13.04 12.39 -3.85
CA GLU B 73 -14.14 11.64 -3.32
C GLU B 73 -14.83 11.03 -4.49
N VAL B 74 -15.45 9.86 -4.30
CA VAL B 74 -16.51 9.37 -5.13
C VAL B 74 -17.71 9.27 -4.25
N LEU B 75 -18.69 10.14 -4.54
CA LEU B 75 -19.77 10.67 -3.76
C LEU B 75 -19.84 10.37 -2.30
N ARG B 76 -21.03 10.08 -1.73
CA ARG B 76 -21.09 9.82 -0.32
C ARG B 76 -22.07 8.73 -0.11
N SER B 77 -23.14 8.92 0.69
CA SER B 77 -24.10 7.92 1.05
C SER B 77 -25.17 7.86 0.01
N PHE B 78 -25.07 8.73 -1.02
CA PHE B 78 -25.92 8.92 -2.15
C PHE B 78 -26.07 7.73 -3.04
N LEU B 79 -25.08 6.81 -3.04
CA LEU B 79 -25.09 5.62 -3.82
C LEU B 79 -25.99 4.62 -3.16
N ASP B 80 -25.44 3.83 -2.22
CA ASP B 80 -26.16 2.85 -1.47
C ASP B 80 -26.21 3.20 -0.02
N ASP B 81 -27.42 3.20 0.58
CA ASP B 81 -27.64 3.59 1.94
C ASP B 81 -27.20 5.03 2.17
N ASN A 2 21.25 -2.59 -7.33
CA ASN A 2 21.53 -3.58 -8.34
C ASN A 2 20.44 -4.63 -8.31
N LYS A 3 19.59 -4.50 -7.29
CA LYS A 3 18.47 -5.38 -7.00
C LYS A 3 17.17 -4.64 -7.18
N ASN A 4 16.38 -5.03 -8.21
CA ASN A 4 15.07 -4.46 -8.44
C ASN A 4 14.06 -4.98 -7.44
N ILE A 5 14.12 -6.29 -7.12
CA ILE A 5 13.20 -6.96 -6.21
C ILE A 5 13.22 -6.43 -4.78
N ASP A 6 14.33 -5.78 -4.37
CA ASP A 6 14.51 -5.11 -3.10
C ASP A 6 13.45 -4.03 -2.86
N THR A 7 13.25 -3.14 -3.87
CA THR A 7 12.19 -2.14 -3.86
C THR A 7 10.82 -2.76 -3.94
N VAL A 8 10.68 -3.77 -4.83
CA VAL A 8 9.44 -4.54 -4.99
C VAL A 8 8.93 -5.12 -3.66
N ARG A 9 9.79 -5.77 -2.85
CA ARG A 9 9.47 -6.17 -1.48
C ARG A 9 8.91 -5.05 -0.60
N GLU A 10 9.49 -3.82 -0.63
CA GLU A 10 8.95 -2.65 0.04
C GLU A 10 7.55 -2.28 -0.42
N ILE A 11 7.38 -1.99 -1.73
CA ILE A 11 6.10 -1.68 -2.41
C ILE A 11 4.99 -2.66 -2.03
N ILE A 12 5.29 -3.97 -2.07
CA ILE A 12 4.34 -5.03 -1.76
C ILE A 12 4.05 -5.10 -0.28
N THR A 13 5.07 -4.96 0.59
CA THR A 13 4.91 -4.82 2.03
C THR A 13 3.97 -3.68 2.42
N VAL A 14 4.19 -2.44 1.92
CA VAL A 14 3.32 -1.31 2.23
C VAL A 14 1.96 -1.41 1.56
N ALA A 15 1.88 -2.03 0.37
CA ALA A 15 0.62 -2.27 -0.30
C ALA A 15 -0.23 -3.29 0.43
N SER A 16 0.36 -4.17 1.26
CA SER A 16 -0.37 -5.28 1.86
C SER A 16 -1.29 -4.70 2.93
N ILE A 17 -0.67 -3.88 3.81
CA ILE A 17 -1.25 -2.86 4.69
C ILE A 17 -2.47 -2.13 4.11
N LEU A 18 -2.35 -1.48 2.92
CA LEU A 18 -3.44 -0.82 2.20
C LEU A 18 -4.70 -1.68 2.11
N ILE A 19 -4.46 -2.93 1.66
CA ILE A 19 -5.40 -4.00 1.41
C ILE A 19 -6.03 -4.47 2.72
N LYS A 20 -5.19 -4.84 3.72
CA LYS A 20 -5.65 -5.55 4.92
C LYS A 20 -6.56 -4.69 5.80
N PHE A 21 -6.12 -3.42 5.92
CA PHE A 21 -6.70 -2.43 6.80
C PHE A 21 -7.86 -1.72 6.14
N SER A 22 -7.63 -1.06 4.98
CA SER A 22 -8.63 -0.18 4.41
C SER A 22 -9.40 -0.83 3.29
N ARG A 23 -9.13 -2.11 2.98
CA ARG A 23 -9.86 -2.91 2.02
C ARG A 23 -9.75 -2.37 0.60
N GLU A 24 -10.85 -2.05 -0.12
CA GLU A 24 -10.73 -1.61 -1.50
C GLU A 24 -10.84 -0.11 -1.67
N ASP A 25 -11.10 0.65 -0.58
CA ASP A 25 -11.11 2.10 -0.47
C ASP A 25 -9.99 2.85 -1.21
N ILE A 26 -8.75 2.73 -0.74
CA ILE A 26 -7.61 3.48 -1.25
C ILE A 26 -6.95 2.79 -2.43
N VAL A 27 -7.16 1.47 -2.49
CA VAL A 27 -6.84 0.55 -3.57
C VAL A 27 -7.57 0.86 -4.88
N GLU A 28 -8.92 1.03 -4.85
CA GLU A 28 -9.74 1.36 -6.00
C GLU A 28 -9.31 2.62 -6.73
N ASN A 29 -9.30 3.71 -5.96
CA ASN A 29 -9.15 5.08 -6.43
C ASN A 29 -7.72 5.32 -6.92
N ARG A 30 -7.48 5.35 -8.24
CA ARG A 30 -6.15 5.14 -8.83
C ARG A 30 -5.04 6.03 -8.36
N ALA A 31 -5.21 7.36 -8.47
CA ALA A 31 -4.23 8.36 -8.09
C ALA A 31 -3.74 8.23 -6.66
N ASN A 32 -4.66 7.92 -5.74
CA ASN A 32 -4.39 7.69 -4.32
C ASN A 32 -3.35 6.60 -4.05
N PHE A 33 -3.38 5.45 -4.77
CA PHE A 33 -2.52 4.29 -4.55
C PHE A 33 -1.00 4.58 -4.73
N ILE A 34 -0.60 4.93 -5.97
CA ILE A 34 0.47 5.89 -6.34
C ILE A 34 0.74 7.00 -5.31
N ALA A 35 -0.15 7.97 -5.07
CA ALA A 35 0.11 9.07 -4.14
C ALA A 35 0.51 8.68 -2.70
N PHE A 36 0.03 7.52 -2.22
CA PHE A 36 0.36 6.94 -0.93
C PHE A 36 1.81 6.45 -0.87
N LEU A 37 2.31 5.86 -1.96
CA LEU A 37 3.70 5.44 -2.06
C LEU A 37 4.66 6.62 -2.05
N ASN A 38 4.35 7.67 -2.85
CA ASN A 38 5.15 8.88 -2.93
C ASN A 38 5.24 9.63 -1.59
N GLU A 39 4.09 9.80 -0.90
CA GLU A 39 3.93 10.37 0.45
C GLU A 39 5.07 10.10 1.42
N ILE A 40 5.41 8.82 1.66
CA ILE A 40 6.38 8.43 2.66
C ILE A 40 7.77 8.29 2.07
N GLY A 41 7.93 8.36 0.74
CA GLY A 41 9.24 8.30 0.12
C GLY A 41 9.79 6.91 -0.05
N VAL A 42 9.15 6.08 -0.90
CA VAL A 42 9.71 4.82 -1.36
C VAL A 42 10.26 5.08 -2.75
N THR A 43 11.61 5.06 -2.98
CA THR A 43 12.18 5.34 -4.30
C THR A 43 12.83 4.13 -4.89
N HIS A 44 13.19 4.25 -6.18
CA HIS A 44 14.11 3.33 -6.82
C HIS A 44 15.00 4.23 -7.65
N GLU A 45 16.32 3.94 -7.69
CA GLU A 45 17.36 4.69 -8.39
C GLU A 45 17.30 6.21 -8.13
N GLY A 46 16.92 6.59 -6.89
CA GLY A 46 16.84 7.96 -6.40
C GLY A 46 15.56 8.68 -6.74
N ARG A 47 14.66 8.04 -7.48
CA ARG A 47 13.51 8.63 -8.11
C ARG A 47 12.25 8.15 -7.43
N LYS A 48 11.30 9.04 -7.07
CA LYS A 48 10.07 8.66 -6.40
C LYS A 48 9.10 8.09 -7.42
N LEU A 49 8.58 6.87 -7.20
CA LEU A 49 7.99 6.09 -8.27
C LEU A 49 6.59 6.53 -8.72
N ASN A 50 6.55 7.16 -9.91
CA ASN A 50 5.32 7.46 -10.62
C ASN A 50 4.72 6.23 -11.30
N GLN A 51 3.61 6.42 -12.04
CA GLN A 51 2.87 5.38 -12.75
C GLN A 51 3.70 4.56 -13.72
N ASN A 52 4.59 5.24 -14.47
CA ASN A 52 5.61 4.68 -15.35
C ASN A 52 6.49 3.68 -14.61
N SER A 53 7.25 4.12 -13.58
CA SER A 53 8.12 3.25 -12.77
C SER A 53 7.37 2.13 -12.08
N PHE A 54 6.20 2.46 -11.49
CA PHE A 54 5.33 1.57 -10.73
C PHE A 54 4.95 0.31 -11.49
N ARG A 55 4.42 0.43 -12.74
CA ARG A 55 4.09 -0.75 -13.51
C ARG A 55 5.30 -1.36 -14.19
N LYS A 56 6.34 -0.56 -14.53
CA LYS A 56 7.53 -1.07 -15.20
C LYS A 56 8.39 -1.99 -14.34
N ILE A 57 8.59 -1.70 -13.04
CA ILE A 57 9.39 -2.58 -12.18
C ILE A 57 8.72 -3.93 -11.93
N VAL A 58 7.38 -3.94 -11.78
CA VAL A 58 6.47 -5.07 -11.71
C VAL A 58 6.39 -5.86 -13.01
N SER A 59 6.37 -5.19 -14.17
CA SER A 59 6.25 -5.85 -15.46
C SER A 59 7.59 -6.16 -16.14
N GLU A 60 8.75 -5.53 -15.80
CA GLU A 60 10.07 -6.07 -16.16
C GLU A 60 10.70 -6.82 -15.01
N LEU A 61 9.91 -7.28 -14.01
CA LEU A 61 10.34 -8.12 -12.91
C LEU A 61 10.82 -9.50 -13.36
N THR A 62 11.91 -9.99 -12.74
CA THR A 62 12.56 -11.26 -13.06
C THR A 62 11.78 -12.46 -12.52
N GLN A 63 11.74 -13.58 -13.25
CA GLN A 63 10.84 -14.71 -12.98
C GLN A 63 11.09 -15.47 -11.67
N GLU A 64 12.34 -15.91 -11.38
CA GLU A 64 12.64 -16.64 -10.15
C GLU A 64 12.51 -15.80 -8.88
N ASP A 65 12.87 -14.52 -8.96
CA ASP A 65 12.67 -13.52 -7.94
C ASP A 65 11.22 -13.37 -7.47
N LYS A 66 10.32 -13.13 -8.46
CA LYS A 66 8.88 -13.01 -8.23
C LYS A 66 8.29 -14.28 -7.66
N LYS A 67 8.73 -15.47 -8.15
CA LYS A 67 8.23 -16.75 -7.64
C LYS A 67 8.75 -17.01 -6.24
N THR A 68 9.98 -16.57 -5.90
CA THR A 68 10.49 -16.50 -4.50
C THR A 68 9.58 -15.67 -3.57
N LEU A 69 9.04 -14.53 -4.07
CA LEU A 69 8.01 -13.76 -3.38
C LEU A 69 6.68 -14.51 -3.29
N ILE A 70 6.12 -14.96 -4.45
CA ILE A 70 4.90 -15.78 -4.58
C ILE A 70 4.88 -16.94 -3.61
N ASP A 71 5.93 -17.79 -3.60
CA ASP A 71 5.98 -18.98 -2.78
C ASP A 71 6.00 -18.68 -1.29
N GLU A 72 6.36 -17.44 -0.89
CA GLU A 72 6.21 -16.94 0.46
C GLU A 72 4.83 -16.32 0.66
N PHE A 73 4.53 -15.22 -0.06
CA PHE A 73 3.29 -14.48 -0.04
C PHE A 73 2.38 -14.88 -1.19
N ASN A 74 1.61 -15.97 -1.04
CA ASN A 74 0.80 -16.54 -2.10
C ASN A 74 -0.36 -15.63 -2.54
N GLU A 75 -1.17 -15.16 -1.57
CA GLU A 75 -2.36 -14.37 -1.82
C GLU A 75 -2.00 -12.90 -1.87
N GLY A 76 -1.11 -12.47 -0.94
CA GLY A 76 -0.69 -11.09 -0.76
C GLY A 76 0.02 -10.47 -1.94
N PHE A 77 1.00 -11.19 -2.53
CA PHE A 77 1.75 -10.65 -3.66
C PHE A 77 0.94 -10.74 -4.96
N GLU A 78 0.46 -11.96 -5.32
CA GLU A 78 -0.28 -12.25 -6.54
C GLU A 78 -1.56 -11.43 -6.64
N GLY A 79 -2.27 -11.33 -5.50
CA GLY A 79 -3.47 -10.53 -5.34
C GLY A 79 -3.28 -9.04 -5.46
N VAL A 80 -2.08 -8.47 -5.24
CA VAL A 80 -1.84 -7.07 -5.50
C VAL A 80 -1.39 -6.84 -6.93
N TYR A 81 -0.35 -7.55 -7.45
CA TYR A 81 0.27 -7.15 -8.72
C TYR A 81 -0.61 -7.43 -9.94
N ARG A 82 -1.54 -8.40 -9.82
CA ARG A 82 -2.55 -8.62 -10.83
C ARG A 82 -3.65 -7.56 -10.77
N TYR A 83 -4.00 -7.08 -9.56
CA TYR A 83 -4.97 -6.01 -9.36
C TYR A 83 -4.44 -4.68 -9.90
N LEU A 84 -3.13 -4.42 -9.74
CA LEU A 84 -2.41 -3.32 -10.35
C LEU A 84 -2.67 -3.21 -11.86
N GLU A 85 -2.45 -4.31 -12.62
CA GLU A 85 -2.71 -4.30 -14.06
C GLU A 85 -4.17 -4.46 -14.46
N MET A 86 -5.05 -5.05 -13.62
CA MET A 86 -6.49 -5.00 -13.82
C MET A 86 -7.04 -3.58 -13.71
N TYR A 87 -6.45 -2.75 -12.83
CA TYR A 87 -6.72 -1.32 -12.75
C TYR A 87 -6.08 -0.54 -13.89
N THR A 88 -4.75 -0.61 -14.11
CA THR A 88 -4.09 0.05 -15.25
C THR A 88 -3.79 -0.94 -16.39
N ASN A 89 -4.71 -0.97 -17.37
CA ASN A 89 -4.66 -1.88 -18.50
C ASN A 89 -3.81 -1.31 -19.62
N LYS A 90 -2.72 -1.99 -20.01
CA LYS A 90 -1.90 -1.51 -21.11
C LYS A 90 -1.06 -2.63 -21.72
N ASP B 14 -1.92 -10.91 15.21
CA ASP B 14 -1.38 -10.35 14.00
C ASP B 14 -1.76 -11.18 12.78
N VAL B 15 -1.47 -12.49 12.77
CA VAL B 15 -1.98 -13.45 11.80
C VAL B 15 -3.52 -13.43 11.63
N LEU B 16 -4.28 -13.33 12.73
CA LEU B 16 -5.73 -13.17 12.72
C LEU B 16 -6.24 -11.93 12.00
N ALA B 17 -5.63 -10.76 12.30
CA ALA B 17 -6.06 -9.47 11.79
C ALA B 17 -5.52 -9.21 10.39
N GLY B 18 -4.32 -9.73 10.04
CA GLY B 18 -3.86 -9.75 8.66
C GLY B 18 -2.39 -9.43 8.55
N LEU B 19 -1.89 -8.56 9.44
CA LEU B 19 -0.63 -7.86 9.29
C LEU B 19 0.57 -8.63 9.82
N THR B 20 1.44 -9.13 8.91
CA THR B 20 2.62 -9.92 9.25
C THR B 20 3.74 -9.04 9.80
N ALA B 21 4.80 -9.67 10.32
CA ALA B 21 6.07 -9.11 10.72
C ALA B 21 6.72 -8.09 9.79
N ARG B 22 6.49 -8.17 8.46
CA ARG B 22 7.06 -7.20 7.55
C ARG B 22 6.32 -5.87 7.61
N GLU B 23 4.99 -5.99 7.47
CA GLU B 23 3.94 -4.97 7.51
C GLU B 23 3.92 -4.22 8.82
N ALA B 24 3.97 -4.97 9.95
CA ALA B 24 4.00 -4.44 11.29
C ALA B 24 5.24 -3.63 11.59
N LYS B 25 6.40 -4.01 11.02
CA LYS B 25 7.63 -3.24 11.07
C LYS B 25 7.46 -1.95 10.29
N VAL B 26 6.95 -2.01 9.03
CA VAL B 26 6.75 -0.84 8.18
C VAL B 26 5.86 0.22 8.82
N LEU B 27 4.75 -0.27 9.42
CA LEU B 27 3.77 0.47 10.21
C LEU B 27 4.42 1.36 11.25
N ARG B 28 5.10 0.78 12.23
CA ARG B 28 5.71 1.54 13.31
C ARG B 28 7.07 2.14 12.98
N MET B 29 7.63 1.90 11.76
CA MET B 29 8.73 2.72 11.28
C MET B 29 8.24 3.98 10.57
N ARG B 30 7.40 3.83 9.53
CA ARG B 30 7.05 4.89 8.60
C ARG B 30 5.78 5.60 8.98
N PHE B 31 4.69 4.85 9.26
CA PHE B 31 3.37 5.40 9.56
C PHE B 31 3.38 6.07 10.93
N GLY B 32 4.10 5.48 11.90
CA GLY B 32 4.41 6.09 13.19
C GLY B 32 3.48 5.84 14.35
N ILE B 33 2.57 4.83 14.28
CA ILE B 33 1.90 4.28 15.45
C ILE B 33 2.73 3.09 15.93
N ASP B 34 3.12 3.08 17.22
CA ASP B 34 4.06 2.12 17.78
C ASP B 34 3.33 0.88 18.32
N MET B 35 3.52 -0.29 17.67
CA MET B 35 2.92 -1.57 18.07
C MET B 35 3.94 -2.73 18.06
N ASN B 36 4.94 -2.66 18.96
CA ASN B 36 5.92 -3.72 19.22
C ASN B 36 5.70 -4.27 20.63
N THR B 37 5.10 -3.47 21.52
CA THR B 37 4.86 -3.79 22.91
C THR B 37 3.53 -4.53 23.07
N ASP B 38 3.11 -4.79 24.33
CA ASP B 38 1.89 -5.46 24.69
C ASP B 38 0.65 -4.71 24.21
N TYR B 39 -0.07 -5.31 23.24
CA TYR B 39 -1.31 -4.82 22.72
C TYR B 39 -2.34 -5.85 23.13
N THR B 40 -3.36 -5.45 23.87
CA THR B 40 -4.47 -6.31 24.23
C THR B 40 -5.36 -6.55 23.02
N LEU B 41 -6.18 -7.64 23.00
CA LEU B 41 -7.07 -7.91 21.87
C LEU B 41 -8.18 -6.87 21.70
N GLU B 42 -8.47 -6.11 22.78
CA GLU B 42 -9.12 -4.82 22.76
C GLU B 42 -8.44 -3.76 21.88
N GLU B 43 -7.12 -3.62 22.00
CA GLU B 43 -6.25 -2.72 21.26
C GLU B 43 -5.94 -3.20 19.84
N VAL B 44 -5.99 -4.52 19.57
CA VAL B 44 -6.05 -5.08 18.22
C VAL B 44 -7.34 -4.70 17.53
N GLY B 45 -8.47 -4.78 18.27
CA GLY B 45 -9.74 -4.24 17.80
C GLY B 45 -9.69 -2.76 17.55
N LYS B 46 -9.19 -1.98 18.53
CA LYS B 46 -9.19 -0.52 18.46
C LYS B 46 -8.27 0.01 17.36
N GLN B 47 -7.24 -0.76 16.95
CA GLN B 47 -6.41 -0.36 15.83
C GLN B 47 -7.07 -0.60 14.47
N PHE B 48 -8.10 -1.48 14.35
CA PHE B 48 -8.81 -1.68 13.09
C PHE B 48 -9.78 -0.54 12.72
N ASP B 49 -10.18 0.26 13.72
CA ASP B 49 -10.52 1.66 13.66
C ASP B 49 -9.36 2.64 13.43
N VAL B 50 -8.44 2.77 14.42
CA VAL B 50 -7.49 3.86 14.55
C VAL B 50 -6.46 3.95 13.41
N THR B 51 -5.70 2.90 13.06
CA THR B 51 -4.95 2.82 11.79
C THR B 51 -5.63 3.31 10.49
N ARG B 52 -6.87 2.94 10.17
CA ARG B 52 -7.64 3.46 9.03
C ARG B 52 -7.83 4.95 9.06
N GLU B 53 -8.20 5.50 10.23
CA GLU B 53 -8.19 6.94 10.50
C GLU B 53 -6.84 7.57 10.13
N ARG B 54 -5.73 7.07 10.71
CA ARG B 54 -4.37 7.52 10.42
C ARG B 54 -4.02 7.47 8.94
N ILE B 55 -4.34 6.36 8.25
CA ILE B 55 -4.21 6.20 6.80
C ILE B 55 -5.01 7.25 6.07
N ARG B 56 -6.23 7.63 6.54
CA ARG B 56 -7.02 8.65 5.89
C ARG B 56 -6.46 10.06 6.13
N GLN B 57 -5.50 10.21 7.09
CA GLN B 57 -4.69 11.40 7.30
C GLN B 57 -3.39 11.40 6.49
N ILE B 58 -2.85 10.21 6.14
CA ILE B 58 -1.86 10.03 5.08
C ILE B 58 -2.39 10.45 3.71
N GLU B 59 -3.59 9.91 3.37
CA GLU B 59 -4.45 10.19 2.22
C GLU B 59 -4.74 11.68 2.10
N ALA B 60 -5.23 12.33 3.18
CA ALA B 60 -5.31 13.78 3.34
C ALA B 60 -4.15 14.58 2.76
N LYS B 61 -2.89 14.20 3.08
CA LYS B 61 -1.71 14.87 2.58
C LYS B 61 -1.46 14.54 1.12
N ALA B 62 -1.39 13.22 0.83
CA ALA B 62 -1.08 12.64 -0.46
C ALA B 62 -1.98 13.12 -1.59
N LEU B 63 -3.29 13.12 -1.35
CA LEU B 63 -4.29 13.68 -2.25
C LEU B 63 -4.15 15.17 -2.49
N ARG B 64 -3.90 16.04 -1.47
CA ARG B 64 -3.94 17.48 -1.72
C ARG B 64 -2.68 17.93 -2.48
N LYS B 65 -1.58 17.18 -2.32
CA LYS B 65 -0.35 17.30 -3.10
C LYS B 65 -0.55 17.06 -4.60
N LEU B 66 -1.61 16.32 -5.03
CA LEU B 66 -1.92 16.11 -6.44
C LEU B 66 -2.69 17.30 -7.02
N ARG B 67 -1.97 18.30 -7.58
CA ARG B 67 -2.56 19.48 -8.15
C ARG B 67 -3.06 19.31 -9.57
N HIS B 68 -2.68 18.22 -10.27
CA HIS B 68 -3.42 17.76 -11.46
C HIS B 68 -4.71 17.09 -10.98
N PRO B 69 -5.90 17.64 -11.19
CA PRO B 69 -7.07 17.33 -10.38
C PRO B 69 -7.64 15.96 -10.67
N SER B 70 -7.26 14.94 -9.85
CA SER B 70 -7.76 13.58 -9.97
C SER B 70 -9.12 13.44 -9.35
N ARG B 71 -10.13 14.08 -9.97
CA ARG B 71 -11.46 14.25 -9.42
C ARG B 71 -12.50 13.72 -10.36
N SER B 72 -13.52 13.03 -9.82
CA SER B 72 -14.71 12.64 -10.56
C SER B 72 -15.92 13.08 -9.79
N GLU B 73 -16.29 12.35 -8.74
CA GLU B 73 -17.45 12.63 -7.93
C GLU B 73 -17.22 12.23 -6.47
N VAL B 74 -18.26 12.32 -5.61
CA VAL B 74 -18.14 12.07 -4.18
C VAL B 74 -18.64 10.65 -3.83
N LEU B 75 -17.88 9.66 -4.28
CA LEU B 75 -18.28 8.27 -4.27
C LEU B 75 -17.20 7.38 -3.70
N ARG B 76 -17.61 6.52 -2.73
CA ARG B 76 -16.72 5.82 -1.84
C ARG B 76 -16.26 4.45 -2.32
N SER B 77 -17.17 3.48 -2.66
CA SER B 77 -16.77 2.10 -3.00
C SER B 77 -17.09 1.77 -4.44
N PHE B 78 -18.34 2.05 -4.86
CA PHE B 78 -18.95 1.56 -6.08
C PHE B 78 -18.71 2.40 -7.34
N LEU B 79 -17.51 2.98 -7.48
CA LEU B 79 -16.95 3.62 -8.66
C LEU B 79 -16.65 2.68 -9.84
N ASP B 80 -17.50 1.67 -10.12
CA ASP B 80 -17.07 0.53 -10.90
C ASP B 80 -17.31 0.68 -12.40
N ASP B 81 -16.81 -0.31 -13.15
CA ASP B 81 -16.99 -0.46 -14.57
C ASP B 81 -18.35 -1.16 -14.85
N ASN A 2 22.26 -2.94 -4.35
CA ASN A 2 20.88 -3.16 -4.00
C ASN A 2 20.24 -3.79 -5.21
N LYS A 3 18.99 -4.31 -5.12
CA LYS A 3 18.25 -4.69 -6.31
C LYS A 3 16.81 -4.22 -6.21
N ASN A 4 16.16 -3.96 -7.37
CA ASN A 4 14.77 -3.52 -7.52
C ASN A 4 13.71 -4.33 -6.76
N ILE A 5 14.00 -5.62 -6.46
CA ILE A 5 13.11 -6.51 -5.72
C ILE A 5 12.87 -6.01 -4.30
N ASP A 6 13.79 -5.21 -3.73
CA ASP A 6 13.60 -4.48 -2.49
C ASP A 6 12.41 -3.51 -2.58
N THR A 7 12.36 -2.64 -3.61
CA THR A 7 11.25 -1.73 -3.89
C THR A 7 9.93 -2.48 -4.03
N VAL A 8 9.97 -3.58 -4.82
CA VAL A 8 8.88 -4.52 -5.01
C VAL A 8 8.36 -5.08 -3.66
N ARG A 9 9.25 -5.61 -2.80
CA ARG A 9 8.98 -6.03 -1.42
C ARG A 9 8.34 -4.95 -0.55
N GLU A 10 8.88 -3.72 -0.56
CA GLU A 10 8.28 -2.54 0.05
C GLU A 10 6.86 -2.25 -0.46
N ILE A 11 6.66 -2.05 -1.79
CA ILE A 11 5.36 -1.85 -2.46
C ILE A 11 4.31 -2.88 -2.10
N ILE A 12 4.65 -4.18 -2.15
CA ILE A 12 3.71 -5.24 -1.78
C ILE A 12 3.32 -5.18 -0.31
N THR A 13 4.29 -4.85 0.57
CA THR A 13 4.06 -4.68 2.00
C THR A 13 3.20 -3.46 2.30
N VAL A 14 3.56 -2.26 1.82
CA VAL A 14 2.86 -1.01 2.13
C VAL A 14 1.50 -0.93 1.46
N ALA A 15 1.34 -1.62 0.30
CA ALA A 15 0.06 -1.81 -0.34
C ALA A 15 -0.82 -2.84 0.36
N SER A 16 -0.24 -3.75 1.20
CA SER A 16 -0.96 -4.91 1.70
C SER A 16 -1.96 -4.40 2.74
N ILE A 17 -1.40 -3.54 3.64
CA ILE A 17 -2.00 -2.53 4.50
C ILE A 17 -3.25 -1.88 3.94
N LEU A 18 -3.15 -1.20 2.77
CA LEU A 18 -4.27 -0.55 2.11
C LEU A 18 -5.47 -1.46 1.97
N ILE A 19 -5.14 -2.67 1.44
CA ILE A 19 -6.02 -3.80 1.20
C ILE A 19 -6.58 -4.33 2.51
N LYS A 20 -5.78 -4.73 3.52
CA LYS A 20 -6.32 -5.48 4.65
C LYS A 20 -7.19 -4.62 5.54
N PHE A 21 -6.79 -3.32 5.67
CA PHE A 21 -7.44 -2.32 6.50
C PHE A 21 -8.62 -1.65 5.80
N SER A 22 -8.42 -0.98 4.64
CA SER A 22 -9.46 -0.16 3.99
C SER A 22 -10.06 -0.80 2.76
N ARG A 23 -9.48 -1.93 2.31
CA ARG A 23 -9.95 -2.72 1.20
C ARG A 23 -9.74 -2.05 -0.14
N GLU A 24 -10.78 -1.86 -0.97
CA GLU A 24 -10.60 -1.56 -2.38
C GLU A 24 -10.96 -0.13 -2.76
N ASP A 25 -11.39 0.71 -1.80
CA ASP A 25 -11.90 2.04 -2.10
C ASP A 25 -10.82 3.05 -2.48
N ILE A 26 -9.68 3.10 -1.76
CA ILE A 26 -8.59 4.01 -2.09
C ILE A 26 -7.79 3.46 -3.27
N VAL A 27 -7.44 2.15 -3.15
CA VAL A 27 -6.86 1.25 -4.15
C VAL A 27 -7.40 1.39 -5.56
N GLU A 28 -8.74 1.45 -5.73
CA GLU A 28 -9.40 1.66 -7.02
C GLU A 28 -8.85 2.80 -7.86
N ASN A 29 -8.41 3.89 -7.19
CA ASN A 29 -8.12 5.14 -7.86
C ASN A 29 -6.64 5.14 -8.19
N ARG A 30 -6.28 5.14 -9.48
CA ARG A 30 -4.92 4.87 -9.94
C ARG A 30 -3.90 5.91 -9.50
N ALA A 31 -4.35 7.16 -9.29
CA ALA A 31 -3.52 8.17 -8.68
C ALA A 31 -3.43 8.02 -7.17
N ASN A 32 -4.59 7.88 -6.47
CA ASN A 32 -4.70 7.86 -5.02
C ASN A 32 -3.98 6.66 -4.41
N PHE A 33 -3.98 5.50 -5.11
CA PHE A 33 -3.20 4.33 -4.75
C PHE A 33 -1.71 4.68 -4.76
N ILE A 34 -1.15 5.15 -5.89
CA ILE A 34 0.28 5.33 -6.03
C ILE A 34 0.77 6.49 -5.15
N ALA A 35 -0.04 7.56 -5.05
CA ALA A 35 0.13 8.72 -4.18
C ALA A 35 0.30 8.44 -2.69
N PHE A 36 -0.16 7.27 -2.21
CA PHE A 36 -0.01 6.87 -0.82
C PHE A 36 1.41 6.42 -0.53
N LEU A 37 2.13 5.95 -1.55
CA LEU A 37 3.54 5.58 -1.42
C LEU A 37 4.40 6.82 -1.43
N ASN A 38 4.12 7.76 -2.36
CA ASN A 38 4.84 9.02 -2.47
C ASN A 38 4.53 10.02 -1.34
N GLU A 39 3.77 9.58 -0.33
CA GLU A 39 3.39 10.40 0.81
C GLU A 39 4.47 10.33 1.87
N ILE A 40 4.85 9.08 2.23
CA ILE A 40 5.79 8.79 3.28
C ILE A 40 7.19 8.58 2.72
N GLY A 41 7.32 8.60 1.38
CA GLY A 41 8.60 8.64 0.69
C GLY A 41 9.21 7.33 0.27
N VAL A 42 8.48 6.46 -0.47
CA VAL A 42 9.09 5.28 -1.09
C VAL A 42 9.56 5.66 -2.49
N THR A 43 10.89 5.72 -2.72
CA THR A 43 11.47 5.96 -4.05
C THR A 43 12.43 4.83 -4.37
N HIS A 44 13.10 4.84 -5.56
CA HIS A 44 14.26 4.00 -5.80
C HIS A 44 15.00 4.52 -7.01
N GLU A 45 16.33 4.73 -7.01
CA GLU A 45 17.11 5.15 -8.18
C GLU A 45 16.93 6.63 -8.54
N GLY A 46 16.22 7.36 -7.64
CA GLY A 46 16.07 8.79 -7.65
C GLY A 46 14.69 9.26 -8.04
N ARG A 47 13.83 8.36 -8.56
CA ARG A 47 12.52 8.73 -9.02
C ARG A 47 11.47 8.48 -7.96
N LYS A 48 10.47 9.40 -7.88
CA LYS A 48 9.23 9.14 -7.22
C LYS A 48 8.42 8.17 -8.08
N LEU A 49 8.01 7.06 -7.46
CA LEU A 49 7.36 5.94 -8.12
C LEU A 49 5.97 6.26 -8.70
N ASN A 50 5.91 6.85 -9.90
CA ASN A 50 4.70 6.98 -10.67
C ASN A 50 4.51 5.73 -11.52
N GLN A 51 3.64 5.76 -12.55
CA GLN A 51 3.20 4.56 -13.24
C GLN A 51 4.28 3.93 -14.09
N ASN A 52 5.23 4.74 -14.62
CA ASN A 52 6.44 4.29 -15.27
C ASN A 52 7.25 3.32 -14.43
N SER A 53 7.72 3.76 -13.24
CA SER A 53 8.42 2.89 -12.30
C SER A 53 7.61 1.71 -11.86
N PHE A 54 6.32 1.93 -11.49
CA PHE A 54 5.42 0.91 -11.00
C PHE A 54 5.32 -0.34 -11.86
N ARG A 55 4.96 -0.22 -13.16
CA ARG A 55 4.84 -1.41 -14.01
C ARG A 55 6.22 -1.89 -14.45
N LYS A 56 7.21 -0.98 -14.69
CA LYS A 56 8.58 -1.34 -15.04
C LYS A 56 9.25 -2.34 -14.11
N ILE A 57 9.26 -2.09 -12.78
CA ILE A 57 10.00 -2.91 -11.84
C ILE A 57 9.47 -4.32 -11.70
N VAL A 58 8.15 -4.51 -11.73
CA VAL A 58 7.40 -5.77 -11.74
C VAL A 58 7.48 -6.49 -13.09
N SER A 59 7.52 -5.76 -14.22
CA SER A 59 7.74 -6.29 -15.56
C SER A 59 9.19 -6.64 -15.87
N GLU A 60 10.24 -5.87 -15.52
CA GLU A 60 11.63 -6.32 -15.76
C GLU A 60 12.16 -7.11 -14.57
N LEU A 61 11.25 -7.54 -13.69
CA LEU A 61 11.54 -8.41 -12.56
C LEU A 61 11.90 -9.81 -13.02
N THR A 62 12.82 -10.48 -12.32
CA THR A 62 13.35 -11.77 -12.74
C THR A 62 12.37 -12.86 -12.31
N GLN A 63 12.54 -14.11 -12.81
CA GLN A 63 11.65 -15.23 -12.53
C GLN A 63 11.61 -15.64 -11.06
N GLU A 64 12.79 -15.83 -10.44
CA GLU A 64 12.94 -16.28 -9.05
C GLU A 64 12.48 -15.25 -8.01
N ASP A 65 12.87 -13.98 -8.19
CA ASP A 65 12.37 -12.77 -7.54
C ASP A 65 10.89 -12.77 -7.17
N LYS A 66 10.02 -12.81 -8.23
CA LYS A 66 8.58 -12.85 -8.08
C LYS A 66 8.07 -14.14 -7.47
N LYS A 67 8.60 -15.31 -7.93
CA LYS A 67 8.12 -16.62 -7.50
C LYS A 67 8.37 -16.81 -6.01
N THR A 68 9.54 -16.35 -5.51
CA THR A 68 9.85 -16.21 -4.10
C THR A 68 8.78 -15.48 -3.29
N LEU A 69 8.30 -14.31 -3.74
CA LEU A 69 7.26 -13.58 -3.01
C LEU A 69 5.89 -14.24 -3.16
N ILE A 70 5.55 -14.72 -4.38
CA ILE A 70 4.40 -15.58 -4.68
C ILE A 70 4.29 -16.76 -3.72
N ASP A 71 5.41 -17.47 -3.46
CA ASP A 71 5.50 -18.56 -2.51
C ASP A 71 5.38 -18.13 -1.05
N GLU A 72 6.17 -17.13 -0.61
CA GLU A 72 6.23 -16.69 0.77
C GLU A 72 5.03 -15.89 1.24
N PHE A 73 4.63 -14.85 0.49
CA PHE A 73 3.63 -13.87 0.88
C PHE A 73 2.58 -13.74 -0.21
N ASN A 74 1.63 -14.69 -0.29
CA ASN A 74 0.67 -14.78 -1.37
C ASN A 74 -0.37 -13.65 -1.31
N GLU A 75 -0.75 -13.19 -0.11
CA GLU A 75 -1.72 -12.10 0.08
C GLU A 75 -1.09 -10.77 -0.24
N GLY A 76 0.24 -10.67 -0.01
CA GLY A 76 1.05 -9.52 -0.38
C GLY A 76 1.25 -9.43 -1.87
N PHE A 77 1.90 -10.42 -2.49
CA PHE A 77 2.27 -10.32 -3.89
C PHE A 77 1.09 -10.50 -4.84
N GLU A 78 0.43 -11.68 -4.85
CA GLU A 78 -0.62 -12.01 -5.81
C GLU A 78 -1.85 -11.16 -5.57
N GLY A 79 -2.17 -10.95 -4.28
CA GLY A 79 -3.20 -10.05 -3.80
C GLY A 79 -3.10 -8.65 -4.35
N VAL A 80 -1.91 -8.01 -4.32
CA VAL A 80 -1.73 -6.70 -4.92
C VAL A 80 -1.50 -6.73 -6.42
N TYR A 81 -0.52 -7.49 -7.00
CA TYR A 81 -0.07 -7.19 -8.37
C TYR A 81 -1.03 -7.56 -9.49
N ARG A 82 -2.01 -8.44 -9.23
CA ARG A 82 -3.08 -8.70 -10.16
C ARG A 82 -4.13 -7.59 -10.11
N TYR A 83 -4.33 -6.95 -8.95
CA TYR A 83 -5.10 -5.71 -8.84
C TYR A 83 -4.37 -4.54 -9.50
N LEU A 84 -3.03 -4.49 -9.41
CA LEU A 84 -2.16 -3.50 -10.03
C LEU A 84 -2.38 -3.36 -11.53
N GLU A 85 -2.32 -4.47 -12.32
CA GLU A 85 -2.59 -4.42 -13.75
C GLU A 85 -4.08 -4.28 -14.09
N MET A 86 -4.98 -4.76 -13.20
CA MET A 86 -6.42 -4.62 -13.36
C MET A 86 -6.88 -3.18 -13.26
N TYR A 87 -6.52 -2.48 -12.17
CA TYR A 87 -6.84 -1.08 -11.99
C TYR A 87 -5.96 -0.19 -12.86
N THR A 88 -4.62 -0.29 -12.77
CA THR A 88 -3.71 0.47 -13.63
C THR A 88 -3.63 -0.22 -14.98
N ASN A 89 -4.50 0.19 -15.90
CA ASN A 89 -4.71 -0.51 -17.15
C ASN A 89 -4.07 0.32 -18.24
N LYS A 90 -3.63 -0.21 -19.39
CA LYS A 90 -3.19 0.66 -20.46
C LYS A 90 -4.37 1.23 -21.24
N ASP B 14 -1.11 -11.83 15.17
CA ASP B 14 -0.95 -11.25 13.84
C ASP B 14 -1.62 -12.08 12.74
N VAL B 15 -1.41 -13.41 12.75
CA VAL B 15 -2.01 -14.43 11.91
C VAL B 15 -3.52 -14.43 11.99
N LEU B 16 -4.08 -14.32 13.23
CA LEU B 16 -5.50 -14.18 13.48
C LEU B 16 -6.15 -13.00 12.79
N ALA B 17 -5.62 -11.76 12.91
CA ALA B 17 -6.23 -10.62 12.25
C ALA B 17 -5.88 -10.59 10.77
N GLY B 18 -4.64 -10.99 10.41
CA GLY B 18 -4.26 -11.34 9.05
C GLY B 18 -2.97 -10.71 8.63
N LEU B 19 -2.59 -9.58 9.24
CA LEU B 19 -1.43 -8.82 8.82
C LEU B 19 -0.10 -9.45 9.22
N THR B 20 0.77 -9.59 8.21
CA THR B 20 2.06 -10.26 8.34
C THR B 20 3.08 -9.38 9.02
N ALA B 21 4.21 -9.96 9.45
CA ALA B 21 5.24 -9.32 10.25
C ALA B 21 5.81 -8.06 9.60
N ARG B 22 5.87 -8.08 8.25
CA ARG B 22 6.39 -7.03 7.40
C ARG B 22 5.52 -5.77 7.45
N GLU B 23 4.19 -5.98 7.58
CA GLU B 23 3.17 -4.96 7.58
C GLU B 23 3.24 -4.18 8.89
N ALA B 24 3.41 -4.90 10.02
CA ALA B 24 3.63 -4.29 11.32
C ALA B 24 5.00 -3.62 11.44
N LYS B 25 6.04 -4.18 10.77
CA LYS B 25 7.34 -3.58 10.56
C LYS B 25 7.28 -2.18 9.96
N VAL B 26 6.71 -2.06 8.73
CA VAL B 26 6.65 -0.81 8.00
C VAL B 26 5.79 0.28 8.65
N LEU B 27 4.81 -0.15 9.48
CA LEU B 27 3.95 0.75 10.25
C LEU B 27 4.76 1.49 11.31
N ARG B 28 5.63 0.76 12.03
CA ARG B 28 6.65 1.38 12.86
C ARG B 28 7.76 2.06 12.09
N MET B 29 8.21 1.64 10.89
CA MET B 29 9.19 2.43 10.16
C MET B 29 8.66 3.75 9.64
N ARG B 30 7.69 3.70 8.71
CA ARG B 30 7.28 4.83 7.91
C ARG B 30 6.08 5.59 8.46
N PHE B 31 5.13 4.89 9.12
CA PHE B 31 3.84 5.47 9.44
C PHE B 31 3.82 6.14 10.81
N GLY B 32 4.71 5.75 11.73
CA GLY B 32 4.83 6.38 13.04
C GLY B 32 4.09 5.68 14.15
N ILE B 33 3.60 4.45 13.92
CA ILE B 33 2.90 3.68 14.95
C ILE B 33 3.77 2.50 15.32
N ASP B 34 4.25 2.46 16.58
CA ASP B 34 5.25 1.48 16.97
C ASP B 34 4.58 0.17 17.37
N MET B 35 4.59 -0.87 16.50
CA MET B 35 3.94 -2.14 16.79
C MET B 35 4.96 -3.14 17.31
N ASN B 36 5.60 -2.82 18.45
CA ASN B 36 6.71 -3.60 18.99
C ASN B 36 6.39 -4.07 20.39
N THR B 37 5.86 -3.19 21.25
CA THR B 37 5.49 -3.49 22.62
C THR B 37 4.17 -4.24 22.67
N ASP B 38 3.86 -4.82 23.84
CA ASP B 38 2.76 -5.70 24.16
C ASP B 38 1.38 -5.27 23.66
N TYR B 39 0.62 -6.24 23.11
CA TYR B 39 -0.73 -6.01 22.63
C TYR B 39 -1.67 -7.11 23.12
N THR B 40 -2.96 -6.81 23.11
CA THR B 40 -4.04 -7.74 23.43
C THR B 40 -5.11 -7.56 22.39
N LEU B 41 -5.92 -8.62 22.13
CA LEU B 41 -6.88 -8.69 21.04
C LEU B 41 -7.84 -7.50 20.93
N GLU B 42 -8.33 -6.95 22.05
CA GLU B 42 -9.23 -5.81 22.06
C GLU B 42 -8.50 -4.52 21.71
N GLU B 43 -7.24 -4.38 22.17
CA GLU B 43 -6.30 -3.33 21.86
C GLU B 43 -5.79 -3.36 20.43
N VAL B 44 -5.49 -4.55 19.87
CA VAL B 44 -5.32 -4.80 18.43
C VAL B 44 -6.48 -4.26 17.61
N GLY B 45 -7.71 -4.61 18.01
CA GLY B 45 -8.94 -4.11 17.41
C GLY B 45 -9.08 -2.61 17.48
N LYS B 46 -8.72 -1.98 18.63
CA LYS B 46 -8.94 -0.57 18.87
C LYS B 46 -7.95 0.25 18.03
N GLN B 47 -6.73 -0.30 17.83
CA GLN B 47 -5.71 0.36 17.03
C GLN B 47 -5.95 0.23 15.54
N PHE B 48 -6.90 -0.63 15.11
CA PHE B 48 -7.34 -0.81 13.74
C PHE B 48 -8.24 0.36 13.34
N ASP B 49 -9.36 0.53 14.08
CA ASP B 49 -10.10 1.77 14.31
C ASP B 49 -9.25 3.06 14.34
N VAL B 50 -8.40 3.27 15.36
CA VAL B 50 -7.44 4.37 15.46
C VAL B 50 -6.60 4.56 14.20
N THR B 51 -5.80 3.57 13.74
CA THR B 51 -5.01 3.75 12.53
C THR B 51 -5.73 3.89 11.21
N ARG B 52 -7.02 3.49 11.11
CA ARG B 52 -7.80 3.68 9.89
C ARG B 52 -8.01 5.16 9.65
N GLU B 53 -8.24 5.90 10.76
CA GLU B 53 -8.21 7.35 10.80
C GLU B 53 -6.85 7.92 10.44
N ARG B 54 -5.71 7.42 11.01
CA ARG B 54 -4.38 7.93 10.62
C ARG B 54 -4.14 7.77 9.12
N ILE B 55 -4.58 6.65 8.50
CA ILE B 55 -4.56 6.47 7.05
C ILE B 55 -5.36 7.53 6.33
N ARG B 56 -6.59 7.98 6.74
CA ARG B 56 -7.33 8.98 5.96
C ARG B 56 -6.67 10.36 6.06
N GLN B 57 -5.81 10.58 7.08
CA GLN B 57 -4.94 11.75 7.18
C GLN B 57 -3.73 11.68 6.23
N ILE B 58 -3.21 10.47 5.95
CA ILE B 58 -2.33 10.15 4.84
C ILE B 58 -2.98 10.47 3.49
N GLU B 59 -4.23 9.99 3.25
CA GLU B 59 -5.04 10.27 2.06
C GLU B 59 -5.15 11.75 1.77
N ALA B 60 -5.62 12.50 2.78
CA ALA B 60 -5.67 13.95 2.83
C ALA B 60 -4.37 14.64 2.39
N LYS B 61 -3.19 14.26 2.95
CA LYS B 61 -1.95 14.92 2.56
C LYS B 61 -1.46 14.47 1.19
N ALA B 62 -1.86 13.26 0.76
CA ALA B 62 -1.43 12.64 -0.49
C ALA B 62 -2.20 13.22 -1.67
N LEU B 63 -3.50 13.53 -1.51
CA LEU B 63 -4.28 14.27 -2.52
C LEU B 63 -3.94 15.76 -2.58
N ARG B 64 -3.02 16.23 -1.73
CA ARG B 64 -2.44 17.55 -1.75
C ARG B 64 -1.07 17.50 -2.40
N LYS B 65 -0.21 16.50 -2.10
CA LYS B 65 1.03 16.29 -2.84
C LYS B 65 0.79 15.89 -4.30
N LEU B 66 -0.26 15.08 -4.55
CA LEU B 66 -0.77 14.86 -5.89
C LEU B 66 -1.52 16.11 -6.32
N ARG B 67 -1.52 16.36 -7.65
CA ARG B 67 -1.56 17.70 -8.17
C ARG B 67 -2.12 17.73 -9.58
N HIS B 68 -2.00 16.61 -10.34
CA HIS B 68 -2.90 16.34 -11.44
C HIS B 68 -4.11 15.58 -10.89
N PRO B 69 -5.36 16.06 -10.97
CA PRO B 69 -6.47 15.41 -10.28
C PRO B 69 -6.83 14.01 -10.75
N SER B 70 -7.51 13.25 -9.88
CA SER B 70 -7.86 11.86 -10.09
C SER B 70 -9.35 11.72 -10.31
N ARG B 71 -10.09 11.32 -9.27
CA ARG B 71 -11.52 11.44 -9.19
C ARG B 71 -11.86 12.88 -8.83
N SER B 72 -12.54 13.63 -9.71
CA SER B 72 -12.83 15.04 -9.48
C SER B 72 -13.98 15.25 -8.53
N GLU B 73 -14.89 14.27 -8.43
CA GLU B 73 -16.11 14.37 -7.65
C GLU B 73 -15.88 14.42 -6.15
N VAL B 74 -16.96 14.72 -5.38
CA VAL B 74 -16.85 14.87 -3.95
C VAL B 74 -17.01 13.53 -3.25
N LEU B 75 -15.93 12.72 -3.26
CA LEU B 75 -15.88 11.47 -2.56
C LEU B 75 -15.20 11.72 -1.23
N ARG B 76 -16.02 12.05 -0.20
CA ARG B 76 -15.56 12.29 1.15
C ARG B 76 -16.78 12.52 2.05
N SER B 77 -17.25 13.78 2.20
CA SER B 77 -18.09 14.11 3.35
C SER B 77 -19.55 13.73 3.23
N PHE B 78 -20.12 13.47 2.03
CA PHE B 78 -21.59 13.36 1.91
C PHE B 78 -22.16 12.10 2.57
N LEU B 79 -21.31 11.07 2.69
CA LEU B 79 -21.63 9.79 3.30
C LEU B 79 -21.50 9.89 4.82
N ASP B 80 -22.66 10.04 5.49
CA ASP B 80 -22.81 10.17 6.93
C ASP B 80 -22.25 11.44 7.56
N ASP B 81 -22.90 12.59 7.36
CA ASP B 81 -22.51 13.83 7.98
C ASP B 81 -23.23 13.93 9.35
N ASN A 2 22.39 -4.93 -7.31
CA ASN A 2 21.87 -5.00 -8.65
C ASN A 2 20.61 -5.83 -8.68
N LYS A 3 19.81 -5.70 -7.62
CA LYS A 3 18.51 -6.34 -7.52
C LYS A 3 17.39 -5.30 -7.49
N ASN A 4 16.29 -5.58 -8.21
CA ASN A 4 15.13 -4.72 -8.27
C ASN A 4 14.10 -5.13 -7.23
N ILE A 5 14.20 -6.41 -6.76
CA ILE A 5 13.19 -7.03 -5.92
C ILE A 5 13.03 -6.41 -4.54
N ASP A 6 14.05 -5.69 -4.05
CA ASP A 6 14.07 -5.04 -2.76
C ASP A 6 13.02 -3.92 -2.63
N THR A 7 12.93 -3.02 -3.61
CA THR A 7 11.89 -1.99 -3.65
C THR A 7 10.52 -2.61 -3.90
N VAL A 8 10.46 -3.59 -4.83
CA VAL A 8 9.22 -4.34 -5.07
C VAL A 8 8.69 -5.05 -3.80
N ARG A 9 9.54 -5.71 -3.00
CA ARG A 9 9.26 -6.19 -1.64
C ARG A 9 8.68 -5.14 -0.68
N GLU A 10 9.26 -3.93 -0.63
CA GLU A 10 8.74 -2.75 0.06
C GLU A 10 7.32 -2.39 -0.39
N ILE A 11 7.11 -2.16 -1.72
CA ILE A 11 5.83 -2.03 -2.42
C ILE A 11 4.76 -3.04 -1.98
N ILE A 12 5.10 -4.34 -1.95
CA ILE A 12 4.19 -5.42 -1.55
C ILE A 12 3.84 -5.32 -0.09
N THR A 13 4.85 -5.11 0.77
CA THR A 13 4.65 -4.99 2.21
C THR A 13 3.72 -3.83 2.59
N VAL A 14 3.91 -2.63 2.01
CA VAL A 14 3.05 -1.47 2.28
C VAL A 14 1.72 -1.50 1.55
N ALA A 15 1.64 -2.16 0.39
CA ALA A 15 0.38 -2.36 -0.30
C ALA A 15 -0.47 -3.40 0.39
N SER A 16 0.14 -4.29 1.21
CA SER A 16 -0.54 -5.43 1.81
C SER A 16 -1.48 -4.90 2.89
N ILE A 17 -0.88 -4.10 3.80
CA ILE A 17 -1.44 -3.12 4.74
C ILE A 17 -2.75 -2.47 4.30
N LEU A 18 -2.77 -1.79 3.14
CA LEU A 18 -3.93 -1.13 2.58
C LEU A 18 -5.12 -2.08 2.37
N ILE A 19 -4.77 -3.33 1.98
CA ILE A 19 -5.70 -4.44 1.78
C ILE A 19 -6.14 -4.99 3.12
N LYS A 20 -5.22 -5.40 4.03
CA LYS A 20 -5.61 -6.19 5.19
C LYS A 20 -6.54 -5.42 6.13
N PHE A 21 -6.28 -4.10 6.20
CA PHE A 21 -7.05 -3.11 6.93
C PHE A 21 -8.30 -2.68 6.17
N SER A 22 -8.20 -2.15 4.95
CA SER A 22 -9.30 -1.43 4.31
C SER A 22 -9.82 -2.10 3.07
N ARG A 23 -9.24 -3.23 2.64
CA ARG A 23 -9.48 -3.91 1.38
C ARG A 23 -9.33 -3.00 0.18
N GLU A 24 -10.45 -2.60 -0.46
CA GLU A 24 -10.42 -1.88 -1.71
C GLU A 24 -10.68 -0.40 -1.54
N ASP A 25 -10.82 0.15 -0.32
CA ASP A 25 -11.26 1.53 -0.16
C ASP A 25 -10.27 2.61 -0.61
N ILE A 26 -8.97 2.52 -0.28
CA ILE A 26 -7.95 3.47 -0.75
C ILE A 26 -7.15 2.88 -1.89
N VAL A 27 -6.98 1.55 -1.90
CA VAL A 27 -6.53 0.75 -3.04
C VAL A 27 -7.16 1.07 -4.39
N GLU A 28 -8.52 1.09 -4.49
CA GLU A 28 -9.21 1.03 -5.78
C GLU A 28 -8.87 2.08 -6.82
N ASN A 29 -8.44 3.29 -6.42
CA ASN A 29 -8.28 4.37 -7.36
C ASN A 29 -6.80 4.43 -7.65
N ARG A 30 -6.37 4.34 -8.92
CA ARG A 30 -4.97 4.34 -9.27
C ARG A 30 -4.22 5.62 -8.86
N ALA A 31 -4.91 6.76 -8.69
CA ALA A 31 -4.27 8.01 -8.35
C ALA A 31 -3.78 7.98 -6.91
N ASN A 32 -4.71 7.67 -5.98
CA ASN A 32 -4.48 7.56 -4.55
C ASN A 32 -3.39 6.58 -4.14
N PHE A 33 -3.25 5.41 -4.79
CA PHE A 33 -2.26 4.39 -4.46
C PHE A 33 -0.80 4.87 -4.61
N ILE A 34 -0.34 5.07 -5.87
CA ILE A 34 0.67 6.05 -6.32
C ILE A 34 0.77 7.31 -5.43
N ALA A 35 -0.28 8.08 -5.12
CA ALA A 35 -0.17 9.17 -4.17
C ALA A 35 0.29 8.81 -2.74
N PHE A 36 -0.01 7.60 -2.22
CA PHE A 36 0.40 7.12 -0.90
C PHE A 36 1.87 6.80 -0.87
N LEU A 37 2.44 6.26 -1.97
CA LEU A 37 3.83 5.86 -2.01
C LEU A 37 4.75 7.06 -1.98
N ASN A 38 4.38 8.17 -2.65
CA ASN A 38 5.19 9.38 -2.66
C ASN A 38 5.05 10.18 -1.35
N GLU A 39 3.89 10.10 -0.70
CA GLU A 39 3.61 10.50 0.68
C GLU A 39 4.72 10.18 1.69
N ILE A 40 5.08 8.88 1.84
CA ILE A 40 6.11 8.49 2.81
C ILE A 40 7.49 8.43 2.19
N GLY A 41 7.62 8.58 0.85
CA GLY A 41 8.90 8.72 0.18
C GLY A 41 9.64 7.44 -0.02
N VAL A 42 9.07 6.50 -0.80
CA VAL A 42 9.82 5.35 -1.29
C VAL A 42 10.20 5.67 -2.73
N THR A 43 11.50 5.56 -3.12
CA THR A 43 11.91 5.80 -4.49
C THR A 43 12.66 4.61 -5.06
N HIS A 44 12.97 4.63 -6.37
CA HIS A 44 13.87 3.68 -6.99
C HIS A 44 14.66 4.46 -8.03
N GLU A 45 15.94 4.11 -8.29
CA GLU A 45 16.86 4.84 -9.16
C GLU A 45 16.87 6.37 -8.95
N GLY A 46 16.66 6.78 -7.68
CA GLY A 46 16.70 8.15 -7.21
C GLY A 46 15.45 8.96 -7.45
N ARG A 47 14.43 8.38 -8.11
CA ARG A 47 13.30 9.12 -8.65
C ARG A 47 12.03 8.74 -7.94
N LYS A 48 11.04 9.66 -7.86
CA LYS A 48 9.76 9.38 -7.25
C LYS A 48 8.92 8.57 -8.24
N LEU A 49 8.24 7.50 -7.80
CA LEU A 49 7.64 6.52 -8.68
C LEU A 49 6.27 6.92 -9.22
N ASN A 50 6.31 7.73 -10.28
CA ASN A 50 5.21 7.91 -11.21
C ASN A 50 4.95 6.65 -12.05
N GLN A 51 3.95 6.70 -12.96
CA GLN A 51 3.47 5.56 -13.75
C GLN A 51 4.58 4.81 -14.49
N ASN A 52 5.53 5.57 -15.08
CA ASN A 52 6.68 5.13 -15.85
C ASN A 52 7.56 4.14 -15.09
N SER A 53 8.16 4.59 -13.97
CA SER A 53 9.04 3.78 -13.12
C SER A 53 8.29 2.66 -12.42
N PHE A 54 7.04 2.92 -12.00
CA PHE A 54 6.16 1.98 -11.36
C PHE A 54 5.88 0.73 -12.21
N ARG A 55 5.41 0.88 -13.48
CA ARG A 55 5.07 -0.27 -14.31
C ARG A 55 6.33 -1.04 -14.74
N LYS A 56 7.47 -0.32 -14.92
CA LYS A 56 8.69 -0.90 -15.44
C LYS A 56 9.47 -1.69 -14.41
N ILE A 57 9.56 -1.24 -13.13
CA ILE A 57 10.21 -2.01 -12.07
C ILE A 57 9.49 -3.34 -11.80
N VAL A 58 8.15 -3.29 -11.77
CA VAL A 58 7.27 -4.43 -11.63
C VAL A 58 7.27 -5.36 -12.82
N SER A 59 6.98 -4.90 -14.10
CA SER A 59 6.66 -5.90 -15.14
C SER A 59 7.93 -6.60 -15.63
N GLU A 60 9.10 -5.92 -15.51
CA GLU A 60 10.40 -6.40 -15.97
C GLU A 60 11.20 -7.11 -14.89
N LEU A 61 10.56 -7.60 -13.81
CA LEU A 61 11.25 -8.47 -12.86
C LEU A 61 11.65 -9.83 -13.43
N THR A 62 12.60 -10.50 -12.77
CA THR A 62 13.02 -11.86 -13.07
C THR A 62 12.00 -12.82 -12.50
N GLN A 63 11.52 -13.77 -13.33
CA GLN A 63 10.59 -14.86 -13.00
C GLN A 63 10.69 -15.48 -11.61
N GLU A 64 11.91 -15.85 -11.17
CA GLU A 64 12.09 -16.48 -9.88
C GLU A 64 11.83 -15.60 -8.68
N ASP A 65 12.09 -14.27 -8.74
CA ASP A 65 11.88 -13.39 -7.61
C ASP A 65 10.54 -12.71 -7.59
N LYS A 66 9.84 -12.59 -8.75
CA LYS A 66 8.36 -12.54 -8.73
C LYS A 66 7.71 -13.65 -7.89
N LYS A 67 8.25 -14.89 -8.02
CA LYS A 67 7.78 -16.02 -7.24
C LYS A 67 8.33 -15.99 -5.82
N THR A 68 9.52 -15.41 -5.55
CA THR A 68 10.00 -15.10 -4.20
C THR A 68 9.03 -14.29 -3.38
N LEU A 69 8.39 -13.26 -3.97
CA LEU A 69 7.30 -12.58 -3.30
C LEU A 69 6.06 -13.45 -3.13
N ILE A 70 5.50 -14.03 -4.21
CA ILE A 70 4.39 -15.03 -4.17
C ILE A 70 4.56 -16.09 -3.08
N ASP A 71 5.69 -16.82 -3.09
CA ASP A 71 5.97 -17.93 -2.23
C ASP A 71 5.99 -17.59 -0.76
N GLU A 72 6.51 -16.40 -0.41
CA GLU A 72 6.52 -15.90 0.94
C GLU A 72 5.18 -15.24 1.26
N PHE A 73 4.87 -14.11 0.61
CA PHE A 73 3.65 -13.34 0.80
C PHE A 73 2.54 -13.86 -0.12
N ASN A 74 1.89 -14.99 0.24
CA ASN A 74 0.85 -15.58 -0.59
C ASN A 74 -0.35 -14.67 -0.81
N GLU A 75 -0.82 -14.02 0.28
CA GLU A 75 -1.94 -13.11 0.26
C GLU A 75 -1.50 -11.76 -0.29
N GLY A 76 -0.30 -11.32 0.15
CA GLY A 76 0.30 -10.03 -0.18
C GLY A 76 0.60 -9.85 -1.64
N PHE A 77 1.19 -10.85 -2.32
CA PHE A 77 1.48 -10.71 -3.75
C PHE A 77 0.22 -10.88 -4.58
N GLU A 78 -0.56 -11.97 -4.40
CA GLU A 78 -1.81 -12.23 -5.10
C GLU A 78 -2.79 -11.08 -5.00
N GLY A 79 -2.89 -10.46 -3.80
CA GLY A 79 -3.57 -9.20 -3.57
C GLY A 79 -3.20 -8.10 -4.54
N VAL A 80 -1.94 -7.62 -4.55
CA VAL A 80 -1.51 -6.49 -5.35
C VAL A 80 -1.46 -6.76 -6.85
N TYR A 81 -0.85 -7.89 -7.26
CA TYR A 81 -0.87 -8.46 -8.59
C TYR A 81 -2.20 -8.33 -9.34
N ARG A 82 -3.31 -8.85 -8.77
CA ARG A 82 -4.62 -8.73 -9.37
C ARG A 82 -5.09 -7.31 -9.63
N TYR A 83 -4.87 -6.35 -8.71
CA TYR A 83 -5.38 -5.00 -8.89
C TYR A 83 -4.47 -4.11 -9.73
N LEU A 84 -3.12 -4.28 -9.66
CA LEU A 84 -2.21 -3.50 -10.49
C LEU A 84 -2.25 -3.92 -11.95
N GLU A 85 -2.53 -5.21 -12.25
CA GLU A 85 -2.74 -5.65 -13.62
C GLU A 85 -4.11 -5.22 -14.14
N MET A 86 -5.12 -5.15 -13.24
CA MET A 86 -6.46 -4.65 -13.52
C MET A 86 -6.50 -3.16 -13.85
N TYR A 87 -6.17 -2.26 -12.89
CA TYR A 87 -6.43 -0.83 -13.08
C TYR A 87 -5.29 -0.01 -13.66
N THR A 88 -4.10 -0.57 -13.89
CA THR A 88 -3.00 0.26 -14.38
C THR A 88 -3.06 0.42 -15.90
N ASN A 89 -3.18 1.66 -16.38
CA ASN A 89 -3.06 2.07 -17.78
C ASN A 89 -1.74 1.66 -18.41
N LYS A 90 -1.79 1.15 -19.65
CA LYS A 90 -0.65 0.56 -20.32
C LYS A 90 -0.29 1.39 -21.53
N ASP B 14 -2.22 -10.94 15.47
CA ASP B 14 -1.67 -10.32 14.27
C ASP B 14 -2.13 -11.08 13.02
N VAL B 15 -1.83 -12.39 12.94
CA VAL B 15 -2.32 -13.33 11.93
C VAL B 15 -3.83 -13.31 11.77
N LEU B 16 -4.60 -13.42 12.88
CA LEU B 16 -6.05 -13.35 12.89
C LEU B 16 -6.63 -12.11 12.23
N ALA B 17 -6.13 -10.89 12.59
CA ALA B 17 -6.66 -9.67 12.03
C ALA B 17 -6.15 -9.41 10.61
N GLY B 18 -4.95 -9.93 10.26
CA GLY B 18 -4.52 -10.09 8.89
C GLY B 18 -3.08 -9.75 8.65
N LEU B 19 -2.47 -8.97 9.56
CA LEU B 19 -1.16 -8.40 9.39
C LEU B 19 0.01 -9.30 9.81
N THR B 20 0.82 -9.65 8.78
CA THR B 20 2.09 -10.36 8.93
C THR B 20 3.10 -9.51 9.70
N ALA B 21 3.99 -10.12 10.51
CA ALA B 21 5.13 -9.48 11.17
C ALA B 21 5.90 -8.44 10.36
N ARG B 22 6.03 -8.64 9.03
CA ARG B 22 6.77 -7.76 8.16
C ARG B 22 6.01 -6.47 7.84
N GLU B 23 4.67 -6.52 7.95
CA GLU B 23 3.72 -5.43 7.75
C GLU B 23 3.65 -4.56 9.00
N ALA B 24 3.71 -5.20 10.19
CA ALA B 24 3.80 -4.53 11.48
C ALA B 24 5.13 -3.81 11.65
N LYS B 25 6.22 -4.34 11.04
CA LYS B 25 7.47 -3.64 10.83
C LYS B 25 7.33 -2.25 10.23
N VAL B 26 6.74 -2.19 9.01
CA VAL B 26 6.44 -0.99 8.20
C VAL B 26 5.60 0.06 8.93
N LEU B 27 4.62 -0.41 9.72
CA LEU B 27 3.75 0.42 10.55
C LEU B 27 4.56 1.19 11.57
N ARG B 28 5.51 0.54 12.24
CA ARG B 28 6.61 1.17 12.96
C ARG B 28 7.55 2.00 12.07
N MET B 29 8.13 1.49 10.97
CA MET B 29 9.08 2.27 10.17
C MET B 29 8.54 3.57 9.57
N ARG B 30 7.55 3.45 8.68
CA ARG B 30 7.07 4.51 7.80
C ARG B 30 5.83 5.21 8.31
N PHE B 31 4.88 4.46 8.92
CA PHE B 31 3.65 5.07 9.42
C PHE B 31 3.89 5.69 10.80
N GLY B 32 4.92 5.21 11.55
CA GLY B 32 5.24 5.65 12.89
C GLY B 32 4.29 5.20 13.98
N ILE B 33 3.71 3.99 13.87
CA ILE B 33 2.72 3.51 14.83
C ILE B 33 3.39 2.58 15.83
N ASP B 34 3.18 2.82 17.15
CA ASP B 34 3.68 1.96 18.20
C ASP B 34 2.80 0.72 18.41
N MET B 35 3.31 -0.47 18.01
CA MET B 35 2.74 -1.76 18.40
C MET B 35 3.88 -2.66 18.87
N ASN B 36 4.83 -2.09 19.64
CA ASN B 36 6.09 -2.69 19.99
C ASN B 36 6.19 -2.93 21.49
N THR B 37 5.05 -3.33 22.09
CA THR B 37 4.84 -3.56 23.51
C THR B 37 4.00 -4.84 23.66
N ASP B 38 3.43 -5.08 24.85
CA ASP B 38 2.26 -5.90 25.08
C ASP B 38 0.98 -5.35 24.44
N TYR B 39 0.43 -6.00 23.40
CA TYR B 39 -0.75 -5.51 22.71
C TYR B 39 -1.87 -6.47 23.06
N THR B 40 -2.91 -6.00 23.76
CA THR B 40 -4.08 -6.81 24.05
C THR B 40 -4.99 -6.76 22.82
N LEU B 41 -5.76 -7.83 22.55
CA LEU B 41 -6.62 -7.94 21.38
C LEU B 41 -7.65 -6.81 21.17
N GLU B 42 -8.01 -6.07 22.24
CA GLU B 42 -8.77 -4.84 22.17
C GLU B 42 -8.03 -3.70 21.48
N GLU B 43 -6.69 -3.62 21.68
CA GLU B 43 -5.79 -2.71 21.00
C GLU B 43 -5.60 -3.04 19.53
N VAL B 44 -5.47 -4.35 19.19
CA VAL B 44 -5.48 -4.83 17.81
C VAL B 44 -6.77 -4.43 17.09
N GLY B 45 -7.91 -4.58 17.79
CA GLY B 45 -9.21 -4.07 17.36
C GLY B 45 -9.26 -2.58 17.20
N LYS B 46 -8.88 -1.80 18.23
CA LYS B 46 -9.04 -0.35 18.24
C LYS B 46 -8.17 0.30 17.18
N GLN B 47 -7.02 -0.33 16.90
CA GLN B 47 -6.08 0.08 15.89
C GLN B 47 -6.43 -0.42 14.50
N PHE B 48 -7.54 -1.15 14.28
CA PHE B 48 -8.14 -1.30 12.97
C PHE B 48 -8.89 -0.03 12.60
N ASP B 49 -9.89 0.40 13.38
CA ASP B 49 -10.42 1.74 13.46
C ASP B 49 -9.39 2.90 13.41
N VAL B 50 -8.44 2.96 14.37
CA VAL B 50 -7.41 4.00 14.43
C VAL B 50 -6.44 3.96 13.27
N THR B 51 -5.70 2.87 12.96
CA THR B 51 -4.92 2.80 11.72
C THR B 51 -5.64 3.04 10.40
N ARG B 52 -6.93 2.62 10.21
CA ARG B 52 -7.63 2.97 8.97
C ARG B 52 -7.90 4.47 8.90
N GLU B 53 -8.24 5.07 10.04
CA GLU B 53 -8.28 6.51 10.23
C GLU B 53 -6.93 7.18 9.95
N ARG B 54 -5.80 6.71 10.54
CA ARG B 54 -4.46 7.20 10.21
C ARG B 54 -4.16 7.14 8.73
N ILE B 55 -4.58 6.06 8.04
CA ILE B 55 -4.50 5.94 6.60
C ILE B 55 -5.31 7.00 5.89
N ARG B 56 -6.60 7.36 6.22
CA ARG B 56 -7.30 8.39 5.41
C ARG B 56 -6.75 9.81 5.72
N GLN B 57 -5.99 9.99 6.81
CA GLN B 57 -5.16 11.16 7.09
C GLN B 57 -3.94 11.25 6.15
N ILE B 58 -3.17 10.14 5.97
CA ILE B 58 -2.21 9.94 4.87
C ILE B 58 -2.78 10.25 3.48
N GLU B 59 -3.96 9.67 3.19
CA GLU B 59 -4.73 9.85 1.95
C GLU B 59 -5.01 11.30 1.63
N ALA B 60 -5.71 11.99 2.53
CA ALA B 60 -5.90 13.43 2.59
C ALA B 60 -4.66 14.27 2.27
N LYS B 61 -3.51 13.96 2.90
CA LYS B 61 -2.26 14.66 2.65
C LYS B 61 -1.74 14.39 1.23
N ALA B 62 -1.73 13.12 0.82
CA ALA B 62 -1.38 12.67 -0.51
C ALA B 62 -2.23 13.27 -1.63
N LEU B 63 -3.55 13.51 -1.42
CA LEU B 63 -4.38 14.20 -2.40
C LEU B 63 -4.02 15.68 -2.57
N ARG B 64 -3.31 16.29 -1.60
CA ARG B 64 -2.81 17.67 -1.67
C ARG B 64 -1.44 17.64 -2.29
N LYS B 65 -0.67 16.55 -2.13
CA LYS B 65 0.51 16.34 -2.96
C LYS B 65 0.22 16.11 -4.46
N LEU B 66 -1.00 15.68 -4.85
CA LEU B 66 -1.44 15.67 -6.25
C LEU B 66 -2.04 17.01 -6.70
N ARG B 67 -1.24 17.81 -7.45
CA ARG B 67 -1.70 18.85 -8.37
C ARG B 67 -2.83 18.56 -9.34
N HIS B 68 -2.77 17.45 -10.10
CA HIS B 68 -3.80 17.13 -11.08
C HIS B 68 -4.98 16.46 -10.39
N PRO B 69 -6.22 16.69 -10.82
CA PRO B 69 -7.40 16.23 -10.09
C PRO B 69 -7.60 14.73 -10.15
N SER B 70 -8.50 14.20 -9.29
CA SER B 70 -8.69 12.78 -9.12
C SER B 70 -9.77 12.25 -10.04
N ARG B 71 -9.82 10.92 -10.19
CA ARG B 71 -10.81 10.24 -10.99
C ARG B 71 -12.13 10.16 -10.24
N SER B 72 -13.29 10.04 -10.92
CA SER B 72 -14.60 10.23 -10.30
C SER B 72 -14.94 9.21 -9.22
N GLU B 73 -14.36 7.99 -9.35
CA GLU B 73 -14.55 6.83 -8.52
C GLU B 73 -14.12 6.96 -7.06
N VAL B 74 -13.43 8.06 -6.67
CA VAL B 74 -12.95 8.28 -5.31
C VAL B 74 -14.04 8.70 -4.33
N LEU B 75 -14.97 7.77 -4.06
CA LEU B 75 -16.07 7.97 -3.14
C LEU B 75 -15.63 7.70 -1.72
N ARG B 76 -15.77 8.71 -0.84
CA ARG B 76 -15.40 8.59 0.54
C ARG B 76 -16.51 9.22 1.35
N SER B 77 -16.73 10.53 1.16
CA SER B 77 -17.56 11.36 2.01
C SER B 77 -19.03 11.33 1.65
N PHE B 78 -19.43 10.44 0.71
CA PHE B 78 -20.79 10.29 0.26
C PHE B 78 -21.51 9.21 1.06
N LEU B 79 -20.74 8.19 1.47
CA LEU B 79 -21.23 7.00 2.14
C LEU B 79 -21.23 7.24 3.63
N ASP B 80 -22.39 7.67 4.14
CA ASP B 80 -22.57 8.10 5.51
C ASP B 80 -23.35 7.03 6.25
N ASP B 81 -24.69 7.14 6.19
CA ASP B 81 -25.69 6.29 6.76
C ASP B 81 -26.13 5.24 5.72
N ASN A 2 21.83 -1.55 -6.12
CA ASN A 2 21.99 -2.34 -7.32
C ASN A 2 21.12 -3.58 -7.26
N LYS A 3 19.82 -3.37 -7.09
CA LYS A 3 18.79 -4.37 -7.23
C LYS A 3 17.46 -3.66 -7.21
N ASN A 4 16.42 -4.28 -7.81
CA ASN A 4 15.10 -3.73 -7.90
C ASN A 4 14.21 -4.31 -6.81
N ILE A 5 14.45 -5.59 -6.48
CA ILE A 5 13.60 -6.43 -5.64
C ILE A 5 13.27 -5.88 -4.25
N ASP A 6 14.19 -5.14 -3.59
CA ASP A 6 13.96 -4.54 -2.28
C ASP A 6 12.77 -3.57 -2.26
N THR A 7 12.65 -2.73 -3.30
CA THR A 7 11.56 -1.78 -3.46
C THR A 7 10.31 -2.46 -3.96
N VAL A 8 10.45 -3.43 -4.88
CA VAL A 8 9.39 -4.37 -5.26
C VAL A 8 8.75 -5.05 -4.05
N ARG A 9 9.51 -5.75 -3.19
CA ARG A 9 9.07 -6.29 -1.91
C ARG A 9 8.34 -5.28 -1.02
N GLU A 10 8.92 -4.06 -0.86
CA GLU A 10 8.29 -2.90 -0.25
C GLU A 10 6.89 -2.61 -0.80
N ILE A 11 6.74 -2.30 -2.10
CA ILE A 11 5.49 -2.14 -2.87
C ILE A 11 4.42 -3.21 -2.61
N ILE A 12 4.80 -4.50 -2.74
CA ILE A 12 3.96 -5.65 -2.37
C ILE A 12 3.50 -5.57 -0.93
N THR A 13 4.42 -5.41 0.02
CA THR A 13 4.12 -5.35 1.46
C THR A 13 3.27 -4.14 1.84
N VAL A 14 3.58 -2.93 1.32
CA VAL A 14 2.85 -1.70 1.64
C VAL A 14 1.51 -1.56 0.95
N ALA A 15 1.32 -2.16 -0.23
CA ALA A 15 0.00 -2.31 -0.78
C ALA A 15 -0.84 -3.35 -0.01
N SER A 16 -0.22 -4.23 0.82
CA SER A 16 -0.98 -5.27 1.53
C SER A 16 -1.81 -4.61 2.63
N ILE A 17 -1.19 -3.63 3.36
CA ILE A 17 -1.79 -2.61 4.23
C ILE A 17 -3.10 -2.05 3.73
N LEU A 18 -3.07 -1.41 2.53
CA LEU A 18 -4.20 -0.82 1.84
C LEU A 18 -5.37 -1.78 1.71
N ILE A 19 -4.99 -2.99 1.23
CA ILE A 19 -5.79 -4.18 1.05
C ILE A 19 -6.41 -4.70 2.34
N LYS A 20 -5.66 -4.86 3.46
CA LYS A 20 -6.24 -5.45 4.67
C LYS A 20 -7.09 -4.43 5.42
N PHE A 21 -6.54 -3.21 5.58
CA PHE A 21 -7.10 -2.14 6.38
C PHE A 21 -8.31 -1.47 5.76
N SER A 22 -8.21 -0.98 4.51
CA SER A 22 -9.28 -0.27 3.84
C SER A 22 -9.96 -1.11 2.76
N ARG A 23 -9.39 -2.27 2.41
CA ARG A 23 -9.92 -3.15 1.38
C ARG A 23 -9.95 -2.52 0.01
N GLU A 24 -11.06 -2.57 -0.73
CA GLU A 24 -11.03 -2.29 -2.16
C GLU A 24 -11.43 -0.87 -2.46
N ASP A 25 -11.63 -0.09 -1.39
CA ASP A 25 -11.99 1.31 -1.32
C ASP A 25 -10.97 2.23 -1.99
N ILE A 26 -9.74 2.38 -1.44
CA ILE A 26 -8.72 3.31 -1.96
C ILE A 26 -7.94 2.67 -3.09
N VAL A 27 -7.82 1.33 -3.06
CA VAL A 27 -7.28 0.45 -4.09
C VAL A 27 -7.78 0.71 -5.52
N GLU A 28 -9.10 1.05 -5.69
CA GLU A 28 -9.69 1.49 -6.96
C GLU A 28 -8.90 2.63 -7.60
N ASN A 29 -8.62 3.64 -6.73
CA ASN A 29 -8.59 5.02 -7.13
C ASN A 29 -7.26 5.31 -7.81
N ARG A 30 -7.18 5.35 -9.15
CA ARG A 30 -5.95 5.36 -9.89
C ARG A 30 -5.00 6.54 -9.61
N ALA A 31 -5.54 7.68 -9.17
CA ALA A 31 -4.73 8.81 -8.74
C ALA A 31 -4.23 8.63 -7.30
N ASN A 32 -5.17 8.40 -6.35
CA ASN A 32 -4.95 8.33 -4.91
C ASN A 32 -4.01 7.19 -4.54
N PHE A 33 -4.20 5.99 -5.14
CA PHE A 33 -3.45 4.78 -4.82
C PHE A 33 -1.93 4.91 -4.99
N ILE A 34 -1.39 5.52 -6.07
CA ILE A 34 0.07 5.64 -6.24
C ILE A 34 0.59 6.85 -5.46
N ALA A 35 -0.26 7.87 -5.25
CA ALA A 35 0.05 9.02 -4.44
C ALA A 35 0.28 8.67 -2.96
N PHE A 36 -0.37 7.60 -2.43
CA PHE A 36 -0.16 7.05 -1.10
C PHE A 36 1.26 6.52 -0.91
N LEU A 37 1.77 5.83 -1.93
CA LEU A 37 3.13 5.33 -2.02
C LEU A 37 4.17 6.46 -2.01
N ASN A 38 3.87 7.58 -2.69
CA ASN A 38 4.71 8.76 -2.72
C ASN A 38 4.61 9.62 -1.47
N GLU A 39 3.42 9.71 -0.83
CA GLU A 39 3.16 10.22 0.52
C GLU A 39 4.16 9.80 1.59
N ILE A 40 4.35 8.46 1.77
CA ILE A 40 5.29 7.93 2.75
C ILE A 40 6.69 7.87 2.18
N GLY A 41 6.82 7.99 0.85
CA GLY A 41 8.10 8.26 0.21
C GLY A 41 8.84 7.00 -0.16
N VAL A 42 8.21 6.10 -0.95
CA VAL A 42 8.91 4.96 -1.51
C VAL A 42 9.59 5.40 -2.81
N THR A 43 10.90 5.05 -2.88
CA THR A 43 11.93 5.54 -3.75
C THR A 43 12.61 4.39 -4.44
N HIS A 44 13.15 4.58 -5.65
CA HIS A 44 14.12 3.63 -6.17
C HIS A 44 15.10 4.38 -7.04
N GLU A 45 16.43 4.08 -6.96
CA GLU A 45 17.47 4.74 -7.75
C GLU A 45 17.47 6.25 -7.63
N GLY A 46 17.13 6.72 -6.40
CA GLY A 46 17.09 8.11 -6.01
C GLY A 46 15.84 8.82 -6.46
N ARG A 47 15.01 8.15 -7.26
CA ARG A 47 13.83 8.69 -7.87
C ARG A 47 12.59 8.35 -7.06
N LYS A 48 11.54 9.17 -7.23
CA LYS A 48 10.24 8.91 -6.67
C LYS A 48 9.42 8.20 -7.74
N LEU A 49 8.78 7.07 -7.41
CA LEU A 49 8.16 6.23 -8.42
C LEU A 49 6.67 6.51 -8.65
N ASN A 50 6.36 7.29 -9.69
CA ASN A 50 5.00 7.41 -10.21
C ASN A 50 4.61 6.20 -11.08
N GLN A 51 3.43 6.25 -11.74
CA GLN A 51 2.77 5.19 -12.50
C GLN A 51 3.62 4.36 -13.47
N ASN A 52 4.36 5.02 -14.37
CA ASN A 52 5.31 4.44 -15.30
C ASN A 52 6.41 3.65 -14.63
N SER A 53 7.16 4.25 -13.67
CA SER A 53 8.24 3.56 -12.99
C SER A 53 7.76 2.49 -12.03
N PHE A 54 6.56 2.67 -11.43
CA PHE A 54 5.83 1.68 -10.64
C PHE A 54 5.56 0.42 -11.47
N ARG A 55 5.08 0.55 -12.73
CA ARG A 55 4.68 -0.60 -13.53
C ARG A 55 5.91 -1.38 -14.01
N LYS A 56 6.97 -0.62 -14.35
CA LYS A 56 8.22 -1.11 -14.94
C LYS A 56 9.05 -1.99 -14.01
N ILE A 57 9.15 -1.63 -12.71
CA ILE A 57 10.00 -2.34 -11.76
C ILE A 57 9.45 -3.75 -11.40
N VAL A 58 8.12 -3.94 -11.54
CA VAL A 58 7.39 -5.18 -11.36
C VAL A 58 7.34 -6.01 -12.65
N SER A 59 7.15 -5.38 -13.82
CA SER A 59 7.38 -6.02 -15.11
C SER A 59 8.78 -6.57 -15.37
N GLU A 60 9.88 -5.83 -15.07
CA GLU A 60 11.23 -6.39 -15.19
C GLU A 60 11.66 -7.04 -13.89
N LEU A 61 11.15 -8.25 -13.62
CA LEU A 61 11.40 -9.00 -12.40
C LEU A 61 12.19 -10.27 -12.65
N THR A 62 13.25 -10.48 -11.85
CA THR A 62 14.08 -11.69 -11.84
C THR A 62 13.27 -12.91 -11.38
N GLN A 63 13.29 -14.02 -12.16
CA GLN A 63 12.50 -15.23 -11.95
C GLN A 63 12.52 -15.81 -10.54
N GLU A 64 13.70 -16.09 -9.97
CA GLU A 64 13.83 -16.62 -8.63
C GLU A 64 13.29 -15.70 -7.52
N ASP A 65 13.38 -14.34 -7.67
CA ASP A 65 12.96 -13.41 -6.62
C ASP A 65 11.49 -13.03 -6.78
N LYS A 66 10.90 -12.98 -8.00
CA LYS A 66 9.43 -12.92 -8.09
C LYS A 66 8.74 -14.12 -7.42
N LYS A 67 9.29 -15.34 -7.58
CA LYS A 67 8.72 -16.57 -7.04
C LYS A 67 8.79 -16.62 -5.52
N THR A 68 9.96 -16.20 -4.97
CA THR A 68 10.21 -15.93 -3.55
C THR A 68 9.10 -15.13 -2.84
N LEU A 69 8.66 -14.00 -3.44
CA LEU A 69 7.63 -13.13 -2.89
C LEU A 69 6.27 -13.82 -2.80
N ILE A 70 5.88 -14.52 -3.90
CA ILE A 70 4.73 -15.43 -3.96
C ILE A 70 4.79 -16.44 -2.81
N ASP A 71 5.87 -17.23 -2.75
CA ASP A 71 6.07 -18.31 -1.79
C ASP A 71 6.13 -17.90 -0.32
N GLU A 72 6.47 -16.64 0.04
CA GLU A 72 6.34 -16.17 1.42
C GLU A 72 4.87 -16.06 1.84
N PHE A 73 4.19 -14.95 1.45
CA PHE A 73 2.80 -14.70 1.78
C PHE A 73 2.03 -14.47 0.50
N ASN A 74 1.22 -15.45 0.05
CA ASN A 74 0.62 -15.46 -1.29
C ASN A 74 -0.29 -14.26 -1.59
N GLU A 75 -1.21 -13.90 -0.67
CA GLU A 75 -2.23 -12.87 -0.82
C GLU A 75 -1.74 -11.53 -1.36
N GLY A 76 -0.60 -11.04 -0.81
CA GLY A 76 0.03 -9.79 -1.16
C GLY A 76 0.34 -9.67 -2.63
N PHE A 77 1.24 -10.51 -3.17
CA PHE A 77 1.56 -10.47 -4.59
C PHE A 77 0.37 -10.78 -5.48
N GLU A 78 -0.46 -11.80 -5.16
CA GLU A 78 -1.68 -12.12 -5.91
C GLU A 78 -2.65 -10.97 -6.09
N GLY A 79 -2.85 -10.13 -5.06
CA GLY A 79 -3.67 -8.93 -5.17
C GLY A 79 -3.01 -7.82 -5.95
N VAL A 80 -1.72 -7.57 -5.67
CA VAL A 80 -0.97 -6.51 -6.31
C VAL A 80 -0.78 -6.74 -7.80
N TYR A 81 -0.34 -7.94 -8.24
CA TYR A 81 -0.42 -8.45 -9.60
C TYR A 81 -1.70 -8.08 -10.36
N ARG A 82 -2.86 -8.54 -9.83
CA ARG A 82 -4.15 -8.34 -10.44
C ARG A 82 -4.58 -6.88 -10.52
N TYR A 83 -4.52 -6.13 -9.39
CA TYR A 83 -4.93 -4.75 -9.34
C TYR A 83 -3.97 -3.82 -10.08
N LEU A 84 -2.69 -4.21 -10.26
CA LEU A 84 -1.70 -3.53 -11.09
C LEU A 84 -2.09 -3.53 -12.55
N GLU A 85 -2.48 -4.70 -13.11
CA GLU A 85 -2.95 -4.81 -14.47
C GLU A 85 -4.31 -4.16 -14.69
N MET A 86 -5.27 -4.44 -13.78
CA MET A 86 -6.65 -4.05 -13.91
C MET A 86 -6.92 -2.55 -13.78
N TYR A 87 -6.40 -1.90 -12.72
CA TYR A 87 -6.67 -0.50 -12.45
C TYR A 87 -5.61 0.42 -13.03
N THR A 88 -4.33 0.27 -12.64
CA THR A 88 -3.30 1.25 -12.98
C THR A 88 -2.62 0.98 -14.32
N ASN A 89 -3.18 1.57 -15.38
CA ASN A 89 -2.71 1.41 -16.75
C ASN A 89 -1.46 2.26 -17.01
N LYS A 90 -0.58 1.83 -17.95
CA LYS A 90 0.56 2.60 -18.43
C LYS A 90 1.48 3.15 -17.36
N ASP B 14 -1.85 -11.99 14.37
CA ASP B 14 -1.86 -11.62 12.96
C ASP B 14 -2.91 -12.40 12.14
N VAL B 15 -3.21 -13.67 12.50
CA VAL B 15 -4.37 -14.39 11.95
C VAL B 15 -5.70 -13.76 12.39
N LEU B 16 -5.80 -13.21 13.61
CA LEU B 16 -7.01 -12.58 14.12
C LEU B 16 -7.29 -11.26 13.38
N ALA B 17 -6.50 -10.19 13.65
CA ALA B 17 -6.17 -9.10 12.77
C ALA B 17 -6.42 -9.15 11.25
N GLY B 18 -5.61 -9.93 10.50
CA GLY B 18 -5.58 -9.91 9.03
C GLY B 18 -4.21 -9.55 8.51
N LEU B 19 -3.52 -8.60 9.17
CA LEU B 19 -2.25 -8.07 8.69
C LEU B 19 -1.01 -8.91 9.02
N THR B 20 -0.22 -9.18 7.95
CA THR B 20 1.07 -9.89 7.99
C THR B 20 2.09 -9.24 8.93
N ALA B 21 2.97 -10.01 9.60
CA ALA B 21 4.12 -9.48 10.34
C ALA B 21 5.02 -8.55 9.54
N ARG B 22 5.18 -8.81 8.22
CA ARG B 22 5.84 -7.95 7.27
C ARG B 22 5.22 -6.53 7.18
N GLU B 23 3.88 -6.43 7.34
CA GLU B 23 3.11 -5.21 7.30
C GLU B 23 3.26 -4.40 8.56
N ALA B 24 3.39 -5.06 9.73
CA ALA B 24 3.63 -4.38 10.99
C ALA B 24 4.99 -3.75 11.07
N LYS B 25 6.00 -4.43 10.47
CA LYS B 25 7.30 -3.88 10.14
C LYS B 25 7.31 -2.50 9.51
N VAL B 26 6.68 -2.35 8.32
CA VAL B 26 6.50 -1.09 7.60
C VAL B 26 5.71 -0.02 8.35
N LEU B 27 4.76 -0.45 9.21
CA LEU B 27 3.95 0.43 10.05
C LEU B 27 4.82 1.16 11.07
N ARG B 28 5.77 0.41 11.69
CA ARG B 28 6.94 0.97 12.34
C ARG B 28 7.87 1.73 11.40
N MET B 29 8.44 1.19 10.31
CA MET B 29 9.39 1.93 9.48
C MET B 29 8.93 3.24 8.85
N ARG B 30 7.89 3.20 7.98
CA ARG B 30 7.52 4.32 7.13
C ARG B 30 6.20 4.97 7.49
N PHE B 31 5.39 4.38 8.38
CA PHE B 31 4.18 5.03 8.85
C PHE B 31 4.40 5.69 10.20
N GLY B 32 5.51 5.39 10.91
CA GLY B 32 5.86 6.04 12.17
C GLY B 32 5.12 5.56 13.40
N ILE B 33 4.48 4.38 13.34
CA ILE B 33 3.69 3.88 14.44
C ILE B 33 4.51 2.89 15.24
N ASP B 34 4.69 3.11 16.56
CA ASP B 34 5.50 2.27 17.39
C ASP B 34 4.63 1.19 18.02
N MET B 35 4.31 0.13 17.27
CA MET B 35 3.52 -0.99 17.74
C MET B 35 4.44 -2.07 18.31
N ASN B 36 5.32 -1.67 19.24
CA ASN B 36 6.54 -2.40 19.55
C ASN B 36 6.53 -2.99 20.96
N THR B 37 5.91 -2.28 21.91
CA THR B 37 5.71 -2.79 23.27
C THR B 37 4.42 -3.61 23.33
N ASP B 38 3.84 -3.84 24.52
CA ASP B 38 2.69 -4.68 24.78
C ASP B 38 1.44 -4.26 24.01
N TYR B 39 0.90 -5.14 23.14
CA TYR B 39 -0.38 -4.93 22.50
C TYR B 39 -1.24 -6.12 22.87
N THR B 40 -2.07 -5.99 23.92
CA THR B 40 -3.07 -6.98 24.33
C THR B 40 -4.20 -7.07 23.30
N LEU B 41 -5.01 -8.15 23.30
CA LEU B 41 -5.99 -8.43 22.26
C LEU B 41 -7.08 -7.38 22.03
N GLU B 42 -7.47 -6.57 23.02
CA GLU B 42 -8.36 -5.44 22.78
C GLU B 42 -7.59 -4.21 22.32
N GLU B 43 -6.30 -4.12 22.65
CA GLU B 43 -5.37 -3.14 22.08
C GLU B 43 -5.11 -3.41 20.60
N VAL B 44 -5.15 -4.67 20.13
CA VAL B 44 -5.26 -5.01 18.70
C VAL B 44 -6.50 -4.45 18.00
N GLY B 45 -7.68 -4.44 18.67
CA GLY B 45 -8.92 -3.88 18.10
C GLY B 45 -8.89 -2.38 17.96
N LYS B 46 -8.36 -1.71 18.99
CA LYS B 46 -7.92 -0.32 19.00
C LYS B 46 -6.79 -0.06 17.99
N GLN B 47 -5.82 -0.96 17.80
CA GLN B 47 -4.79 -0.87 16.77
C GLN B 47 -5.37 -0.86 15.36
N PHE B 48 -6.48 -1.59 15.10
CA PHE B 48 -7.13 -1.67 13.81
C PHE B 48 -7.87 -0.38 13.42
N ASP B 49 -8.98 -0.02 14.11
CA ASP B 49 -9.56 1.32 14.17
C ASP B 49 -8.63 2.53 14.09
N VAL B 50 -7.68 2.69 15.03
CA VAL B 50 -6.73 3.82 15.09
C VAL B 50 -5.82 3.88 13.87
N THR B 51 -4.99 2.86 13.57
CA THR B 51 -4.31 2.70 12.26
C THR B 51 -5.18 2.92 11.03
N ARG B 52 -6.40 2.35 10.94
CA ARG B 52 -7.27 2.49 9.78
C ARG B 52 -7.66 3.95 9.59
N GLU B 53 -8.06 4.59 10.71
CA GLU B 53 -8.38 6.00 10.82
C GLU B 53 -7.22 6.86 10.35
N ARG B 54 -5.98 6.57 10.80
CA ARG B 54 -4.77 7.28 10.40
C ARG B 54 -4.52 7.23 8.89
N ILE B 55 -4.86 6.11 8.21
CA ILE B 55 -4.74 5.99 6.77
C ILE B 55 -5.60 6.98 6.01
N ARG B 56 -6.87 7.30 6.40
CA ARG B 56 -7.70 8.23 5.59
C ARG B 56 -7.18 9.67 5.83
N GLN B 57 -6.39 9.93 6.91
CA GLN B 57 -5.64 11.16 7.13
C GLN B 57 -4.42 11.27 6.20
N ILE B 58 -3.70 10.14 5.96
CA ILE B 58 -2.63 10.01 4.95
C ILE B 58 -3.10 10.40 3.54
N GLU B 59 -4.32 9.97 3.15
CA GLU B 59 -4.97 10.28 1.89
C GLU B 59 -5.27 11.77 1.75
N ALA B 60 -5.77 12.41 2.82
CA ALA B 60 -5.96 13.84 2.94
C ALA B 60 -4.67 14.66 2.77
N LYS B 61 -3.49 14.08 3.07
CA LYS B 61 -2.22 14.74 2.84
C LYS B 61 -1.85 14.59 1.38
N ALA B 62 -1.83 13.31 0.92
CA ALA B 62 -1.52 12.92 -0.45
C ALA B 62 -2.34 13.61 -1.53
N LEU B 63 -3.65 13.89 -1.32
CA LEU B 63 -4.45 14.67 -2.25
C LEU B 63 -4.21 16.19 -2.21
N ARG B 64 -3.33 16.68 -1.33
CA ARG B 64 -2.82 18.05 -1.32
C ARG B 64 -1.46 18.01 -2.01
N LYS B 65 -0.59 17.04 -1.68
CA LYS B 65 0.66 16.80 -2.38
C LYS B 65 0.49 16.53 -3.88
N LEU B 66 -0.56 15.78 -4.28
CA LEU B 66 -0.90 15.49 -5.66
C LEU B 66 -1.94 16.49 -6.16
N ARG B 67 -1.53 17.52 -6.94
CA ARG B 67 -2.45 18.46 -7.55
C ARG B 67 -3.36 17.90 -8.64
N HIS B 68 -2.98 16.83 -9.37
CA HIS B 68 -3.87 16.18 -10.32
C HIS B 68 -5.12 15.62 -9.63
N PRO B 69 -6.36 15.88 -10.08
CA PRO B 69 -7.55 15.44 -9.37
C PRO B 69 -7.75 13.94 -9.31
N SER B 70 -8.75 13.51 -8.52
CA SER B 70 -9.24 12.15 -8.57
C SER B 70 -10.11 11.92 -9.80
N ARG B 71 -10.17 10.66 -10.26
CA ARG B 71 -11.01 10.21 -11.34
C ARG B 71 -12.42 9.90 -10.79
N SER B 72 -13.42 9.86 -11.69
CA SER B 72 -14.81 10.18 -11.35
C SER B 72 -15.69 8.97 -11.06
N GLU B 73 -15.10 7.78 -10.86
CA GLU B 73 -15.73 6.57 -10.35
C GLU B 73 -16.47 6.73 -9.02
N VAL B 74 -17.42 5.82 -8.74
CA VAL B 74 -18.17 5.77 -7.50
C VAL B 74 -17.42 4.84 -6.55
N LEU B 75 -17.18 5.25 -5.28
CA LEU B 75 -16.21 4.62 -4.39
C LEU B 75 -16.50 3.16 -3.97
N ARG B 76 -16.32 2.12 -4.82
CA ARG B 76 -16.67 0.75 -4.45
C ARG B 76 -15.58 -0.25 -4.83
N SER B 77 -15.56 -0.79 -6.06
CA SER B 77 -14.56 -1.80 -6.40
C SER B 77 -14.22 -1.77 -7.89
N PHE B 78 -14.84 -2.63 -8.72
CA PHE B 78 -14.52 -2.82 -10.12
C PHE B 78 -15.35 -1.88 -10.99
N LEU B 79 -15.04 -0.59 -10.91
CA LEU B 79 -15.78 0.48 -11.56
C LEU B 79 -14.85 1.30 -12.42
N ASP B 80 -15.40 1.85 -13.53
CA ASP B 80 -14.67 2.56 -14.54
C ASP B 80 -15.42 3.81 -14.94
N ASP B 81 -14.73 4.95 -15.13
CA ASP B 81 -15.31 6.11 -15.77
C ASP B 81 -15.72 5.74 -17.24
N ASN A 2 22.55 -5.40 -4.50
CA ASN A 2 21.39 -4.55 -4.42
C ASN A 2 20.47 -4.86 -5.56
N LYS A 3 19.33 -5.52 -5.28
CA LYS A 3 18.32 -5.85 -6.25
C LYS A 3 17.28 -4.74 -6.42
N ASN A 4 16.39 -4.91 -7.42
CA ASN A 4 15.21 -4.06 -7.63
C ASN A 4 14.09 -4.50 -6.72
N ILE A 5 14.17 -5.76 -6.27
CA ILE A 5 13.19 -6.46 -5.45
C ILE A 5 12.79 -5.68 -4.21
N ASP A 6 13.74 -4.99 -3.53
CA ASP A 6 13.54 -4.07 -2.44
C ASP A 6 12.33 -3.16 -2.54
N THR A 7 12.22 -2.39 -3.65
CA THR A 7 11.11 -1.47 -3.87
C THR A 7 9.83 -2.22 -4.19
N VAL A 8 9.91 -3.24 -5.06
CA VAL A 8 8.78 -4.12 -5.39
C VAL A 8 8.15 -4.75 -4.13
N ARG A 9 8.96 -5.44 -3.31
CA ARG A 9 8.70 -5.95 -1.97
C ARG A 9 8.12 -4.93 -0.99
N GLU A 10 8.65 -3.69 -0.99
CA GLU A 10 8.11 -2.52 -0.31
C GLU A 10 6.65 -2.25 -0.71
N ILE A 11 6.37 -2.08 -2.03
CA ILE A 11 5.01 -1.95 -2.58
C ILE A 11 4.08 -3.07 -2.14
N ILE A 12 4.51 -4.35 -2.23
CA ILE A 12 3.70 -5.50 -1.80
C ILE A 12 3.32 -5.38 -0.33
N THR A 13 4.31 -5.17 0.54
CA THR A 13 4.12 -5.04 1.98
C THR A 13 3.21 -3.88 2.37
N VAL A 14 3.41 -2.69 1.78
CA VAL A 14 2.59 -1.50 2.09
C VAL A 14 1.24 -1.50 1.37
N ALA A 15 1.11 -2.23 0.26
CA ALA A 15 -0.16 -2.50 -0.35
C ALA A 15 -0.96 -3.54 0.39
N SER A 16 -0.33 -4.39 1.23
CA SER A 16 -0.99 -5.51 1.87
C SER A 16 -1.90 -4.96 2.97
N ILE A 17 -1.30 -4.03 3.75
CA ILE A 17 -1.84 -2.96 4.55
C ILE A 17 -3.12 -2.32 3.99
N LEU A 18 -3.12 -1.79 2.73
CA LEU A 18 -4.30 -1.22 2.06
C LEU A 18 -5.52 -2.12 2.13
N ILE A 19 -5.25 -3.37 1.71
CA ILE A 19 -6.16 -4.48 1.55
C ILE A 19 -6.72 -4.87 2.90
N LYS A 20 -5.86 -5.11 3.93
CA LYS A 20 -6.35 -5.74 5.15
C LYS A 20 -7.10 -4.72 6.01
N PHE A 21 -6.57 -3.46 6.08
CA PHE A 21 -7.12 -2.39 6.90
C PHE A 21 -8.38 -1.77 6.30
N SER A 22 -8.29 -1.14 5.10
CA SER A 22 -9.42 -0.38 4.56
C SER A 22 -10.06 -1.04 3.36
N ARG A 23 -9.55 -2.22 2.95
CA ARG A 23 -10.07 -3.01 1.87
C ARG A 23 -9.98 -2.33 0.51
N GLU A 24 -11.09 -2.08 -0.19
CA GLU A 24 -11.02 -1.57 -1.55
C GLU A 24 -11.25 -0.07 -1.62
N ASP A 25 -11.03 0.65 -0.52
CA ASP A 25 -11.05 2.10 -0.41
C ASP A 25 -10.03 2.79 -1.32
N ILE A 26 -8.72 2.70 -0.98
CA ILE A 26 -7.69 3.46 -1.69
C ILE A 26 -7.27 2.70 -2.93
N VAL A 27 -7.29 1.35 -2.88
CA VAL A 27 -7.03 0.42 -3.98
C VAL A 27 -7.71 0.80 -5.28
N GLU A 28 -9.04 1.06 -5.21
CA GLU A 28 -9.87 1.52 -6.32
C GLU A 28 -9.33 2.68 -7.14
N ASN A 29 -8.67 3.67 -6.47
CA ASN A 29 -8.53 5.00 -7.02
C ASN A 29 -7.16 5.12 -7.64
N ARG A 30 -7.05 5.47 -8.93
CA ARG A 30 -5.78 5.46 -9.64
C ARG A 30 -4.75 6.43 -9.10
N ALA A 31 -5.12 7.72 -8.97
CA ALA A 31 -4.24 8.74 -8.46
C ALA A 31 -3.84 8.53 -7.01
N ASN A 32 -4.84 8.31 -6.12
CA ASN A 32 -4.66 8.21 -4.68
C ASN A 32 -3.67 7.12 -4.31
N PHE A 33 -3.74 5.96 -5.00
CA PHE A 33 -2.81 4.86 -4.77
C PHE A 33 -1.37 5.27 -5.00
N ILE A 34 -1.03 5.95 -6.13
CA ILE A 34 0.36 6.18 -6.51
C ILE A 34 0.91 7.27 -5.60
N ALA A 35 0.04 8.26 -5.28
CA ALA A 35 0.21 9.32 -4.32
C ALA A 35 0.72 8.89 -2.95
N PHE A 36 0.31 7.70 -2.47
CA PHE A 36 0.75 7.15 -1.19
C PHE A 36 2.21 6.76 -1.23
N LEU A 37 2.69 6.16 -2.33
CA LEU A 37 4.08 5.80 -2.50
C LEU A 37 4.96 7.04 -2.55
N ASN A 38 4.45 8.14 -3.15
CA ASN A 38 5.08 9.44 -3.14
C ASN A 38 5.13 10.04 -1.72
N GLU A 39 3.97 10.23 -1.07
CA GLU A 39 3.76 10.65 0.32
C GLU A 39 4.74 10.15 1.37
N ILE A 40 5.01 8.82 1.50
CA ILE A 40 6.00 8.35 2.48
C ILE A 40 7.42 8.28 1.93
N GLY A 41 7.61 8.34 0.61
CA GLY A 41 8.96 8.45 0.04
C GLY A 41 9.65 7.14 -0.16
N VAL A 42 9.02 6.20 -0.88
CA VAL A 42 9.69 5.00 -1.36
C VAL A 42 10.22 5.29 -2.75
N THR A 43 11.40 4.77 -3.13
CA THR A 43 11.94 5.05 -4.46
C THR A 43 12.68 3.85 -5.00
N HIS A 44 13.06 3.90 -6.30
CA HIS A 44 13.97 2.97 -6.92
C HIS A 44 14.87 3.81 -7.80
N GLU A 45 16.19 3.54 -7.80
CA GLU A 45 17.18 4.25 -8.62
C GLU A 45 17.19 5.77 -8.39
N GLY A 46 16.71 6.20 -7.21
CA GLY A 46 16.62 7.61 -6.81
C GLY A 46 15.51 8.37 -7.47
N ARG A 47 14.63 7.67 -8.21
CA ARG A 47 13.45 8.21 -8.87
C ARG A 47 12.22 7.95 -8.02
N LYS A 48 11.30 8.96 -7.96
CA LYS A 48 10.01 8.83 -7.31
C LYS A 48 9.08 8.04 -8.22
N LEU A 49 8.14 7.27 -7.66
CA LEU A 49 7.32 6.43 -8.48
C LEU A 49 6.15 7.11 -9.18
N ASN A 50 6.40 7.67 -10.39
CA ASN A 50 5.41 7.72 -11.45
C ASN A 50 5.20 6.33 -12.03
N GLN A 51 4.18 6.18 -12.90
CA GLN A 51 3.81 4.92 -13.51
C GLN A 51 4.90 4.26 -14.34
N ASN A 52 5.77 5.06 -14.98
CA ASN A 52 6.97 4.62 -15.69
C ASN A 52 7.90 3.79 -14.83
N SER A 53 8.31 4.32 -13.65
CA SER A 53 9.05 3.57 -12.64
C SER A 53 8.26 2.40 -12.12
N PHE A 54 6.99 2.65 -11.70
CA PHE A 54 6.14 1.72 -10.99
C PHE A 54 5.92 0.39 -11.72
N ARG A 55 5.43 0.40 -12.99
CA ARG A 55 5.11 -0.84 -13.66
C ARG A 55 6.36 -1.50 -14.22
N LYS A 56 7.41 -0.72 -14.55
CA LYS A 56 8.69 -1.22 -15.04
C LYS A 56 9.38 -2.12 -14.03
N ILE A 57 9.48 -1.70 -12.75
CA ILE A 57 10.15 -2.50 -11.73
C ILE A 57 9.49 -3.84 -11.45
N VAL A 58 8.14 -3.92 -11.55
CA VAL A 58 7.31 -5.13 -11.48
C VAL A 58 7.45 -6.01 -12.72
N SER A 59 7.17 -5.44 -13.90
CA SER A 59 7.35 -6.03 -15.22
C SER A 59 8.71 -6.62 -15.48
N GLU A 60 9.78 -5.80 -15.47
CA GLU A 60 11.07 -6.17 -16.04
C GLU A 60 11.97 -6.84 -15.02
N LEU A 61 11.39 -7.45 -13.96
CA LEU A 61 12.06 -8.48 -13.17
C LEU A 61 12.28 -9.74 -14.00
N THR A 62 13.34 -10.47 -13.64
CA THR A 62 13.60 -11.83 -14.08
C THR A 62 12.69 -12.78 -13.31
N GLN A 63 12.65 -14.07 -13.69
CA GLN A 63 11.73 -15.03 -13.13
C GLN A 63 11.98 -15.39 -11.66
N GLU A 64 13.23 -15.70 -11.27
CA GLU A 64 13.56 -16.19 -9.93
C GLU A 64 13.40 -15.14 -8.84
N ASP A 65 13.86 -13.90 -9.09
CA ASP A 65 13.47 -12.65 -8.48
C ASP A 65 11.99 -12.50 -8.09
N LYS A 66 11.09 -12.42 -9.10
CA LYS A 66 9.65 -12.31 -8.86
C LYS A 66 9.03 -13.52 -8.18
N LYS A 67 9.56 -14.75 -8.45
CA LYS A 67 9.11 -15.97 -7.78
C LYS A 67 9.61 -16.05 -6.34
N THR A 68 10.75 -15.40 -6.00
CA THR A 68 11.17 -15.14 -4.62
C THR A 68 10.14 -14.36 -3.82
N LEU A 69 9.51 -13.33 -4.42
CA LEU A 69 8.35 -12.66 -3.83
C LEU A 69 7.17 -13.61 -3.62
N ILE A 70 6.74 -14.32 -4.70
CA ILE A 70 5.72 -15.37 -4.68
C ILE A 70 5.96 -16.39 -3.57
N ASP A 71 7.14 -17.02 -3.53
CA ASP A 71 7.52 -18.04 -2.56
C ASP A 71 7.38 -17.60 -1.10
N GLU A 72 7.67 -16.33 -0.79
CA GLU A 72 7.40 -15.75 0.51
C GLU A 72 5.95 -15.34 0.68
N PHE A 73 5.42 -14.48 -0.20
CA PHE A 73 4.06 -13.99 -0.14
C PHE A 73 3.32 -14.36 -1.40
N ASN A 74 2.68 -15.56 -1.44
CA ASN A 74 1.92 -16.03 -2.59
C ASN A 74 0.72 -15.13 -2.83
N GLU A 75 -0.22 -15.10 -1.86
CA GLU A 75 -1.43 -14.31 -1.89
C GLU A 75 -1.14 -12.82 -1.85
N GLY A 76 -0.03 -12.43 -1.18
CA GLY A 76 0.44 -11.04 -1.17
C GLY A 76 0.90 -10.55 -2.52
N PHE A 77 1.72 -11.33 -3.25
CA PHE A 77 2.15 -10.97 -4.58
C PHE A 77 1.00 -11.10 -5.59
N GLU A 78 0.27 -12.23 -5.57
CA GLU A 78 -0.87 -12.51 -6.43
C GLU A 78 -1.93 -11.44 -6.34
N GLY A 79 -2.24 -11.01 -5.10
CA GLY A 79 -3.16 -9.94 -4.77
C GLY A 79 -2.90 -8.64 -5.44
N VAL A 80 -1.70 -8.02 -5.28
CA VAL A 80 -1.46 -6.65 -5.69
C VAL A 80 -1.40 -6.51 -7.21
N TYR A 81 -0.43 -7.18 -7.88
CA TYR A 81 -0.54 -7.71 -9.25
C TYR A 81 -1.94 -7.82 -9.86
N ARG A 82 -2.78 -8.78 -9.44
CA ARG A 82 -4.04 -8.99 -10.11
C ARG A 82 -5.05 -7.87 -9.89
N TYR A 83 -5.23 -7.37 -8.64
CA TYR A 83 -6.12 -6.26 -8.35
C TYR A 83 -5.69 -4.95 -9.01
N LEU A 84 -4.40 -4.57 -8.92
CA LEU A 84 -3.87 -3.35 -9.50
C LEU A 84 -4.05 -3.29 -11.00
N GLU A 85 -3.64 -4.34 -11.75
CA GLU A 85 -3.73 -4.34 -13.20
C GLU A 85 -5.15 -4.60 -13.72
N MET A 86 -6.09 -4.99 -12.83
CA MET A 86 -7.52 -5.05 -13.10
C MET A 86 -8.16 -3.68 -12.97
N TYR A 87 -7.89 -2.96 -11.86
CA TYR A 87 -8.36 -1.61 -11.60
C TYR A 87 -7.74 -0.59 -12.54
N THR A 88 -6.40 -0.54 -12.59
CA THR A 88 -5.64 0.50 -13.28
C THR A 88 -5.48 0.18 -14.76
N ASN A 89 -6.48 0.57 -15.57
CA ASN A 89 -6.50 0.25 -16.99
C ASN A 89 -5.44 1.04 -17.76
N LYS A 90 -4.91 0.52 -18.89
CA LYS A 90 -3.70 1.01 -19.52
C LYS A 90 -2.47 0.88 -18.63
N ASP B 14 -2.47 -10.52 15.56
CA ASP B 14 -2.05 -9.97 14.28
C ASP B 14 -2.54 -10.83 13.12
N VAL B 15 -2.32 -12.16 13.14
CA VAL B 15 -2.91 -13.14 12.22
C VAL B 15 -4.43 -13.07 12.16
N LEU B 16 -5.11 -13.02 13.33
CA LEU B 16 -6.53 -12.84 13.45
C LEU B 16 -7.07 -11.59 12.75
N ALA B 17 -6.37 -10.43 12.86
CA ALA B 17 -6.79 -9.21 12.17
C ALA B 17 -6.29 -9.19 10.73
N GLY B 18 -5.20 -9.91 10.40
CA GLY B 18 -4.85 -10.27 9.03
C GLY B 18 -3.39 -10.11 8.72
N LEU B 19 -2.72 -9.17 9.38
CA LEU B 19 -1.41 -8.68 9.00
C LEU B 19 -0.26 -9.51 9.52
N THR B 20 0.76 -9.75 8.69
CA THR B 20 1.99 -10.42 9.11
C THR B 20 2.90 -9.48 9.92
N ALA B 21 3.78 -10.06 10.77
CA ALA B 21 5.00 -9.46 11.31
C ALA B 21 5.71 -8.42 10.44
N ARG B 22 5.94 -8.68 9.13
CA ARG B 22 6.72 -7.76 8.32
C ARG B 22 5.96 -6.48 7.98
N GLU B 23 4.62 -6.63 7.91
CA GLU B 23 3.65 -5.61 7.60
C GLU B 23 3.43 -4.73 8.82
N ALA B 24 3.49 -5.32 10.03
CA ALA B 24 3.60 -4.60 11.28
C ALA B 24 4.93 -3.84 11.39
N LYS B 25 6.02 -4.39 10.81
CA LYS B 25 7.32 -3.72 10.79
C LYS B 25 7.25 -2.46 9.92
N VAL B 26 6.52 -2.43 8.78
CA VAL B 26 6.26 -1.19 8.01
C VAL B 26 5.58 -0.08 8.83
N LEU B 27 4.62 -0.48 9.69
CA LEU B 27 3.86 0.41 10.58
C LEU B 27 4.77 1.06 11.62
N ARG B 28 5.62 0.25 12.25
CA ARG B 28 6.75 0.67 13.05
C ARG B 28 7.81 1.45 12.27
N MET B 29 8.22 1.11 11.04
CA MET B 29 9.26 1.89 10.37
C MET B 29 8.79 3.23 9.81
N ARG B 30 7.90 3.19 8.80
CA ARG B 30 7.60 4.33 7.95
C ARG B 30 6.42 5.12 8.48
N PHE B 31 5.35 4.44 8.98
CA PHE B 31 4.19 5.09 9.59
C PHE B 31 4.55 5.68 10.95
N GLY B 32 5.58 5.14 11.62
CA GLY B 32 6.07 5.61 12.90
C GLY B 32 5.24 5.23 14.10
N ILE B 33 4.54 4.09 14.06
CA ILE B 33 3.69 3.64 15.15
C ILE B 33 4.40 2.57 15.96
N ASP B 34 4.50 2.75 17.28
CA ASP B 34 5.22 1.84 18.15
C ASP B 34 4.33 0.69 18.62
N MET B 35 4.20 -0.40 17.83
CA MET B 35 3.53 -1.61 18.27
C MET B 35 4.52 -2.62 18.86
N ASN B 36 5.17 -2.30 19.99
CA ASN B 36 6.17 -3.17 20.59
C ASN B 36 5.81 -3.59 22.01
N THR B 37 4.93 -2.85 22.71
CA THR B 37 4.49 -3.17 24.06
C THR B 37 3.16 -3.92 24.05
N ASP B 38 2.38 -3.78 25.12
CA ASP B 38 1.22 -4.57 25.48
C ASP B 38 0.04 -4.30 24.55
N TYR B 39 -0.37 -5.31 23.74
CA TYR B 39 -1.46 -5.17 22.78
C TYR B 39 -2.48 -6.28 23.00
N THR B 40 -3.41 -6.08 23.93
CA THR B 40 -4.54 -6.96 24.18
C THR B 40 -5.56 -6.93 23.03
N LEU B 41 -6.56 -7.81 23.02
CA LEU B 41 -7.31 -8.16 21.80
C LEU B 41 -8.38 -7.11 21.47
N GLU B 42 -8.83 -6.36 22.47
CA GLU B 42 -9.59 -5.13 22.25
C GLU B 42 -8.69 -4.03 21.68
N GLU B 43 -7.46 -3.86 22.19
CA GLU B 43 -6.45 -2.93 21.70
C GLU B 43 -6.01 -3.18 20.26
N VAL B 44 -5.84 -4.44 19.83
CA VAL B 44 -5.74 -4.83 18.42
C VAL B 44 -6.93 -4.39 17.57
N GLY B 45 -8.17 -4.59 18.06
CA GLY B 45 -9.36 -4.07 17.39
C GLY B 45 -9.37 -2.56 17.31
N LYS B 46 -8.87 -1.88 18.37
CA LYS B 46 -8.96 -0.44 18.52
C LYS B 46 -7.90 0.23 17.64
N GLN B 47 -6.80 -0.48 17.29
CA GLN B 47 -5.88 -0.04 16.26
C GLN B 47 -6.43 -0.25 14.84
N PHE B 48 -7.44 -1.12 14.65
CA PHE B 48 -8.16 -1.23 13.39
C PHE B 48 -9.15 -0.10 13.13
N ASP B 49 -9.57 0.59 14.21
CA ASP B 49 -9.98 1.97 14.20
C ASP B 49 -8.81 2.93 13.92
N VAL B 50 -7.91 3.11 14.91
CA VAL B 50 -6.92 4.18 14.99
C VAL B 50 -5.90 4.15 13.84
N THR B 51 -5.01 3.14 13.71
CA THR B 51 -4.20 2.92 12.50
C THR B 51 -4.93 2.92 11.15
N ARG B 52 -6.20 2.47 11.04
CA ARG B 52 -6.94 2.62 9.77
C ARG B 52 -7.28 4.08 9.51
N GLU B 53 -7.83 4.78 10.53
CA GLU B 53 -8.05 6.20 10.58
C GLU B 53 -6.81 7.00 10.20
N ARG B 54 -5.62 6.60 10.72
CA ARG B 54 -4.33 7.14 10.35
C ARG B 54 -4.05 7.13 8.87
N ILE B 55 -4.36 6.02 8.15
CA ILE B 55 -4.24 5.93 6.70
C ILE B 55 -5.07 6.97 6.02
N ARG B 56 -6.33 7.20 6.46
CA ARG B 56 -7.24 8.10 5.77
C ARG B 56 -6.82 9.56 6.01
N GLN B 57 -6.01 9.79 7.06
CA GLN B 57 -5.28 11.01 7.30
C GLN B 57 -4.03 11.14 6.43
N ILE B 58 -3.28 10.07 6.13
CA ILE B 58 -2.16 10.08 5.17
C ILE B 58 -2.58 10.53 3.77
N GLU B 59 -3.74 9.96 3.36
CA GLU B 59 -4.53 10.18 2.15
C GLU B 59 -4.88 11.65 1.99
N ALA B 60 -5.50 12.26 3.03
CA ALA B 60 -5.74 13.69 3.15
C ALA B 60 -4.60 14.61 2.71
N LYS B 61 -3.33 14.27 3.03
CA LYS B 61 -2.17 15.04 2.59
C LYS B 61 -1.78 14.72 1.16
N ALA B 62 -1.75 13.42 0.81
CA ALA B 62 -1.42 12.92 -0.51
C ALA B 62 -2.29 13.49 -1.64
N LEU B 63 -3.61 13.64 -1.42
CA LEU B 63 -4.52 14.28 -2.37
C LEU B 63 -4.26 15.76 -2.65
N ARG B 64 -3.49 16.43 -1.78
CA ARG B 64 -3.13 17.83 -1.88
C ARG B 64 -1.74 17.90 -2.52
N LYS B 65 -0.84 16.94 -2.27
CA LYS B 65 0.40 16.83 -3.02
C LYS B 65 0.24 16.48 -4.50
N LEU B 66 -0.81 15.72 -4.88
CA LEU B 66 -1.04 15.34 -6.26
C LEU B 66 -1.94 16.34 -6.99
N ARG B 67 -1.30 17.23 -7.79
CA ARG B 67 -1.90 18.30 -8.57
C ARG B 67 -3.08 18.00 -9.48
N HIS B 68 -2.89 17.21 -10.56
CA HIS B 68 -3.82 17.22 -11.68
C HIS B 68 -5.03 16.34 -11.47
N PRO B 69 -6.22 16.64 -12.02
CA PRO B 69 -7.37 15.74 -11.92
C PRO B 69 -7.25 14.45 -12.72
N SER B 70 -7.90 13.39 -12.25
CA SER B 70 -8.09 12.12 -12.95
C SER B 70 -9.13 11.27 -12.25
N ARG B 71 -9.31 11.43 -10.91
CA ARG B 71 -10.25 10.65 -10.13
C ARG B 71 -11.68 11.11 -10.35
N SER B 72 -12.40 10.47 -11.29
CA SER B 72 -13.83 10.67 -11.50
C SER B 72 -14.65 9.87 -10.50
N GLU B 73 -14.07 8.79 -9.96
CA GLU B 73 -14.74 7.80 -9.13
C GLU B 73 -15.06 8.28 -7.71
N VAL B 74 -16.14 9.06 -7.56
CA VAL B 74 -16.74 9.38 -6.29
C VAL B 74 -18.24 9.55 -6.52
N LEU B 75 -19.12 8.78 -5.84
CA LEU B 75 -20.56 8.94 -5.95
C LEU B 75 -21.11 9.66 -4.74
N ARG B 76 -21.77 10.83 -4.95
CA ARG B 76 -22.20 11.72 -3.89
C ARG B 76 -23.71 11.94 -3.89
N SER B 77 -24.28 12.34 -5.04
CA SER B 77 -25.58 13.03 -5.11
C SER B 77 -26.81 12.14 -4.90
N PHE B 78 -27.27 12.04 -3.63
CA PHE B 78 -28.49 11.39 -3.15
C PHE B 78 -29.00 10.16 -3.90
N LEU B 79 -28.11 9.20 -4.12
CA LEU B 79 -28.32 7.91 -4.74
C LEU B 79 -28.89 6.88 -3.76
N ASP B 80 -30.19 6.51 -3.94
CA ASP B 80 -30.84 5.38 -3.31
C ASP B 80 -30.85 5.44 -1.79
N ASP B 81 -31.36 6.54 -1.21
CA ASP B 81 -31.46 6.71 0.21
C ASP B 81 -32.91 7.12 0.56
N ASN A 2 20.69 0.10 -5.70
CA ASN A 2 21.01 -0.75 -6.82
C ASN A 2 20.55 -2.16 -6.49
N LYS A 3 19.25 -2.19 -6.19
CA LYS A 3 18.39 -3.34 -6.14
C LYS A 3 17.08 -3.01 -6.81
N ASN A 4 16.39 -3.99 -7.43
CA ASN A 4 15.12 -3.74 -8.08
C ASN A 4 14.02 -4.37 -7.24
N ILE A 5 14.15 -5.68 -6.89
CA ILE A 5 13.16 -6.43 -6.14
C ILE A 5 13.05 -5.99 -4.68
N ASP A 6 14.00 -5.17 -4.17
CA ASP A 6 13.97 -4.63 -2.82
C ASP A 6 13.17 -3.33 -2.73
N THR A 7 12.59 -2.88 -3.86
CA THR A 7 11.69 -1.74 -3.93
C THR A 7 10.33 -2.36 -4.07
N VAL A 8 10.26 -3.32 -5.01
CA VAL A 8 9.12 -4.23 -5.22
C VAL A 8 8.67 -4.87 -3.90
N ARG A 9 9.59 -5.47 -3.10
CA ARG A 9 9.37 -5.89 -1.71
C ARG A 9 8.79 -4.82 -0.78
N GLU A 10 9.35 -3.58 -0.78
CA GLU A 10 8.82 -2.43 -0.06
C GLU A 10 7.38 -2.12 -0.43
N ILE A 11 7.12 -1.76 -1.70
CA ILE A 11 5.81 -1.55 -2.32
C ILE A 11 4.81 -2.65 -2.00
N ILE A 12 5.21 -3.92 -2.14
CA ILE A 12 4.34 -5.07 -1.89
C ILE A 12 4.02 -5.19 -0.40
N THR A 13 5.00 -4.91 0.49
CA THR A 13 4.75 -4.75 1.92
C THR A 13 3.74 -3.67 2.23
N VAL A 14 3.97 -2.42 1.77
CA VAL A 14 3.13 -1.27 2.03
C VAL A 14 1.72 -1.42 1.46
N ALA A 15 1.66 -1.93 0.20
CA ALA A 15 0.43 -2.14 -0.53
C ALA A 15 -0.40 -3.27 0.04
N SER A 16 0.16 -4.13 0.93
CA SER A 16 -0.49 -5.33 1.41
C SER A 16 -1.64 -4.89 2.31
N ILE A 17 -1.18 -4.16 3.37
CA ILE A 17 -1.82 -3.21 4.27
C ILE A 17 -3.00 -2.43 3.67
N LEU A 18 -2.84 -1.79 2.48
CA LEU A 18 -3.92 -1.11 1.74
C LEU A 18 -5.17 -1.95 1.66
N ILE A 19 -4.96 -3.21 1.22
CA ILE A 19 -6.00 -4.22 1.13
C ILE A 19 -6.36 -4.68 2.54
N LYS A 20 -5.35 -5.05 3.37
CA LYS A 20 -5.51 -5.69 4.66
C LYS A 20 -6.49 -5.06 5.67
N PHE A 21 -6.36 -3.71 5.80
CA PHE A 21 -7.09 -2.89 6.76
C PHE A 21 -8.32 -2.25 6.13
N SER A 22 -8.17 -1.55 4.99
CA SER A 22 -9.23 -0.75 4.40
C SER A 22 -10.24 -1.51 3.55
N ARG A 23 -9.70 -2.54 2.87
CA ARG A 23 -10.17 -3.13 1.64
C ARG A 23 -9.91 -2.26 0.40
N GLU A 24 -10.92 -1.93 -0.44
CA GLU A 24 -10.66 -1.38 -1.77
C GLU A 24 -10.77 0.14 -1.89
N ASP A 25 -10.84 0.87 -0.77
CA ASP A 25 -10.81 2.33 -0.69
C ASP A 25 -9.65 3.02 -1.44
N ILE A 26 -8.39 2.59 -1.22
CA ILE A 26 -7.25 3.27 -1.86
C ILE A 26 -7.02 2.70 -3.25
N VAL A 27 -6.99 1.37 -3.34
CA VAL A 27 -6.62 0.56 -4.49
C VAL A 27 -7.26 0.93 -5.81
N GLU A 28 -8.60 1.02 -5.84
CA GLU A 28 -9.43 1.46 -6.94
C GLU A 28 -8.96 2.60 -7.81
N ASN A 29 -8.41 3.70 -7.24
CA ASN A 29 -8.06 4.84 -8.05
C ASN A 29 -6.58 4.82 -8.33
N ARG A 30 -6.19 4.91 -9.62
CA ARG A 30 -4.83 4.74 -10.07
C ARG A 30 -3.88 5.80 -9.53
N ALA A 31 -4.31 7.08 -9.55
CA ALA A 31 -3.55 8.16 -8.96
C ALA A 31 -3.37 8.00 -7.45
N ASN A 32 -4.47 7.89 -6.67
CA ASN A 32 -4.49 7.69 -5.22
C ASN A 32 -3.59 6.56 -4.73
N PHE A 33 -3.59 5.44 -5.48
CA PHE A 33 -2.84 4.25 -5.22
C PHE A 33 -1.35 4.53 -5.34
N ILE A 34 -0.90 5.14 -6.47
CA ILE A 34 0.55 5.15 -6.76
C ILE A 34 1.16 6.24 -5.86
N ALA A 35 0.50 7.43 -5.79
CA ALA A 35 0.77 8.57 -4.93
C ALA A 35 0.88 8.28 -3.43
N PHE A 36 0.33 7.15 -2.98
CA PHE A 36 0.45 6.64 -1.63
C PHE A 36 1.90 6.20 -1.35
N LEU A 37 2.57 5.60 -2.35
CA LEU A 37 3.98 5.29 -2.38
C LEU A 37 4.83 6.51 -2.72
N ASN A 38 4.24 7.73 -2.80
CA ASN A 38 5.00 8.95 -2.97
C ASN A 38 5.01 9.63 -1.60
N GLU A 39 3.81 9.93 -1.06
CA GLU A 39 3.50 10.29 0.33
C GLU A 39 4.40 9.76 1.45
N ILE A 40 4.62 8.43 1.46
CA ILE A 40 5.38 7.72 2.49
C ILE A 40 6.82 7.51 2.04
N GLY A 41 7.17 7.87 0.78
CA GLY A 41 8.53 7.92 0.30
C GLY A 41 9.16 6.60 -0.04
N VAL A 42 8.65 5.88 -1.05
CA VAL A 42 9.32 4.68 -1.55
C VAL A 42 10.04 5.10 -2.82
N THR A 43 11.38 4.95 -2.85
CA THR A 43 12.17 5.32 -4.03
C THR A 43 12.93 4.13 -4.60
N HIS A 44 13.50 4.34 -5.80
CA HIS A 44 14.29 3.36 -6.52
C HIS A 44 15.06 4.10 -7.58
N GLU A 45 16.42 4.03 -7.71
CA GLU A 45 17.12 4.66 -8.85
C GLU A 45 17.24 6.18 -8.69
N GLY A 46 16.69 6.68 -7.58
CA GLY A 46 16.79 8.05 -7.11
C GLY A 46 15.50 8.81 -7.30
N ARG A 47 14.44 8.14 -7.79
CA ARG A 47 13.14 8.74 -8.01
C ARG A 47 12.13 8.22 -7.03
N LYS A 48 11.16 9.07 -6.61
CA LYS A 48 9.89 8.61 -6.05
C LYS A 48 9.07 8.08 -7.21
N LEU A 49 8.59 6.83 -7.13
CA LEU A 49 8.01 6.17 -8.29
C LEU A 49 6.59 6.61 -8.62
N ASN A 50 6.47 7.63 -9.50
CA ASN A 50 5.20 8.03 -10.08
C ASN A 50 4.75 7.05 -11.15
N GLN A 51 3.59 7.33 -11.80
CA GLN A 51 2.86 6.52 -12.76
C GLN A 51 3.70 5.66 -13.71
N ASN A 52 4.50 6.33 -14.56
CA ASN A 52 5.60 5.85 -15.38
C ASN A 52 6.54 4.87 -14.69
N SER A 53 7.28 5.38 -13.71
CA SER A 53 8.43 4.74 -13.09
C SER A 53 8.05 3.47 -12.34
N PHE A 54 6.86 3.49 -11.70
CA PHE A 54 6.23 2.37 -11.03
C PHE A 54 5.90 1.21 -11.98
N ARG A 55 5.09 1.45 -13.04
CA ARG A 55 4.70 0.38 -13.94
C ARG A 55 5.86 -0.20 -14.73
N LYS A 56 6.85 0.66 -15.07
CA LYS A 56 8.11 0.26 -15.67
C LYS A 56 8.88 -0.74 -14.83
N ILE A 57 9.22 -0.41 -13.57
CA ILE A 57 9.99 -1.29 -12.71
C ILE A 57 9.26 -2.60 -12.44
N VAL A 58 7.91 -2.57 -12.22
CA VAL A 58 7.16 -3.76 -11.78
C VAL A 58 6.97 -4.69 -12.97
N SER A 59 7.01 -4.17 -14.23
CA SER A 59 6.78 -5.00 -15.42
C SER A 59 8.05 -5.78 -15.77
N GLU A 60 9.18 -5.05 -15.80
CA GLU A 60 10.41 -5.46 -16.44
C GLU A 60 11.35 -6.26 -15.57
N LEU A 61 10.92 -6.65 -14.36
CA LEU A 61 11.76 -7.37 -13.42
C LEU A 61 11.94 -8.85 -13.77
N THR A 62 12.70 -9.57 -12.93
CA THR A 62 13.06 -10.95 -13.13
C THR A 62 12.05 -11.90 -12.51
N GLN A 63 11.92 -13.10 -13.09
CA GLN A 63 11.00 -14.17 -12.74
C GLN A 63 11.28 -14.85 -11.40
N GLU A 64 12.54 -15.18 -11.07
CA GLU A 64 12.87 -15.95 -9.87
C GLU A 64 12.63 -15.17 -8.58
N ASP A 65 13.31 -14.01 -8.46
CA ASP A 65 12.98 -12.85 -7.63
C ASP A 65 11.54 -12.63 -7.19
N LYS A 66 10.59 -12.63 -8.15
CA LYS A 66 9.21 -12.27 -7.87
C LYS A 66 8.41 -13.48 -7.41
N LYS A 67 8.89 -14.70 -7.75
CA LYS A 67 8.22 -15.92 -7.38
C LYS A 67 8.58 -16.26 -5.95
N THR A 68 9.83 -15.90 -5.56
CA THR A 68 10.34 -15.92 -4.20
C THR A 68 9.51 -15.04 -3.28
N LEU A 69 9.17 -13.80 -3.71
CA LEU A 69 8.13 -12.98 -3.11
C LEU A 69 6.75 -13.63 -3.03
N ILE A 70 6.31 -14.50 -3.97
CA ILE A 70 4.88 -14.86 -4.03
C ILE A 70 4.76 -16.05 -3.09
N ASP A 71 5.81 -16.92 -3.08
CA ASP A 71 5.92 -18.08 -2.22
C ASP A 71 5.95 -17.68 -0.74
N GLU A 72 6.65 -16.58 -0.39
CA GLU A 72 6.57 -16.00 0.94
C GLU A 72 5.23 -15.31 1.20
N PHE A 73 4.83 -14.35 0.35
CA PHE A 73 3.61 -13.57 0.54
C PHE A 73 2.62 -13.74 -0.60
N ASN A 74 1.63 -14.65 -0.45
CA ASN A 74 0.58 -14.86 -1.44
C ASN A 74 -0.42 -13.70 -1.49
N GLU A 75 -1.02 -13.32 -0.33
CA GLU A 75 -1.90 -12.16 -0.20
C GLU A 75 -1.16 -10.86 -0.46
N GLY A 76 0.12 -10.81 -0.03
CA GLY A 76 1.00 -9.68 -0.29
C GLY A 76 1.28 -9.47 -1.76
N PHE A 77 1.90 -10.44 -2.45
CA PHE A 77 2.25 -10.23 -3.85
C PHE A 77 1.05 -10.35 -4.77
N GLU A 78 0.33 -11.50 -4.81
CA GLU A 78 -0.77 -11.63 -5.74
C GLU A 78 -1.95 -10.76 -5.40
N GLY A 79 -2.28 -10.49 -4.12
CA GLY A 79 -3.36 -9.56 -3.77
C GLY A 79 -3.26 -8.22 -4.45
N VAL A 80 -2.08 -7.59 -4.40
CA VAL A 80 -1.78 -6.37 -5.12
C VAL A 80 -1.80 -6.55 -6.64
N TYR A 81 -1.09 -7.55 -7.20
CA TYR A 81 -1.11 -7.99 -8.61
C TYR A 81 -2.51 -8.14 -9.24
N ARG A 82 -3.38 -8.87 -8.53
CA ARG A 82 -4.73 -9.20 -8.96
C ARG A 82 -5.57 -7.94 -9.12
N TYR A 83 -5.50 -7.01 -8.13
CA TYR A 83 -6.10 -5.69 -8.25
C TYR A 83 -5.40 -4.79 -9.27
N LEU A 84 -4.06 -4.83 -9.36
CA LEU A 84 -3.27 -4.03 -10.28
C LEU A 84 -3.61 -4.32 -11.73
N GLU A 85 -3.72 -5.62 -12.11
CA GLU A 85 -4.21 -6.09 -13.39
C GLU A 85 -5.64 -5.64 -13.68
N MET A 86 -6.53 -5.70 -12.67
CA MET A 86 -7.93 -5.34 -12.76
C MET A 86 -8.17 -3.86 -13.05
N TYR A 87 -7.62 -2.96 -12.22
CA TYR A 87 -7.88 -1.54 -12.31
C TYR A 87 -7.04 -0.83 -13.36
N THR A 88 -5.75 -1.24 -13.53
CA THR A 88 -4.80 -0.54 -14.39
C THR A 88 -4.81 -1.14 -15.76
N ASN A 89 -5.56 -0.53 -16.71
CA ASN A 89 -5.86 -1.18 -17.97
C ASN A 89 -4.96 -0.70 -19.11
N LYS A 90 -3.96 -1.52 -19.49
CA LYS A 90 -3.02 -1.27 -20.57
C LYS A 90 -2.19 -0.01 -20.41
N ASP B 14 -2.33 -12.82 14.97
CA ASP B 14 -2.20 -12.78 13.51
C ASP B 14 -3.20 -13.69 12.79
N VAL B 15 -3.39 -14.93 13.27
CA VAL B 15 -4.59 -15.75 13.12
C VAL B 15 -5.89 -14.99 13.30
N LEU B 16 -6.01 -14.12 14.33
CA LEU B 16 -7.18 -13.29 14.46
C LEU B 16 -7.39 -12.24 13.35
N ALA B 17 -6.63 -11.11 13.30
CA ALA B 17 -7.00 -10.00 12.38
C ALA B 17 -6.38 -10.10 11.00
N GLY B 18 -5.25 -10.85 10.78
CA GLY B 18 -4.80 -11.19 9.43
C GLY B 18 -3.47 -10.63 9.04
N LEU B 19 -2.94 -9.63 9.78
CA LEU B 19 -1.72 -8.94 9.41
C LEU B 19 -0.43 -9.63 9.83
N THR B 20 0.48 -9.70 8.83
CA THR B 20 1.77 -10.35 8.90
C THR B 20 2.76 -9.55 9.73
N ALA B 21 3.77 -10.20 10.35
CA ALA B 21 4.91 -9.56 11.01
C ALA B 21 5.65 -8.58 10.10
N ARG B 22 5.70 -8.87 8.78
CA ARG B 22 6.33 -8.00 7.80
C ARG B 22 5.63 -6.65 7.67
N GLU B 23 4.29 -6.69 7.76
CA GLU B 23 3.39 -5.55 7.69
C GLU B 23 3.45 -4.73 8.97
N ALA B 24 3.51 -5.41 10.14
CA ALA B 24 3.64 -4.79 11.44
C ALA B 24 5.00 -4.16 11.66
N LYS B 25 6.08 -4.75 11.10
CA LYS B 25 7.38 -4.14 10.91
C LYS B 25 7.31 -2.72 10.35
N VAL B 26 6.79 -2.58 9.10
CA VAL B 26 6.81 -1.33 8.35
C VAL B 26 5.92 -0.23 8.94
N LEU B 27 4.89 -0.61 9.73
CA LEU B 27 4.03 0.31 10.46
C LEU B 27 4.83 1.19 11.43
N ARG B 28 5.76 0.59 12.18
CA ARG B 28 6.66 1.35 13.03
C ARG B 28 7.97 1.75 12.38
N MET B 29 8.21 1.39 11.11
CA MET B 29 9.35 1.94 10.39
C MET B 29 8.94 3.24 9.71
N ARG B 30 7.96 3.15 8.78
CA ARG B 30 7.51 4.26 7.96
C ARG B 30 6.37 5.05 8.59
N PHE B 31 5.25 4.36 8.90
CA PHE B 31 3.97 4.97 9.22
C PHE B 31 4.00 5.72 10.54
N GLY B 32 4.91 5.33 11.46
CA GLY B 32 5.15 5.99 12.73
C GLY B 32 4.12 5.68 13.81
N ILE B 33 3.61 4.44 13.86
CA ILE B 33 2.77 3.96 14.96
C ILE B 33 3.61 2.96 15.72
N ASP B 34 3.79 3.16 17.04
CA ASP B 34 4.66 2.36 17.87
C ASP B 34 3.97 1.07 18.30
N MET B 35 4.67 -0.08 18.30
CA MET B 35 4.15 -1.31 18.85
C MET B 35 5.25 -2.05 19.62
N ASN B 36 5.59 -1.60 20.84
CA ASN B 36 6.30 -2.41 21.80
C ASN B 36 5.47 -2.43 23.08
N THR B 37 4.21 -2.88 22.99
CA THR B 37 3.27 -2.76 24.09
C THR B 37 2.64 -4.10 24.43
N ASP B 38 1.93 -4.16 25.55
CA ASP B 38 0.92 -5.15 25.92
C ASP B 38 -0.29 -5.09 25.00
N TYR B 39 -0.70 -6.25 24.44
CA TYR B 39 -1.77 -6.33 23.45
C TYR B 39 -2.85 -7.28 23.90
N THR B 40 -4.06 -6.77 24.17
CA THR B 40 -5.26 -7.60 24.15
C THR B 40 -5.76 -7.65 22.72
N LEU B 41 -6.90 -8.33 22.46
CA LEU B 41 -7.52 -8.22 21.15
C LEU B 41 -8.38 -6.98 21.05
N GLU B 42 -8.64 -6.28 22.18
CA GLU B 42 -9.33 -5.00 22.15
C GLU B 42 -8.33 -3.90 21.82
N GLU B 43 -7.07 -4.00 22.30
CA GLU B 43 -5.97 -3.13 21.90
C GLU B 43 -5.68 -3.23 20.41
N VAL B 44 -5.65 -4.43 19.81
CA VAL B 44 -5.64 -4.64 18.35
C VAL B 44 -6.74 -3.85 17.60
N GLY B 45 -7.97 -3.79 18.16
CA GLY B 45 -9.07 -2.98 17.61
C GLY B 45 -8.85 -1.49 17.70
N LYS B 46 -8.18 -1.03 18.76
CA LYS B 46 -7.67 0.31 18.97
C LYS B 46 -6.48 0.61 18.05
N GLN B 47 -5.57 -0.34 17.78
CA GLN B 47 -4.57 -0.20 16.73
C GLN B 47 -5.19 -0.09 15.35
N PHE B 48 -6.37 -0.69 15.11
CA PHE B 48 -7.16 -0.57 13.89
C PHE B 48 -7.77 0.82 13.73
N ASP B 49 -8.49 1.31 14.77
CA ASP B 49 -8.94 2.69 14.92
C ASP B 49 -7.89 3.78 14.72
N VAL B 50 -6.64 3.56 15.17
CA VAL B 50 -5.54 4.45 14.85
C VAL B 50 -5.11 4.25 13.41
N THR B 51 -4.45 3.12 13.08
CA THR B 51 -3.97 2.73 11.75
C THR B 51 -4.88 2.96 10.56
N ARG B 52 -6.15 2.46 10.54
CA ARG B 52 -7.00 2.52 9.36
C ARG B 52 -7.32 3.96 9.01
N GLU B 53 -7.68 4.72 10.06
CA GLU B 53 -7.89 6.14 9.96
C GLU B 53 -6.64 6.95 9.65
N ARG B 54 -5.46 6.66 10.26
CA ARG B 54 -4.18 7.25 9.90
C ARG B 54 -3.82 7.07 8.44
N ILE B 55 -4.16 5.92 7.84
CA ILE B 55 -4.04 5.66 6.43
C ILE B 55 -4.86 6.63 5.60
N ARG B 56 -6.07 7.11 6.03
CA ARG B 56 -6.87 8.09 5.27
C ARG B 56 -6.27 9.51 5.44
N GLN B 57 -5.49 9.79 6.51
CA GLN B 57 -4.62 10.98 6.58
C GLN B 57 -3.50 10.94 5.55
N ILE B 58 -2.90 9.77 5.28
CA ILE B 58 -2.03 9.51 4.14
C ILE B 58 -2.72 9.78 2.79
N GLU B 59 -3.96 9.26 2.59
CA GLU B 59 -4.80 9.51 1.41
C GLU B 59 -5.01 11.00 1.20
N ALA B 60 -5.49 11.72 2.25
CA ALA B 60 -5.70 13.16 2.33
C ALA B 60 -4.49 13.96 1.89
N LYS B 61 -3.28 13.65 2.42
CA LYS B 61 -2.07 14.32 2.01
C LYS B 61 -1.67 13.98 0.59
N ALA B 62 -1.71 12.69 0.20
CA ALA B 62 -1.46 12.28 -1.18
C ALA B 62 -2.37 12.94 -2.22
N LEU B 63 -3.66 13.21 -1.89
CA LEU B 63 -4.56 13.94 -2.78
C LEU B 63 -4.29 15.44 -2.84
N ARG B 64 -3.51 15.97 -1.89
CA ARG B 64 -2.98 17.32 -1.85
C ARG B 64 -1.64 17.33 -2.58
N LYS B 65 -0.79 16.29 -2.48
CA LYS B 65 0.44 16.20 -3.24
C LYS B 65 0.28 16.07 -4.75
N LEU B 66 -0.88 15.58 -5.26
CA LEU B 66 -1.15 15.59 -6.69
C LEU B 66 -1.58 16.97 -7.20
N ARG B 67 -1.40 17.16 -8.53
CA ARG B 67 -1.34 18.43 -9.20
C ARG B 67 -2.62 18.63 -9.97
N HIS B 68 -2.98 17.67 -10.84
CA HIS B 68 -4.37 17.52 -11.22
C HIS B 68 -5.04 16.74 -10.10
N PRO B 69 -6.27 17.01 -9.68
CA PRO B 69 -6.94 16.18 -8.69
C PRO B 69 -7.31 14.85 -9.29
N SER B 70 -7.62 13.85 -8.47
CA SER B 70 -7.98 12.53 -8.98
C SER B 70 -9.47 12.37 -8.98
N ARG B 71 -10.19 12.78 -7.89
CA ARG B 71 -11.63 12.59 -7.79
C ARG B 71 -12.30 13.69 -8.62
N SER B 72 -12.83 13.26 -9.78
CA SER B 72 -13.31 14.07 -10.87
C SER B 72 -14.71 14.58 -10.59
N GLU B 73 -15.67 13.66 -10.37
CA GLU B 73 -17.05 13.97 -10.04
C GLU B 73 -17.18 14.54 -8.62
N VAL B 74 -18.24 15.32 -8.33
CA VAL B 74 -18.58 15.72 -6.96
C VAL B 74 -19.09 14.52 -6.19
N LEU B 75 -18.39 14.09 -5.12
CA LEU B 75 -18.90 13.08 -4.21
C LEU B 75 -19.36 13.73 -2.92
N ARG B 76 -19.60 12.94 -1.85
CA ARG B 76 -20.10 13.46 -0.59
C ARG B 76 -19.07 14.31 0.16
N SER B 77 -17.81 14.38 -0.32
CA SER B 77 -16.77 15.20 0.28
C SER B 77 -17.04 16.69 0.26
N PHE B 78 -17.69 17.27 -0.81
CA PHE B 78 -17.94 18.72 -0.87
C PHE B 78 -19.28 19.03 -0.22
N LEU B 79 -20.09 18.01 0.14
CA LEU B 79 -21.42 18.19 0.69
C LEU B 79 -21.35 18.57 2.17
N ASP B 80 -22.45 19.14 2.66
CA ASP B 80 -22.56 19.74 3.96
C ASP B 80 -23.41 18.91 4.91
N ASP B 81 -24.31 19.54 5.68
CA ASP B 81 -25.23 18.86 6.56
C ASP B 81 -26.39 18.25 5.73
N ASN A 2 20.98 -1.53 -3.34
CA ASN A 2 21.10 -2.95 -3.59
C ASN A 2 20.45 -3.30 -4.91
N LYS A 3 19.25 -3.91 -4.90
CA LYS A 3 18.59 -4.40 -6.11
C LYS A 3 17.11 -4.03 -6.06
N ASN A 4 16.41 -4.05 -7.21
CA ASN A 4 14.96 -3.89 -7.34
C ASN A 4 14.11 -4.83 -6.48
N ILE A 5 14.59 -6.04 -6.12
CA ILE A 5 13.81 -7.03 -5.36
C ILE A 5 13.50 -6.51 -3.95
N ASP A 6 14.46 -5.74 -3.41
CA ASP A 6 14.39 -5.05 -2.13
C ASP A 6 13.30 -3.98 -2.10
N THR A 7 13.19 -3.19 -3.19
CA THR A 7 12.10 -2.26 -3.44
C THR A 7 10.76 -2.96 -3.49
N VAL A 8 10.72 -4.07 -4.26
CA VAL A 8 9.57 -4.97 -4.38
C VAL A 8 9.13 -5.52 -3.02
N ARG A 9 10.03 -6.06 -2.19
CA ARG A 9 9.80 -6.39 -0.78
C ARG A 9 9.14 -5.26 0.03
N GLU A 10 9.61 -4.01 -0.13
CA GLU A 10 8.95 -2.82 0.41
C GLU A 10 7.55 -2.63 -0.15
N ILE A 11 7.37 -2.44 -1.50
CA ILE A 11 6.10 -2.31 -2.23
C ILE A 11 5.04 -3.31 -1.78
N ILE A 12 5.41 -4.60 -1.73
CA ILE A 12 4.56 -5.70 -1.31
C ILE A 12 4.18 -5.59 0.17
N THR A 13 5.14 -5.31 1.05
CA THR A 13 4.88 -5.06 2.47
C THR A 13 4.01 -3.82 2.72
N VAL A 14 4.36 -2.65 2.17
CA VAL A 14 3.67 -1.38 2.42
C VAL A 14 2.28 -1.35 1.79
N ALA A 15 2.09 -2.04 0.65
CA ALA A 15 0.77 -2.23 0.08
C ALA A 15 -0.06 -3.24 0.85
N SER A 16 0.54 -4.15 1.67
CA SER A 16 -0.23 -5.22 2.34
C SER A 16 -1.10 -4.57 3.42
N ILE A 17 -0.47 -3.66 4.18
CA ILE A 17 -1.05 -2.59 5.01
C ILE A 17 -2.28 -1.92 4.41
N LEU A 18 -2.13 -1.25 3.25
CA LEU A 18 -3.22 -0.60 2.53
C LEU A 18 -4.44 -1.50 2.32
N ILE A 19 -4.12 -2.72 1.88
CA ILE A 19 -4.98 -3.87 1.65
C ILE A 19 -5.68 -4.36 2.93
N LYS A 20 -4.96 -4.74 4.02
CA LYS A 20 -5.60 -5.36 5.18
C LYS A 20 -6.49 -4.36 5.93
N PHE A 21 -5.94 -3.15 6.12
CA PHE A 21 -6.55 -2.09 6.91
C PHE A 21 -7.72 -1.45 6.17
N SER A 22 -7.54 -1.01 4.92
CA SER A 22 -8.54 -0.19 4.23
C SER A 22 -9.11 -0.87 2.98
N ARG A 23 -8.50 -1.97 2.52
CA ARG A 23 -8.92 -2.80 1.40
C ARG A 23 -9.28 -2.06 0.12
N GLU A 24 -10.53 -2.11 -0.37
CA GLU A 24 -10.87 -1.61 -1.69
C GLU A 24 -11.33 -0.18 -1.64
N ASP A 25 -11.42 0.43 -0.44
CA ASP A 25 -11.73 1.82 -0.24
C ASP A 25 -10.65 2.72 -0.84
N ILE A 26 -9.38 2.55 -0.46
CA ILE A 26 -8.32 3.42 -0.93
C ILE A 26 -7.73 2.94 -2.25
N VAL A 27 -7.36 1.64 -2.34
CA VAL A 27 -6.88 0.90 -3.50
C VAL A 27 -7.57 1.21 -4.83
N GLU A 28 -8.92 1.31 -4.86
CA GLU A 28 -9.71 1.53 -6.08
C GLU A 28 -9.30 2.74 -6.92
N ASN A 29 -8.71 3.77 -6.25
CA ASN A 29 -8.43 5.06 -6.83
C ASN A 29 -7.02 4.98 -7.41
N ARG A 30 -6.83 4.70 -8.71
CA ARG A 30 -5.54 4.23 -9.22
C ARG A 30 -4.41 5.26 -9.16
N ALA A 31 -4.71 6.56 -9.31
CA ALA A 31 -3.78 7.62 -8.98
C ALA A 31 -3.42 7.70 -7.50
N ASN A 32 -4.41 7.72 -6.58
CA ASN A 32 -4.22 7.71 -5.13
C ASN A 32 -3.36 6.56 -4.61
N PHE A 33 -3.57 5.33 -5.11
CA PHE A 33 -2.81 4.14 -4.71
C PHE A 33 -1.31 4.35 -4.88
N ILE A 34 -0.90 4.84 -6.07
CA ILE A 34 0.53 4.99 -6.39
C ILE A 34 1.07 6.19 -5.58
N ALA A 35 0.22 7.24 -5.45
CA ALA A 35 0.45 8.41 -4.60
C ALA A 35 0.71 8.13 -3.14
N PHE A 36 0.19 7.02 -2.58
CA PHE A 36 0.39 6.59 -1.21
C PHE A 36 1.84 6.19 -0.97
N LEU A 37 2.48 5.63 -2.01
CA LEU A 37 3.91 5.36 -2.00
C LEU A 37 4.71 6.66 -2.09
N ASN A 38 4.27 7.62 -2.94
CA ASN A 38 4.97 8.89 -3.09
C ASN A 38 4.90 9.75 -1.82
N GLU A 39 3.73 9.73 -1.14
CA GLU A 39 3.41 10.35 0.14
C GLU A 39 4.51 10.27 1.19
N ILE A 40 5.02 9.03 1.44
CA ILE A 40 6.04 8.79 2.43
C ILE A 40 7.44 8.80 1.85
N GLY A 41 7.61 8.70 0.51
CA GLY A 41 8.90 8.89 -0.12
C GLY A 41 9.78 7.67 -0.16
N VAL A 42 9.30 6.58 -0.78
CA VAL A 42 10.12 5.43 -1.09
C VAL A 42 10.54 5.54 -2.55
N THR A 43 11.87 5.46 -2.88
CA THR A 43 12.34 5.65 -4.27
C THR A 43 13.01 4.41 -4.83
N HIS A 44 13.32 4.41 -6.14
CA HIS A 44 14.20 3.43 -6.74
C HIS A 44 14.99 4.16 -7.81
N GLU A 45 16.24 3.74 -8.10
CA GLU A 45 17.12 4.42 -9.07
C GLU A 45 17.47 5.88 -8.77
N GLY A 46 16.98 6.48 -7.65
CA GLY A 46 17.11 7.90 -7.37
C GLY A 46 15.83 8.64 -7.58
N ARG A 47 14.86 8.04 -8.30
CA ARG A 47 13.60 8.67 -8.67
C ARG A 47 12.50 8.26 -7.72
N LYS A 48 11.60 9.21 -7.37
CA LYS A 48 10.43 8.93 -6.58
C LYS A 48 9.45 8.22 -7.49
N LEU A 49 9.00 7.00 -7.13
CA LEU A 49 8.35 6.13 -8.10
C LEU A 49 6.92 6.54 -8.45
N ASN A 50 6.81 7.50 -9.39
CA ASN A 50 5.57 7.87 -10.04
C ASN A 50 5.14 6.77 -11.00
N GLN A 51 3.91 6.88 -11.54
CA GLN A 51 3.20 5.90 -12.33
C GLN A 51 4.02 5.13 -13.39
N ASN A 52 4.85 5.86 -14.18
CA ASN A 52 5.87 5.33 -15.08
C ASN A 52 6.81 4.32 -14.40
N SER A 53 7.59 4.77 -13.40
CA SER A 53 8.56 3.97 -12.67
C SER A 53 7.92 2.89 -11.84
N PHE A 54 6.71 3.13 -11.30
CA PHE A 54 5.96 2.16 -10.53
C PHE A 54 5.56 0.93 -11.33
N ARG A 55 5.10 1.04 -12.60
CA ARG A 55 4.82 -0.15 -13.40
C ARG A 55 6.13 -0.77 -13.91
N LYS A 56 7.16 0.07 -14.13
CA LYS A 56 8.48 -0.34 -14.59
C LYS A 56 9.18 -1.30 -13.65
N ILE A 57 9.30 -0.95 -12.35
CA ILE A 57 10.08 -1.71 -11.37
C ILE A 57 9.59 -3.13 -11.05
N VAL A 58 8.26 -3.36 -11.12
CA VAL A 58 7.56 -4.65 -11.03
C VAL A 58 7.61 -5.44 -12.35
N SER A 59 7.42 -4.78 -13.50
CA SER A 59 7.69 -5.38 -14.81
C SER A 59 9.17 -5.70 -15.08
N GLU A 60 10.15 -4.98 -14.50
CA GLU A 60 11.55 -5.36 -14.42
C GLU A 60 11.86 -6.77 -13.89
N LEU A 61 10.95 -7.41 -13.12
CA LEU A 61 11.22 -8.68 -12.48
C LEU A 61 11.34 -9.84 -13.46
N THR A 62 12.32 -10.72 -13.23
CA THR A 62 12.50 -11.96 -13.99
C THR A 62 11.46 -12.98 -13.52
N GLN A 63 11.42 -14.19 -14.10
CA GLN A 63 10.53 -15.27 -13.67
C GLN A 63 10.76 -15.79 -12.24
N GLU A 64 12.02 -16.15 -11.89
CA GLU A 64 12.36 -16.79 -10.62
C GLU A 64 12.17 -15.86 -9.41
N ASP A 65 12.88 -14.72 -9.44
CA ASP A 65 12.56 -13.42 -8.90
C ASP A 65 11.11 -13.16 -8.44
N LYS A 66 10.17 -12.94 -9.40
CA LYS A 66 8.75 -12.74 -9.10
C LYS A 66 8.07 -13.93 -8.43
N LYS A 67 8.43 -15.18 -8.83
CA LYS A 67 7.82 -16.39 -8.32
C LYS A 67 8.22 -16.63 -6.86
N THR A 68 9.46 -16.29 -6.51
CA THR A 68 10.00 -16.19 -5.15
C THR A 68 9.15 -15.32 -4.22
N LEU A 69 8.76 -14.11 -4.68
CA LEU A 69 7.89 -13.19 -3.95
C LEU A 69 6.45 -13.71 -3.87
N ILE A 70 5.92 -14.26 -4.99
CA ILE A 70 4.70 -15.07 -5.06
C ILE A 70 4.67 -16.17 -3.98
N ASP A 71 5.76 -16.95 -3.83
CA ASP A 71 5.92 -17.97 -2.81
C ASP A 71 5.91 -17.43 -1.39
N GLU A 72 6.43 -16.20 -1.18
CA GLU A 72 6.39 -15.49 0.09
C GLU A 72 5.01 -14.95 0.44
N PHE A 73 4.53 -13.94 -0.30
CA PHE A 73 3.41 -13.11 0.13
C PHE A 73 2.25 -13.18 -0.85
N ASN A 74 1.25 -14.04 -0.56
CA ASN A 74 0.13 -14.33 -1.44
C ASN A 74 -0.78 -13.13 -1.68
N GLU A 75 -1.36 -12.55 -0.60
CA GLU A 75 -2.26 -11.41 -0.71
C GLU A 75 -1.55 -10.16 -1.19
N GLY A 76 -0.28 -9.99 -0.79
CA GLY A 76 0.55 -8.88 -1.22
C GLY A 76 0.89 -8.90 -2.68
N PHE A 77 1.39 -10.04 -3.20
CA PHE A 77 1.78 -10.13 -4.60
C PHE A 77 0.58 -10.32 -5.50
N GLU A 78 -0.18 -11.44 -5.37
CA GLU A 78 -1.32 -11.74 -6.24
C GLU A 78 -2.43 -10.72 -6.12
N GLY A 79 -2.56 -10.07 -4.94
CA GLY A 79 -3.53 -9.00 -4.73
C GLY A 79 -3.28 -7.81 -5.61
N VAL A 80 -2.09 -7.17 -5.58
CA VAL A 80 -1.81 -5.99 -6.35
C VAL A 80 -1.75 -6.27 -7.85
N TYR A 81 -1.19 -7.45 -8.22
CA TYR A 81 -1.32 -8.15 -9.50
C TYR A 81 -2.74 -8.17 -10.05
N ARG A 82 -3.72 -8.78 -9.34
CA ARG A 82 -5.13 -8.79 -9.73
C ARG A 82 -5.78 -7.43 -9.86
N TYR A 83 -5.50 -6.48 -8.94
CA TYR A 83 -6.08 -5.15 -9.04
C TYR A 83 -5.50 -4.37 -10.22
N LEU A 84 -4.17 -4.45 -10.46
CA LEU A 84 -3.46 -3.75 -11.52
C LEU A 84 -4.03 -3.94 -12.91
N GLU A 85 -4.08 -5.20 -13.37
CA GLU A 85 -4.53 -5.53 -14.72
C GLU A 85 -6.04 -5.36 -14.88
N MET A 86 -6.78 -5.36 -13.76
CA MET A 86 -8.18 -5.01 -13.73
C MET A 86 -8.39 -3.51 -13.93
N TYR A 87 -7.90 -2.64 -13.02
CA TYR A 87 -8.28 -1.23 -13.02
C TYR A 87 -7.49 -0.31 -13.93
N THR A 88 -6.39 -0.77 -14.54
CA THR A 88 -5.54 0.11 -15.34
C THR A 88 -6.05 0.28 -16.77
N ASN A 89 -5.88 1.49 -17.32
CA ASN A 89 -6.07 1.82 -18.73
C ASN A 89 -5.31 0.91 -19.71
N LYS A 90 -6.00 0.30 -20.69
CA LYS A 90 -5.35 -0.45 -21.74
C LYS A 90 -5.28 0.36 -23.01
N ASP B 14 -1.55 -11.75 16.06
CA ASP B 14 -1.11 -11.37 14.71
C ASP B 14 -1.74 -12.27 13.66
N VAL B 15 -1.76 -13.61 13.90
CA VAL B 15 -2.44 -14.57 13.05
C VAL B 15 -3.92 -14.23 12.91
N LEU B 16 -4.59 -13.89 14.03
CA LEU B 16 -5.97 -13.47 14.03
C LEU B 16 -6.25 -12.24 13.22
N ALA B 17 -5.59 -11.05 13.43
CA ALA B 17 -6.04 -9.85 12.70
C ALA B 17 -5.55 -9.82 11.28
N GLY B 18 -4.43 -10.49 10.97
CA GLY B 18 -4.02 -10.76 9.59
C GLY B 18 -2.75 -10.10 9.21
N LEU B 19 -2.24 -9.17 10.05
CA LEU B 19 -0.98 -8.51 9.81
C LEU B 19 0.24 -9.29 10.31
N THR B 20 1.25 -9.40 9.42
CA THR B 20 2.56 -9.93 9.76
C THR B 20 3.38 -8.93 10.55
N ALA B 21 4.48 -9.39 11.17
CA ALA B 21 5.49 -8.57 11.83
C ALA B 21 6.13 -7.54 10.91
N ARG B 22 6.07 -7.79 9.59
CA ARG B 22 6.61 -6.97 8.52
C ARG B 22 5.75 -5.73 8.30
N GLU B 23 4.43 -5.93 8.41
CA GLU B 23 3.42 -4.92 8.26
C GLU B 23 3.39 -4.06 9.51
N ALA B 24 3.74 -4.61 10.69
CA ALA B 24 3.97 -3.86 11.92
C ALA B 24 5.30 -3.11 11.92
N LYS B 25 6.38 -3.69 11.35
CA LYS B 25 7.66 -3.06 11.01
C LYS B 25 7.47 -1.73 10.31
N VAL B 26 6.92 -1.78 9.08
CA VAL B 26 6.62 -0.67 8.21
C VAL B 26 5.74 0.42 8.85
N LEU B 27 4.85 0.06 9.80
CA LEU B 27 4.01 1.00 10.51
C LEU B 27 4.79 1.93 11.43
N ARG B 28 5.84 1.47 12.14
CA ARG B 28 6.80 2.37 12.75
C ARG B 28 7.67 3.03 11.68
N MET B 29 8.44 2.29 10.86
CA MET B 29 9.28 2.80 9.79
C MET B 29 8.78 3.97 8.93
N ARG B 30 7.58 3.86 8.35
CA ARG B 30 7.03 4.80 7.37
C ARG B 30 5.91 5.64 7.96
N PHE B 31 5.01 5.02 8.76
CA PHE B 31 3.77 5.62 9.21
C PHE B 31 3.93 6.25 10.59
N GLY B 32 5.03 5.97 11.32
CA GLY B 32 5.28 6.49 12.66
C GLY B 32 4.36 6.00 13.73
N ILE B 33 3.82 4.78 13.59
CA ILE B 33 2.90 4.17 14.54
C ILE B 33 3.60 3.03 15.25
N ASP B 34 3.65 3.03 16.59
CA ASP B 34 4.36 2.03 17.35
C ASP B 34 3.39 0.99 17.91
N MET B 35 3.27 -0.19 17.26
CA MET B 35 2.42 -1.27 17.71
C MET B 35 3.19 -2.30 18.52
N ASN B 36 4.53 -2.18 18.64
CA ASN B 36 5.37 -2.91 19.58
C ASN B 36 5.01 -2.93 21.08
N THR B 37 3.79 -3.32 21.49
CA THR B 37 3.38 -3.27 22.90
C THR B 37 2.85 -4.62 23.30
N ASP B 38 2.34 -4.75 24.54
CA ASP B 38 1.43 -5.78 24.95
C ASP B 38 0.08 -5.43 24.35
N TYR B 39 -0.40 -6.28 23.41
CA TYR B 39 -1.55 -5.94 22.58
C TYR B 39 -2.62 -7.00 22.74
N THR B 40 -3.59 -6.72 23.61
CA THR B 40 -4.71 -7.59 23.92
C THR B 40 -5.70 -7.65 22.76
N LEU B 41 -6.59 -8.66 22.70
CA LEU B 41 -7.34 -8.99 21.49
C LEU B 41 -8.49 -8.00 21.23
N GLU B 42 -9.02 -7.40 22.31
CA GLU B 42 -9.88 -6.23 22.30
C GLU B 42 -9.19 -5.01 21.69
N GLU B 43 -7.94 -4.81 22.13
CA GLU B 43 -7.03 -3.76 21.72
C GLU B 43 -6.56 -3.84 20.28
N VAL B 44 -6.45 -5.05 19.70
CA VAL B 44 -6.34 -5.26 18.25
C VAL B 44 -7.43 -4.54 17.43
N GLY B 45 -8.71 -4.52 17.87
CA GLY B 45 -9.79 -3.83 17.15
C GLY B 45 -9.65 -2.32 17.15
N LYS B 46 -9.19 -1.78 18.30
CA LYS B 46 -8.78 -0.43 18.60
C LYS B 46 -7.52 -0.05 17.80
N GLN B 47 -6.47 -0.88 17.69
CA GLN B 47 -5.33 -0.54 16.83
C GLN B 47 -5.65 -0.52 15.35
N PHE B 48 -6.70 -1.27 14.91
CA PHE B 48 -7.21 -1.25 13.55
C PHE B 48 -7.91 0.05 13.22
N ASP B 49 -8.91 0.47 14.02
CA ASP B 49 -9.47 1.82 14.05
C ASP B 49 -8.47 2.96 14.01
N VAL B 50 -7.51 3.02 14.95
CA VAL B 50 -6.51 4.09 15.05
C VAL B 50 -5.61 4.13 13.81
N THR B 51 -4.84 3.06 13.53
CA THR B 51 -4.15 2.85 12.25
C THR B 51 -4.93 3.17 10.98
N ARG B 52 -6.20 2.70 10.81
CA ARG B 52 -6.97 2.90 9.57
C ARG B 52 -7.37 4.37 9.43
N GLU B 53 -7.83 4.98 10.55
CA GLU B 53 -8.10 6.40 10.66
C GLU B 53 -6.91 7.24 10.28
N ARG B 54 -5.70 6.93 10.80
CA ARG B 54 -4.50 7.64 10.40
C ARG B 54 -4.21 7.46 8.91
N ILE B 55 -4.56 6.31 8.27
CA ILE B 55 -4.49 6.17 6.82
C ILE B 55 -5.43 7.11 6.10
N ARG B 56 -6.71 7.37 6.50
CA ARG B 56 -7.60 8.24 5.68
C ARG B 56 -7.15 9.71 5.85
N GLN B 57 -6.39 10.02 6.92
CA GLN B 57 -5.59 11.24 7.06
C GLN B 57 -4.40 11.30 6.07
N ILE B 58 -3.72 10.18 5.77
CA ILE B 58 -2.75 10.04 4.68
C ILE B 58 -3.34 10.25 3.29
N GLU B 59 -4.54 9.67 2.98
CA GLU B 59 -5.29 9.81 1.73
C GLU B 59 -5.38 11.27 1.34
N ALA B 60 -5.88 12.06 2.31
CA ALA B 60 -5.98 13.49 2.32
C ALA B 60 -4.69 14.21 1.89
N LYS B 61 -3.50 13.79 2.38
CA LYS B 61 -2.24 14.45 2.02
C LYS B 61 -1.72 13.98 0.67
N ALA B 62 -2.08 12.74 0.25
CA ALA B 62 -1.63 12.13 -1.00
C ALA B 62 -2.42 12.67 -2.18
N LEU B 63 -3.73 12.99 -2.01
CA LEU B 63 -4.48 13.73 -3.03
C LEU B 63 -4.10 15.22 -3.09
N ARG B 64 -3.08 15.65 -2.32
CA ARG B 64 -2.43 16.96 -2.40
C ARG B 64 -1.03 16.82 -3.02
N LYS B 65 -0.39 15.63 -3.02
CA LYS B 65 0.68 15.33 -3.97
C LYS B 65 0.19 15.16 -5.41
N LEU B 66 -1.08 14.77 -5.62
CA LEU B 66 -1.76 14.88 -6.90
C LEU B 66 -2.39 16.24 -7.12
N ARG B 67 -2.64 16.51 -8.42
CA ARG B 67 -2.89 17.82 -9.00
C ARG B 67 -3.69 17.61 -10.26
N HIS B 68 -3.24 16.65 -11.10
CA HIS B 68 -4.08 15.98 -12.07
C HIS B 68 -4.99 15.05 -11.28
N PRO B 69 -6.31 15.06 -11.34
CA PRO B 69 -7.11 14.41 -10.31
C PRO B 69 -7.03 12.90 -10.28
N SER B 70 -7.34 12.31 -9.11
CA SER B 70 -7.63 10.88 -9.03
C SER B 70 -9.08 10.71 -9.39
N ARG B 71 -9.97 11.32 -8.58
CA ARG B 71 -11.40 11.17 -8.70
C ARG B 71 -12.03 12.46 -9.16
N SER B 72 -12.94 12.37 -10.14
CA SER B 72 -13.69 13.50 -10.68
C SER B 72 -14.84 13.83 -9.76
N GLU B 73 -15.64 12.82 -9.37
CA GLU B 73 -16.89 13.02 -8.66
C GLU B 73 -16.69 13.21 -7.17
N VAL B 74 -16.05 14.33 -6.80
CA VAL B 74 -15.85 14.77 -5.44
C VAL B 74 -17.14 15.38 -4.93
N LEU B 75 -17.74 14.80 -3.89
CA LEU B 75 -19.00 15.23 -3.33
C LEU B 75 -18.81 15.52 -1.86
N ARG B 76 -19.88 15.85 -1.11
CA ARG B 76 -19.76 16.41 0.23
C ARG B 76 -20.38 15.47 1.26
N SER B 77 -21.37 15.99 2.01
CA SER B 77 -22.10 15.29 3.06
C SER B 77 -23.47 14.85 2.63
N PHE B 78 -24.00 15.36 1.49
CA PHE B 78 -25.38 15.12 1.10
C PHE B 78 -25.59 13.91 0.18
N LEU B 79 -24.62 13.56 -0.69
CA LEU B 79 -24.81 12.57 -1.74
C LEU B 79 -23.96 11.36 -1.38
N ASP B 80 -24.50 10.39 -0.63
CA ASP B 80 -23.78 9.37 0.11
C ASP B 80 -22.68 9.86 1.07
N ASP B 81 -22.82 9.49 2.37
CA ASP B 81 -22.19 10.05 3.55
C ASP B 81 -21.70 11.52 3.39
N ASN A 2 18.34 0.76 -3.85
CA ASN A 2 19.67 0.22 -4.07
C ASN A 2 19.64 -1.18 -4.62
N LYS A 3 18.52 -1.93 -4.61
CA LYS A 3 18.40 -3.12 -5.44
C LYS A 3 17.03 -2.95 -6.07
N ASN A 4 16.59 -3.87 -6.95
CA ASN A 4 15.24 -3.80 -7.50
C ASN A 4 14.24 -4.34 -6.48
N ILE A 5 14.47 -5.57 -5.96
CA ILE A 5 13.49 -6.30 -5.17
C ILE A 5 13.17 -5.68 -3.82
N ASP A 6 14.05 -4.87 -3.20
CA ASP A 6 13.70 -4.13 -1.98
C ASP A 6 12.59 -3.09 -2.17
N THR A 7 12.58 -2.30 -3.27
CA THR A 7 11.47 -1.39 -3.63
C THR A 7 10.19 -2.19 -3.85
N VAL A 8 10.33 -3.36 -4.51
CA VAL A 8 9.28 -4.37 -4.70
C VAL A 8 8.71 -4.85 -3.37
N ARG A 9 9.56 -5.34 -2.43
CA ARG A 9 9.24 -5.69 -1.07
C ARG A 9 8.46 -4.61 -0.33
N GLU A 10 8.90 -3.35 -0.37
CA GLU A 10 8.18 -2.21 0.19
C GLU A 10 6.79 -2.05 -0.41
N ILE A 11 6.69 -1.91 -1.74
CA ILE A 11 5.44 -1.93 -2.52
C ILE A 11 4.47 -3.05 -2.14
N ILE A 12 4.93 -4.33 -2.10
CA ILE A 12 4.06 -5.46 -1.77
C ILE A 12 3.65 -5.42 -0.29
N THR A 13 4.59 -5.11 0.62
CA THR A 13 4.36 -4.98 2.06
C THR A 13 3.34 -3.88 2.39
N VAL A 14 3.48 -2.70 1.78
CA VAL A 14 2.61 -1.57 2.07
C VAL A 14 1.28 -1.68 1.34
N ALA A 15 1.24 -2.31 0.15
CA ALA A 15 0.01 -2.53 -0.57
C ALA A 15 -0.84 -3.65 -0.03
N SER A 16 -0.29 -4.64 0.73
CA SER A 16 -1.11 -5.77 1.20
C SER A 16 -2.07 -5.26 2.28
N ILE A 17 -1.49 -4.49 3.22
CA ILE A 17 -2.09 -3.49 4.10
C ILE A 17 -3.27 -2.71 3.54
N LEU A 18 -3.17 -2.08 2.34
CA LEU A 18 -4.29 -1.42 1.67
C LEU A 18 -5.53 -2.31 1.62
N ILE A 19 -5.29 -3.51 1.06
CA ILE A 19 -6.22 -4.59 0.83
C ILE A 19 -6.76 -5.15 2.14
N LYS A 20 -5.90 -5.26 3.18
CA LYS A 20 -6.30 -5.87 4.45
C LYS A 20 -7.33 -5.00 5.15
N PHE A 21 -6.87 -3.75 5.43
CA PHE A 21 -7.44 -2.78 6.34
C PHE A 21 -8.61 -2.02 5.75
N SER A 22 -8.41 -1.31 4.62
CA SER A 22 -9.47 -0.48 4.03
C SER A 22 -9.99 -1.11 2.76
N ARG A 23 -9.41 -2.24 2.35
CA ARG A 23 -9.82 -3.05 1.22
C ARG A 23 -9.72 -2.35 -0.12
N GLU A 24 -10.78 -2.33 -0.94
CA GLU A 24 -10.65 -1.93 -2.31
C GLU A 24 -10.94 -0.45 -2.54
N ASP A 25 -11.39 0.29 -1.50
CA ASP A 25 -11.85 1.66 -1.60
C ASP A 25 -10.79 2.66 -2.06
N ILE A 26 -9.60 2.62 -1.44
CA ILE A 26 -8.54 3.59 -1.65
C ILE A 26 -7.72 3.26 -2.88
N VAL A 27 -7.46 1.95 -3.07
CA VAL A 27 -7.00 1.29 -4.28
C VAL A 27 -7.73 1.71 -5.55
N GLU A 28 -9.08 1.84 -5.46
CA GLU A 28 -9.97 2.33 -6.48
C GLU A 28 -9.63 3.72 -6.98
N ASN A 29 -9.16 4.59 -6.05
CA ASN A 29 -8.93 6.00 -6.32
C ASN A 29 -7.53 6.12 -6.90
N ARG A 30 -7.35 6.03 -8.22
CA ARG A 30 -6.07 5.67 -8.79
C ARG A 30 -4.97 6.72 -8.68
N ALA A 31 -5.35 8.01 -8.50
CA ALA A 31 -4.45 9.05 -8.05
C ALA A 31 -3.94 8.86 -6.63
N ASN A 32 -4.87 8.69 -5.65
CA ASN A 32 -4.63 8.50 -4.22
C ASN A 32 -3.66 7.37 -3.96
N PHE A 33 -3.81 6.25 -4.72
CA PHE A 33 -2.92 5.11 -4.67
C PHE A 33 -1.46 5.49 -4.92
N ILE A 34 -1.16 6.23 -6.03
CA ILE A 34 0.23 6.47 -6.45
C ILE A 34 0.88 7.41 -5.43
N ALA A 35 0.12 8.46 -5.06
CA ALA A 35 0.43 9.50 -4.10
C ALA A 35 0.87 9.04 -2.71
N PHE A 36 0.50 7.81 -2.29
CA PHE A 36 0.91 7.22 -1.02
C PHE A 36 2.37 6.86 -1.04
N LEU A 37 2.86 6.31 -2.16
CA LEU A 37 4.24 5.88 -2.28
C LEU A 37 5.18 7.10 -2.19
N ASN A 38 4.80 8.19 -2.89
CA ASN A 38 5.50 9.47 -2.87
C ASN A 38 5.55 10.10 -1.47
N GLU A 39 4.37 10.23 -0.82
CA GLU A 39 4.18 10.60 0.58
C GLU A 39 5.16 10.01 1.58
N ILE A 40 5.30 8.66 1.62
CA ILE A 40 6.21 8.01 2.55
C ILE A 40 7.61 7.89 2.00
N GLY A 41 7.81 7.95 0.68
CA GLY A 41 9.14 8.09 0.08
C GLY A 41 9.75 6.80 -0.40
N VAL A 42 8.92 5.89 -0.96
CA VAL A 42 9.39 4.65 -1.58
C VAL A 42 9.65 4.94 -3.05
N THR A 43 10.94 5.00 -3.43
CA THR A 43 11.35 5.45 -4.77
C THR A 43 12.21 4.38 -5.41
N HIS A 44 12.68 4.64 -6.65
CA HIS A 44 13.62 3.79 -7.35
C HIS A 44 14.56 4.70 -8.10
N GLU A 45 15.89 4.50 -7.97
CA GLU A 45 16.93 5.32 -8.58
C GLU A 45 16.78 6.84 -8.42
N GLY A 46 16.14 7.28 -7.32
CA GLY A 46 15.89 8.68 -6.97
C GLY A 46 14.55 9.19 -7.46
N ARG A 47 13.83 8.41 -8.28
CA ARG A 47 12.62 8.84 -8.94
C ARG A 47 11.39 8.33 -8.20
N LYS A 48 10.36 9.19 -8.04
CA LYS A 48 9.11 8.82 -7.41
C LYS A 48 8.21 8.15 -8.44
N LEU A 49 7.73 6.93 -8.15
CA LEU A 49 7.26 6.03 -9.18
C LEU A 49 5.81 6.20 -9.60
N ASN A 50 5.62 6.90 -10.74
CA ASN A 50 4.40 6.91 -11.53
C ASN A 50 4.06 5.55 -12.13
N GLN A 51 2.94 5.45 -12.89
CA GLN A 51 2.39 4.18 -13.37
C GLN A 51 3.34 3.44 -14.32
N ASN A 52 4.02 4.18 -15.21
CA ASN A 52 5.18 3.73 -15.97
C ASN A 52 6.31 3.12 -15.11
N SER A 53 6.86 3.92 -14.17
CA SER A 53 8.01 3.55 -13.35
C SER A 53 7.72 2.41 -12.40
N PHE A 54 6.47 2.35 -11.87
CA PHE A 54 5.95 1.27 -11.06
C PHE A 54 5.94 -0.03 -11.85
N ARG A 55 5.34 -0.05 -13.06
CA ARG A 55 5.33 -1.24 -13.89
C ARG A 55 6.71 -1.61 -14.43
N LYS A 56 7.64 -0.63 -14.61
CA LYS A 56 9.04 -0.94 -14.85
C LYS A 56 9.64 -1.76 -13.71
N ILE A 57 9.39 -1.41 -12.44
CA ILE A 57 9.94 -2.12 -11.28
C ILE A 57 9.44 -3.58 -11.19
N VAL A 58 8.19 -3.82 -11.62
CA VAL A 58 7.59 -5.12 -11.88
C VAL A 58 8.25 -5.86 -13.05
N SER A 59 8.59 -5.17 -14.15
CA SER A 59 9.34 -5.72 -15.28
C SER A 59 10.72 -6.25 -14.95
N GLU A 60 11.55 -5.46 -14.25
CA GLU A 60 12.96 -5.67 -13.94
C GLU A 60 13.34 -6.95 -13.21
N LEU A 61 12.43 -7.50 -12.38
CA LEU A 61 12.73 -8.63 -11.53
C LEU A 61 12.68 -9.96 -12.25
N THR A 62 13.51 -10.93 -11.83
CA THR A 62 13.71 -12.22 -12.48
C THR A 62 12.58 -13.20 -12.24
N GLN A 63 12.70 -14.41 -12.82
CA GLN A 63 11.79 -15.52 -12.63
C GLN A 63 11.90 -16.09 -11.20
N GLU A 64 13.14 -16.19 -10.65
CA GLU A 64 13.43 -16.58 -9.27
C GLU A 64 12.77 -15.67 -8.24
N ASP A 65 13.18 -14.38 -8.23
CA ASP A 65 12.58 -13.25 -7.53
C ASP A 65 11.05 -13.27 -7.38
N LYS A 66 10.37 -13.22 -8.55
CA LYS A 66 8.96 -13.42 -8.80
C LYS A 66 8.33 -14.60 -8.08
N LYS A 67 8.81 -15.83 -8.35
CA LYS A 67 8.20 -17.05 -7.83
C LYS A 67 8.50 -17.23 -6.35
N THR A 68 9.68 -16.73 -5.89
CA THR A 68 10.06 -16.53 -4.49
C THR A 68 9.08 -15.67 -3.71
N LEU A 69 8.64 -14.52 -4.28
CA LEU A 69 7.57 -13.69 -3.71
C LEU A 69 6.20 -14.37 -3.71
N ILE A 70 5.79 -14.95 -4.85
CA ILE A 70 4.57 -15.76 -4.98
C ILE A 70 4.50 -16.89 -3.95
N ASP A 71 5.59 -17.67 -3.76
CA ASP A 71 5.68 -18.68 -2.71
C ASP A 71 5.83 -18.12 -1.31
N GLU A 72 6.22 -16.84 -1.15
CA GLU A 72 6.27 -16.15 0.14
C GLU A 72 4.87 -15.81 0.62
N PHE A 73 4.19 -14.92 -0.13
CA PHE A 73 2.87 -14.43 0.20
C PHE A 73 2.02 -14.64 -1.03
N ASN A 74 1.22 -15.73 -1.06
CA ASN A 74 0.53 -16.21 -2.24
C ASN A 74 -0.59 -15.25 -2.59
N GLU A 75 -1.51 -15.06 -1.63
CA GLU A 75 -2.66 -14.19 -1.69
C GLU A 75 -2.27 -12.72 -1.64
N GLY A 76 -1.16 -12.41 -0.93
CA GLY A 76 -0.54 -11.09 -0.88
C GLY A 76 -0.03 -10.62 -2.22
N PHE A 77 0.85 -11.41 -2.88
CA PHE A 77 1.36 -11.05 -4.20
C PHE A 77 0.25 -11.04 -5.24
N GLU A 78 -0.69 -12.00 -5.15
CA GLU A 78 -1.89 -12.09 -5.97
C GLU A 78 -2.73 -10.81 -5.98
N GLY A 79 -3.05 -10.24 -4.80
CA GLY A 79 -3.81 -8.99 -4.71
C GLY A 79 -3.08 -7.80 -5.27
N VAL A 80 -1.77 -7.70 -4.99
CA VAL A 80 -0.93 -6.62 -5.51
C VAL A 80 -0.86 -6.67 -7.03
N TYR A 81 -0.56 -7.85 -7.61
CA TYR A 81 -0.76 -8.19 -9.02
C TYR A 81 -2.12 -7.81 -9.61
N ARG A 82 -3.23 -8.45 -9.16
CA ARG A 82 -4.53 -8.40 -9.79
C ARG A 82 -5.26 -7.07 -9.66
N TYR A 83 -4.96 -6.27 -8.62
CA TYR A 83 -5.49 -4.92 -8.53
C TYR A 83 -4.64 -3.96 -9.37
N LEU A 84 -3.30 -4.11 -9.38
CA LEU A 84 -2.41 -3.28 -10.19
C LEU A 84 -2.69 -3.42 -11.69
N GLU A 85 -2.79 -4.66 -12.22
CA GLU A 85 -3.08 -4.91 -13.62
C GLU A 85 -4.41 -4.34 -14.09
N MET A 86 -5.45 -4.42 -13.25
CA MET A 86 -6.78 -3.96 -13.57
C MET A 86 -6.91 -2.45 -13.45
N TYR A 87 -6.35 -1.84 -12.39
CA TYR A 87 -6.46 -0.41 -12.16
C TYR A 87 -5.48 0.42 -12.99
N THR A 88 -4.25 -0.05 -13.29
CA THR A 88 -3.31 0.74 -14.12
C THR A 88 -3.78 0.90 -15.56
N ASN A 89 -4.01 2.19 -15.94
CA ASN A 89 -4.65 2.63 -17.17
C ASN A 89 -4.25 1.90 -18.46
N LYS A 90 -5.05 0.91 -18.91
CA LYS A 90 -4.82 0.11 -20.08
C LYS A 90 -3.47 -0.57 -20.15
N ASP B 14 -2.52 -12.58 14.25
CA ASP B 14 -1.81 -12.36 13.00
C ASP B 14 -2.25 -13.33 11.92
N VAL B 15 -2.33 -14.66 12.20
CA VAL B 15 -2.88 -15.64 11.25
C VAL B 15 -4.35 -15.36 10.94
N LEU B 16 -5.19 -15.09 11.97
CA LEU B 16 -6.60 -14.81 11.81
C LEU B 16 -6.93 -13.62 10.93
N ALA B 17 -6.26 -12.44 11.09
CA ALA B 17 -6.52 -11.31 10.20
C ALA B 17 -5.67 -11.37 8.94
N GLY B 18 -4.45 -11.92 9.00
CA GLY B 18 -3.65 -12.21 7.82
C GLY B 18 -2.34 -11.50 7.83
N LEU B 19 -2.19 -10.44 8.66
CA LEU B 19 -1.07 -9.53 8.56
C LEU B 19 0.25 -10.02 9.19
N THR B 20 1.31 -9.77 8.40
CA THR B 20 2.64 -10.31 8.58
C THR B 20 3.51 -9.46 9.49
N ALA B 21 4.68 -9.99 9.88
CA ALA B 21 5.71 -9.26 10.59
C ALA B 21 6.36 -8.19 9.74
N ARG B 22 6.27 -8.30 8.39
CA ARG B 22 6.83 -7.31 7.49
C ARG B 22 5.99 -6.05 7.54
N GLU B 23 4.66 -6.26 7.37
CA GLU B 23 3.56 -5.32 7.46
C GLU B 23 3.48 -4.62 8.80
N ALA B 24 3.45 -5.39 9.91
CA ALA B 24 3.36 -4.82 11.24
C ALA B 24 4.64 -4.09 11.66
N LYS B 25 5.81 -4.34 11.00
CA LYS B 25 7.02 -3.55 11.18
C LYS B 25 6.91 -2.26 10.38
N VAL B 26 6.45 -2.30 9.10
CA VAL B 26 6.28 -1.10 8.25
C VAL B 26 5.40 -0.01 8.86
N LEU B 27 4.38 -0.42 9.64
CA LEU B 27 3.48 0.43 10.43
C LEU B 27 4.25 1.34 11.39
N ARG B 28 5.11 0.74 12.22
CA ARG B 28 5.96 1.48 13.12
C ARG B 28 7.23 2.02 12.49
N MET B 29 7.65 1.62 11.28
CA MET B 29 8.63 2.39 10.52
C MET B 29 8.06 3.68 9.92
N ARG B 30 7.16 3.51 8.92
CA ARG B 30 6.77 4.51 7.95
C ARG B 30 5.51 5.25 8.33
N PHE B 31 4.48 4.54 8.83
CA PHE B 31 3.18 5.13 9.16
C PHE B 31 3.25 5.90 10.48
N GLY B 32 4.31 5.70 11.27
CA GLY B 32 4.60 6.51 12.46
C GLY B 32 3.84 6.12 13.67
N ILE B 33 3.39 4.86 13.73
CA ILE B 33 2.58 4.38 14.84
C ILE B 33 3.43 3.41 15.60
N ASP B 34 3.84 3.78 16.83
CA ASP B 34 4.73 2.98 17.63
C ASP B 34 3.91 1.90 18.32
N MET B 35 3.85 0.67 17.76
CA MET B 35 3.15 -0.46 18.35
C MET B 35 4.16 -1.48 18.89
N ASN B 36 4.84 -1.13 19.98
CA ASN B 36 6.01 -1.84 20.48
C ASN B 36 5.89 -2.12 21.97
N THR B 37 4.69 -2.52 22.45
CA THR B 37 4.41 -2.76 23.87
C THR B 37 3.65 -4.07 24.05
N ASP B 38 3.31 -4.39 25.30
CA ASP B 38 2.34 -5.40 25.73
C ASP B 38 0.90 -5.18 25.23
N TYR B 39 0.67 -5.40 23.91
CA TYR B 39 -0.64 -5.29 23.30
C TYR B 39 -1.61 -6.42 23.67
N THR B 40 -2.65 -6.11 24.45
CA THR B 40 -3.81 -6.96 24.68
C THR B 40 -4.88 -6.71 23.62
N LEU B 41 -5.85 -7.63 23.50
CA LEU B 41 -6.91 -7.60 22.49
C LEU B 41 -7.77 -6.35 22.47
N GLU B 42 -7.93 -5.62 23.61
CA GLU B 42 -8.59 -4.34 23.62
C GLU B 42 -7.80 -3.25 22.87
N GLU B 43 -6.47 -3.28 23.07
CA GLU B 43 -5.51 -2.45 22.36
C GLU B 43 -5.35 -2.86 20.90
N VAL B 44 -5.58 -4.15 20.57
CA VAL B 44 -5.69 -4.59 19.17
C VAL B 44 -6.85 -3.90 18.44
N GLY B 45 -8.01 -3.71 19.12
CA GLY B 45 -9.13 -2.93 18.55
C GLY B 45 -8.84 -1.45 18.39
N LYS B 46 -8.14 -0.83 19.37
CA LYS B 46 -7.47 0.45 19.28
C LYS B 46 -6.47 0.56 18.14
N GLN B 47 -5.58 -0.40 17.84
CA GLN B 47 -4.73 -0.26 16.67
C GLN B 47 -5.50 -0.39 15.37
N PHE B 48 -6.55 -1.24 15.29
CA PHE B 48 -7.41 -1.33 14.12
C PHE B 48 -8.25 -0.08 13.84
N ASP B 49 -8.69 0.63 14.89
CA ASP B 49 -9.15 2.01 14.83
C ASP B 49 -8.08 2.98 14.32
N VAL B 50 -7.10 3.27 15.20
CA VAL B 50 -6.08 4.30 15.09
C VAL B 50 -5.28 4.19 13.79
N THR B 51 -4.59 3.06 13.56
CA THR B 51 -3.95 2.76 12.29
C THR B 51 -4.83 2.81 11.04
N ARG B 52 -6.12 2.40 11.06
CA ARG B 52 -6.92 2.41 9.84
C ARG B 52 -7.32 3.84 9.53
N GLU B 53 -7.81 4.56 10.56
CA GLU B 53 -8.12 5.99 10.59
C GLU B 53 -6.98 6.87 10.09
N ARG B 54 -5.71 6.42 10.20
CA ARG B 54 -4.56 7.12 9.68
C ARG B 54 -4.51 7.09 8.16
N ILE B 55 -5.14 6.11 7.45
CA ILE B 55 -5.10 5.98 6.00
C ILE B 55 -6.01 7.00 5.28
N ARG B 56 -7.19 7.27 5.83
CA ARG B 56 -7.84 8.58 5.77
C ARG B 56 -6.96 9.82 5.80
N GLN B 57 -6.01 9.89 6.75
CA GLN B 57 -5.14 11.02 6.96
C GLN B 57 -3.95 11.06 5.99
N ILE B 58 -3.41 9.88 5.63
CA ILE B 58 -2.46 9.66 4.55
C ILE B 58 -2.96 10.14 3.20
N GLU B 59 -4.21 9.79 2.82
CA GLU B 59 -4.79 10.20 1.54
C GLU B 59 -5.08 11.70 1.50
N ALA B 60 -5.52 12.24 2.67
CA ALA B 60 -5.75 13.65 2.90
C ALA B 60 -4.49 14.48 2.71
N LYS B 61 -3.34 14.00 3.24
CA LYS B 61 -2.05 14.65 3.04
C LYS B 61 -1.62 14.54 1.57
N ALA B 62 -1.61 13.30 1.05
CA ALA B 62 -1.13 12.98 -0.27
C ALA B 62 -1.84 13.67 -1.42
N LEU B 63 -3.15 13.98 -1.31
CA LEU B 63 -3.85 14.77 -2.33
C LEU B 63 -3.68 16.29 -2.19
N ARG B 64 -2.94 16.76 -1.17
CA ARG B 64 -2.38 18.10 -1.16
C ARG B 64 -1.05 18.08 -1.92
N LYS B 65 -0.22 17.02 -1.86
CA LYS B 65 0.95 16.94 -2.73
C LYS B 65 0.69 16.55 -4.17
N LEU B 66 -0.37 15.76 -4.49
CA LEU B 66 -0.68 15.36 -5.86
C LEU B 66 -1.64 16.35 -6.49
N ARG B 67 -1.11 17.26 -7.33
CA ARG B 67 -1.86 18.39 -7.86
C ARG B 67 -2.71 18.12 -9.10
N HIS B 68 -2.68 16.90 -9.68
CA HIS B 68 -3.54 16.57 -10.82
C HIS B 68 -4.93 16.10 -10.38
N PRO B 69 -6.05 16.63 -10.89
CA PRO B 69 -7.38 16.15 -10.52
C PRO B 69 -7.72 14.74 -11.00
N SER B 70 -7.97 13.81 -10.07
CA SER B 70 -8.43 12.46 -10.38
C SER B 70 -9.85 12.46 -10.92
N ARG B 71 -10.15 11.58 -11.89
CA ARG B 71 -11.44 11.53 -12.54
C ARG B 71 -12.40 10.65 -11.74
N SER B 72 -13.72 10.91 -11.81
CA SER B 72 -14.71 10.12 -11.08
C SER B 72 -15.04 8.77 -11.73
N GLU B 73 -14.66 8.59 -13.01
CA GLU B 73 -14.94 7.39 -13.76
C GLU B 73 -14.05 6.22 -13.37
N VAL B 74 -14.63 5.16 -12.76
CA VAL B 74 -13.90 3.92 -12.52
C VAL B 74 -14.16 2.95 -13.68
N LEU B 75 -13.08 2.41 -14.25
CA LEU B 75 -13.12 1.41 -15.31
C LEU B 75 -12.81 0.05 -14.71
N ARG B 76 -13.50 -1.01 -15.19
CA ARG B 76 -13.36 -2.37 -14.71
C ARG B 76 -14.07 -3.22 -15.78
N SER B 77 -15.40 -3.44 -15.68
CA SER B 77 -16.20 -3.91 -16.82
C SER B 77 -17.47 -3.09 -17.00
N PHE B 78 -18.68 -3.67 -16.82
CA PHE B 78 -19.93 -3.16 -17.35
C PHE B 78 -20.60 -2.10 -16.49
N LEU B 79 -19.85 -1.16 -15.92
CA LEU B 79 -20.38 -0.24 -14.94
C LEU B 79 -20.40 1.18 -15.49
N ASP B 80 -20.32 1.34 -16.83
CA ASP B 80 -20.17 2.62 -17.49
C ASP B 80 -21.28 3.64 -17.19
N ASP B 81 -22.53 3.17 -17.01
CA ASP B 81 -23.67 3.96 -16.64
C ASP B 81 -23.51 4.49 -15.19
N ASN A 2 21.54 -0.22 -6.31
CA ASN A 2 21.69 -1.06 -7.46
C ASN A 2 20.63 -2.15 -7.41
N LYS A 3 19.78 -2.07 -6.38
CA LYS A 3 18.80 -3.09 -6.05
C LYS A 3 17.49 -2.87 -6.78
N ASN A 4 16.86 -3.97 -7.23
CA ASN A 4 15.52 -3.98 -7.78
C ASN A 4 14.52 -4.47 -6.73
N ILE A 5 14.73 -5.70 -6.22
CA ILE A 5 13.76 -6.46 -5.44
C ILE A 5 13.34 -5.80 -4.13
N ASP A 6 14.25 -5.03 -3.49
CA ASP A 6 14.03 -4.22 -2.31
C ASP A 6 12.81 -3.28 -2.41
N THR A 7 12.69 -2.56 -3.54
CA THR A 7 11.58 -1.67 -3.86
C THR A 7 10.31 -2.44 -4.14
N VAL A 8 10.42 -3.57 -4.85
CA VAL A 8 9.28 -4.47 -5.09
C VAL A 8 8.73 -5.05 -3.78
N ARG A 9 9.60 -5.58 -2.90
CA ARG A 9 9.30 -5.94 -1.52
C ARG A 9 8.66 -4.81 -0.71
N GLU A 10 9.07 -3.55 -0.93
CA GLU A 10 8.46 -2.38 -0.35
C GLU A 10 7.02 -2.20 -0.83
N ILE A 11 6.82 -2.05 -2.17
CA ILE A 11 5.55 -1.94 -2.87
C ILE A 11 4.55 -3.01 -2.47
N ILE A 12 4.96 -4.30 -2.45
CA ILE A 12 4.08 -5.39 -2.04
C ILE A 12 3.67 -5.28 -0.56
N THR A 13 4.62 -5.03 0.35
CA THR A 13 4.35 -4.87 1.78
C THR A 13 3.47 -3.66 2.08
N VAL A 14 3.77 -2.47 1.51
CA VAL A 14 2.99 -1.26 1.74
C VAL A 14 1.63 -1.29 1.05
N ALA A 15 1.49 -2.03 -0.07
CA ALA A 15 0.21 -2.29 -0.66
C ALA A 15 -0.61 -3.32 0.12
N SER A 16 0.03 -4.22 0.93
CA SER A 16 -0.71 -5.28 1.63
C SER A 16 -1.56 -4.60 2.70
N ILE A 17 -0.90 -3.72 3.48
CA ILE A 17 -1.44 -2.65 4.32
C ILE A 17 -2.69 -1.96 3.76
N LEU A 18 -2.60 -1.34 2.55
CA LEU A 18 -3.72 -0.68 1.89
C LEU A 18 -4.97 -1.55 1.83
N ILE A 19 -4.72 -2.81 1.41
CA ILE A 19 -5.68 -3.89 1.31
C ILE A 19 -6.24 -4.28 2.67
N LYS A 20 -5.39 -4.76 3.62
CA LYS A 20 -5.90 -5.50 4.78
C LYS A 20 -6.63 -4.59 5.75
N PHE A 21 -6.30 -3.29 5.69
CA PHE A 21 -6.99 -2.24 6.41
C PHE A 21 -8.22 -1.76 5.63
N SER A 22 -8.04 -1.16 4.44
CA SER A 22 -9.09 -0.35 3.82
C SER A 22 -9.65 -0.93 2.54
N ARG A 23 -9.05 -2.04 2.07
CA ARG A 23 -9.50 -2.91 1.01
C ARG A 23 -9.77 -2.25 -0.35
N GLU A 24 -10.97 -2.47 -0.94
CA GLU A 24 -11.21 -2.15 -2.33
C GLU A 24 -11.73 -0.74 -2.50
N ASP A 25 -12.12 -0.08 -1.39
CA ASP A 25 -12.65 1.26 -1.38
C ASP A 25 -11.61 2.28 -1.83
N ILE A 26 -10.38 2.22 -1.25
CA ILE A 26 -9.29 3.08 -1.66
C ILE A 26 -8.52 2.52 -2.85
N VAL A 27 -8.17 1.20 -2.85
CA VAL A 27 -7.11 0.63 -3.70
C VAL A 27 -7.35 0.85 -5.18
N GLU A 28 -8.66 0.84 -5.51
CA GLU A 28 -9.30 1.03 -6.80
C GLU A 28 -8.73 2.16 -7.64
N ASN A 29 -8.55 3.27 -6.91
CA ASN A 29 -8.35 4.60 -7.44
C ASN A 29 -7.00 4.65 -8.15
N ARG A 30 -6.98 4.95 -9.45
CA ARG A 30 -5.79 4.83 -10.27
C ARG A 30 -4.64 5.74 -9.84
N ALA A 31 -4.91 7.05 -9.63
CA ALA A 31 -3.91 8.00 -9.22
C ALA A 31 -3.54 7.91 -7.73
N ASN A 32 -4.52 7.57 -6.86
CA ASN A 32 -4.33 7.56 -5.41
C ASN A 32 -3.28 6.57 -4.90
N PHE A 33 -3.12 5.38 -5.50
CA PHE A 33 -2.15 4.36 -5.09
C PHE A 33 -0.68 4.84 -5.20
N ILE A 34 -0.23 5.13 -6.43
CA ILE A 34 0.73 6.17 -6.84
C ILE A 34 0.86 7.34 -5.85
N ALA A 35 -0.18 8.16 -5.59
CA ALA A 35 -0.10 9.24 -4.62
C ALA A 35 0.27 8.83 -3.19
N PHE A 36 -0.27 7.70 -2.67
CA PHE A 36 0.05 7.14 -1.36
C PHE A 36 1.51 6.68 -1.31
N LEU A 37 2.00 6.03 -2.38
CA LEU A 37 3.41 5.65 -2.51
C LEU A 37 4.34 6.86 -2.47
N ASN A 38 3.94 8.01 -3.07
CA ASN A 38 4.69 9.26 -3.02
C ASN A 38 4.71 9.86 -1.62
N GLU A 39 3.52 9.93 -0.98
CA GLU A 39 3.26 10.36 0.38
C GLU A 39 4.11 9.77 1.50
N ILE A 40 4.16 8.42 1.65
CA ILE A 40 5.04 7.80 2.66
C ILE A 40 6.45 7.64 2.10
N GLY A 41 6.60 7.88 0.78
CA GLY A 41 7.88 8.21 0.19
C GLY A 41 8.73 7.03 -0.13
N VAL A 42 8.24 6.16 -1.03
CA VAL A 42 9.06 5.09 -1.57
C VAL A 42 9.79 5.59 -2.82
N THR A 43 11.11 5.33 -2.78
CA THR A 43 12.15 5.89 -3.61
C THR A 43 12.68 4.84 -4.53
N HIS A 44 12.92 5.20 -5.80
CA HIS A 44 13.73 4.40 -6.70
C HIS A 44 14.20 5.30 -7.79
N GLU A 45 15.28 4.93 -8.54
CA GLU A 45 15.64 5.63 -9.78
C GLU A 45 15.90 7.14 -9.58
N GLY A 46 16.20 7.52 -8.31
CA GLY A 46 16.48 8.88 -7.85
C GLY A 46 15.24 9.69 -7.62
N ARG A 47 14.07 9.06 -7.80
CA ARG A 47 12.76 9.67 -7.74
C ARG A 47 11.98 9.06 -6.59
N LYS A 48 10.90 9.75 -6.16
CA LYS A 48 9.77 9.12 -5.53
C LYS A 48 8.92 8.51 -6.64
N LEU A 49 8.48 7.24 -6.52
CA LEU A 49 8.03 6.51 -7.71
C LEU A 49 6.69 6.95 -8.30
N ASN A 50 6.76 7.70 -9.43
CA ASN A 50 5.59 8.12 -10.20
C ASN A 50 5.14 7.07 -11.21
N GLN A 51 4.23 7.45 -12.13
CA GLN A 51 3.42 6.54 -12.94
C GLN A 51 4.20 5.59 -13.85
N ASN A 52 5.26 6.09 -14.51
CA ASN A 52 6.20 5.27 -15.26
C ASN A 52 7.06 4.40 -14.34
N SER A 53 7.66 5.04 -13.32
CA SER A 53 8.67 4.48 -12.42
C SER A 53 8.15 3.33 -11.58
N PHE A 54 6.86 3.42 -11.19
CA PHE A 54 6.05 2.39 -10.57
C PHE A 54 6.01 1.12 -11.41
N ARG A 55 5.43 1.16 -12.64
CA ARG A 55 5.20 -0.05 -13.43
C ARG A 55 6.51 -0.64 -13.94
N LYS A 56 7.53 0.21 -14.16
CA LYS A 56 8.90 -0.16 -14.44
C LYS A 56 9.49 -1.10 -13.40
N ILE A 57 9.46 -0.76 -12.10
CA ILE A 57 10.16 -1.53 -11.08
C ILE A 57 9.51 -2.89 -10.79
N VAL A 58 8.17 -2.96 -10.90
CA VAL A 58 7.37 -4.19 -10.86
C VAL A 58 7.51 -5.04 -12.14
N SER A 59 7.87 -4.44 -13.29
CA SER A 59 8.40 -5.16 -14.46
C SER A 59 9.78 -5.79 -14.23
N GLU A 60 10.71 -5.05 -13.60
CA GLU A 60 12.11 -5.41 -13.36
C GLU A 60 12.45 -6.64 -12.51
N LEU A 61 11.55 -7.18 -11.66
CA LEU A 61 11.89 -8.37 -10.89
C LEU A 61 11.80 -9.64 -11.74
N THR A 62 12.69 -10.63 -11.50
CA THR A 62 12.71 -11.85 -12.29
C THR A 62 11.57 -12.82 -11.97
N GLN A 63 11.46 -13.91 -12.74
CA GLN A 63 10.55 -15.01 -12.47
C GLN A 63 10.92 -15.78 -11.20
N GLU A 64 12.22 -16.00 -10.92
CA GLU A 64 12.68 -16.55 -9.64
C GLU A 64 12.34 -15.67 -8.44
N ASP A 65 12.68 -14.38 -8.52
CA ASP A 65 12.40 -13.35 -7.55
C ASP A 65 10.93 -13.31 -7.08
N LYS A 66 10.07 -13.20 -8.11
CA LYS A 66 8.61 -13.20 -8.10
C LYS A 66 8.01 -14.43 -7.46
N LYS A 67 8.46 -15.64 -7.90
CA LYS A 67 7.87 -16.89 -7.43
C LYS A 67 8.30 -17.12 -5.98
N THR A 68 9.53 -16.72 -5.62
CA THR A 68 9.99 -16.58 -4.24
C THR A 68 9.07 -15.74 -3.34
N LEU A 69 8.50 -14.62 -3.85
CA LEU A 69 7.45 -13.86 -3.17
C LEU A 69 6.12 -14.62 -3.09
N ILE A 70 5.65 -15.21 -4.21
CA ILE A 70 4.49 -16.12 -4.29
C ILE A 70 4.56 -17.24 -3.26
N ASP A 71 5.72 -17.90 -3.12
CA ASP A 71 6.08 -18.78 -2.03
C ASP A 71 5.98 -18.12 -0.65
N GLU A 72 6.77 -17.08 -0.38
CA GLU A 72 6.92 -16.48 0.94
C GLU A 72 5.66 -15.82 1.50
N PHE A 73 5.01 -14.94 0.72
CA PHE A 73 3.82 -14.21 1.14
C PHE A 73 2.76 -14.31 0.06
N ASN A 74 2.21 -15.52 -0.13
CA ASN A 74 1.21 -15.84 -1.12
C ASN A 74 -0.02 -14.95 -1.06
N GLU A 75 -0.61 -14.76 0.15
CA GLU A 75 -1.83 -14.02 0.31
C GLU A 75 -1.70 -12.54 -0.01
N GLY A 76 -0.61 -11.85 0.38
CA GLY A 76 -0.45 -10.45 0.01
C GLY A 76 0.03 -10.28 -1.40
N PHE A 77 0.77 -11.27 -1.95
CA PHE A 77 1.16 -11.26 -3.35
C PHE A 77 -0.06 -11.41 -4.24
N GLU A 78 -0.87 -12.50 -4.07
CA GLU A 78 -2.14 -12.76 -4.74
C GLU A 78 -3.09 -11.59 -4.68
N GLY A 79 -3.20 -10.97 -3.48
CA GLY A 79 -3.92 -9.73 -3.24
C GLY A 79 -3.60 -8.65 -4.23
N VAL A 80 -2.35 -8.15 -4.29
CA VAL A 80 -2.00 -7.00 -5.11
C VAL A 80 -1.82 -7.35 -6.58
N TYR A 81 -1.29 -8.56 -6.92
CA TYR A 81 -1.28 -9.21 -8.24
C TYR A 81 -2.47 -8.91 -9.15
N ARG A 82 -3.70 -9.21 -8.65
CA ARG A 82 -4.97 -8.95 -9.29
C ARG A 82 -5.18 -7.47 -9.59
N TYR A 83 -5.21 -6.63 -8.54
CA TYR A 83 -5.40 -5.19 -8.62
C TYR A 83 -4.38 -4.50 -9.51
N LEU A 84 -3.10 -4.94 -9.48
CA LEU A 84 -2.05 -4.50 -10.37
C LEU A 84 -2.41 -4.67 -11.85
N GLU A 85 -2.66 -5.89 -12.33
CA GLU A 85 -2.96 -6.10 -13.75
C GLU A 85 -4.33 -5.54 -14.17
N MET A 86 -5.33 -5.51 -13.27
CA MET A 86 -6.61 -4.88 -13.55
C MET A 86 -6.51 -3.37 -13.74
N TYR A 87 -5.87 -2.66 -12.78
CA TYR A 87 -5.87 -1.22 -12.77
C TYR A 87 -4.78 -0.60 -13.63
N THR A 88 -3.60 -1.24 -13.79
CA THR A 88 -2.51 -0.68 -14.60
C THR A 88 -2.84 -0.60 -16.09
N ASN A 89 -2.81 0.66 -16.59
CA ASN A 89 -3.13 1.11 -17.94
C ASN A 89 -2.63 0.25 -19.10
N LYS A 90 -3.49 -0.11 -20.07
CA LYS A 90 -3.12 -0.98 -21.18
C LYS A 90 -2.11 -0.35 -22.14
N ASP B 14 -1.67 -11.91 14.27
CA ASP B 14 -1.80 -11.61 12.86
C ASP B 14 -2.94 -12.33 12.16
N VAL B 15 -3.37 -13.53 12.61
CA VAL B 15 -4.63 -14.12 12.13
C VAL B 15 -5.85 -13.31 12.57
N LEU B 16 -5.89 -12.78 13.81
CA LEU B 16 -6.98 -11.89 14.26
C LEU B 16 -7.07 -10.59 13.46
N ALA B 17 -5.95 -9.82 13.40
CA ALA B 17 -5.63 -8.78 12.45
C ALA B 17 -6.01 -8.96 10.98
N GLY B 18 -5.26 -9.80 10.23
CA GLY B 18 -5.31 -9.85 8.77
C GLY B 18 -4.04 -9.32 8.16
N LEU B 19 -3.33 -8.39 8.85
CA LEU B 19 -2.07 -7.84 8.39
C LEU B 19 -0.91 -8.71 8.86
N THR B 20 -0.07 -9.19 7.92
CA THR B 20 0.98 -10.16 8.19
C THR B 20 2.21 -9.56 8.90
N ALA B 21 3.31 -10.34 9.00
CA ALA B 21 4.56 -9.94 9.64
C ALA B 21 5.18 -8.64 9.14
N ARG B 22 5.46 -8.51 7.83
CA ARG B 22 6.31 -7.45 7.34
C ARG B 22 5.59 -6.12 7.31
N GLU B 23 4.25 -6.19 7.13
CA GLU B 23 3.29 -5.10 7.27
C GLU B 23 3.43 -4.37 8.60
N ALA B 24 3.50 -5.14 9.71
CA ALA B 24 3.74 -4.61 11.03
C ALA B 24 5.14 -4.02 11.18
N LYS B 25 6.12 -4.46 10.36
CA LYS B 25 7.49 -4.01 10.39
C LYS B 25 7.59 -2.66 9.68
N VAL B 26 6.97 -2.49 8.49
CA VAL B 26 7.02 -1.26 7.72
C VAL B 26 6.17 -0.11 8.30
N LEU B 27 5.22 -0.43 9.20
CA LEU B 27 4.37 0.52 9.92
C LEU B 27 5.15 1.36 10.92
N ARG B 28 6.25 0.80 11.45
CA ARG B 28 7.40 1.53 11.93
C ARG B 28 8.11 2.23 10.76
N MET B 29 8.84 1.51 9.86
CA MET B 29 9.72 2.08 8.84
C MET B 29 9.32 3.36 8.09
N ARG B 30 8.06 3.42 7.62
CA ARG B 30 7.54 4.47 6.75
C ARG B 30 6.50 5.34 7.44
N PHE B 31 5.64 4.72 8.27
CA PHE B 31 4.46 5.36 8.83
C PHE B 31 4.77 5.95 10.20
N GLY B 32 5.86 5.48 10.84
CA GLY B 32 6.36 6.02 12.10
C GLY B 32 5.50 5.75 13.29
N ILE B 33 4.88 4.56 13.36
CA ILE B 33 4.04 4.16 14.48
C ILE B 33 4.74 3.08 15.28
N ASP B 34 4.77 3.22 16.62
CA ASP B 34 5.32 2.21 17.50
C ASP B 34 4.19 1.29 17.95
N MET B 35 4.02 0.15 17.24
CA MET B 35 3.16 -0.93 17.69
C MET B 35 3.95 -2.24 17.91
N ASN B 36 4.92 -2.19 18.84
CA ASN B 36 5.95 -3.19 19.04
C ASN B 36 5.96 -3.76 20.47
N THR B 37 5.30 -3.10 21.44
CA THR B 37 5.34 -3.44 22.88
C THR B 37 4.52 -4.66 23.31
N ASP B 38 3.36 -4.38 23.92
CA ASP B 38 2.49 -5.29 24.63
C ASP B 38 1.07 -5.12 24.10
N TYR B 39 0.40 -6.26 23.89
CA TYR B 39 -0.94 -6.31 23.33
C TYR B 39 -1.89 -7.09 24.21
N THR B 40 -3.17 -6.72 24.09
CA THR B 40 -4.34 -7.46 24.52
C THR B 40 -5.18 -7.59 23.27
N LEU B 41 -6.22 -8.46 23.25
CA LEU B 41 -7.02 -8.70 22.05
C LEU B 41 -8.03 -7.58 21.88
N GLU B 42 -8.31 -6.84 22.97
CA GLU B 42 -8.90 -5.52 22.96
C GLU B 42 -8.11 -4.53 22.10
N GLU B 43 -6.81 -4.39 22.40
CA GLU B 43 -5.91 -3.48 21.70
C GLU B 43 -5.45 -3.91 20.32
N VAL B 44 -5.53 -5.21 19.95
CA VAL B 44 -5.50 -5.65 18.54
C VAL B 44 -6.60 -4.94 17.74
N GLY B 45 -7.79 -4.83 18.34
CA GLY B 45 -8.92 -4.07 17.80
C GLY B 45 -8.67 -2.59 17.74
N LYS B 46 -8.24 -1.94 18.84
CA LYS B 46 -8.16 -0.47 18.90
C LYS B 46 -7.03 0.05 18.03
N GLN B 47 -5.95 -0.75 17.82
CA GLN B 47 -4.93 -0.41 16.85
C GLN B 47 -5.43 -0.53 15.41
N PHE B 48 -6.53 -1.26 15.11
CA PHE B 48 -7.14 -1.31 13.79
C PHE B 48 -7.89 -0.02 13.45
N ASP B 49 -8.94 0.32 14.23
CA ASP B 49 -9.42 1.68 14.50
C ASP B 49 -8.45 2.84 14.30
N VAL B 50 -7.42 2.98 15.16
CA VAL B 50 -6.43 4.05 15.09
C VAL B 50 -5.65 4.04 13.77
N THR B 51 -4.87 2.99 13.47
CA THR B 51 -4.14 2.82 12.21
C THR B 51 -4.93 2.90 10.90
N ARG B 52 -6.20 2.42 10.82
CA ARG B 52 -6.98 2.56 9.60
C ARG B 52 -7.42 4.00 9.36
N GLU B 53 -8.00 4.62 10.41
CA GLU B 53 -8.25 6.06 10.52
C GLU B 53 -7.07 6.90 10.09
N ARG B 54 -5.86 6.57 10.61
CA ARG B 54 -4.61 7.17 10.19
C ARG B 54 -4.35 7.12 8.70
N ILE B 55 -4.63 6.00 8.00
CA ILE B 55 -4.46 5.86 6.56
C ILE B 55 -5.37 6.81 5.80
N ARG B 56 -6.61 7.06 6.28
CA ARG B 56 -7.55 7.94 5.58
C ARG B 56 -7.15 9.41 5.78
N GLN B 57 -6.31 9.68 6.81
CA GLN B 57 -5.64 10.95 7.04
C GLN B 57 -4.34 11.10 6.24
N ILE B 58 -3.71 9.99 5.79
CA ILE B 58 -2.64 9.97 4.81
C ILE B 58 -3.12 10.34 3.40
N GLU B 59 -4.34 9.83 3.04
CA GLU B 59 -5.09 10.09 1.80
C GLU B 59 -5.20 11.57 1.47
N ALA B 60 -5.75 12.29 2.46
CA ALA B 60 -5.80 13.73 2.65
C ALA B 60 -4.53 14.49 2.34
N LYS B 61 -3.38 14.01 2.88
CA LYS B 61 -2.08 14.61 2.74
C LYS B 61 -1.55 14.45 1.33
N ALA B 62 -1.69 13.22 0.78
CA ALA B 62 -1.38 12.90 -0.60
C ALA B 62 -2.19 13.73 -1.62
N LEU B 63 -3.43 14.12 -1.31
CA LEU B 63 -4.20 15.11 -2.08
C LEU B 63 -3.71 16.56 -1.95
N ARG B 64 -2.61 16.81 -1.21
CA ARG B 64 -1.88 18.07 -1.23
C ARG B 64 -0.69 17.93 -2.16
N LYS B 65 0.01 16.79 -2.16
CA LYS B 65 1.06 16.51 -3.15
C LYS B 65 0.55 16.39 -4.59
N LEU B 66 -0.50 15.59 -4.81
CA LEU B 66 -0.98 15.29 -6.15
C LEU B 66 -2.07 16.26 -6.59
N ARG B 67 -1.73 17.25 -7.46
CA ARG B 67 -2.65 18.25 -7.97
C ARG B 67 -3.36 17.87 -9.26
N HIS B 68 -3.00 16.73 -9.89
CA HIS B 68 -3.76 16.20 -11.03
C HIS B 68 -5.14 15.69 -10.60
N PRO B 69 -6.21 15.80 -11.38
CA PRO B 69 -7.57 15.48 -10.92
C PRO B 69 -7.84 13.97 -10.84
N SER B 70 -7.73 13.38 -9.63
CA SER B 70 -7.92 11.96 -9.39
C SER B 70 -9.36 11.51 -9.53
N ARG B 71 -10.28 11.91 -8.62
CA ARG B 71 -11.66 11.45 -8.68
C ARG B 71 -12.47 12.29 -9.65
N SER B 72 -13.27 11.63 -10.51
CA SER B 72 -14.00 12.22 -11.60
C SER B 72 -15.25 12.97 -11.19
N GLU B 73 -15.89 12.54 -10.07
CA GLU B 73 -17.18 13.07 -9.68
C GLU B 73 -17.12 14.12 -8.57
N VAL B 74 -18.04 15.09 -8.67
CA VAL B 74 -18.15 16.31 -7.91
C VAL B 74 -19.49 16.37 -7.18
N LEU B 75 -19.49 16.45 -5.84
CA LEU B 75 -20.67 16.23 -5.02
C LEU B 75 -20.95 17.40 -4.09
N ARG B 76 -22.19 17.95 -4.09
CA ARG B 76 -22.67 18.90 -3.07
C ARG B 76 -23.53 18.15 -2.06
N SER B 77 -24.86 18.12 -2.29
CA SER B 77 -25.75 17.07 -1.79
C SER B 77 -25.58 15.83 -2.68
N PHE B 78 -26.52 14.85 -2.69
CA PHE B 78 -26.31 13.54 -3.32
C PHE B 78 -26.66 13.69 -4.81
N LEU B 79 -25.65 14.08 -5.62
CA LEU B 79 -25.76 14.38 -7.03
C LEU B 79 -25.14 13.24 -7.82
N ASP B 80 -25.63 12.02 -7.57
CA ASP B 80 -25.19 10.82 -8.25
C ASP B 80 -26.43 9.96 -8.49
N ASP B 81 -26.23 8.68 -8.89
CA ASP B 81 -27.20 7.62 -9.03
C ASP B 81 -28.55 8.04 -9.69
N ASN A 2 22.01 -5.86 -4.20
CA ASN A 2 20.88 -5.02 -4.49
C ASN A 2 20.16 -5.52 -5.72
N LYS A 3 18.90 -5.97 -5.56
CA LYS A 3 17.98 -6.20 -6.65
C LYS A 3 16.87 -5.16 -6.55
N ASN A 4 16.02 -5.00 -7.59
CA ASN A 4 14.79 -4.25 -7.52
C ASN A 4 13.75 -4.85 -6.58
N ILE A 5 13.92 -6.12 -6.14
CA ILE A 5 12.97 -6.87 -5.33
C ILE A 5 12.76 -6.23 -3.95
N ASP A 6 13.78 -5.50 -3.44
CA ASP A 6 13.68 -4.67 -2.24
C ASP A 6 12.57 -3.60 -2.31
N THR A 7 12.52 -2.84 -3.42
CA THR A 7 11.50 -1.84 -3.70
C THR A 7 10.14 -2.49 -3.89
N VAL A 8 10.12 -3.62 -4.62
CA VAL A 8 8.95 -4.48 -4.80
C VAL A 8 8.37 -4.94 -3.46
N ARG A 9 9.18 -5.58 -2.58
CA ARG A 9 8.87 -5.91 -1.19
C ARG A 9 8.27 -4.74 -0.39
N GLU A 10 8.89 -3.54 -0.49
CA GLU A 10 8.43 -2.32 0.14
C GLU A 10 7.02 -1.91 -0.30
N ILE A 11 6.83 -1.68 -1.62
CA ILE A 11 5.56 -1.39 -2.26
C ILE A 11 4.45 -2.39 -1.97
N ILE A 12 4.74 -3.70 -2.08
CA ILE A 12 3.80 -4.78 -1.78
C ILE A 12 3.40 -4.77 -0.31
N THR A 13 4.36 -4.53 0.61
CA THR A 13 4.06 -4.24 2.02
C THR A 13 3.11 -3.06 2.22
N VAL A 14 3.37 -1.88 1.61
CA VAL A 14 2.54 -0.68 1.80
C VAL A 14 1.19 -0.82 1.10
N ALA A 15 1.12 -1.57 0.00
CA ALA A 15 -0.10 -1.94 -0.67
C ALA A 15 -0.93 -2.98 0.07
N SER A 16 -0.34 -3.74 1.02
CA SER A 16 -1.01 -4.89 1.61
C SER A 16 -2.05 -4.38 2.60
N ILE A 17 -1.53 -3.59 3.56
CA ILE A 17 -2.15 -2.52 4.32
C ILE A 17 -3.39 -1.88 3.71
N LEU A 18 -3.26 -1.28 2.50
CA LEU A 18 -4.38 -0.67 1.79
C LEU A 18 -5.60 -1.57 1.64
N ILE A 19 -5.30 -2.85 1.32
CA ILE A 19 -6.23 -3.95 1.17
C ILE A 19 -6.75 -4.39 2.53
N LYS A 20 -5.86 -4.86 3.44
CA LYS A 20 -6.26 -5.62 4.63
C LYS A 20 -7.09 -4.77 5.61
N PHE A 21 -6.69 -3.49 5.70
CA PHE A 21 -7.18 -2.50 6.66
C PHE A 21 -8.38 -1.73 6.15
N SER A 22 -8.20 -1.04 5.01
CA SER A 22 -9.16 -0.04 4.51
C SER A 22 -9.90 -0.50 3.29
N ARG A 23 -9.44 -1.61 2.68
CA ARG A 23 -10.06 -2.36 1.60
C ARG A 23 -10.30 -1.61 0.29
N GLU A 24 -11.05 -2.28 -0.62
CA GLU A 24 -11.58 -1.85 -1.90
C GLU A 24 -12.11 -0.43 -2.02
N ASP A 25 -12.47 0.25 -0.91
CA ASP A 25 -12.79 1.66 -0.87
C ASP A 25 -11.63 2.56 -1.30
N ILE A 26 -10.43 2.43 -0.71
CA ILE A 26 -9.29 3.30 -1.01
C ILE A 26 -8.54 2.84 -2.26
N VAL A 27 -8.20 1.53 -2.31
CA VAL A 27 -7.78 0.72 -3.45
C VAL A 27 -8.45 1.05 -4.80
N GLU A 28 -9.75 1.39 -4.76
CA GLU A 28 -10.55 1.92 -5.84
C GLU A 28 -9.88 2.95 -6.76
N ASN A 29 -9.16 3.97 -6.22
CA ASN A 29 -8.77 5.13 -7.00
C ASN A 29 -7.33 4.93 -7.46
N ARG A 30 -7.04 4.96 -8.76
CA ARG A 30 -5.70 4.78 -9.31
C ARG A 30 -4.66 5.76 -8.83
N ALA A 31 -5.03 7.06 -8.72
CA ALA A 31 -4.10 8.10 -8.35
C ALA A 31 -3.61 8.01 -6.92
N ASN A 32 -4.47 7.62 -5.97
CA ASN A 32 -4.08 7.38 -4.58
C ASN A 32 -2.92 6.40 -4.40
N PHE A 33 -2.79 5.37 -5.26
CA PHE A 33 -1.76 4.34 -5.12
C PHE A 33 -0.36 4.92 -5.35
N ILE A 34 -0.12 5.47 -6.56
CA ILE A 34 0.78 6.57 -6.90
C ILE A 34 0.97 7.60 -5.78
N ALA A 35 -0.06 8.36 -5.37
CA ALA A 35 0.06 9.39 -4.37
C ALA A 35 0.61 8.97 -3.01
N PHE A 36 0.36 7.71 -2.56
CA PHE A 36 0.77 7.20 -1.26
C PHE A 36 2.26 6.90 -1.18
N LEU A 37 2.89 6.29 -2.21
CA LEU A 37 4.32 6.03 -2.12
C LEU A 37 5.14 7.32 -2.09
N ASN A 38 4.69 8.37 -2.85
CA ASN A 38 5.36 9.65 -2.88
C ASN A 38 5.32 10.35 -1.52
N GLU A 39 4.11 10.43 -0.93
CA GLU A 39 3.78 10.91 0.41
C GLU A 39 4.77 10.48 1.47
N ILE A 40 5.02 9.16 1.60
CA ILE A 40 5.91 8.59 2.58
C ILE A 40 7.36 8.53 2.09
N GLY A 41 7.62 8.59 0.79
CA GLY A 41 8.99 8.75 0.30
C GLY A 41 9.68 7.43 0.07
N VAL A 42 9.07 6.55 -0.74
CA VAL A 42 9.77 5.41 -1.32
C VAL A 42 10.26 5.90 -2.67
N THR A 43 11.58 5.85 -2.95
CA THR A 43 12.16 6.20 -4.25
C THR A 43 13.00 5.00 -4.64
N HIS A 44 13.47 4.87 -5.90
CA HIS A 44 14.47 3.88 -6.28
C HIS A 44 15.23 4.48 -7.42
N GLU A 45 16.57 4.36 -7.57
CA GLU A 45 17.21 4.72 -8.84
C GLU A 45 17.30 6.24 -9.01
N GLY A 46 16.96 6.95 -7.91
CA GLY A 46 16.90 8.40 -7.82
C GLY A 46 15.57 8.93 -8.25
N ARG A 47 14.63 8.04 -8.64
CA ARG A 47 13.41 8.38 -9.32
C ARG A 47 12.21 8.07 -8.45
N LYS A 48 11.27 9.03 -8.33
CA LYS A 48 10.06 8.80 -7.59
C LYS A 48 9.03 8.10 -8.45
N LEU A 49 8.34 7.08 -7.89
CA LEU A 49 7.46 6.16 -8.61
C LEU A 49 6.24 6.75 -9.32
N ASN A 50 6.41 7.28 -10.55
CA ASN A 50 5.31 7.51 -11.47
C ASN A 50 4.79 6.21 -12.10
N GLN A 51 3.80 6.31 -13.02
CA GLN A 51 3.14 5.17 -13.63
C GLN A 51 4.02 4.29 -14.54
N ASN A 52 5.04 4.87 -15.21
CA ASN A 52 6.05 4.13 -15.94
C ASN A 52 6.94 3.33 -15.00
N SER A 53 7.51 4.03 -14.01
CA SER A 53 8.40 3.52 -12.98
C SER A 53 7.80 2.37 -12.21
N PHE A 54 6.49 2.48 -11.90
CA PHE A 54 5.70 1.47 -11.26
C PHE A 54 5.60 0.16 -12.03
N ARG A 55 5.04 0.16 -13.26
CA ARG A 55 4.84 -1.09 -13.97
C ARG A 55 6.14 -1.68 -14.49
N LYS A 56 7.17 -0.85 -14.73
CA LYS A 56 8.52 -1.28 -15.08
C LYS A 56 9.10 -2.32 -14.12
N ILE A 57 9.15 -2.07 -12.80
CA ILE A 57 9.70 -3.01 -11.83
C ILE A 57 8.88 -4.28 -11.60
N VAL A 58 7.61 -4.27 -12.03
CA VAL A 58 6.71 -5.42 -12.04
C VAL A 58 6.85 -6.23 -13.33
N SER A 59 6.91 -5.55 -14.48
CA SER A 59 7.16 -6.08 -15.82
C SER A 59 8.56 -6.65 -16.02
N GLU A 60 9.65 -5.84 -15.92
CA GLU A 60 11.02 -6.34 -16.09
C GLU A 60 11.53 -6.84 -14.74
N LEU A 61 11.01 -8.02 -14.40
CA LEU A 61 11.27 -8.73 -13.18
C LEU A 61 11.59 -10.16 -13.57
N THR A 62 12.59 -10.75 -12.87
CA THR A 62 13.09 -12.09 -13.13
C THR A 62 12.07 -13.14 -12.79
N GLN A 63 11.97 -14.25 -13.55
CA GLN A 63 11.10 -15.36 -13.19
C GLN A 63 11.48 -16.01 -11.87
N GLU A 64 12.79 -16.22 -11.67
CA GLU A 64 13.38 -16.79 -10.48
C GLU A 64 13.10 -15.96 -9.24
N ASP A 65 13.42 -14.64 -9.25
CA ASP A 65 13.23 -13.78 -8.08
C ASP A 65 11.80 -13.28 -7.94
N LYS A 66 10.97 -13.13 -9.00
CA LYS A 66 9.53 -12.95 -8.77
C LYS A 66 8.90 -14.13 -8.03
N LYS A 67 9.39 -15.38 -8.30
CA LYS A 67 8.85 -16.57 -7.66
C LYS A 67 9.31 -16.67 -6.21
N THR A 68 10.48 -16.08 -5.86
CA THR A 68 10.81 -15.84 -4.44
C THR A 68 9.76 -15.03 -3.68
N LEU A 69 9.22 -13.93 -4.26
CA LEU A 69 8.11 -13.18 -3.70
C LEU A 69 6.86 -14.03 -3.57
N ILE A 70 6.51 -14.78 -4.64
CA ILE A 70 5.43 -15.76 -4.67
C ILE A 70 5.53 -16.79 -3.55
N ASP A 71 6.61 -17.60 -3.46
CA ASP A 71 6.78 -18.58 -2.41
C ASP A 71 6.89 -18.00 -1.00
N GLU A 72 7.51 -16.81 -0.81
CA GLU A 72 7.50 -16.12 0.47
C GLU A 72 6.11 -15.64 0.87
N PHE A 73 5.45 -14.84 0.02
CA PHE A 73 4.17 -14.23 0.28
C PHE A 73 3.13 -14.76 -0.69
N ASN A 74 2.69 -16.03 -0.56
CA ASN A 74 1.78 -16.66 -1.53
C ASN A 74 0.47 -15.92 -1.69
N GLU A 75 -0.29 -15.72 -0.61
CA GLU A 75 -1.58 -15.04 -0.69
C GLU A 75 -1.49 -13.54 -0.89
N GLY A 76 -0.40 -12.87 -0.45
CA GLY A 76 -0.32 -11.42 -0.49
C GLY A 76 0.37 -10.90 -1.72
N PHE A 77 1.48 -11.51 -2.19
CA PHE A 77 2.13 -11.03 -3.41
C PHE A 77 1.26 -11.30 -4.62
N GLU A 78 0.87 -12.57 -4.84
CA GLU A 78 0.08 -12.98 -5.98
C GLU A 78 -1.26 -12.30 -6.01
N GLY A 79 -1.92 -12.22 -4.83
CA GLY A 79 -3.18 -11.52 -4.66
C GLY A 79 -3.11 -10.06 -4.93
N VAL A 80 -2.16 -9.30 -4.36
CA VAL A 80 -2.20 -7.85 -4.46
C VAL A 80 -1.69 -7.38 -5.80
N TYR A 81 -0.57 -7.94 -6.34
CA TYR A 81 0.04 -7.44 -7.56
C TYR A 81 -0.88 -7.60 -8.78
N ARG A 82 -1.63 -8.73 -8.82
CA ARG A 82 -2.62 -9.06 -9.82
C ARG A 82 -3.82 -8.11 -9.80
N TYR A 83 -4.41 -7.85 -8.62
CA TYR A 83 -5.54 -6.93 -8.53
C TYR A 83 -5.11 -5.48 -8.72
N LEU A 84 -3.84 -5.12 -8.44
CA LEU A 84 -3.29 -3.84 -8.84
C LEU A 84 -3.08 -3.68 -10.34
N GLU A 85 -2.68 -4.73 -11.08
CA GLU A 85 -2.68 -4.74 -12.55
C GLU A 85 -4.09 -4.47 -13.12
N MET A 86 -5.12 -5.05 -12.47
CA MET A 86 -6.51 -4.86 -12.82
C MET A 86 -7.03 -3.44 -12.52
N TYR A 87 -6.79 -2.91 -11.30
CA TYR A 87 -7.25 -1.59 -10.89
C TYR A 87 -6.41 -0.43 -11.40
N THR A 88 -5.06 -0.47 -11.28
CA THR A 88 -4.18 0.64 -11.68
C THR A 88 -4.00 0.67 -13.19
N ASN A 89 -4.98 1.24 -13.93
CA ASN A 89 -4.95 1.18 -15.38
C ASN A 89 -3.95 2.18 -15.96
N LYS A 90 -3.42 1.97 -17.17
CA LYS A 90 -2.58 2.99 -17.80
C LYS A 90 -3.42 4.13 -18.35
N ASP B 14 -1.42 -11.93 14.73
CA ASP B 14 -1.03 -11.24 13.51
C ASP B 14 -1.76 -11.80 12.27
N VAL B 15 -1.51 -13.09 11.96
CA VAL B 15 -2.16 -13.92 10.95
C VAL B 15 -3.68 -13.87 11.02
N LEU B 16 -4.24 -14.07 12.23
CA LEU B 16 -5.65 -13.91 12.55
C LEU B 16 -6.27 -12.58 12.10
N ALA B 17 -5.62 -11.44 12.38
CA ALA B 17 -6.13 -10.14 11.97
C ALA B 17 -5.87 -9.87 10.49
N GLY B 18 -4.73 -10.36 9.95
CA GLY B 18 -4.49 -10.39 8.51
C GLY B 18 -3.17 -9.83 8.12
N LEU B 19 -2.50 -9.08 9.02
CA LEU B 19 -1.25 -8.41 8.72
C LEU B 19 -0.03 -9.24 9.04
N THR B 20 0.93 -9.32 8.09
CA THR B 20 2.23 -9.94 8.26
C THR B 20 3.19 -9.09 9.07
N ALA B 21 4.30 -9.68 9.56
CA ALA B 21 5.46 -9.01 10.13
C ALA B 21 5.90 -7.73 9.44
N ARG B 22 6.01 -7.77 8.08
CA ARG B 22 6.53 -6.71 7.24
C ARG B 22 5.74 -5.41 7.43
N GLU B 23 4.39 -5.64 7.42
CA GLU B 23 3.28 -4.72 7.51
C GLU B 23 3.19 -4.09 8.88
N ALA B 24 3.30 -4.91 9.96
CA ALA B 24 3.38 -4.43 11.33
C ALA B 24 4.54 -3.45 11.52
N LYS B 25 5.71 -3.84 10.99
CA LYS B 25 6.94 -3.08 11.02
C LYS B 25 6.90 -1.81 10.22
N VAL B 26 6.37 -1.79 8.97
CA VAL B 26 6.39 -0.57 8.15
C VAL B 26 5.60 0.59 8.77
N LEU B 27 4.60 0.24 9.62
CA LEU B 27 3.79 1.17 10.38
C LEU B 27 4.63 1.98 11.34
N ARG B 28 5.43 1.30 12.18
CA ARG B 28 6.39 1.97 13.04
C ARG B 28 7.59 2.52 12.30
N MET B 29 8.04 2.04 11.12
CA MET B 29 9.18 2.69 10.47
C MET B 29 8.77 3.97 9.74
N ARG B 30 7.77 3.85 8.83
CA ARG B 30 7.34 4.89 7.92
C ARG B 30 6.08 5.62 8.40
N PHE B 31 4.96 4.91 8.65
CA PHE B 31 3.64 5.52 8.86
C PHE B 31 3.57 6.33 10.16
N GLY B 32 4.40 5.97 11.16
CA GLY B 32 4.62 6.71 12.38
C GLY B 32 3.87 6.26 13.60
N ILE B 33 3.26 5.04 13.63
CA ILE B 33 2.58 4.53 14.82
C ILE B 33 3.44 3.43 15.43
N ASP B 34 3.71 3.52 16.75
CA ASP B 34 4.57 2.58 17.45
C ASP B 34 3.78 1.62 18.34
N MET B 35 3.23 0.50 17.79
CA MET B 35 2.68 -0.57 18.62
C MET B 35 3.68 -1.73 18.75
N ASN B 36 4.80 -1.58 19.49
CA ASN B 36 5.85 -2.60 19.54
C ASN B 36 5.89 -3.23 20.93
N THR B 37 4.82 -3.95 21.27
CA THR B 37 4.56 -4.52 22.59
C THR B 37 3.27 -5.31 22.50
N ASP B 38 2.90 -5.89 23.64
CA ASP B 38 1.79 -6.74 23.96
C ASP B 38 0.50 -5.96 24.07
N TYR B 39 -0.57 -6.49 23.42
CA TYR B 39 -1.88 -5.89 23.42
C TYR B 39 -2.93 -6.91 23.82
N THR B 40 -4.06 -6.44 24.32
CA THR B 40 -5.25 -7.22 24.64
C THR B 40 -6.12 -7.36 23.39
N LEU B 41 -7.03 -8.35 23.30
CA LEU B 41 -7.79 -8.67 22.08
C LEU B 41 -8.80 -7.57 21.70
N GLU B 42 -9.29 -6.81 22.71
CA GLU B 42 -9.90 -5.50 22.58
C GLU B 42 -9.01 -4.47 21.88
N GLU B 43 -7.80 -4.26 22.41
CA GLU B 43 -6.80 -3.31 21.94
C GLU B 43 -6.34 -3.54 20.52
N VAL B 44 -6.06 -4.80 20.11
CA VAL B 44 -5.85 -5.19 18.71
C VAL B 44 -6.90 -4.62 17.74
N GLY B 45 -8.20 -4.78 18.08
CA GLY B 45 -9.32 -4.32 17.28
C GLY B 45 -9.47 -2.82 17.26
N LYS B 46 -9.20 -2.15 18.40
CA LYS B 46 -9.31 -0.71 18.52
C LYS B 46 -8.09 -0.01 17.90
N GLN B 47 -6.96 -0.72 17.76
CA GLN B 47 -5.77 -0.25 17.05
C GLN B 47 -5.94 -0.32 15.53
N PHE B 48 -6.97 -1.04 15.03
CA PHE B 48 -7.33 -1.17 13.63
C PHE B 48 -7.98 0.11 13.08
N ASP B 49 -9.19 0.48 13.55
CA ASP B 49 -9.63 1.85 13.88
C ASP B 49 -8.60 2.98 13.88
N VAL B 50 -7.58 2.94 14.78
CA VAL B 50 -6.47 3.90 14.81
C VAL B 50 -5.66 3.88 13.51
N THR B 51 -4.99 2.78 13.16
CA THR B 51 -4.40 2.55 11.83
C THR B 51 -5.22 2.97 10.60
N ARG B 52 -6.53 2.66 10.51
CA ARG B 52 -7.39 3.12 9.42
C ARG B 52 -7.53 4.63 9.38
N GLU B 53 -7.74 5.25 10.57
CA GLU B 53 -7.65 6.69 10.78
C GLU B 53 -6.35 7.26 10.24
N ARG B 54 -5.18 6.72 10.65
CA ARG B 54 -3.89 7.15 10.18
C ARG B 54 -3.71 7.07 8.68
N ILE B 55 -4.21 6.02 7.98
CA ILE B 55 -4.19 5.93 6.52
C ILE B 55 -4.99 7.08 5.91
N ARG B 56 -6.14 7.49 6.48
CA ARG B 56 -6.94 8.58 5.93
C ARG B 56 -6.27 9.95 6.21
N GLN B 57 -5.30 10.01 7.16
CA GLN B 57 -4.41 11.14 7.34
C GLN B 57 -3.27 11.15 6.33
N ILE B 58 -2.74 10.00 5.91
CA ILE B 58 -1.84 9.87 4.76
C ILE B 58 -2.45 10.45 3.47
N GLU B 59 -3.73 10.08 3.21
CA GLU B 59 -4.61 10.60 2.16
C GLU B 59 -4.71 12.11 2.19
N ALA B 60 -5.01 12.68 3.37
CA ALA B 60 -5.04 14.10 3.64
C ALA B 60 -3.84 14.90 3.14
N LYS B 61 -2.61 14.41 3.40
CA LYS B 61 -1.40 15.06 2.90
C LYS B 61 -1.17 14.71 1.45
N ALA B 62 -1.38 13.44 1.06
CA ALA B 62 -1.15 12.95 -0.28
C ALA B 62 -1.96 13.67 -1.35
N LEU B 63 -3.25 13.96 -1.08
CA LEU B 63 -4.13 14.78 -1.90
C LEU B 63 -3.87 16.29 -1.82
N ARG B 64 -2.95 16.75 -0.94
CA ARG B 64 -2.45 18.11 -0.86
C ARG B 64 -1.11 18.19 -1.59
N LYS B 65 -0.27 17.13 -1.55
CA LYS B 65 0.94 17.02 -2.35
C LYS B 65 0.68 16.74 -3.83
N LEU B 66 -0.34 15.93 -4.19
CA LEU B 66 -0.62 15.50 -5.55
C LEU B 66 -1.47 16.52 -6.30
N ARG B 67 -0.82 17.35 -7.15
CA ARG B 67 -1.50 18.29 -8.03
C ARG B 67 -1.62 17.77 -9.47
N HIS B 68 -1.14 16.56 -9.78
CA HIS B 68 -1.36 15.94 -11.08
C HIS B 68 -2.70 15.21 -11.12
N PRO B 69 -3.73 15.68 -11.82
CA PRO B 69 -5.10 15.32 -11.52
C PRO B 69 -5.50 13.93 -12.01
N SER B 70 -6.61 13.42 -11.45
CA SER B 70 -7.19 12.15 -11.88
C SER B 70 -8.67 12.15 -11.56
N ARG B 71 -9.07 12.39 -10.28
CA ARG B 71 -10.44 12.23 -9.83
C ARG B 71 -11.24 13.46 -10.18
N SER B 72 -12.35 13.26 -10.90
CA SER B 72 -13.29 14.28 -11.29
C SER B 72 -14.42 14.33 -10.28
N GLU B 73 -15.15 13.21 -10.07
CA GLU B 73 -16.44 13.25 -9.38
C GLU B 73 -16.43 12.83 -7.92
N VAL B 74 -17.49 13.26 -7.21
CA VAL B 74 -17.67 13.07 -5.79
C VAL B 74 -18.21 11.68 -5.46
N LEU B 75 -17.34 10.78 -4.98
CA LEU B 75 -17.71 9.42 -4.61
C LEU B 75 -16.84 9.01 -3.44
N ARG B 76 -17.40 8.89 -2.23
CA ARG B 76 -16.65 8.44 -1.07
C ARG B 76 -17.64 8.11 0.04
N SER B 77 -17.62 8.86 1.18
CA SER B 77 -18.62 8.71 2.22
C SER B 77 -18.64 9.92 3.10
N PHE B 78 -17.52 10.20 3.82
CA PHE B 78 -17.50 11.19 4.88
C PHE B 78 -17.17 12.56 4.30
N LEU B 79 -18.13 13.26 3.68
CA LEU B 79 -17.83 14.34 2.74
C LEU B 79 -18.16 15.67 3.37
N ASP B 80 -17.48 16.00 4.49
CA ASP B 80 -17.79 17.19 5.24
C ASP B 80 -17.07 18.43 4.66
N ASP B 81 -16.35 18.24 3.53
CA ASP B 81 -15.51 19.16 2.78
C ASP B 81 -16.07 20.59 2.72
N ASN A 2 22.12 -3.53 -6.35
CA ASN A 2 21.30 -2.98 -7.39
C ASN A 2 20.09 -3.87 -7.62
N LYS A 3 19.21 -3.92 -6.61
CA LYS A 3 18.14 -4.89 -6.52
C LYS A 3 16.79 -4.24 -6.59
N ASN A 4 15.87 -4.83 -7.38
CA ASN A 4 14.52 -4.34 -7.53
C ASN A 4 13.68 -4.84 -6.39
N ILE A 5 13.99 -6.04 -5.85
CA ILE A 5 13.09 -6.74 -4.93
C ILE A 5 13.00 -6.03 -3.59
N ASP A 6 14.05 -5.28 -3.21
CA ASP A 6 14.08 -4.34 -2.09
C ASP A 6 12.92 -3.32 -2.16
N THR A 7 12.80 -2.59 -3.28
CA THR A 7 11.73 -1.62 -3.56
C THR A 7 10.35 -2.27 -3.66
N VAL A 8 10.32 -3.43 -4.36
CA VAL A 8 9.15 -4.29 -4.52
C VAL A 8 8.59 -4.69 -3.17
N ARG A 9 9.44 -5.24 -2.26
CA ARG A 9 9.16 -5.52 -0.86
C ARG A 9 8.48 -4.39 -0.09
N GLU A 10 8.89 -3.12 -0.29
CA GLU A 10 8.23 -1.97 0.31
C GLU A 10 6.81 -1.82 -0.25
N ILE A 11 6.69 -1.68 -1.59
CA ILE A 11 5.46 -1.57 -2.38
C ILE A 11 4.43 -2.63 -2.00
N ILE A 12 4.82 -3.91 -1.98
CA ILE A 12 3.97 -5.03 -1.59
C ILE A 12 3.47 -4.89 -0.16
N THR A 13 4.39 -4.73 0.82
CA THR A 13 4.07 -4.52 2.24
C THR A 13 3.09 -3.39 2.48
N VAL A 14 3.35 -2.20 1.88
CA VAL A 14 2.54 -1.01 2.08
C VAL A 14 1.25 -0.98 1.27
N ALA A 15 1.16 -1.83 0.24
CA ALA A 15 -0.10 -1.99 -0.48
C ALA A 15 -0.94 -3.10 0.15
N SER A 16 -0.34 -3.98 0.98
CA SER A 16 -1.05 -5.07 1.64
C SER A 16 -1.89 -4.43 2.75
N ILE A 17 -1.22 -3.60 3.61
CA ILE A 17 -1.77 -2.59 4.53
C ILE A 17 -3.07 -1.94 4.04
N LEU A 18 -3.07 -1.33 2.84
CA LEU A 18 -4.25 -0.69 2.27
C LEU A 18 -5.45 -1.63 2.12
N ILE A 19 -5.16 -2.86 1.64
CA ILE A 19 -6.09 -3.99 1.53
C ILE A 19 -6.59 -4.37 2.91
N LYS A 20 -5.66 -4.75 3.82
CA LYS A 20 -5.93 -5.46 5.05
C LYS A 20 -6.83 -4.66 5.99
N PHE A 21 -6.61 -3.34 5.96
CA PHE A 21 -7.26 -2.36 6.79
C PHE A 21 -8.42 -1.70 6.06
N SER A 22 -8.19 -1.04 4.91
CA SER A 22 -9.17 -0.14 4.31
C SER A 22 -9.86 -0.74 3.11
N ARG A 23 -9.44 -1.93 2.62
CA ARG A 23 -10.13 -2.67 1.58
C ARG A 23 -10.23 -1.95 0.25
N GLU A 24 -11.38 -2.07 -0.44
CA GLU A 24 -11.45 -1.77 -1.86
C GLU A 24 -11.68 -0.29 -2.14
N ASP A 25 -11.96 0.47 -1.06
CA ASP A 25 -12.11 1.91 -0.99
C ASP A 25 -10.96 2.67 -1.66
N ILE A 26 -9.72 2.51 -1.16
CA ILE A 26 -8.57 3.27 -1.65
C ILE A 26 -7.78 2.50 -2.71
N VAL A 27 -7.82 1.15 -2.65
CA VAL A 27 -7.37 0.21 -3.66
C VAL A 27 -7.98 0.40 -5.04
N GLU A 28 -9.31 0.71 -5.17
CA GLU A 28 -9.93 1.04 -6.45
C GLU A 28 -9.28 2.23 -7.14
N ASN A 29 -8.87 3.19 -6.28
CA ASN A 29 -8.53 4.55 -6.66
C ASN A 29 -7.12 4.57 -7.25
N ARG A 30 -6.97 4.58 -8.58
CA ARG A 30 -5.67 4.44 -9.25
C ARG A 30 -4.63 5.49 -8.88
N ALA A 31 -5.04 6.78 -8.80
CA ALA A 31 -4.11 7.86 -8.55
C ALA A 31 -3.74 7.98 -7.07
N ASN A 32 -4.71 7.78 -6.16
CA ASN A 32 -4.51 7.75 -4.72
C ASN A 32 -3.44 6.73 -4.29
N PHE A 33 -3.45 5.52 -4.86
CA PHE A 33 -2.50 4.43 -4.58
C PHE A 33 -1.01 4.79 -4.81
N ILE A 34 -0.68 5.20 -6.04
CA ILE A 34 0.42 6.07 -6.48
C ILE A 34 0.67 7.23 -5.50
N ALA A 35 -0.24 8.19 -5.27
CA ALA A 35 0.03 9.31 -4.36
C ALA A 35 0.48 8.91 -2.95
N PHE A 36 -0.05 7.78 -2.43
CA PHE A 36 0.27 7.18 -1.13
C PHE A 36 1.70 6.71 -1.04
N LEU A 37 2.25 6.13 -2.13
CA LEU A 37 3.65 5.74 -2.19
C LEU A 37 4.59 6.94 -2.16
N ASN A 38 4.21 8.02 -2.87
CA ASN A 38 5.04 9.19 -3.01
C ASN A 38 5.08 10.02 -1.72
N GLU A 39 3.92 10.14 -1.03
CA GLU A 39 3.72 10.72 0.31
C GLU A 39 4.84 10.51 1.32
N ILE A 40 5.17 9.23 1.63
CA ILE A 40 6.19 8.88 2.59
C ILE A 40 7.55 8.78 1.92
N GLY A 41 7.57 8.76 0.57
CA GLY A 41 8.80 8.66 -0.20
C GLY A 41 9.45 7.32 -0.17
N VAL A 42 8.79 6.30 -0.75
CA VAL A 42 9.51 5.08 -1.13
C VAL A 42 10.16 5.46 -2.44
N THR A 43 11.52 5.56 -2.55
CA THR A 43 12.16 5.87 -3.83
C THR A 43 13.12 4.76 -4.22
N HIS A 44 13.87 4.99 -5.31
CA HIS A 44 14.87 4.11 -5.88
C HIS A 44 15.59 5.01 -6.87
N GLU A 45 16.93 5.24 -6.92
CA GLU A 45 17.52 6.16 -7.89
C GLU A 45 17.42 7.63 -7.51
N GLY A 46 16.62 7.95 -6.48
CA GLY A 46 16.16 9.30 -6.20
C GLY A 46 14.91 9.62 -6.97
N ARG A 47 14.27 8.60 -7.56
CA ARG A 47 13.06 8.72 -8.32
C ARG A 47 11.83 8.57 -7.46
N LYS A 48 10.85 9.43 -7.70
CA LYS A 48 9.46 9.21 -7.37
C LYS A 48 8.85 8.26 -8.39
N LEU A 49 7.92 7.37 -7.95
CA LEU A 49 7.34 6.39 -8.83
C LEU A 49 6.02 6.91 -9.37
N ASN A 50 6.04 7.57 -10.54
CA ASN A 50 4.83 7.71 -11.32
C ASN A 50 4.49 6.38 -12.01
N GLN A 51 3.35 6.33 -12.71
CA GLN A 51 2.85 5.16 -13.44
C GLN A 51 3.89 4.41 -14.25
N ASN A 52 4.75 5.15 -14.99
CA ASN A 52 5.86 4.64 -15.77
C ASN A 52 6.83 3.78 -14.98
N SER A 53 7.49 4.35 -13.96
CA SER A 53 8.47 3.65 -13.12
C SER A 53 7.84 2.53 -12.32
N PHE A 54 6.59 2.74 -11.85
CA PHE A 54 5.82 1.73 -11.16
C PHE A 54 5.56 0.49 -12.01
N ARG A 55 5.13 0.65 -13.29
CA ARG A 55 4.90 -0.50 -14.16
C ARG A 55 6.22 -1.11 -14.60
N LYS A 56 7.24 -0.27 -14.85
CA LYS A 56 8.56 -0.66 -15.29
C LYS A 56 9.29 -1.61 -14.34
N ILE A 57 9.29 -1.35 -13.01
CA ILE A 57 9.94 -2.22 -12.03
C ILE A 57 9.34 -3.64 -11.98
N VAL A 58 8.00 -3.76 -11.95
CA VAL A 58 7.23 -5.00 -12.13
C VAL A 58 7.44 -5.66 -13.49
N SER A 59 7.48 -4.87 -14.58
CA SER A 59 7.82 -5.34 -15.91
C SER A 59 9.19 -5.99 -16.03
N GLU A 60 10.28 -5.32 -15.58
CA GLU A 60 11.62 -5.91 -15.65
C GLU A 60 11.98 -6.76 -14.44
N LEU A 61 11.02 -7.03 -13.53
CA LEU A 61 11.19 -7.96 -12.43
C LEU A 61 11.58 -9.39 -12.88
N THR A 62 12.64 -9.95 -12.28
CA THR A 62 13.22 -11.25 -12.60
C THR A 62 12.33 -12.41 -12.22
N GLN A 63 12.31 -13.48 -13.05
CA GLN A 63 11.35 -14.58 -13.00
C GLN A 63 11.43 -15.33 -11.68
N GLU A 64 12.65 -15.81 -11.33
CA GLU A 64 12.89 -16.56 -10.12
C GLU A 64 12.51 -15.83 -8.85
N ASP A 65 12.73 -14.49 -8.76
CA ASP A 65 12.37 -13.73 -7.58
C ASP A 65 10.90 -13.43 -7.55
N LYS A 66 10.18 -13.09 -8.66
CA LYS A 66 8.73 -12.97 -8.51
C LYS A 66 8.06 -14.28 -8.08
N LYS A 67 8.57 -15.44 -8.59
CA LYS A 67 8.00 -16.74 -8.29
C LYS A 67 8.22 -17.10 -6.82
N THR A 68 9.45 -16.86 -6.32
CA THR A 68 9.86 -16.92 -4.91
C THR A 68 9.02 -16.05 -3.96
N LEU A 69 8.62 -14.84 -4.38
CA LEU A 69 7.70 -14.00 -3.61
C LEU A 69 6.31 -14.66 -3.47
N ILE A 70 5.81 -15.27 -4.56
CA ILE A 70 4.64 -16.18 -4.57
C ILE A 70 4.85 -17.39 -3.66
N ASP A 71 5.88 -18.22 -3.93
CA ASP A 71 6.19 -19.47 -3.23
C ASP A 71 6.56 -19.31 -1.76
N GLU A 72 6.81 -18.07 -1.30
CA GLU A 72 6.82 -17.71 0.10
C GLU A 72 5.48 -18.03 0.77
N PHE A 73 4.38 -17.38 0.29
CA PHE A 73 2.97 -17.59 0.63
C PHE A 73 2.13 -16.33 0.67
N ASN A 74 2.75 -15.13 0.79
CA ASN A 74 2.07 -13.91 1.18
C ASN A 74 0.85 -13.48 0.35
N GLU A 75 -0.26 -13.21 1.08
CA GLU A 75 -1.52 -12.72 0.58
C GLU A 75 -1.40 -11.35 -0.06
N GLY A 76 -0.43 -10.51 0.36
CA GLY A 76 -0.29 -9.17 -0.19
C GLY A 76 0.53 -9.18 -1.44
N PHE A 77 1.31 -10.27 -1.67
CA PHE A 77 2.04 -10.43 -2.92
C PHE A 77 1.05 -10.78 -4.02
N GLU A 78 0.31 -11.91 -3.90
CA GLU A 78 -0.76 -12.25 -4.81
C GLU A 78 -1.86 -11.20 -4.87
N GLY A 79 -2.13 -10.52 -3.73
CA GLY A 79 -2.96 -9.32 -3.64
C GLY A 79 -2.61 -8.25 -4.62
N VAL A 80 -1.39 -7.68 -4.63
CA VAL A 80 -1.03 -6.63 -5.57
C VAL A 80 -0.87 -7.18 -6.97
N TYR A 81 -0.24 -8.37 -7.14
CA TYR A 81 -0.22 -9.18 -8.35
C TYR A 81 -1.54 -9.16 -9.13
N ARG A 82 -2.66 -9.71 -8.59
CA ARG A 82 -3.95 -9.69 -9.24
C ARG A 82 -4.56 -8.31 -9.46
N TYR A 83 -4.37 -7.34 -8.54
CA TYR A 83 -5.03 -6.05 -8.62
C TYR A 83 -4.31 -5.11 -9.58
N LEU A 84 -2.98 -5.23 -9.72
CA LEU A 84 -2.17 -4.55 -10.71
C LEU A 84 -2.64 -4.80 -12.14
N GLU A 85 -2.84 -6.10 -12.50
CA GLU A 85 -3.34 -6.54 -13.79
C GLU A 85 -4.69 -5.92 -14.14
N MET A 86 -5.63 -5.97 -13.17
CA MET A 86 -6.99 -5.50 -13.30
C MET A 86 -7.09 -3.98 -13.37
N TYR A 87 -6.59 -3.25 -12.36
CA TYR A 87 -6.76 -1.80 -12.28
C TYR A 87 -5.84 -1.02 -13.19
N THR A 88 -4.57 -1.42 -13.39
CA THR A 88 -3.61 -0.55 -14.06
C THR A 88 -3.57 -0.75 -15.56
N ASN A 89 -3.77 0.35 -16.32
CA ASN A 89 -3.51 0.39 -17.74
C ASN A 89 -2.23 1.17 -17.97
N LYS A 90 -1.63 1.07 -19.17
CA LYS A 90 -0.43 1.82 -19.49
C LYS A 90 -0.70 3.31 -19.67
N ASP B 14 -1.39 -12.45 14.92
CA ASP B 14 -1.44 -12.18 13.50
C ASP B 14 -2.55 -12.96 12.80
N VAL B 15 -3.04 -14.10 13.35
CA VAL B 15 -4.28 -14.73 12.86
C VAL B 15 -5.53 -14.01 13.33
N LEU B 16 -5.57 -13.44 14.55
CA LEU B 16 -6.73 -12.77 15.13
C LEU B 16 -7.04 -11.45 14.42
N ALA B 17 -6.16 -10.45 14.51
CA ALA B 17 -5.92 -9.41 13.52
C ALA B 17 -6.12 -9.78 12.04
N GLY B 18 -5.35 -10.78 11.57
CA GLY B 18 -5.24 -11.20 10.19
C GLY B 18 -4.31 -10.31 9.41
N LEU B 19 -3.12 -9.91 9.93
CA LEU B 19 -2.31 -8.87 9.31
C LEU B 19 -0.93 -9.48 9.17
N THR B 20 -0.11 -8.98 8.25
CA THR B 20 1.19 -9.60 7.93
C THR B 20 2.28 -9.07 8.85
N ALA B 21 3.27 -9.91 9.22
CA ALA B 21 4.43 -9.54 10.02
C ALA B 21 5.19 -8.32 9.49
N ARG B 22 5.28 -8.20 8.15
CA ARG B 22 5.96 -7.10 7.49
C ARG B 22 5.22 -5.77 7.64
N GLU B 23 3.88 -5.84 7.76
CA GLU B 23 2.99 -4.70 7.87
C GLU B 23 3.16 -4.03 9.23
N ALA B 24 3.26 -4.85 10.30
CA ALA B 24 3.55 -4.39 11.64
C ALA B 24 4.92 -3.74 11.76
N LYS B 25 5.92 -4.29 11.05
CA LYS B 25 7.21 -3.65 10.80
C LYS B 25 7.11 -2.20 10.28
N VAL B 26 6.59 -2.02 9.04
CA VAL B 26 6.57 -0.73 8.34
C VAL B 26 5.63 0.30 8.98
N LEU B 27 4.62 -0.17 9.74
CA LEU B 27 3.69 0.64 10.52
C LEU B 27 4.44 1.46 11.56
N ARG B 28 5.28 0.81 12.38
CA ARG B 28 6.16 1.50 13.30
C ARG B 28 7.39 2.12 12.64
N MET B 29 7.87 1.71 11.44
CA MET B 29 8.93 2.48 10.80
C MET B 29 8.48 3.80 10.18
N ARG B 30 7.50 3.75 9.24
CA ARG B 30 7.09 4.89 8.42
C ARG B 30 5.78 5.54 8.85
N PHE B 31 4.72 4.75 9.10
CA PHE B 31 3.39 5.29 9.37
C PHE B 31 3.32 5.98 10.72
N GLY B 32 4.20 5.56 11.66
CA GLY B 32 4.29 6.09 13.01
C GLY B 32 3.21 5.60 13.92
N ILE B 33 2.78 4.33 13.74
CA ILE B 33 1.87 3.66 14.66
C ILE B 33 2.60 2.48 15.25
N ASP B 34 2.67 2.41 16.59
CA ASP B 34 3.50 1.47 17.30
C ASP B 34 2.83 0.10 17.50
N MET B 35 3.31 -1.00 16.86
CA MET B 35 2.88 -2.36 17.18
C MET B 35 4.06 -3.14 17.74
N ASN B 36 4.74 -2.64 18.80
CA ASN B 36 6.05 -3.15 19.20
C ASN B 36 6.06 -3.86 20.55
N THR B 37 5.31 -3.37 21.56
CA THR B 37 5.47 -3.87 22.92
C THR B 37 4.86 -5.26 23.19
N ASP B 38 3.95 -5.32 24.15
CA ASP B 38 3.09 -6.41 24.53
C ASP B 38 1.70 -5.97 24.11
N TYR B 39 1.09 -6.71 23.17
CA TYR B 39 -0.13 -6.33 22.50
C TYR B 39 -1.16 -7.38 22.79
N THR B 40 -2.44 -6.96 22.81
CA THR B 40 -3.58 -7.79 23.18
C THR B 40 -4.52 -7.92 21.99
N LEU B 41 -5.56 -8.78 22.15
CA LEU B 41 -6.80 -8.75 21.39
C LEU B 41 -7.43 -7.36 21.22
N GLU B 42 -7.40 -6.56 22.30
CA GLU B 42 -8.06 -5.29 22.41
C GLU B 42 -7.33 -4.21 21.62
N GLU B 43 -6.00 -4.10 21.84
CA GLU B 43 -5.13 -3.21 21.10
C GLU B 43 -4.99 -3.49 19.61
N VAL B 44 -4.96 -4.75 19.10
CA VAL B 44 -5.05 -4.98 17.65
C VAL B 44 -6.27 -4.35 17.02
N GLY B 45 -7.44 -4.50 17.68
CA GLY B 45 -8.70 -3.91 17.28
C GLY B 45 -8.67 -2.41 17.28
N LYS B 46 -7.99 -1.77 18.28
CA LYS B 46 -8.05 -0.33 18.45
C LYS B 46 -7.27 0.30 17.30
N GLN B 47 -6.14 -0.37 16.95
CA GLN B 47 -5.23 0.06 15.90
C GLN B 47 -5.83 -0.15 14.53
N PHE B 48 -6.75 -1.12 14.33
CA PHE B 48 -7.56 -1.27 13.12
C PHE B 48 -8.38 -0.02 12.80
N ASP B 49 -9.19 0.45 13.76
CA ASP B 49 -9.79 1.78 13.79
C ASP B 49 -8.85 2.97 13.57
N VAL B 50 -7.84 3.12 14.44
CA VAL B 50 -6.85 4.20 14.44
C VAL B 50 -6.05 4.26 13.14
N THR B 51 -5.28 3.22 12.76
CA THR B 51 -4.60 3.12 11.47
C THR B 51 -5.38 3.45 10.21
N ARG B 52 -6.69 3.14 10.10
CA ARG B 52 -7.44 3.47 8.88
C ARG B 52 -7.62 4.98 8.78
N GLU B 53 -7.89 5.59 9.95
CA GLU B 53 -7.91 7.02 10.11
C GLU B 53 -6.58 7.69 9.83
N ARG B 54 -5.44 7.21 10.39
CA ARG B 54 -4.13 7.77 10.04
C ARG B 54 -3.79 7.56 8.57
N ILE B 55 -4.22 6.45 7.93
CA ILE B 55 -4.17 6.27 6.49
C ILE B 55 -4.96 7.35 5.77
N ARG B 56 -6.18 7.79 6.20
CA ARG B 56 -6.89 8.86 5.47
C ARG B 56 -6.23 10.22 5.71
N GLN B 57 -5.39 10.37 6.76
CA GLN B 57 -4.51 11.51 6.99
C GLN B 57 -3.31 11.51 6.03
N ILE B 58 -2.68 10.34 5.80
CA ILE B 58 -1.77 10.08 4.68
C ILE B 58 -2.37 10.44 3.32
N GLU B 59 -3.60 9.97 3.03
CA GLU B 59 -4.38 10.27 1.83
C GLU B 59 -4.56 11.77 1.62
N ALA B 60 -5.04 12.46 2.67
CA ALA B 60 -5.11 13.92 2.77
C ALA B 60 -3.82 14.64 2.39
N LYS B 61 -2.65 14.26 2.97
CA LYS B 61 -1.40 14.95 2.69
C LYS B 61 -0.83 14.59 1.32
N ALA B 62 -1.27 13.45 0.77
CA ALA B 62 -0.88 12.94 -0.53
C ALA B 62 -1.67 13.61 -1.63
N LEU B 63 -2.99 13.88 -1.44
CA LEU B 63 -3.80 14.62 -2.40
C LEU B 63 -3.51 16.13 -2.43
N ARG B 64 -2.73 16.66 -1.47
CA ARG B 64 -2.17 18.01 -1.52
C ARG B 64 -0.83 18.01 -2.25
N LYS B 65 -0.10 16.88 -2.32
CA LYS B 65 1.01 16.70 -3.23
C LYS B 65 0.60 16.40 -4.67
N LEU B 66 -0.43 15.55 -4.87
CA LEU B 66 -0.92 15.15 -6.19
C LEU B 66 -1.87 16.20 -6.76
N ARG B 67 -1.29 17.35 -7.16
CA ARG B 67 -1.96 18.39 -7.92
C ARG B 67 -2.34 17.96 -9.34
N HIS B 68 -1.44 17.23 -10.05
CA HIS B 68 -1.65 16.73 -11.41
C HIS B 68 -3.00 16.04 -11.64
N PRO B 69 -3.97 16.60 -12.38
CA PRO B 69 -5.34 16.15 -12.30
C PRO B 69 -5.61 14.93 -13.17
N SER B 70 -5.57 13.72 -12.58
CA SER B 70 -6.05 12.50 -13.19
C SER B 70 -7.33 12.05 -12.49
N ARG B 71 -8.33 12.94 -12.40
CA ARG B 71 -9.54 12.70 -11.63
C ARG B 71 -10.58 12.02 -12.48
N SER B 72 -10.71 10.70 -12.31
CA SER B 72 -11.74 9.95 -13.00
C SER B 72 -13.01 9.93 -12.19
N GLU B 73 -12.93 10.06 -10.83
CA GLU B 73 -13.96 9.50 -9.97
C GLU B 73 -15.15 10.46 -9.95
N VAL B 74 -16.34 10.04 -9.52
CA VAL B 74 -17.48 10.93 -9.58
C VAL B 74 -17.74 11.62 -8.25
N LEU B 75 -16.76 12.36 -7.68
CA LEU B 75 -16.92 12.95 -6.35
C LEU B 75 -17.21 14.42 -6.48
N ARG B 76 -17.69 14.84 -7.66
CA ARG B 76 -17.95 16.21 -8.03
C ARG B 76 -19.16 16.88 -7.40
N SER B 77 -19.88 16.16 -6.50
CA SER B 77 -20.84 16.78 -5.58
C SER B 77 -20.12 17.44 -4.43
N PHE B 78 -18.88 17.01 -4.19
CA PHE B 78 -17.93 17.51 -3.22
C PHE B 78 -16.85 18.25 -4.01
N LEU B 79 -15.71 17.68 -4.48
CA LEU B 79 -14.61 18.50 -4.96
C LEU B 79 -14.58 18.75 -6.47
N ASP B 80 -14.38 20.02 -6.82
CA ASP B 80 -14.13 20.54 -8.15
C ASP B 80 -12.74 20.29 -8.73
N ASP B 81 -11.68 20.82 -8.09
CA ASP B 81 -10.31 20.86 -8.61
C ASP B 81 -10.26 21.65 -9.95
N ASN A 2 17.65 -3.36 -1.82
CA ASN A 2 18.95 -2.89 -2.22
C ASN A 2 19.05 -3.16 -3.71
N LYS A 3 18.33 -4.21 -4.10
CA LYS A 3 17.99 -4.64 -5.43
C LYS A 3 16.63 -4.07 -5.78
N ASN A 4 16.16 -4.20 -7.05
CA ASN A 4 14.81 -3.83 -7.45
C ASN A 4 13.75 -4.61 -6.71
N ILE A 5 14.06 -5.87 -6.31
CA ILE A 5 13.12 -6.78 -5.67
C ILE A 5 12.71 -6.28 -4.31
N ASP A 6 13.67 -5.68 -3.56
CA ASP A 6 13.43 -5.01 -2.29
C ASP A 6 12.51 -3.79 -2.42
N THR A 7 12.58 -3.01 -3.52
CA THR A 7 11.62 -1.94 -3.83
C THR A 7 10.23 -2.51 -4.06
N VAL A 8 10.20 -3.62 -4.82
CA VAL A 8 9.01 -4.44 -5.08
C VAL A 8 8.41 -4.97 -3.77
N ARG A 9 9.22 -5.59 -2.89
CA ARG A 9 8.89 -5.95 -1.51
C ARG A 9 8.28 -4.83 -0.69
N GLU A 10 8.77 -3.57 -0.80
CA GLU A 10 8.13 -2.42 -0.18
C GLU A 10 6.76 -2.15 -0.77
N ILE A 11 6.64 -2.06 -2.13
CA ILE A 11 5.36 -1.98 -2.84
C ILE A 11 4.35 -3.03 -2.40
N ILE A 12 4.75 -4.33 -2.27
CA ILE A 12 3.87 -5.39 -1.79
C ILE A 12 3.47 -5.11 -0.36
N THR A 13 4.47 -4.94 0.54
CA THR A 13 4.32 -4.68 1.98
C THR A 13 3.43 -3.49 2.27
N VAL A 14 3.68 -2.32 1.66
CA VAL A 14 2.92 -1.10 1.90
C VAL A 14 1.57 -1.13 1.21
N ALA A 15 1.42 -1.86 0.08
CA ALA A 15 0.09 -2.12 -0.45
C ALA A 15 -0.71 -3.03 0.45
N SER A 16 -0.06 -3.96 1.20
CA SER A 16 -0.75 -5.04 1.93
C SER A 16 -1.57 -4.43 3.08
N ILE A 17 -0.98 -3.33 3.59
CA ILE A 17 -1.45 -2.38 4.61
C ILE A 17 -2.67 -1.62 4.12
N LEU A 18 -2.54 -0.93 2.98
CA LEU A 18 -3.62 -0.21 2.34
C LEU A 18 -4.84 -1.09 2.04
N ILE A 19 -4.54 -2.28 1.47
CA ILE A 19 -5.47 -3.34 1.16
C ILE A 19 -6.13 -3.92 2.41
N LYS A 20 -5.40 -4.57 3.35
CA LYS A 20 -6.05 -5.41 4.36
C LYS A 20 -6.75 -4.62 5.47
N PHE A 21 -6.35 -3.34 5.63
CA PHE A 21 -6.96 -2.43 6.60
C PHE A 21 -8.16 -1.70 6.03
N SER A 22 -8.03 -1.04 4.86
CA SER A 22 -9.10 -0.24 4.32
C SER A 22 -9.82 -1.02 3.21
N ARG A 23 -9.66 -2.37 3.10
CA ARG A 23 -10.23 -3.21 2.03
C ARG A 23 -10.03 -2.63 0.64
N GLU A 24 -11.10 -2.10 0.06
CA GLU A 24 -11.06 -1.68 -1.30
C GLU A 24 -11.40 -0.19 -1.33
N ASP A 25 -11.74 0.41 -0.18
CA ASP A 25 -12.35 1.73 -0.07
C ASP A 25 -11.54 2.90 -0.65
N ILE A 26 -10.22 3.02 -0.44
CA ILE A 26 -9.36 4.03 -1.05
C ILE A 26 -8.72 3.53 -2.34
N VAL A 27 -8.63 2.19 -2.45
CA VAL A 27 -7.80 1.44 -3.37
C VAL A 27 -7.97 1.82 -4.81
N GLU A 28 -9.28 1.98 -5.14
CA GLU A 28 -9.93 2.29 -6.39
C GLU A 28 -9.29 3.43 -7.14
N ASN A 29 -9.18 4.57 -6.42
CA ASN A 29 -8.79 5.85 -6.97
C ASN A 29 -7.35 5.82 -7.45
N ARG A 30 -7.09 5.72 -8.77
CA ARG A 30 -5.79 5.34 -9.30
C ARG A 30 -4.64 6.29 -8.94
N ALA A 31 -4.82 7.61 -9.10
CA ALA A 31 -3.79 8.57 -8.74
C ALA A 31 -3.49 8.60 -7.24
N ASN A 32 -4.50 8.35 -6.36
CA ASN A 32 -4.32 8.18 -4.92
C ASN A 32 -3.33 7.07 -4.57
N PHE A 33 -3.31 5.92 -5.27
CA PHE A 33 -2.38 4.82 -4.96
C PHE A 33 -0.90 5.20 -5.10
N ILE A 34 -0.55 5.73 -6.30
CA ILE A 34 0.58 6.60 -6.66
C ILE A 34 0.87 7.68 -5.64
N ALA A 35 -0.04 8.63 -5.35
CA ALA A 35 0.25 9.68 -4.39
C ALA A 35 0.56 9.22 -2.96
N PHE A 36 0.00 8.07 -2.52
CA PHE A 36 0.32 7.43 -1.25
C PHE A 36 1.75 6.91 -1.25
N LEU A 37 2.27 6.40 -2.40
CA LEU A 37 3.65 5.98 -2.51
C LEU A 37 4.60 7.15 -2.39
N ASN A 38 4.27 8.30 -3.01
CA ASN A 38 5.15 9.46 -3.05
C ASN A 38 5.28 10.09 -1.66
N GLU A 39 4.13 10.39 -1.01
CA GLU A 39 3.91 10.79 0.37
C GLU A 39 4.93 10.36 1.43
N ILE A 40 5.23 9.05 1.56
CA ILE A 40 6.20 8.56 2.54
C ILE A 40 7.60 8.38 1.95
N GLY A 41 7.79 8.61 0.64
CA GLY A 41 9.11 8.62 0.00
C GLY A 41 9.61 7.25 -0.40
N VAL A 42 8.86 6.52 -1.24
CA VAL A 42 9.35 5.27 -1.81
C VAL A 42 9.82 5.61 -3.20
N THR A 43 11.16 5.78 -3.40
CA THR A 43 11.73 6.07 -4.70
C THR A 43 12.81 5.04 -5.01
N HIS A 44 13.63 5.30 -6.03
CA HIS A 44 14.79 4.51 -6.40
C HIS A 44 15.43 5.31 -7.49
N GLU A 45 16.75 5.63 -7.47
CA GLU A 45 17.42 6.57 -8.37
C GLU A 45 16.97 8.02 -8.25
N GLY A 46 16.23 8.31 -7.15
CA GLY A 46 15.63 9.62 -6.88
C GLY A 46 14.20 9.62 -7.33
N ARG A 47 13.96 8.95 -8.48
CA ARG A 47 12.68 8.97 -9.18
C ARG A 47 11.53 8.40 -8.33
N LYS A 48 10.58 9.24 -7.84
CA LYS A 48 9.38 8.76 -7.20
C LYS A 48 8.51 8.05 -8.21
N LEU A 49 7.76 7.00 -7.80
CA LEU A 49 7.28 6.02 -8.73
C LEU A 49 6.08 6.47 -9.54
N ASN A 50 6.37 7.15 -10.66
CA ASN A 50 5.43 7.42 -11.72
C ASN A 50 5.23 6.13 -12.53
N GLN A 51 4.23 6.09 -13.42
CA GLN A 51 3.71 4.87 -14.01
C GLN A 51 4.70 4.13 -14.91
N ASN A 52 5.70 4.85 -15.49
CA ASN A 52 6.86 4.26 -16.11
C ASN A 52 7.70 3.43 -15.16
N SER A 53 8.16 4.08 -14.08
CA SER A 53 9.10 3.60 -13.08
C SER A 53 8.54 2.48 -12.25
N PHE A 54 7.24 2.54 -11.93
CA PHE A 54 6.49 1.46 -11.30
C PHE A 54 6.51 0.17 -12.12
N ARG A 55 6.20 0.23 -13.43
CA ARG A 55 6.18 -0.95 -14.26
C ARG A 55 7.56 -1.40 -14.71
N LYS A 56 8.53 -0.47 -14.90
CA LYS A 56 9.95 -0.78 -15.04
C LYS A 56 10.49 -1.69 -13.97
N ILE A 57 9.99 -1.58 -12.72
CA ILE A 57 10.24 -2.60 -11.75
C ILE A 57 9.24 -3.75 -11.78
N VAL A 58 7.90 -3.58 -11.53
CA VAL A 58 7.10 -4.70 -10.94
C VAL A 58 6.87 -5.80 -11.97
N SER A 59 6.89 -5.48 -13.29
CA SER A 59 6.79 -6.49 -14.35
C SER A 59 8.14 -6.96 -14.82
N GLU A 60 9.25 -6.23 -14.61
CA GLU A 60 10.59 -6.72 -14.93
C GLU A 60 11.17 -7.40 -13.69
N LEU A 61 10.68 -8.62 -13.47
CA LEU A 61 11.05 -9.53 -12.43
C LEU A 61 11.67 -10.73 -13.11
N THR A 62 12.71 -11.30 -12.49
CA THR A 62 13.23 -12.62 -12.83
C THR A 62 12.36 -13.64 -12.10
N GLN A 63 12.36 -14.93 -12.52
CA GLN A 63 11.37 -15.86 -12.02
C GLN A 63 11.67 -16.37 -10.62
N GLU A 64 12.96 -16.61 -10.27
CA GLU A 64 13.43 -17.02 -8.96
C GLU A 64 12.99 -16.08 -7.83
N ASP A 65 13.31 -14.79 -8.01
CA ASP A 65 12.90 -13.62 -7.25
C ASP A 65 11.41 -13.54 -6.92
N LYS A 66 10.63 -13.46 -8.02
CA LYS A 66 9.18 -13.52 -8.11
C LYS A 66 8.56 -14.72 -7.40
N LYS A 67 9.10 -15.95 -7.63
CA LYS A 67 8.47 -17.20 -7.18
C LYS A 67 8.50 -17.20 -5.64
N THR A 68 9.63 -16.69 -5.13
CA THR A 68 9.91 -16.43 -3.73
C THR A 68 8.93 -15.44 -3.09
N LEU A 69 8.57 -14.32 -3.75
CA LEU A 69 7.50 -13.42 -3.30
C LEU A 69 6.12 -14.08 -3.25
N ILE A 70 5.90 -15.04 -4.18
CA ILE A 70 4.74 -15.93 -4.22
C ILE A 70 4.73 -16.88 -3.03
N ASP A 71 5.81 -17.64 -2.81
CA ASP A 71 6.04 -18.49 -1.64
C ASP A 71 5.91 -17.79 -0.28
N GLU A 72 6.40 -16.54 -0.17
CA GLU A 72 6.28 -15.72 1.03
C GLU A 72 4.89 -15.12 1.21
N PHE A 73 4.32 -14.45 0.19
CA PHE A 73 3.02 -13.80 0.29
C PHE A 73 2.03 -14.44 -0.67
N ASN A 74 1.51 -15.63 -0.35
CA ASN A 74 0.64 -16.40 -1.23
C ASN A 74 -0.69 -15.70 -1.50
N GLU A 75 -1.35 -15.17 -0.45
CA GLU A 75 -2.56 -14.40 -0.60
C GLU A 75 -2.26 -12.93 -0.83
N GLY A 76 -1.08 -12.39 -0.43
CA GLY A 76 -0.80 -10.97 -0.55
C GLY A 76 -0.26 -10.57 -1.89
N PHE A 77 0.53 -11.46 -2.55
CA PHE A 77 1.04 -11.20 -3.88
C PHE A 77 -0.08 -11.25 -4.88
N GLU A 78 -0.93 -12.30 -4.83
CA GLU A 78 -2.19 -12.41 -5.55
C GLU A 78 -3.16 -11.27 -5.24
N GLY A 79 -3.29 -10.92 -3.95
CA GLY A 79 -4.06 -9.80 -3.44
C GLY A 79 -3.73 -8.48 -4.08
N VAL A 80 -2.43 -8.18 -4.29
CA VAL A 80 -1.96 -7.02 -5.01
C VAL A 80 -2.10 -7.16 -6.54
N TYR A 81 -1.56 -8.25 -7.15
CA TYR A 81 -1.80 -8.71 -8.52
C TYR A 81 -3.16 -8.36 -9.10
N ARG A 82 -4.25 -8.88 -8.51
CA ARG A 82 -5.61 -8.67 -8.98
C ARG A 82 -6.07 -7.21 -9.07
N TYR A 83 -5.69 -6.31 -8.12
CA TYR A 83 -6.05 -4.90 -8.24
C TYR A 83 -5.13 -4.14 -9.20
N LEU A 84 -3.83 -4.53 -9.32
CA LEU A 84 -2.90 -3.98 -10.29
C LEU A 84 -3.34 -4.24 -11.72
N GLU A 85 -3.58 -5.52 -12.08
CA GLU A 85 -4.03 -5.94 -13.40
C GLU A 85 -5.39 -5.36 -13.78
N MET A 86 -6.34 -5.24 -12.82
CA MET A 86 -7.62 -4.60 -13.00
C MET A 86 -7.52 -3.10 -13.28
N TYR A 87 -7.01 -2.30 -12.33
CA TYR A 87 -7.07 -0.85 -12.42
C TYR A 87 -5.97 -0.23 -13.28
N THR A 88 -4.75 -0.82 -13.33
CA THR A 88 -3.70 -0.35 -14.26
C THR A 88 -3.62 -1.18 -15.50
N ASN A 89 -4.41 -0.86 -16.55
CA ASN A 89 -4.59 -1.71 -17.70
C ASN A 89 -3.53 -1.61 -18.81
N LYS A 90 -2.92 -2.79 -19.13
CA LYS A 90 -2.02 -3.07 -20.26
C LYS A 90 -0.63 -2.67 -19.90
N ASP B 14 -1.19 -12.06 14.39
CA ASP B 14 -0.75 -11.54 13.11
C ASP B 14 -1.24 -12.39 11.95
N VAL B 15 -0.86 -13.69 11.87
CA VAL B 15 -1.43 -14.68 10.97
C VAL B 15 -2.96 -14.72 10.93
N LEU B 16 -3.65 -14.69 12.10
CA LEU B 16 -5.10 -14.59 12.17
C LEU B 16 -5.67 -13.37 11.46
N ALA B 17 -5.12 -12.16 11.76
CA ALA B 17 -5.59 -10.92 11.18
C ALA B 17 -5.22 -10.77 9.70
N GLY B 18 -4.03 -11.20 9.25
CA GLY B 18 -3.74 -11.30 7.81
C GLY B 18 -2.51 -10.54 7.40
N LEU B 19 -2.07 -9.60 8.23
CA LEU B 19 -0.89 -8.76 8.02
C LEU B 19 0.31 -9.29 8.79
N THR B 20 1.50 -9.35 8.16
CA THR B 20 2.66 -9.92 8.83
C THR B 20 3.50 -8.93 9.63
N ALA B 21 4.55 -9.48 10.28
CA ALA B 21 5.76 -8.81 10.71
C ALA B 21 6.44 -7.88 9.70
N ARG B 22 6.25 -8.05 8.37
CA ARG B 22 6.77 -7.11 7.38
C ARG B 22 6.02 -5.78 7.41
N GLU B 23 4.68 -5.89 7.29
CA GLU B 23 3.70 -4.82 7.44
C GLU B 23 3.82 -4.09 8.76
N ALA B 24 3.94 -4.84 9.86
CA ALA B 24 4.16 -4.31 11.19
C ALA B 24 5.49 -3.57 11.33
N LYS B 25 6.52 -3.92 10.53
CA LYS B 25 7.77 -3.18 10.48
C LYS B 25 7.55 -1.84 9.81
N VAL B 26 6.82 -1.80 8.66
CA VAL B 26 6.52 -0.56 7.92
C VAL B 26 5.69 0.41 8.75
N LEU B 27 4.61 -0.14 9.39
CA LEU B 27 3.71 0.52 10.32
C LEU B 27 4.44 1.20 11.48
N ARG B 28 5.52 0.57 11.98
CA ARG B 28 6.26 1.03 13.13
C ARG B 28 6.95 2.37 12.86
N MET B 29 7.45 2.42 11.61
CA MET B 29 8.46 3.33 11.11
C MET B 29 7.84 4.45 10.29
N ARG B 30 7.19 4.10 9.16
CA ARG B 30 6.75 5.06 8.16
C ARG B 30 5.44 5.67 8.56
N PHE B 31 4.50 4.83 9.00
CA PHE B 31 3.22 5.28 9.55
C PHE B 31 3.46 5.86 10.94
N GLY B 32 4.47 5.33 11.64
CA GLY B 32 4.91 5.77 12.96
C GLY B 32 3.96 5.42 14.06
N ILE B 33 3.41 4.17 14.07
CA ILE B 33 2.50 3.71 15.11
C ILE B 33 3.24 2.70 15.97
N ASP B 34 3.15 2.86 17.30
CA ASP B 34 3.95 2.15 18.26
C ASP B 34 3.41 0.74 18.55
N MET B 35 3.99 -0.34 17.94
CA MET B 35 3.54 -1.71 18.20
C MET B 35 4.64 -2.50 18.92
N ASN B 36 5.34 -1.86 19.86
CA ASN B 36 6.47 -2.40 20.59
C ASN B 36 6.12 -2.72 22.05
N THR B 37 4.95 -2.25 22.54
CA THR B 37 4.45 -2.63 23.85
C THR B 37 3.68 -3.95 23.82
N ASP B 38 3.10 -4.31 24.96
CA ASP B 38 2.02 -5.26 25.13
C ASP B 38 0.77 -4.84 24.38
N TYR B 39 0.25 -5.74 23.52
CA TYR B 39 -0.97 -5.55 22.77
C TYR B 39 -1.94 -6.63 23.18
N THR B 40 -3.10 -6.26 23.76
CA THR B 40 -4.22 -7.18 23.94
C THR B 40 -4.99 -7.33 22.64
N LEU B 41 -5.92 -8.29 22.54
CA LEU B 41 -6.63 -8.56 21.29
C LEU B 41 -7.70 -7.51 21.01
N GLU B 42 -8.25 -6.84 22.04
CA GLU B 42 -9.04 -5.65 21.86
C GLU B 42 -8.19 -4.46 21.43
N GLU B 43 -6.94 -4.32 21.91
CA GLU B 43 -6.00 -3.31 21.40
C GLU B 43 -5.53 -3.56 19.98
N VAL B 44 -5.27 -4.82 19.55
CA VAL B 44 -5.20 -5.22 18.15
C VAL B 44 -6.40 -4.73 17.33
N GLY B 45 -7.63 -5.04 17.80
CA GLY B 45 -8.89 -4.60 17.21
C GLY B 45 -9.07 -3.10 17.11
N LYS B 46 -8.85 -2.34 18.20
CA LYS B 46 -9.00 -0.90 18.20
C LYS B 46 -7.94 -0.23 17.33
N GLN B 47 -6.70 -0.77 17.35
CA GLN B 47 -5.61 -0.29 16.52
C GLN B 47 -5.82 -0.61 15.05
N PHE B 48 -6.71 -1.58 14.70
CA PHE B 48 -7.15 -1.83 13.35
C PHE B 48 -7.96 -0.65 12.80
N ASP B 49 -9.02 -0.19 13.51
CA ASP B 49 -9.83 0.90 13.01
C ASP B 49 -9.14 2.26 13.16
N VAL B 50 -8.22 2.42 14.13
CA VAL B 50 -7.37 3.58 14.27
C VAL B 50 -6.29 3.66 13.19
N THR B 51 -5.50 2.61 12.93
CA THR B 51 -4.66 2.60 11.71
C THR B 51 -5.41 2.73 10.37
N ARG B 52 -6.64 2.17 10.23
CA ARG B 52 -7.51 2.42 9.08
C ARG B 52 -7.89 3.91 8.97
N GLU B 53 -8.26 4.53 10.12
CA GLU B 53 -8.37 5.97 10.29
C GLU B 53 -7.12 6.73 9.83
N ARG B 54 -5.93 6.38 10.36
CA ARG B 54 -4.65 6.97 9.95
C ARG B 54 -4.44 6.95 8.45
N ILE B 55 -4.75 5.86 7.71
CA ILE B 55 -4.63 5.82 6.27
C ILE B 55 -5.49 6.87 5.58
N ARG B 56 -6.72 7.14 6.08
CA ARG B 56 -7.55 8.18 5.50
C ARG B 56 -6.97 9.57 5.79
N GLN B 57 -6.18 9.72 6.88
CA GLN B 57 -5.41 10.92 7.16
C GLN B 57 -4.13 10.98 6.33
N ILE B 58 -3.70 9.88 5.67
CA ILE B 58 -2.49 9.90 4.85
C ILE B 58 -2.83 10.60 3.54
N GLU B 59 -4.06 10.28 3.02
CA GLU B 59 -4.65 10.80 1.79
C GLU B 59 -4.81 12.31 1.88
N ALA B 60 -5.22 12.84 3.04
CA ALA B 60 -5.17 14.25 3.41
C ALA B 60 -3.94 15.01 2.90
N LYS B 61 -2.72 14.49 3.18
CA LYS B 61 -1.47 15.15 2.87
C LYS B 61 -1.00 14.83 1.45
N ALA B 62 -1.35 13.60 1.01
CA ALA B 62 -0.99 13.12 -0.31
C ALA B 62 -1.77 13.89 -1.39
N LEU B 63 -3.03 14.25 -1.14
CA LEU B 63 -3.78 15.26 -1.89
C LEU B 63 -3.45 16.71 -1.56
N ARG B 64 -2.36 17.01 -0.82
CA ARG B 64 -1.75 18.33 -0.81
C ARG B 64 -0.57 18.27 -1.78
N LYS B 65 0.24 17.20 -1.74
CA LYS B 65 1.35 16.98 -2.66
C LYS B 65 0.92 16.79 -4.11
N LEU B 66 -0.08 15.93 -4.36
CA LEU B 66 -0.65 15.70 -5.67
C LEU B 66 -1.74 16.73 -5.93
N ARG B 67 -1.41 17.81 -6.68
CA ARG B 67 -2.34 18.82 -7.13
C ARG B 67 -3.13 18.38 -8.35
N HIS B 68 -2.53 17.46 -9.16
CA HIS B 68 -3.16 16.90 -10.34
C HIS B 68 -4.54 16.26 -10.09
N PRO B 69 -5.50 16.32 -11.02
CA PRO B 69 -6.81 15.69 -10.80
C PRO B 69 -6.79 14.20 -10.57
N SER B 70 -7.08 13.77 -9.33
CA SER B 70 -7.10 12.37 -8.92
C SER B 70 -8.48 11.78 -9.11
N ARG B 71 -9.41 12.29 -8.29
CA ARG B 71 -10.80 12.01 -8.17
C ARG B 71 -11.46 13.35 -8.40
N SER B 72 -12.67 13.43 -8.98
CA SER B 72 -13.27 14.71 -9.31
C SER B 72 -14.29 15.16 -8.28
N GLU B 73 -15.01 14.22 -7.64
CA GLU B 73 -15.96 14.53 -6.58
C GLU B 73 -15.33 14.60 -5.20
N VAL B 74 -16.07 15.15 -4.22
CA VAL B 74 -15.61 15.31 -2.86
C VAL B 74 -15.98 14.09 -2.04
N LEU B 75 -15.16 13.03 -2.13
CA LEU B 75 -15.49 11.72 -1.59
C LEU B 75 -15.08 11.56 -0.13
N ARG B 76 -15.38 12.63 0.62
CA ARG B 76 -15.21 12.75 2.03
C ARG B 76 -16.37 13.57 2.60
N SER B 77 -17.19 14.24 1.74
CA SER B 77 -18.32 15.04 2.20
C SER B 77 -19.51 14.14 2.51
N PHE B 78 -19.59 13.65 3.75
CA PHE B 78 -20.61 12.81 4.38
C PHE B 78 -21.60 11.99 3.55
N LEU B 79 -21.10 11.22 2.58
CA LEU B 79 -21.63 9.99 1.99
C LEU B 79 -22.01 8.96 3.05
N ASP B 80 -23.34 8.90 3.32
CA ASP B 80 -23.97 8.13 4.37
C ASP B 80 -23.87 8.84 5.71
N ASP B 81 -22.91 8.44 6.56
CA ASP B 81 -22.73 8.96 7.89
C ASP B 81 -22.26 10.44 7.89
N ASN A 2 18.12 -1.53 -1.76
CA ASN A 2 19.46 -1.13 -2.15
C ASN A 2 19.71 -1.83 -3.47
N LYS A 3 19.06 -3.00 -3.59
CA LYS A 3 18.83 -3.78 -4.79
C LYS A 3 17.39 -3.49 -5.17
N ASN A 4 16.94 -3.83 -6.39
CA ASN A 4 15.58 -3.60 -6.86
C ASN A 4 14.51 -4.30 -6.03
N ILE A 5 14.87 -5.38 -5.31
CA ILE A 5 13.91 -6.24 -4.62
C ILE A 5 13.35 -5.55 -3.37
N ASP A 6 14.19 -4.77 -2.68
CA ASP A 6 13.88 -3.95 -1.53
C ASP A 6 12.67 -3.03 -1.69
N THR A 7 12.59 -2.25 -2.79
CA THR A 7 11.44 -1.41 -3.08
C THR A 7 10.23 -2.24 -3.49
N VAL A 8 10.43 -3.32 -4.28
CA VAL A 8 9.37 -4.24 -4.65
C VAL A 8 8.69 -4.87 -3.42
N ARG A 9 9.45 -5.46 -2.47
CA ARG A 9 8.96 -5.93 -1.18
C ARG A 9 8.21 -4.87 -0.37
N GLU A 10 8.69 -3.62 -0.40
CA GLU A 10 8.03 -2.45 0.18
C GLU A 10 6.68 -2.18 -0.48
N ILE A 11 6.63 -2.04 -1.82
CA ILE A 11 5.43 -1.93 -2.66
C ILE A 11 4.39 -3.01 -2.38
N ILE A 12 4.79 -4.30 -2.33
CA ILE A 12 3.90 -5.44 -2.02
C ILE A 12 3.29 -5.28 -0.63
N THR A 13 4.15 -5.02 0.37
CA THR A 13 3.76 -4.79 1.75
C THR A 13 2.77 -3.65 1.92
N VAL A 14 3.09 -2.47 1.35
CA VAL A 14 2.28 -1.27 1.51
C VAL A 14 1.02 -1.30 0.66
N ALA A 15 1.00 -2.11 -0.42
CA ALA A 15 -0.22 -2.43 -1.14
C ALA A 15 -1.09 -3.43 -0.38
N SER A 16 -0.54 -4.20 0.59
CA SER A 16 -1.27 -5.29 1.24
C SER A 16 -2.17 -4.67 2.30
N ILE A 17 -1.52 -3.80 3.13
CA ILE A 17 -2.05 -2.77 4.01
C ILE A 17 -3.32 -2.10 3.51
N LEU A 18 -3.31 -1.58 2.27
CA LEU A 18 -4.46 -0.93 1.66
C LEU A 18 -5.70 -1.82 1.63
N ILE A 19 -5.44 -3.09 1.22
CA ILE A 19 -6.42 -4.15 1.11
C ILE A 19 -6.87 -4.56 2.50
N LYS A 20 -5.96 -4.98 3.40
CA LYS A 20 -6.40 -5.76 4.56
C LYS A 20 -7.12 -4.89 5.58
N PHE A 21 -6.55 -3.66 5.77
CA PHE A 21 -7.03 -2.69 6.74
C PHE A 21 -8.33 -2.03 6.29
N SER A 22 -8.42 -1.45 5.07
CA SER A 22 -9.62 -0.70 4.66
C SER A 22 -10.43 -1.39 3.57
N ARG A 23 -9.80 -2.22 2.71
CA ARG A 23 -10.37 -2.88 1.54
C ARG A 23 -10.30 -2.05 0.27
N GLU A 24 -11.43 -1.64 -0.33
CA GLU A 24 -11.41 -1.08 -1.67
C GLU A 24 -11.44 0.45 -1.71
N ASP A 25 -11.13 1.12 -0.60
CA ASP A 25 -11.13 2.58 -0.50
C ASP A 25 -9.97 3.27 -1.24
N ILE A 26 -8.70 3.04 -0.86
CA ILE A 26 -7.56 3.67 -1.51
C ILE A 26 -7.25 2.94 -2.81
N VAL A 27 -7.49 1.61 -2.81
CA VAL A 27 -7.38 0.73 -3.98
C VAL A 27 -8.18 1.23 -5.18
N GLU A 28 -9.45 1.61 -4.99
CA GLU A 28 -10.30 2.15 -6.05
C GLU A 28 -9.74 3.39 -6.75
N ASN A 29 -9.49 4.45 -5.96
CA ASN A 29 -9.28 5.79 -6.47
C ASN A 29 -7.92 5.91 -7.12
N ARG A 30 -7.88 6.23 -8.43
CA ARG A 30 -6.68 6.02 -9.23
C ARG A 30 -5.55 6.95 -8.88
N ALA A 31 -5.87 8.24 -8.63
CA ALA A 31 -4.91 9.24 -8.23
C ALA A 31 -4.37 8.94 -6.85
N ASN A 32 -5.26 8.64 -5.89
CA ASN A 32 -4.95 8.39 -4.49
C ASN A 32 -3.99 7.23 -4.25
N PHE A 33 -4.02 6.17 -5.08
CA PHE A 33 -3.21 4.96 -4.92
C PHE A 33 -1.70 5.22 -5.14
N ILE A 34 -1.33 5.64 -6.36
CA ILE A 34 -0.22 6.53 -6.74
C ILE A 34 0.09 7.65 -5.71
N ALA A 35 -0.81 8.58 -5.38
CA ALA A 35 -0.52 9.67 -4.45
C ALA A 35 0.02 9.25 -3.09
N PHE A 36 -0.41 8.06 -2.59
CA PHE A 36 -0.04 7.50 -1.32
C PHE A 36 1.39 7.02 -1.32
N LEU A 37 1.84 6.38 -2.43
CA LEU A 37 3.21 5.92 -2.57
C LEU A 37 4.17 7.08 -2.58
N ASN A 38 3.88 8.11 -3.39
CA ASN A 38 4.62 9.35 -3.49
C ASN A 38 4.77 10.09 -2.16
N GLU A 39 3.68 10.37 -1.43
CA GLU A 39 3.69 10.83 -0.04
C GLU A 39 4.64 10.13 0.93
N ILE A 40 4.62 8.78 1.01
CA ILE A 40 5.50 8.08 1.95
C ILE A 40 6.88 7.87 1.35
N GLY A 41 7.09 8.24 0.07
CA GLY A 41 8.39 8.27 -0.55
C GLY A 41 8.89 6.93 -0.97
N VAL A 42 8.06 6.13 -1.67
CA VAL A 42 8.54 4.96 -2.38
C VAL A 42 9.14 5.47 -3.69
N THR A 43 10.47 5.24 -3.88
CA THR A 43 11.22 5.80 -5.01
C THR A 43 12.41 4.92 -5.35
N HIS A 44 12.60 4.56 -6.63
CA HIS A 44 13.80 3.88 -7.09
C HIS A 44 14.62 4.79 -7.99
N GLU A 45 15.97 4.67 -7.85
CA GLU A 45 16.98 5.43 -8.57
C GLU A 45 16.84 6.96 -8.48
N GLY A 46 16.15 7.49 -7.44
CA GLY A 46 15.96 8.92 -7.26
C GLY A 46 14.68 9.49 -7.85
N ARG A 47 13.92 8.67 -8.61
CA ARG A 47 12.78 9.13 -9.37
C ARG A 47 11.48 8.77 -8.65
N LYS A 48 10.52 9.71 -8.57
CA LYS A 48 9.24 9.47 -7.95
C LYS A 48 8.36 8.65 -8.88
N LEU A 49 7.77 7.54 -8.39
CA LEU A 49 7.06 6.64 -9.28
C LEU A 49 5.65 7.06 -9.67
N ASN A 50 5.57 7.66 -10.87
CA ASN A 50 4.39 7.65 -11.69
C ASN A 50 4.14 6.25 -12.29
N GLN A 51 3.06 6.07 -13.08
CA GLN A 51 2.64 4.77 -13.58
C GLN A 51 3.67 4.02 -14.43
N ASN A 52 4.49 4.73 -15.23
CA ASN A 52 5.60 4.16 -15.98
C ASN A 52 6.66 3.52 -15.10
N SER A 53 7.22 4.29 -14.15
CA SER A 53 8.24 3.80 -13.22
C SER A 53 7.72 2.71 -12.30
N PHE A 54 6.50 2.88 -11.77
CA PHE A 54 5.81 1.94 -10.91
C PHE A 54 5.69 0.54 -11.50
N ARG A 55 5.18 0.42 -12.74
CA ARG A 55 5.03 -0.88 -13.38
C ARG A 55 6.35 -1.45 -13.91
N LYS A 56 7.26 -0.57 -14.38
CA LYS A 56 8.60 -0.92 -14.83
C LYS A 56 9.44 -1.56 -13.74
N ILE A 57 9.52 -0.93 -12.54
CA ILE A 57 10.38 -1.41 -11.48
C ILE A 57 9.98 -2.79 -10.98
N VAL A 58 8.66 -3.15 -10.90
CA VAL A 58 8.22 -4.46 -10.39
C VAL A 58 8.40 -5.52 -11.50
N SER A 59 8.56 -5.10 -12.77
CA SER A 59 8.94 -5.91 -13.93
C SER A 59 10.44 -6.17 -14.02
N GLU A 60 11.33 -5.33 -13.48
CA GLU A 60 12.76 -5.58 -13.43
C GLU A 60 13.33 -6.86 -12.82
N LEU A 61 12.59 -7.53 -11.92
CA LEU A 61 13.08 -8.69 -11.21
C LEU A 61 13.03 -9.99 -12.00
N THR A 62 13.82 -11.02 -11.60
CA THR A 62 13.97 -12.28 -12.31
C THR A 62 12.84 -13.28 -12.03
N GLN A 63 12.92 -14.48 -12.63
CA GLN A 63 12.05 -15.61 -12.36
C GLN A 63 12.20 -16.15 -10.94
N GLU A 64 13.45 -16.44 -10.52
CA GLU A 64 13.76 -16.93 -9.18
C GLU A 64 13.35 -15.96 -8.09
N ASP A 65 13.62 -14.66 -8.32
CA ASP A 65 13.18 -13.59 -7.45
C ASP A 65 11.70 -13.60 -7.11
N LYS A 66 10.88 -13.51 -8.21
CA LYS A 66 9.45 -13.40 -8.14
C LYS A 66 8.83 -14.62 -7.52
N LYS A 67 9.34 -15.84 -7.86
CA LYS A 67 8.87 -17.12 -7.29
C LYS A 67 9.21 -17.18 -5.83
N THR A 68 10.40 -16.70 -5.40
CA THR A 68 10.75 -16.53 -3.99
C THR A 68 9.76 -15.67 -3.23
N LEU A 69 9.38 -14.50 -3.79
CA LEU A 69 8.41 -13.60 -3.20
C LEU A 69 7.00 -14.18 -3.13
N ILE A 70 6.50 -14.74 -4.26
CA ILE A 70 5.31 -15.59 -4.35
C ILE A 70 5.29 -16.65 -3.25
N ASP A 71 6.34 -17.49 -3.16
CA ASP A 71 6.39 -18.59 -2.23
C ASP A 71 6.38 -18.15 -0.78
N GLU A 72 7.11 -17.08 -0.45
CA GLU A 72 7.16 -16.50 0.88
C GLU A 72 5.84 -15.85 1.28
N PHE A 73 5.29 -14.95 0.44
CA PHE A 73 4.03 -14.29 0.69
C PHE A 73 3.08 -14.48 -0.48
N ASN A 74 2.24 -15.54 -0.42
CA ASN A 74 1.36 -15.94 -1.50
C ASN A 74 0.16 -15.00 -1.61
N GLU A 75 -0.50 -14.67 -0.48
CA GLU A 75 -1.58 -13.70 -0.42
C GLU A 75 -1.07 -12.28 -0.67
N GLY A 76 0.14 -12.00 -0.17
CA GLY A 76 0.90 -10.78 -0.42
C GLY A 76 1.21 -10.51 -1.88
N PHE A 77 2.01 -11.38 -2.53
CA PHE A 77 2.47 -11.15 -3.88
C PHE A 77 1.37 -11.30 -4.90
N GLU A 78 0.72 -12.49 -4.95
CA GLU A 78 -0.25 -12.81 -6.00
C GLU A 78 -1.52 -12.00 -5.87
N GLY A 79 -1.86 -11.56 -4.64
CA GLY A 79 -2.90 -10.58 -4.39
C GLY A 79 -2.61 -9.26 -5.04
N VAL A 80 -1.42 -8.65 -4.83
CA VAL A 80 -1.08 -7.34 -5.37
C VAL A 80 -0.82 -7.37 -6.87
N TYR A 81 -0.01 -8.33 -7.38
CA TYR A 81 -0.03 -8.82 -8.77
C TYR A 81 -1.36 -8.70 -9.49
N ARG A 82 -2.38 -9.46 -9.03
CA ARG A 82 -3.67 -9.56 -9.67
C ARG A 82 -4.47 -8.28 -9.60
N TYR A 83 -4.52 -7.62 -8.42
CA TYR A 83 -5.26 -6.38 -8.28
C TYR A 83 -4.63 -5.21 -9.02
N LEU A 84 -3.29 -5.05 -8.97
CA LEU A 84 -2.57 -4.01 -9.69
C LEU A 84 -2.80 -4.05 -11.19
N GLU A 85 -2.83 -5.26 -11.80
CA GLU A 85 -3.04 -5.36 -13.23
C GLU A 85 -4.47 -5.13 -13.69
N MET A 86 -5.49 -5.47 -12.87
CA MET A 86 -6.89 -5.29 -13.24
C MET A 86 -7.47 -3.93 -12.87
N TYR A 87 -6.99 -3.28 -11.78
CA TYR A 87 -7.45 -1.95 -11.39
C TYR A 87 -6.91 -0.84 -12.29
N THR A 88 -5.91 -1.11 -13.15
CA THR A 88 -5.51 -0.20 -14.22
C THR A 88 -6.29 -0.47 -15.49
N ASN A 89 -7.13 0.49 -15.95
CA ASN A 89 -7.84 0.41 -17.20
C ASN A 89 -7.04 1.07 -18.32
N LYS A 90 -6.48 0.23 -19.23
CA LYS A 90 -5.90 0.55 -20.53
C LYS A 90 -6.49 1.74 -21.28
N ASP B 14 -1.90 -11.62 15.11
CA ASP B 14 -1.68 -11.01 13.82
C ASP B 14 -2.58 -11.63 12.76
N VAL B 15 -2.90 -12.94 12.88
CA VAL B 15 -3.90 -13.59 12.03
C VAL B 15 -5.33 -13.11 12.33
N LEU B 16 -5.67 -12.80 13.60
CA LEU B 16 -7.00 -12.37 14.00
C LEU B 16 -7.36 -10.93 13.61
N ALA B 17 -6.51 -9.94 13.98
CA ALA B 17 -6.23 -8.75 13.18
C ALA B 17 -6.30 -8.88 11.67
N GLY B 18 -5.48 -9.80 11.13
CA GLY B 18 -5.33 -10.15 9.75
C GLY B 18 -4.37 -9.23 9.07
N LEU B 19 -3.08 -9.12 9.48
CA LEU B 19 -2.12 -8.28 8.78
C LEU B 19 -0.83 -9.12 8.75
N THR B 20 0.00 -8.98 7.72
CA THR B 20 1.24 -9.75 7.60
C THR B 20 2.32 -9.18 8.52
N ALA B 21 3.30 -9.99 8.99
CA ALA B 21 4.45 -9.53 9.75
C ALA B 21 5.26 -8.43 9.08
N ARG B 22 5.35 -8.45 7.73
CA ARG B 22 5.97 -7.41 6.93
C ARG B 22 5.25 -6.07 7.05
N GLU B 23 3.91 -6.12 7.21
CA GLU B 23 3.04 -4.97 7.32
C GLU B 23 3.22 -4.32 8.67
N ALA B 24 3.34 -5.14 9.74
CA ALA B 24 3.68 -4.65 11.06
C ALA B 24 5.06 -3.98 11.09
N LYS B 25 6.05 -4.59 10.42
CA LYS B 25 7.34 -4.02 10.11
C LYS B 25 7.32 -2.62 9.49
N VAL B 26 6.68 -2.46 8.29
CA VAL B 26 6.63 -1.18 7.60
C VAL B 26 5.80 -0.10 8.29
N LEU B 27 4.80 -0.53 9.11
CA LEU B 27 3.96 0.36 9.92
C LEU B 27 4.78 1.01 11.02
N ARG B 28 5.56 0.22 11.77
CA ARG B 28 6.54 0.71 12.74
C ARG B 28 7.78 1.36 12.13
N MET B 29 8.02 1.29 10.82
CA MET B 29 9.10 2.07 10.21
C MET B 29 8.61 3.42 9.72
N ARG B 30 7.73 3.40 8.70
CA ARG B 30 7.34 4.57 7.93
C ARG B 30 6.08 5.24 8.45
N PHE B 31 5.07 4.44 8.86
CA PHE B 31 3.76 4.98 9.22
C PHE B 31 3.77 5.59 10.60
N GLY B 32 4.73 5.18 11.46
CA GLY B 32 4.96 5.77 12.78
C GLY B 32 4.16 5.12 13.88
N ILE B 33 3.62 3.92 13.64
CA ILE B 33 2.79 3.23 14.62
C ILE B 33 3.63 2.16 15.26
N ASP B 34 3.80 2.22 16.60
CA ASP B 34 4.55 1.22 17.33
C ASP B 34 3.68 0.00 17.56
N MET B 35 4.18 -1.19 17.14
CA MET B 35 3.52 -2.44 17.41
C MET B 35 4.56 -3.51 17.72
N ASN B 36 5.46 -3.21 18.67
CA ASN B 36 6.49 -4.15 19.10
C ASN B 36 6.17 -4.70 20.48
N THR B 37 5.34 -3.98 21.22
CA THR B 37 4.87 -4.30 22.54
C THR B 37 3.58 -5.09 22.46
N ASP B 38 3.12 -5.65 23.59
CA ASP B 38 1.97 -6.53 23.75
C ASP B 38 0.65 -5.96 23.24
N TYR B 39 0.09 -6.58 22.16
CA TYR B 39 -1.11 -6.13 21.48
C TYR B 39 -2.17 -7.22 21.58
N THR B 40 -2.85 -7.27 22.73
CA THR B 40 -3.96 -8.17 22.99
C THR B 40 -5.21 -7.73 22.22
N LEU B 41 -6.19 -8.65 22.04
CA LEU B 41 -7.29 -8.46 21.11
C LEU B 41 -8.15 -7.20 21.30
N GLU B 42 -8.26 -6.66 22.52
CA GLU B 42 -8.99 -5.42 22.78
C GLU B 42 -8.24 -4.21 22.21
N GLU B 43 -6.91 -4.22 22.40
CA GLU B 43 -5.91 -3.30 21.90
C GLU B 43 -5.72 -3.41 20.39
N VAL B 44 -5.83 -4.63 19.80
CA VAL B 44 -5.88 -4.84 18.36
C VAL B 44 -7.03 -4.09 17.69
N GLY B 45 -8.25 -4.12 18.28
CA GLY B 45 -9.41 -3.37 17.80
C GLY B 45 -9.19 -1.87 17.72
N LYS B 46 -8.66 -1.31 18.81
CA LYS B 46 -8.05 0.00 18.92
C LYS B 46 -6.96 0.31 17.90
N GLN B 47 -5.95 -0.56 17.68
CA GLN B 47 -4.92 -0.24 16.70
C GLN B 47 -5.41 -0.27 15.26
N PHE B 48 -6.48 -1.03 14.94
CA PHE B 48 -7.11 -1.07 13.63
C PHE B 48 -7.87 0.21 13.28
N ASP B 49 -8.79 0.66 14.16
CA ASP B 49 -9.33 2.01 14.23
C ASP B 49 -8.32 3.15 14.02
N VAL B 50 -7.27 3.18 14.87
CA VAL B 50 -6.23 4.21 14.85
C VAL B 50 -5.40 4.15 13.57
N THR B 51 -4.91 2.97 13.13
CA THR B 51 -4.34 2.77 11.78
C THR B 51 -5.18 3.28 10.61
N ARG B 52 -6.51 3.05 10.56
CA ARG B 52 -7.34 3.52 9.42
C ARG B 52 -7.40 5.04 9.41
N GLU B 53 -7.59 5.64 10.60
CA GLU B 53 -7.41 7.06 10.87
C GLU B 53 -6.04 7.52 10.40
N ARG B 54 -4.91 6.89 10.81
CA ARG B 54 -3.57 7.34 10.41
C ARG B 54 -3.44 7.35 8.91
N ILE B 55 -3.93 6.30 8.19
CA ILE B 55 -4.00 6.25 6.75
C ILE B 55 -4.82 7.37 6.14
N ARG B 56 -6.07 7.74 6.58
CA ARG B 56 -6.84 8.79 5.86
C ARG B 56 -6.23 10.18 6.13
N GLN B 57 -5.47 10.35 7.23
CA GLN B 57 -4.61 11.51 7.49
C GLN B 57 -3.40 11.60 6.56
N ILE B 58 -2.73 10.46 6.25
CA ILE B 58 -1.77 10.34 5.16
C ILE B 58 -2.35 10.68 3.79
N GLU B 59 -3.51 10.07 3.44
CA GLU B 59 -4.26 10.28 2.20
C GLU B 59 -4.60 11.75 1.96
N ALA B 60 -5.14 12.41 3.01
CA ALA B 60 -5.31 13.85 3.11
C ALA B 60 -4.09 14.67 2.71
N LYS B 61 -2.89 14.34 3.26
CA LYS B 61 -1.67 15.05 2.94
C LYS B 61 -1.16 14.71 1.54
N ALA B 62 -1.38 13.45 1.12
CA ALA B 62 -0.96 12.93 -0.16
C ALA B 62 -1.68 13.61 -1.31
N LEU B 63 -2.97 13.98 -1.12
CA LEU B 63 -3.71 14.84 -2.05
C LEU B 63 -3.28 16.31 -2.05
N ARG B 64 -2.39 16.74 -1.14
CA ARG B 64 -1.75 18.04 -1.18
C ARG B 64 -0.41 17.94 -1.92
N LYS B 65 0.32 16.81 -1.82
CA LYS B 65 1.49 16.57 -2.64
C LYS B 65 1.12 16.31 -4.10
N LEU B 66 -0.11 15.82 -4.34
CA LEU B 66 -0.75 15.86 -5.64
C LEU B 66 -0.96 17.26 -6.21
N ARG B 67 -0.48 17.54 -7.43
CA ARG B 67 -0.64 18.89 -8.00
C ARG B 67 -1.74 18.90 -9.03
N HIS B 68 -1.72 17.94 -9.96
CA HIS B 68 -2.78 17.71 -10.91
C HIS B 68 -3.83 16.80 -10.31
N PRO B 69 -5.00 17.21 -9.86
CA PRO B 69 -5.98 16.29 -9.31
C PRO B 69 -6.61 15.47 -10.42
N SER B 70 -7.01 14.22 -10.14
CA SER B 70 -7.81 13.46 -11.09
C SER B 70 -8.81 12.64 -10.32
N ARG B 71 -10.09 12.83 -10.64
CA ARG B 71 -11.19 12.06 -10.11
C ARG B 71 -11.86 11.37 -11.27
N SER B 72 -12.53 10.23 -11.01
CA SER B 72 -13.30 9.55 -12.04
C SER B 72 -14.76 9.94 -11.87
N GLU B 73 -15.27 9.93 -10.62
CA GLU B 73 -16.57 10.47 -10.33
C GLU B 73 -16.54 11.41 -9.13
N VAL B 74 -17.21 12.56 -9.27
CA VAL B 74 -17.33 13.61 -8.27
C VAL B 74 -18.39 13.39 -7.19
N LEU B 75 -18.65 12.14 -6.76
CA LEU B 75 -19.25 11.75 -5.48
C LEU B 75 -18.80 12.47 -4.20
N ARG B 76 -19.75 12.97 -3.40
CA ARG B 76 -19.44 13.81 -2.22
C ARG B 76 -20.21 13.37 -0.99
N SER B 77 -21.54 13.28 -1.11
CA SER B 77 -22.43 12.74 -0.09
C SER B 77 -23.59 12.17 -0.90
N PHE B 78 -24.78 12.01 -0.31
CA PHE B 78 -25.92 11.31 -0.88
C PHE B 78 -26.67 12.01 -2.01
N LEU B 79 -25.98 12.88 -2.77
CA LEU B 79 -26.53 13.74 -3.81
C LEU B 79 -26.00 13.34 -5.19
N ASP B 80 -26.43 14.07 -6.25
CA ASP B 80 -26.11 13.83 -7.66
C ASP B 80 -26.69 12.57 -8.29
N ASP B 81 -26.67 11.42 -7.60
CA ASP B 81 -27.21 10.17 -8.08
C ASP B 81 -28.77 10.21 -8.11
#